data_8GTQ
#
_entry.id   8GTQ
#
loop_
_entity.id
_entity.type
_entity.pdbx_description
1 polymer 'Spike glycoprotein'
2 polymer 'heavy chain of S2L20'
3 polymer 'light chain of S2L20'
4 branched 2-acetamido-2-deoxy-beta-D-glucopyranose-(1-4)-2-acetamido-2-deoxy-beta-D-glucopyranose-(1-4)-2-acetamido-2-deoxy-beta-D-glucopyranose
5 branched 2-acetamido-2-deoxy-beta-D-glucopyranose-(1-4)-2-acetamido-2-deoxy-beta-D-glucopyranose
6 non-polymer 2-acetamido-2-deoxy-beta-D-glucopyranose
#
loop_
_entity_poly.entity_id
_entity_poly.type
_entity_poly.pdbx_seq_one_letter_code
_entity_poly.pdbx_strand_id
1 'polypeptide(L)'
;MFVFLVLLPLVSSQCVNLITRTQLPPAYTNSFTRGVYYPDKVFRSSVLHSTQDLFLPFFSNVTWFHAISGTNGTKRFDNP
VLPFNDGVYFASTEKSNIIRGWIFGTTLDSKTQSLLIVNNATNVVIKVCEFQFCNDPFLDVYYHKNNKSWMESEFRVYSS
ANNCTFEYVSQPFLMDLEGKQGNFKNLREFVFKNIDGYFKIYSKHTPINLGRDLPQGFSALEPLVDLPIGINITRFQTLL
ALHRSYLTPGDSSSGWTAGAAAYYVGYLQPRTFLLKYNENGTITDAVDCALDPLSETKCTLKSFTVEKGIYQTSNFRVQP
TESIVRFPNITNLCPFDEVFNATRFASVYAWNRKRISNCVADYSVLYNFAPFFAFKCYGVSPTKLNDLCFTNVYADSFVI
RGNEVSQIAPGQTGNIADYNYKLPDDFTGCVIAWNSNKLDSKVGGNYNYRYRLFRKSNLKPFERDISTEIYQAGNKPCNG
VAGVNCYFPLQSYGFRPTYGVGHQPYRVVVLSFELLHAPATVCGPKKSTNLVKNKCVNFNFNGLTGTGVLTESNKKFLPF
QQFGRDIADTTDAVRDPQTLEILDITPCSFGGVSVITPGTNTSNQVAVLYQGVNCTEVPVAIHADQLTPTWRVYSTGSNV
FQTRAGCLIGAEYVNNSYECDIPIGAGICASYQTQTKSHRRARSVASQSIIAYTMSLGAENSVAYSNNSIAIPTNFTISV
TTEILPVSMTKTSVDCTMYICGDSTECSNLLLQYGSFCTQLKRALTGIAVEQDKNTQEVFAQVKQIYKTPPIKYFGGFNF
SQILPDPSKPSKRSPIEDLLFNKVTLADAGFIKQYGDCLGDIAARDLICAQKFNGLTVLPPLLTDEMIAQYTSALLAGTI
TSGWTFGAGPALQIPFPMQMAYRFNGIGVTQNVLYENQKLIANQFNSAIGKIQDSLSSTPSALGKLQDVVNHNAQALNTL
VKQLSSKFGAISSVLNDILSRLDPPEAEVQIDRLITGRLQSLQTYVTQQLIRAAEIRASANLAATKMSECVLGQSKRVDF
CGKGYHLMSFPQSAPHGVVFLHVTYVPAQEKNFTTAPAICHDGKAHFPREGVFVSNGTHWFVTQRNFYEPQIITTDNTFV
SGNCDVVIGIVNNTVYDPLQPELDSFKEELDKYFKNHTSPDVDLGDISGINASVVNIQKEIDRLNEVAKNLNESLIDLQE
LGKYEQYIKWPWYIWLGFIAGLIAIVMVTIMLCCMTSCCSCLKGCCSCGSCCKFDEDDSEPVLKGVKLHYT
;
A,B,C
2 'polypeptide(L)'
;EVQLVESGGGVVQPGGSLRLSCAASGFTFNSYGMHWVRQAPGKGLEWVAFIRYDGGNKYYADSVKGRFTISRDNSKNTLY
LQMKSLRAEDTAVYYCANLKDSRYSGSYYDYWGQGTLVTVS
;
H,I,J
3 'polypeptide(L)'
;VIWMTQSPSSLSASVGDRVTITCQASQDIRFYLNWYQQKPGKAPKLLISDASNMETGVPSRFSGSGSGTDFTFTISSLQP
EDIATYYCQQYDNLPFTFGPGTKVDFK
;
L,M,N
#
# COMPACT_ATOMS: atom_id res chain seq x y z
N PRO A 25 27.30 44.37 -37.46
CA PRO A 25 27.72 44.14 -36.08
C PRO A 25 26.53 44.08 -35.11
N PRO A 26 26.63 43.28 -34.06
CA PRO A 26 25.52 43.17 -33.10
C PRO A 26 25.57 44.30 -32.09
N ALA A 27 24.45 44.43 -31.36
CA ALA A 27 24.33 45.41 -30.29
C ALA A 27 23.27 44.90 -29.33
N TYR A 28 23.65 44.70 -28.08
CA TYR A 28 22.80 44.04 -27.11
C TYR A 28 22.21 45.04 -26.13
N THR A 29 21.16 44.61 -25.44
CA THR A 29 20.54 45.39 -24.37
C THR A 29 20.05 44.45 -23.29
N ASN A 30 20.26 44.83 -22.03
CA ASN A 30 19.80 44.04 -20.91
C ASN A 30 18.29 44.24 -20.74
N SER A 31 17.53 43.16 -20.91
CA SER A 31 16.12 43.17 -20.58
C SER A 31 15.97 42.67 -19.16
N PHE A 32 15.45 43.53 -18.28
CA PHE A 32 15.50 43.26 -16.85
C PHE A 32 14.37 42.33 -16.43
N THR A 33 13.13 42.80 -16.51
CA THR A 33 11.97 41.98 -16.21
C THR A 33 10.95 42.30 -17.30
N ARG A 34 11.06 41.60 -18.43
CA ARG A 34 10.26 41.88 -19.60
C ARG A 34 9.66 40.59 -20.12
N GLY A 35 8.56 40.73 -20.84
CA GLY A 35 7.98 39.59 -21.53
C GLY A 35 7.27 38.60 -20.65
N VAL A 36 6.80 39.02 -19.47
CA VAL A 36 5.99 38.16 -18.62
C VAL A 36 4.55 38.30 -19.09
N TYR A 37 3.97 37.20 -19.55
CA TYR A 37 2.62 37.25 -20.07
C TYR A 37 1.69 36.44 -19.20
N TYR A 38 0.40 36.64 -19.41
CA TYR A 38 -0.60 35.85 -18.70
C TYR A 38 -0.61 34.45 -19.27
N PRO A 39 -0.37 33.42 -18.46
CA PRO A 39 -0.27 32.06 -19.03
C PRO A 39 -1.59 31.49 -19.48
N ASP A 40 -2.69 31.81 -18.79
CA ASP A 40 -3.97 31.22 -19.13
C ASP A 40 -5.08 32.21 -18.83
N LYS A 41 -6.25 31.93 -19.40
CA LYS A 41 -7.41 32.82 -19.27
C LYS A 41 -8.22 32.40 -18.04
N VAL A 42 -7.63 32.66 -16.88
CA VAL A 42 -8.17 32.27 -15.59
C VAL A 42 -7.99 33.43 -14.62
N PHE A 43 -9.07 33.86 -13.99
CA PHE A 43 -8.98 34.90 -12.97
C PHE A 43 -8.42 34.31 -11.70
N ARG A 44 -7.50 35.05 -11.06
CA ARG A 44 -6.95 34.64 -9.79
C ARG A 44 -6.80 35.86 -8.90
N SER A 45 -7.22 35.72 -7.64
CA SER A 45 -7.15 36.78 -6.64
C SER A 45 -5.72 36.89 -6.09
N SER A 46 -5.55 37.48 -4.91
CA SER A 46 -4.21 37.70 -4.39
C SER A 46 -3.56 36.37 -4.05
N VAL A 47 -2.81 35.84 -5.02
CA VAL A 47 -2.38 34.45 -5.05
C VAL A 47 -1.02 34.42 -5.73
N LEU A 48 -0.04 33.74 -5.14
CA LEU A 48 1.24 33.49 -5.78
C LEU A 48 1.17 32.15 -6.48
N HIS A 49 1.12 32.17 -7.80
CA HIS A 49 0.96 30.96 -8.60
C HIS A 49 2.29 30.62 -9.28
N SER A 50 2.70 29.36 -9.17
CA SER A 50 3.96 28.90 -9.73
C SER A 50 3.68 28.14 -11.02
N THR A 51 4.08 28.72 -12.15
CA THR A 51 3.82 28.15 -13.46
C THR A 51 5.13 27.74 -14.13
N GLN A 52 5.01 26.93 -15.17
CA GLN A 52 6.18 26.44 -15.91
C GLN A 52 5.83 26.44 -17.39
N ASP A 53 6.43 27.36 -18.15
CA ASP A 53 6.03 27.55 -19.54
C ASP A 53 7.18 28.25 -20.24
N LEU A 54 6.95 28.66 -21.49
CA LEU A 54 7.98 29.37 -22.25
C LEU A 54 7.98 30.84 -21.84
N PHE A 55 9.03 31.27 -21.13
CA PHE A 55 9.17 32.65 -20.74
C PHE A 55 10.52 33.16 -21.19
N LEU A 56 10.60 34.45 -21.46
CA LEU A 56 11.89 35.09 -21.70
C LEU A 56 12.62 35.26 -20.38
N PRO A 57 13.85 34.78 -20.25
CA PRO A 57 14.51 34.76 -18.95
C PRO A 57 14.87 36.16 -18.44
N PHE A 58 14.91 36.28 -17.12
CA PHE A 58 15.13 37.58 -16.50
C PHE A 58 16.57 38.02 -16.66
N PHE A 59 16.76 39.33 -16.80
CA PHE A 59 18.07 39.99 -16.93
C PHE A 59 18.86 39.43 -18.10
N SER A 60 18.19 39.24 -19.23
CA SER A 60 18.79 38.59 -20.38
C SER A 60 19.35 39.62 -21.36
N ASN A 61 19.99 39.12 -22.40
CA ASN A 61 20.55 39.95 -23.46
C ASN A 61 19.64 39.85 -24.68
N VAL A 62 18.83 40.86 -24.91
CA VAL A 62 18.08 40.92 -26.14
C VAL A 62 18.93 41.66 -27.16
N THR A 63 18.65 41.43 -28.44
CA THR A 63 19.43 42.03 -29.51
C THR A 63 18.71 43.25 -30.02
N TRP A 64 19.43 44.35 -30.18
CA TRP A 64 18.88 45.66 -30.50
C TRP A 64 19.17 45.94 -31.96
N PHE A 65 18.26 45.53 -32.84
CA PHE A 65 18.44 45.77 -34.26
C PHE A 65 18.00 47.17 -34.64
N HIS A 66 18.57 47.68 -35.71
CA HIS A 66 18.19 48.97 -36.25
C HIS A 66 17.43 48.85 -37.56
N ALA A 67 18.00 48.15 -38.55
CA ALA A 67 17.47 48.03 -39.91
C ALA A 67 17.25 49.40 -40.55
N ILE A 68 18.17 50.33 -40.28
CA ILE A 68 18.18 51.65 -40.88
C ILE A 68 19.58 52.23 -40.80
N ARG A 76 22.02 51.21 -45.81
CA ARG A 76 21.25 51.64 -44.66
C ARG A 76 20.21 50.59 -44.28
N PHE A 77 19.36 50.23 -45.24
CA PHE A 77 18.26 49.30 -45.01
C PHE A 77 18.81 47.88 -44.98
N ASP A 78 18.78 47.26 -43.80
CA ASP A 78 19.25 45.89 -43.65
C ASP A 78 18.49 45.22 -42.51
N ASN A 79 17.43 44.48 -42.86
CA ASN A 79 16.70 43.71 -41.87
C ASN A 79 16.93 42.23 -42.09
N PRO A 80 17.34 41.49 -41.07
CA PRO A 80 17.74 40.09 -41.27
C PRO A 80 16.57 39.13 -41.08
N VAL A 81 16.79 37.90 -41.53
CA VAL A 81 15.84 36.81 -41.40
C VAL A 81 16.27 35.98 -40.20
N LEU A 82 15.60 36.15 -39.11
CA LEU A 82 16.02 35.57 -37.85
C LEU A 82 15.35 34.23 -37.62
N PRO A 83 15.94 33.35 -36.82
CA PRO A 83 15.24 32.14 -36.42
C PRO A 83 14.16 32.43 -35.38
N PHE A 84 13.44 31.36 -35.03
CA PHE A 84 12.34 31.42 -34.09
C PHE A 84 12.66 30.62 -32.83
N ASN A 85 12.87 29.32 -32.99
CA ASN A 85 13.39 28.29 -32.09
C ASN A 85 12.50 27.92 -30.90
N ASP A 86 11.77 28.92 -30.42
CA ASP A 86 10.78 28.83 -29.35
C ASP A 86 10.21 30.24 -29.15
N GLY A 87 9.14 30.62 -29.87
CA GLY A 87 8.66 31.98 -29.66
C GLY A 87 9.64 33.13 -29.92
N VAL A 88 9.15 34.36 -29.80
CA VAL A 88 9.94 35.58 -29.96
C VAL A 88 9.30 36.66 -29.10
N TYR A 89 10.10 37.31 -28.27
CA TYR A 89 9.71 38.56 -27.63
C TYR A 89 10.21 39.69 -28.50
N PHE A 90 9.31 40.60 -28.88
CA PHE A 90 9.59 41.63 -29.86
C PHE A 90 9.13 42.97 -29.27
N ALA A 91 10.07 43.82 -28.90
CA ALA A 91 9.75 45.14 -28.40
C ALA A 91 10.10 46.18 -29.44
N SER A 92 9.38 47.30 -29.44
CA SER A 92 9.69 48.35 -30.40
C SER A 92 9.29 49.69 -29.83
N THR A 93 10.04 50.72 -30.19
CA THR A 93 9.81 52.09 -29.71
C THR A 93 9.80 52.99 -30.93
N GLU A 94 8.63 53.20 -31.51
CA GLU A 94 8.53 53.97 -32.74
C GLU A 94 7.25 54.81 -32.72
N LYS A 95 7.40 56.13 -32.76
CA LYS A 95 6.24 57.00 -32.76
C LYS A 95 5.58 57.10 -34.13
N SER A 96 6.30 56.76 -35.20
CA SER A 96 5.72 56.72 -36.53
C SER A 96 5.13 55.33 -36.76
N ASN A 97 4.74 55.03 -38.00
CA ASN A 97 4.22 53.72 -38.36
C ASN A 97 5.15 53.15 -39.43
N ILE A 98 6.22 52.50 -38.98
CA ILE A 98 7.19 51.86 -39.86
C ILE A 98 7.20 50.35 -39.66
N ILE A 99 7.35 49.89 -38.42
CA ILE A 99 7.30 48.47 -38.15
C ILE A 99 5.85 48.04 -38.29
N ARG A 100 5.52 47.51 -39.46
CA ARG A 100 4.15 47.39 -39.90
C ARG A 100 3.83 45.97 -40.30
N GLY A 101 4.21 45.01 -39.48
CA GLY A 101 3.84 43.63 -39.68
C GLY A 101 5.04 42.71 -39.66
N TRP A 102 4.75 41.42 -39.85
CA TRP A 102 5.75 40.38 -39.77
C TRP A 102 5.51 39.33 -40.84
N ILE A 103 6.54 38.52 -41.05
CA ILE A 103 6.53 37.40 -41.98
C ILE A 103 7.07 36.19 -41.22
N PHE A 104 6.27 35.13 -41.12
CA PHE A 104 6.70 33.89 -40.50
C PHE A 104 6.67 32.78 -41.52
N GLY A 105 7.56 31.81 -41.39
CA GLY A 105 7.52 30.69 -42.31
C GLY A 105 8.61 29.70 -41.99
N THR A 106 8.81 28.76 -42.91
CA THR A 106 9.89 27.79 -42.76
C THR A 106 10.94 27.89 -43.83
N THR A 107 10.58 28.14 -45.09
CA THR A 107 11.55 28.47 -46.11
C THR A 107 11.38 29.87 -46.67
N LEU A 108 10.27 30.55 -46.35
CA LEU A 108 9.91 31.86 -46.87
C LEU A 108 9.88 31.87 -48.40
N ASP A 109 9.24 30.85 -48.95
CA ASP A 109 9.21 30.65 -50.39
C ASP A 109 7.89 29.96 -50.74
N SER A 110 7.76 29.53 -51.98
CA SER A 110 6.64 28.71 -52.41
C SER A 110 6.85 27.27 -51.93
N LYS A 111 6.03 26.36 -52.46
CA LYS A 111 6.11 24.92 -52.13
C LYS A 111 5.74 24.52 -50.70
N THR A 112 5.76 25.48 -49.78
CA THR A 112 5.46 25.27 -48.38
C THR A 112 4.83 26.57 -47.88
N GLN A 113 3.93 26.45 -46.92
CA GLN A 113 3.11 27.59 -46.56
C GLN A 113 3.84 28.51 -45.60
N SER A 114 3.32 29.74 -45.49
CA SER A 114 3.91 30.74 -44.64
C SER A 114 2.84 31.75 -44.26
N LEU A 115 3.06 32.40 -43.12
CA LEU A 115 2.12 33.30 -42.48
C LEU A 115 2.58 34.74 -42.67
N LEU A 116 1.62 35.64 -42.84
CA LEU A 116 1.90 37.04 -43.12
C LEU A 116 0.96 37.90 -42.29
N ILE A 117 1.53 38.76 -41.44
CA ILE A 117 0.76 39.71 -40.67
C ILE A 117 1.04 41.09 -41.23
N VAL A 118 0.08 41.70 -41.89
CA VAL A 118 0.22 43.07 -42.35
C VAL A 118 -0.75 43.90 -41.55
N ASN A 119 -0.45 45.19 -41.45
CA ASN A 119 -1.07 46.05 -40.45
C ASN A 119 -1.45 47.38 -41.10
N ASN A 120 -2.65 47.45 -41.64
CA ASN A 120 -3.12 48.66 -42.30
C ASN A 120 -3.45 49.73 -41.28
N ALA A 121 -3.93 50.88 -41.75
CA ALA A 121 -4.26 51.97 -40.84
C ALA A 121 -5.53 51.70 -40.06
N THR A 122 -6.38 50.77 -40.51
CA THR A 122 -7.60 50.44 -39.80
C THR A 122 -7.66 49.00 -39.30
N ASN A 123 -7.04 48.04 -39.99
CA ASN A 123 -7.24 46.65 -39.59
C ASN A 123 -6.04 45.79 -39.95
N VAL A 124 -5.84 44.76 -39.16
CA VAL A 124 -4.80 43.76 -39.38
C VAL A 124 -5.37 42.61 -40.20
N VAL A 125 -4.60 42.12 -41.16
CA VAL A 125 -5.04 41.02 -42.03
C VAL A 125 -3.99 39.93 -41.95
N ILE A 126 -4.27 38.89 -41.20
CA ILE A 126 -3.37 37.73 -41.13
C ILE A 126 -3.74 36.78 -42.26
N LYS A 127 -2.73 36.27 -42.98
CA LYS A 127 -2.97 35.47 -44.17
C LYS A 127 -1.91 34.37 -44.26
N VAL A 128 -2.34 33.12 -44.40
CA VAL A 128 -1.42 31.99 -44.37
C VAL A 128 -1.47 31.35 -45.75
N CYS A 129 -0.68 31.86 -46.68
CA CYS A 129 -0.67 31.32 -48.05
C CYS A 129 0.74 30.96 -48.53
N GLU A 130 0.82 30.29 -49.67
CA GLU A 130 2.10 29.89 -50.23
C GLU A 130 2.69 31.11 -50.95
N PHE A 131 3.25 32.02 -50.15
CA PHE A 131 3.79 33.25 -50.68
C PHE A 131 5.15 33.03 -51.31
N GLN A 132 5.33 33.53 -52.52
CA GLN A 132 6.67 33.61 -53.13
C GLN A 132 7.27 34.91 -52.64
N PHE A 133 7.94 34.85 -51.50
CA PHE A 133 8.45 36.05 -50.85
C PHE A 133 9.66 36.58 -51.60
N CYS A 134 9.74 37.90 -51.71
CA CYS A 134 10.85 38.54 -52.39
C CYS A 134 12.09 38.53 -51.50
N ASN A 135 13.19 39.07 -52.02
CA ASN A 135 14.44 39.05 -51.28
C ASN A 135 14.43 40.10 -50.17
N ASP A 136 14.14 41.36 -50.52
CA ASP A 136 14.01 42.44 -49.55
C ASP A 136 12.54 42.85 -49.50
N PRO A 137 11.74 42.30 -48.58
CA PRO A 137 10.31 42.62 -48.58
C PRO A 137 10.03 43.93 -47.85
N PHE A 138 9.20 44.76 -48.46
CA PHE A 138 8.76 46.00 -47.85
C PHE A 138 7.40 46.37 -48.44
N LEU A 139 6.62 47.08 -47.66
CA LEU A 139 5.42 47.70 -48.20
C LEU A 139 5.81 48.98 -48.95
N ASP A 140 4.88 49.49 -49.74
CA ASP A 140 5.18 50.68 -50.55
C ASP A 140 4.01 51.65 -50.47
N VAL A 141 4.20 52.75 -49.75
CA VAL A 141 3.17 53.74 -49.53
C VAL A 141 3.43 54.91 -50.48
N TYR A 142 2.38 55.65 -50.81
CA TYR A 142 2.48 56.88 -51.63
C TYR A 142 3.35 57.95 -50.98
N MET A 151 -2.60 55.75 -51.42
CA MET A 151 -2.06 54.58 -52.08
C MET A 151 -1.19 53.77 -51.12
N GLU A 152 -1.42 52.46 -51.07
CA GLU A 152 -0.63 51.57 -50.23
C GLU A 152 -0.62 50.20 -50.90
N SER A 153 0.50 49.85 -51.52
CA SER A 153 0.56 48.66 -52.35
C SER A 153 1.14 47.48 -51.59
N GLU A 154 1.15 46.32 -52.25
CA GLU A 154 1.58 45.08 -51.63
C GLU A 154 2.50 44.25 -52.51
N PHE A 155 2.70 44.63 -53.77
CA PHE A 155 3.37 43.78 -54.75
C PHE A 155 4.88 43.77 -54.60
N ARG A 156 5.45 44.56 -53.70
CA ARG A 156 6.87 44.51 -53.42
C ARG A 156 7.21 43.55 -52.29
N VAL A 157 6.20 42.96 -51.63
CA VAL A 157 6.46 41.97 -50.60
C VAL A 157 6.61 40.59 -51.23
N TYR A 158 5.60 40.14 -51.97
CA TYR A 158 5.61 38.81 -52.57
C TYR A 158 5.18 38.90 -54.03
N SER A 159 5.09 37.74 -54.67
CA SER A 159 4.67 37.70 -56.07
C SER A 159 3.77 36.51 -56.39
N SER A 160 3.28 35.79 -55.39
CA SER A 160 2.36 34.68 -55.61
C SER A 160 1.57 34.45 -54.33
N ALA A 161 0.28 34.16 -54.47
CA ALA A 161 -0.60 34.01 -53.33
C ALA A 161 -1.49 32.78 -53.50
N ASN A 162 -0.89 31.66 -53.85
CA ASN A 162 -1.66 30.47 -54.17
C ASN A 162 -2.06 29.71 -52.91
N ASN A 163 -3.36 29.42 -52.80
CA ASN A 163 -3.92 28.42 -51.89
C ASN A 163 -3.66 28.73 -50.41
N CYS A 164 -4.28 29.83 -49.96
CA CYS A 164 -4.41 30.07 -48.53
C CYS A 164 -5.70 29.54 -47.93
N THR A 165 -5.53 28.93 -46.76
CA THR A 165 -6.59 28.26 -46.02
C THR A 165 -6.96 28.99 -44.74
N PHE A 166 -6.53 30.24 -44.58
CA PHE A 166 -6.83 30.98 -43.37
C PHE A 166 -6.79 32.47 -43.65
N GLU A 167 -7.84 33.19 -43.26
CA GLU A 167 -7.90 34.63 -43.34
C GLU A 167 -8.47 35.16 -42.03
N TYR A 168 -8.11 36.39 -41.68
CA TYR A 168 -8.51 36.95 -40.41
C TYR A 168 -8.45 38.46 -40.51
N VAL A 169 -9.41 39.15 -39.91
CA VAL A 169 -9.45 40.61 -39.87
C VAL A 169 -9.87 41.03 -38.46
N SER A 170 -9.01 41.75 -37.77
CA SER A 170 -9.32 42.42 -36.52
C SER A 170 -8.93 43.89 -36.63
N GLN A 171 -9.48 44.73 -35.76
CA GLN A 171 -9.21 46.15 -35.95
C GLN A 171 -7.82 46.62 -35.50
N PRO A 172 -7.47 46.67 -34.19
CA PRO A 172 -6.33 47.50 -33.83
C PRO A 172 -4.93 46.96 -34.13
N PHE A 173 -4.51 45.98 -33.33
CA PHE A 173 -3.25 45.22 -33.37
C PHE A 173 -1.97 46.05 -33.16
N LEU A 174 -2.06 47.37 -33.15
CA LEU A 174 -0.88 48.22 -33.17
C LEU A 174 -1.34 49.65 -32.91
N MET A 175 -0.55 50.39 -32.11
CA MET A 175 -0.90 51.74 -31.61
C MET A 175 -2.23 51.72 -30.85
N ASP A 176 -2.52 50.60 -30.20
CA ASP A 176 -3.78 50.30 -29.50
C ASP A 176 -5.01 50.54 -30.39
N PHE A 184 5.86 60.43 -23.34
CA PHE A 184 6.46 60.84 -24.62
C PHE A 184 6.36 59.72 -25.64
N LYS A 185 7.40 58.89 -25.70
CA LYS A 185 7.37 57.74 -26.58
C LYS A 185 6.59 56.59 -25.94
N ASN A 186 6.32 55.56 -26.74
CA ASN A 186 5.50 54.44 -26.28
C ASN A 186 6.16 53.13 -26.67
N LEU A 187 6.39 52.26 -25.69
CA LEU A 187 6.93 50.95 -25.97
C LEU A 187 5.81 50.00 -26.34
N ARG A 188 6.04 49.17 -27.36
CA ARG A 188 5.06 48.17 -27.76
C ARG A 188 5.73 46.82 -27.73
N GLU A 189 5.20 45.89 -26.94
CA GLU A 189 5.82 44.60 -26.76
C GLU A 189 4.88 43.51 -27.22
N PHE A 190 5.43 42.53 -27.94
CA PHE A 190 4.69 41.39 -28.44
C PHE A 190 5.44 40.12 -28.08
N VAL A 191 4.71 39.03 -27.94
CA VAL A 191 5.30 37.71 -27.79
C VAL A 191 4.55 36.77 -28.73
N PHE A 192 5.28 36.17 -29.66
CA PHE A 192 4.70 35.19 -30.56
C PHE A 192 5.17 33.81 -30.14
N LYS A 193 4.25 32.86 -30.05
CA LYS A 193 4.67 31.48 -29.89
C LYS A 193 3.68 30.56 -30.56
N ASN A 194 4.21 29.56 -31.25
CA ASN A 194 3.44 28.63 -32.06
C ASN A 194 3.52 27.26 -31.40
N ILE A 195 2.41 26.81 -30.86
CA ILE A 195 2.35 25.53 -30.18
C ILE A 195 1.51 24.59 -31.03
N ASP A 196 1.84 23.31 -30.99
CA ASP A 196 1.14 22.29 -31.75
C ASP A 196 0.85 22.78 -33.17
N GLY A 197 -0.33 23.33 -33.38
CA GLY A 197 -0.70 23.82 -34.69
C GLY A 197 -1.17 25.25 -34.73
N TYR A 198 -1.49 25.81 -33.57
CA TYR A 198 -1.97 27.18 -33.54
C TYR A 198 -1.06 28.13 -32.79
N PHE A 199 -0.96 29.33 -33.35
CA PHE A 199 -0.17 30.42 -32.84
C PHE A 199 -0.72 30.97 -31.55
N LYS A 200 -0.06 32.00 -31.05
CA LYS A 200 -0.50 32.82 -29.94
C LYS A 200 0.30 34.10 -29.93
N ILE A 201 -0.38 35.23 -30.04
CA ILE A 201 0.24 36.55 -30.01
C ILE A 201 -0.24 37.26 -28.76
N TYR A 202 0.71 37.67 -27.93
CA TYR A 202 0.43 38.45 -26.72
C TYR A 202 0.98 39.84 -26.92
N SER A 203 0.28 40.86 -26.42
CA SER A 203 0.68 42.22 -26.74
C SER A 203 0.38 43.17 -25.60
N LYS A 204 1.21 44.21 -25.49
CA LYS A 204 1.01 45.25 -24.48
C LYS A 204 1.69 46.53 -24.94
N HIS A 205 0.94 47.63 -24.94
CA HIS A 205 1.42 48.93 -25.38
C HIS A 205 1.43 49.86 -24.19
N THR A 206 2.60 50.32 -23.79
CA THR A 206 2.71 51.13 -22.58
C THR A 206 3.45 52.43 -22.82
N PRO A 207 2.95 53.55 -22.29
CA PRO A 207 3.68 54.81 -22.40
C PRO A 207 4.81 54.88 -21.39
N ILE A 208 6.00 55.20 -21.85
CA ILE A 208 7.18 55.27 -21.00
C ILE A 208 7.88 56.60 -21.18
N ASN A 209 8.65 56.97 -20.17
CA ASN A 209 9.50 58.15 -20.21
C ASN A 209 10.80 57.83 -20.96
N LEU A 210 11.67 58.83 -21.04
CA LEU A 210 12.92 58.65 -21.76
C LEU A 210 13.90 57.84 -20.92
N GLY A 211 14.33 56.70 -21.46
CA GLY A 211 15.24 55.80 -20.76
C GLY A 211 16.02 54.94 -21.72
N ARG A 212 16.24 53.68 -21.35
CA ARG A 212 17.00 52.74 -22.17
C ARG A 212 16.15 52.00 -23.17
N ASP A 213 14.88 52.43 -23.36
CA ASP A 213 13.86 51.85 -24.24
C ASP A 213 13.41 50.45 -23.82
N LEU A 214 13.93 49.94 -22.72
CA LEU A 214 13.46 48.72 -22.07
C LEU A 214 13.50 49.03 -20.59
N PRO A 215 12.49 49.70 -20.06
CA PRO A 215 12.63 50.38 -18.77
C PRO A 215 12.57 49.41 -17.60
N GLN A 216 13.13 49.89 -16.49
CA GLN A 216 13.13 49.14 -15.24
C GLN A 216 11.72 49.24 -14.65
N GLY A 217 10.99 48.14 -14.75
CA GLY A 217 9.62 48.12 -14.26
C GLY A 217 8.99 46.78 -14.54
N PHE A 218 7.66 46.76 -14.54
CA PHE A 218 6.97 45.51 -14.80
C PHE A 218 5.61 45.79 -15.43
N SER A 219 5.28 45.01 -16.46
CA SER A 219 4.00 45.13 -17.14
C SER A 219 3.69 43.79 -17.79
N ALA A 220 2.58 43.19 -17.41
CA ALA A 220 2.20 41.89 -17.93
C ALA A 220 1.59 42.03 -19.32
N LEU A 221 1.80 41.02 -20.15
CA LEU A 221 1.32 41.02 -21.53
C LEU A 221 0.02 40.24 -21.62
N GLU A 222 -1.02 40.88 -22.16
CA GLU A 222 -2.34 40.27 -22.24
C GLU A 222 -2.59 39.73 -23.63
N PRO A 223 -3.27 38.60 -23.77
CA PRO A 223 -3.37 37.94 -25.07
C PRO A 223 -4.25 38.69 -26.05
N LEU A 224 -3.93 38.52 -27.33
CA LEU A 224 -4.59 39.25 -28.40
C LEU A 224 -5.39 38.35 -29.32
N VAL A 225 -4.75 37.38 -29.98
CA VAL A 225 -5.42 36.45 -30.88
C VAL A 225 -4.96 35.03 -30.55
N ASP A 226 -5.59 34.06 -31.19
CA ASP A 226 -5.27 32.65 -30.99
C ASP A 226 -5.68 31.95 -32.29
N LEU A 227 -4.72 31.75 -33.17
CA LEU A 227 -5.04 31.37 -34.53
C LEU A 227 -4.83 29.87 -34.74
N PRO A 228 -5.80 29.16 -35.27
CA PRO A 228 -5.61 27.75 -35.68
C PRO A 228 -5.02 27.61 -37.08
N ILE A 229 -3.70 27.69 -37.18
CA ILE A 229 -3.03 27.70 -38.48
C ILE A 229 -2.58 26.31 -38.90
N GLY A 230 -1.97 25.53 -38.01
CA GLY A 230 -1.40 24.25 -38.39
C GLY A 230 -0.17 24.34 -39.27
N ILE A 231 0.83 25.12 -38.87
CA ILE A 231 1.97 25.44 -39.71
C ILE A 231 3.25 25.28 -38.89
N ASN A 232 4.24 24.61 -39.48
CA ASN A 232 5.60 24.63 -38.95
C ASN A 232 6.21 26.00 -39.17
N ILE A 233 6.67 26.64 -38.10
CA ILE A 233 7.26 27.98 -38.16
C ILE A 233 8.64 27.90 -37.55
N THR A 234 9.66 28.28 -38.32
CA THR A 234 11.01 28.33 -37.78
C THR A 234 11.83 29.56 -38.15
N ARG A 235 11.38 30.33 -39.13
CA ARG A 235 12.09 31.55 -39.55
C ARG A 235 11.11 32.72 -39.63
N PHE A 236 11.59 33.93 -39.36
CA PHE A 236 10.71 35.09 -39.41
C PHE A 236 11.54 36.33 -39.69
N GLN A 237 10.88 37.34 -40.24
CA GLN A 237 11.48 38.66 -40.35
C GLN A 237 10.37 39.69 -40.30
N THR A 238 10.74 40.97 -40.33
CA THR A 238 9.78 42.04 -40.13
C THR A 238 9.55 42.81 -41.41
N LEU A 239 8.31 43.20 -41.63
CA LEU A 239 7.94 44.07 -42.73
C LEU A 239 8.19 45.51 -42.36
N LEU A 240 8.34 46.36 -43.37
CA LEU A 240 8.49 47.78 -43.17
C LEU A 240 7.70 48.51 -44.25
N ALA A 241 7.59 49.81 -44.12
CA ALA A 241 7.03 50.67 -45.14
C ALA A 241 8.08 51.70 -45.54
N LEU A 242 8.13 52.05 -46.83
CA LEU A 242 9.22 52.88 -47.31
C LEU A 242 8.82 54.17 -47.99
N HIS A 243 7.53 54.51 -48.07
CA HIS A 243 6.97 55.80 -48.50
C HIS A 243 7.32 56.22 -49.92
N ARG A 244 7.93 55.34 -50.73
CA ARG A 244 8.49 55.64 -52.06
C ARG A 244 9.40 56.86 -52.08
N TRP A 256 13.38 53.04 -50.39
CA TRP A 256 13.97 54.27 -50.89
C TRP A 256 14.43 55.15 -49.75
N THR A 257 13.48 55.73 -49.03
CA THR A 257 13.78 56.62 -47.90
C THR A 257 12.85 56.29 -46.74
N ALA A 258 13.43 56.04 -45.57
CA ALA A 258 12.67 55.74 -44.38
C ALA A 258 13.16 56.62 -43.24
N GLY A 259 12.64 56.37 -42.05
CA GLY A 259 13.00 57.17 -40.89
C GLY A 259 14.12 56.56 -40.08
N ALA A 260 13.79 56.00 -38.92
CA ALA A 260 14.79 55.38 -38.05
C ALA A 260 14.09 54.29 -37.24
N ALA A 261 14.23 53.05 -37.69
CA ALA A 261 13.64 51.92 -36.99
C ALA A 261 14.61 51.38 -35.95
N ALA A 262 14.05 50.65 -34.98
CA ALA A 262 14.81 49.98 -33.93
C ALA A 262 13.89 48.98 -33.28
N TYR A 263 14.29 47.72 -33.23
CA TYR A 263 13.46 46.73 -32.56
C TYR A 263 14.33 45.78 -31.77
N TYR A 264 13.78 45.27 -30.68
CA TYR A 264 14.50 44.44 -29.74
C TYR A 264 13.93 43.04 -29.82
N VAL A 265 14.79 42.05 -30.07
CA VAL A 265 14.37 40.68 -30.26
C VAL A 265 15.01 39.81 -29.19
N GLY A 266 14.20 39.05 -28.46
CA GLY A 266 14.70 38.08 -27.52
C GLY A 266 13.96 36.77 -27.68
N TYR A 267 14.56 35.70 -27.18
CA TYR A 267 14.04 34.36 -27.43
C TYR A 267 13.54 33.73 -26.14
N LEU A 268 12.40 33.05 -26.24
CA LEU A 268 11.76 32.43 -25.10
C LEU A 268 12.41 31.08 -24.82
N GLN A 269 12.45 30.72 -23.53
CA GLN A 269 13.01 29.46 -23.09
C GLN A 269 12.07 28.82 -22.06
N PRO A 270 12.08 27.50 -21.92
CA PRO A 270 11.22 26.88 -20.92
C PRO A 270 11.69 27.14 -19.50
N ARG A 271 10.97 28.00 -18.78
CA ARG A 271 11.34 28.42 -17.45
C ARG A 271 10.17 28.27 -16.50
N THR A 272 10.50 28.21 -15.21
CA THR A 272 9.52 28.17 -14.14
C THR A 272 9.47 29.56 -13.51
N PHE A 273 8.28 30.14 -13.46
CA PHE A 273 8.07 31.46 -12.90
C PHE A 273 7.14 31.35 -11.70
N LEU A 274 7.21 32.36 -10.84
CA LEU A 274 6.27 32.50 -9.73
C LEU A 274 5.63 33.88 -9.89
N LEU A 275 4.40 33.92 -10.35
CA LEU A 275 3.68 35.15 -10.60
C LEU A 275 2.81 35.50 -9.40
N LYS A 276 2.62 36.78 -9.16
CA LYS A 276 1.88 37.26 -8.00
C LYS A 276 0.69 38.06 -8.46
N TYR A 277 -0.52 37.51 -8.34
CA TYR A 277 -1.72 38.22 -8.73
C TYR A 277 -2.28 38.97 -7.53
N ASN A 278 -2.56 40.26 -7.73
CA ASN A 278 -3.10 41.08 -6.67
C ASN A 278 -4.61 40.91 -6.61
N GLU A 279 -5.31 41.85 -5.98
CA GLU A 279 -6.75 41.71 -5.76
C GLU A 279 -7.53 41.73 -7.07
N ASN A 280 -7.14 42.59 -8.01
CA ASN A 280 -7.92 42.76 -9.21
C ASN A 280 -7.56 41.76 -10.30
N GLY A 281 -6.74 40.76 -10.01
CA GLY A 281 -6.39 39.76 -10.99
C GLY A 281 -5.28 40.13 -11.92
N THR A 282 -4.57 41.23 -11.67
CA THR A 282 -3.44 41.66 -12.48
C THR A 282 -2.15 41.09 -11.92
N ILE A 283 -1.16 40.92 -12.78
CA ILE A 283 0.15 40.48 -12.34
C ILE A 283 0.98 41.71 -12.02
N THR A 284 1.51 41.77 -10.80
CA THR A 284 2.36 42.88 -10.38
C THR A 284 3.82 42.51 -10.22
N ASP A 285 4.13 41.24 -10.00
CA ASP A 285 5.51 40.83 -9.78
C ASP A 285 5.67 39.37 -10.14
N ALA A 286 6.91 38.98 -10.45
CA ALA A 286 7.22 37.62 -10.85
C ALA A 286 8.65 37.32 -10.44
N VAL A 287 8.93 36.04 -10.19
CA VAL A 287 10.25 35.59 -9.76
C VAL A 287 10.66 34.42 -10.64
N ASP A 288 11.82 34.52 -11.27
CA ASP A 288 12.38 33.50 -12.15
C ASP A 288 13.16 32.49 -11.33
N CYS A 289 12.70 31.24 -11.29
CA CYS A 289 13.20 30.26 -10.34
C CYS A 289 14.51 29.60 -10.75
N ALA A 290 15.34 30.27 -11.53
CA ALA A 290 16.62 29.71 -11.88
C ALA A 290 17.58 30.81 -12.21
N LEU A 291 17.48 31.91 -11.48
CA LEU A 291 18.33 33.05 -11.74
C LEU A 291 19.41 33.26 -10.69
N ASP A 292 19.40 32.45 -9.64
CA ASP A 292 20.41 32.54 -8.60
C ASP A 292 20.00 31.70 -7.43
N PRO A 293 20.47 32.01 -6.23
CA PRO A 293 20.05 31.17 -5.11
C PRO A 293 18.85 31.77 -4.41
N LEU A 294 18.85 33.08 -4.19
CA LEU A 294 17.71 33.68 -3.49
C LEU A 294 16.42 33.52 -4.26
N SER A 295 16.47 33.52 -5.59
CA SER A 295 15.26 33.28 -6.37
C SER A 295 14.83 31.82 -6.25
N GLU A 296 15.78 30.91 -6.11
CA GLU A 296 15.42 29.51 -5.85
C GLU A 296 14.78 29.36 -4.48
N THR A 297 15.26 30.13 -3.49
CA THR A 297 14.63 30.12 -2.17
C THR A 297 13.22 30.69 -2.20
N LYS A 298 13.02 31.79 -2.93
CA LYS A 298 11.70 32.38 -3.05
C LYS A 298 10.73 31.46 -3.78
N CYS A 299 11.22 30.68 -4.74
CA CYS A 299 10.36 29.72 -5.39
C CYS A 299 10.12 28.47 -4.55
N THR A 300 11.02 28.15 -3.63
CA THR A 300 10.76 27.05 -2.71
C THR A 300 9.70 27.42 -1.68
N LEU A 301 9.82 28.61 -1.10
CA LEU A 301 8.87 29.05 -0.08
C LEU A 301 7.50 29.40 -0.65
N LYS A 302 7.40 29.63 -1.95
CA LYS A 302 6.25 30.25 -2.61
C LYS A 302 5.87 31.57 -1.95
N SER A 303 6.86 32.46 -1.90
CA SER A 303 6.67 33.80 -1.35
C SER A 303 7.67 34.73 -2.01
N PHE A 304 7.52 36.02 -1.74
CA PHE A 304 8.50 37.00 -2.22
C PHE A 304 9.30 37.63 -1.10
N THR A 305 9.03 37.29 0.15
CA THR A 305 9.77 37.80 1.30
C THR A 305 10.33 36.62 2.05
N VAL A 306 11.65 36.60 2.25
CA VAL A 306 12.34 35.51 2.92
C VAL A 306 12.95 36.06 4.19
N GLU A 307 12.42 35.64 5.33
CA GLU A 307 12.98 36.08 6.59
C GLU A 307 14.28 35.34 6.89
N LYS A 308 14.90 35.70 8.01
CA LYS A 308 16.28 35.34 8.28
C LYS A 308 16.37 33.88 8.69
N GLY A 309 17.21 33.12 8.01
CA GLY A 309 17.52 31.76 8.44
C GLY A 309 17.93 30.88 7.29
N ILE A 310 18.47 29.72 7.65
CA ILE A 310 18.82 28.71 6.65
C ILE A 310 17.56 28.12 6.06
N TYR A 311 17.47 28.10 4.73
CA TYR A 311 16.32 27.58 4.01
C TYR A 311 16.78 26.54 3.03
N GLN A 312 16.44 25.29 3.26
CA GLN A 312 16.87 24.21 2.37
C GLN A 312 16.06 24.26 1.08
N THR A 313 16.74 24.33 -0.05
CA THR A 313 16.06 24.44 -1.33
C THR A 313 16.24 23.21 -2.22
N SER A 314 17.45 22.88 -2.61
CA SER A 314 17.67 21.91 -3.68
C SER A 314 18.56 20.77 -3.21
N ASN A 315 18.95 19.92 -4.15
CA ASN A 315 19.80 18.77 -3.88
C ASN A 315 21.01 18.79 -4.79
N PHE A 316 22.17 18.47 -4.22
CA PHE A 316 23.44 18.48 -4.94
C PHE A 316 23.88 17.04 -5.15
N ARG A 317 23.94 16.61 -6.40
CA ARG A 317 24.36 15.25 -6.69
C ARG A 317 25.27 15.17 -7.88
N VAL A 318 26.58 15.10 -7.62
CA VAL A 318 27.57 15.01 -8.68
C VAL A 318 27.15 13.98 -9.70
N GLN A 319 27.41 14.26 -10.97
CA GLN A 319 27.05 13.35 -12.05
C GLN A 319 28.16 12.32 -12.29
N PRO A 320 28.13 11.68 -13.46
CA PRO A 320 29.15 10.67 -13.77
C PRO A 320 30.31 11.29 -14.55
N THR A 321 30.51 10.81 -15.77
CA THR A 321 31.58 11.31 -16.63
C THR A 321 31.77 10.41 -17.84
N GLU A 322 32.67 9.42 -17.71
CA GLU A 322 32.94 8.48 -18.79
C GLU A 322 32.23 7.16 -18.56
N SER A 323 33.00 6.07 -18.44
CA SER A 323 32.40 4.76 -18.19
C SER A 323 33.28 3.55 -18.47
N ILE A 324 34.38 3.42 -17.75
CA ILE A 324 35.28 2.29 -17.94
C ILE A 324 34.48 1.00 -17.91
N VAL A 325 35.09 -0.08 -18.37
CA VAL A 325 34.45 -1.39 -18.40
C VAL A 325 35.52 -2.47 -18.54
N ARG A 326 36.19 -2.79 -17.44
CA ARG A 326 37.25 -3.80 -17.45
C ARG A 326 36.74 -5.22 -17.23
N PHE A 327 37.47 -6.18 -17.80
CA PHE A 327 37.13 -7.60 -17.70
C PHE A 327 38.39 -8.43 -17.46
N PRO A 328 38.34 -9.70 -17.84
CA PRO A 328 39.50 -10.59 -17.64
C PRO A 328 40.37 -10.73 -18.89
N ASN A 329 41.68 -10.80 -18.72
CA ASN A 329 42.60 -10.96 -19.85
C ASN A 329 42.06 -11.80 -21.00
N ILE A 330 42.37 -13.09 -20.97
CA ILE A 330 41.92 -14.02 -22.02
C ILE A 330 42.53 -15.41 -21.78
N THR A 331 42.17 -16.37 -22.64
CA THR A 331 42.68 -17.74 -22.53
C THR A 331 42.58 -18.47 -23.88
N ASN A 332 42.18 -19.75 -23.84
CA ASN A 332 42.07 -20.55 -25.05
C ASN A 332 41.50 -19.73 -26.18
N LEU A 333 41.93 -19.98 -27.41
CA LEU A 333 41.37 -19.17 -28.49
C LEU A 333 40.70 -19.98 -29.59
N CYS A 334 40.48 -21.29 -29.39
CA CYS A 334 39.70 -22.24 -30.22
C CYS A 334 40.00 -22.12 -31.70
N PRO A 335 41.10 -22.70 -32.16
CA PRO A 335 41.69 -22.27 -33.44
C PRO A 335 40.85 -22.53 -34.67
N PHE A 336 40.41 -21.43 -35.27
CA PHE A 336 39.95 -21.42 -36.65
C PHE A 336 41.11 -21.59 -37.62
N ASP A 337 42.33 -21.39 -37.13
CA ASP A 337 43.59 -21.71 -37.78
C ASP A 337 43.61 -23.10 -38.38
N GLU A 338 42.98 -24.09 -37.75
CA GLU A 338 43.00 -25.43 -38.30
C GLU A 338 41.84 -25.71 -39.23
N VAL A 339 40.73 -24.98 -39.14
CA VAL A 339 39.60 -25.31 -39.99
C VAL A 339 39.54 -24.40 -41.22
N PHE A 340 39.94 -23.14 -41.10
CA PHE A 340 39.93 -22.24 -42.25
C PHE A 340 41.20 -22.32 -43.07
N ASN A 341 42.18 -23.09 -42.63
CA ASN A 341 43.50 -22.98 -43.22
C ASN A 341 44.17 -24.34 -43.34
N ALA A 342 43.40 -25.41 -43.46
CA ALA A 342 43.98 -26.74 -43.63
C ALA A 342 44.59 -26.87 -45.01
N THR A 343 45.58 -27.74 -45.11
CA THR A 343 46.20 -27.99 -46.40
C THR A 343 45.35 -28.89 -47.29
N ARG A 344 44.46 -29.67 -46.71
CA ARG A 344 43.65 -30.63 -47.45
C ARG A 344 42.24 -30.65 -46.85
N PHE A 345 41.32 -29.91 -47.47
CA PHE A 345 39.93 -30.08 -47.12
C PHE A 345 39.47 -31.45 -47.59
N ALA A 346 38.51 -32.02 -46.89
CA ALA A 346 37.98 -33.32 -47.26
C ALA A 346 36.94 -33.14 -48.35
N SER A 347 36.73 -34.20 -49.13
CA SER A 347 35.77 -34.13 -50.21
C SER A 347 34.35 -34.11 -49.66
N VAL A 348 33.40 -33.81 -50.53
CA VAL A 348 32.09 -33.40 -50.07
C VAL A 348 31.25 -34.57 -49.53
N TYR A 349 31.41 -35.79 -50.06
CA TYR A 349 30.60 -36.90 -49.54
C TYR A 349 31.09 -37.34 -48.17
N ALA A 350 32.34 -37.07 -47.82
CA ALA A 350 32.90 -37.45 -46.53
C ALA A 350 33.54 -36.21 -45.92
N TRP A 351 32.71 -35.36 -45.32
CA TRP A 351 33.14 -34.11 -44.74
C TRP A 351 33.58 -34.26 -43.30
N ASN A 352 34.53 -33.42 -42.91
CA ASN A 352 34.98 -33.38 -41.54
C ASN A 352 33.91 -32.81 -40.63
N ARG A 353 34.16 -32.89 -39.33
CA ARG A 353 33.27 -32.26 -38.37
C ARG A 353 34.09 -31.95 -37.13
N LYS A 354 34.61 -30.74 -37.05
CA LYS A 354 35.36 -30.36 -35.86
C LYS A 354 34.40 -29.79 -34.83
N ARG A 355 34.31 -30.44 -33.69
CA ARG A 355 33.59 -29.90 -32.54
C ARG A 355 34.50 -28.92 -31.83
N ILE A 356 33.98 -27.74 -31.53
CA ILE A 356 34.77 -26.68 -30.92
C ILE A 356 34.44 -26.62 -29.44
N SER A 357 35.43 -26.90 -28.61
CA SER A 357 35.30 -26.90 -27.16
C SER A 357 35.58 -25.50 -26.62
N ASN A 358 35.76 -25.42 -25.31
CA ASN A 358 35.83 -24.18 -24.54
C ASN A 358 36.95 -23.24 -24.99
N CYS A 359 36.60 -21.98 -25.21
CA CYS A 359 37.53 -20.96 -25.67
C CYS A 359 36.89 -19.60 -25.49
N VAL A 360 37.64 -18.57 -25.85
CA VAL A 360 37.07 -17.27 -26.19
C VAL A 360 37.22 -17.14 -27.69
N ALA A 361 36.14 -16.79 -28.36
CA ALA A 361 36.05 -16.93 -29.80
C ALA A 361 35.98 -15.56 -30.44
N ASP A 362 37.13 -15.08 -30.92
CA ASP A 362 37.20 -13.80 -31.61
C ASP A 362 36.91 -14.04 -33.08
N TYR A 363 35.74 -13.60 -33.53
CA TYR A 363 35.33 -13.85 -34.89
C TYR A 363 35.88 -12.83 -35.87
N SER A 364 36.55 -11.79 -35.37
CA SER A 364 37.17 -10.80 -36.25
C SER A 364 38.30 -11.39 -37.09
N VAL A 365 38.88 -12.51 -36.69
CA VAL A 365 39.86 -13.17 -37.55
C VAL A 365 39.18 -13.89 -38.71
N LEU A 366 37.87 -14.15 -38.62
CA LEU A 366 37.13 -14.54 -39.81
C LEU A 366 37.03 -13.38 -40.77
N TYR A 367 36.77 -12.19 -40.23
CA TYR A 367 36.17 -11.11 -41.00
C TYR A 367 37.17 -10.43 -41.92
N ASN A 368 38.46 -10.56 -41.65
CA ASN A 368 39.50 -9.91 -42.43
C ASN A 368 40.54 -10.92 -42.87
N PHE A 369 40.10 -12.02 -43.46
CA PHE A 369 40.96 -13.16 -43.72
C PHE A 369 41.06 -13.50 -45.20
N ALA A 370 39.96 -13.39 -45.93
CA ALA A 370 39.81 -13.92 -47.27
C ALA A 370 38.85 -13.04 -48.07
N PRO A 371 38.79 -13.23 -49.40
CA PRO A 371 37.80 -12.46 -50.18
C PRO A 371 36.35 -12.84 -49.92
N PHE A 372 36.07 -14.10 -49.55
CA PHE A 372 34.76 -14.55 -49.05
C PHE A 372 33.65 -14.34 -50.08
N PHE A 373 33.69 -15.18 -51.12
CA PHE A 373 32.64 -15.22 -52.14
C PHE A 373 31.23 -15.30 -51.55
N ALA A 374 31.03 -16.04 -50.46
CA ALA A 374 29.72 -16.04 -49.84
C ALA A 374 29.88 -16.12 -48.33
N PHE A 375 29.07 -15.35 -47.61
CA PHE A 375 29.17 -15.30 -46.16
C PHE A 375 27.76 -15.04 -45.64
N LYS A 376 27.01 -16.10 -45.38
CA LYS A 376 25.60 -15.95 -45.05
C LYS A 376 25.37 -16.49 -43.66
N CYS A 377 25.18 -15.60 -42.69
CA CYS A 377 24.78 -15.99 -41.35
C CYS A 377 23.27 -15.99 -41.27
N TYR A 378 22.71 -17.10 -40.78
CA TYR A 378 21.28 -17.35 -40.91
C TYR A 378 20.48 -17.03 -39.66
N GLY A 379 20.79 -17.65 -38.53
CA GLY A 379 20.04 -17.36 -37.33
C GLY A 379 20.53 -16.10 -36.63
N VAL A 380 21.80 -15.78 -36.83
CA VAL A 380 22.47 -14.68 -36.15
C VAL A 380 22.83 -13.64 -37.20
N SER A 381 23.04 -12.41 -36.76
CA SER A 381 23.59 -11.41 -37.66
C SER A 381 25.07 -11.22 -37.36
N PRO A 382 25.93 -11.20 -38.39
CA PRO A 382 27.38 -11.33 -38.16
C PRO A 382 28.05 -10.15 -37.49
N THR A 383 27.38 -9.02 -37.34
CA THR A 383 27.98 -7.90 -36.67
C THR A 383 27.94 -8.03 -35.15
N LYS A 384 27.17 -8.98 -34.62
CA LYS A 384 26.97 -9.09 -33.18
C LYS A 384 27.60 -10.34 -32.59
N LEU A 385 28.47 -11.03 -33.32
CA LEU A 385 28.91 -12.34 -32.88
C LEU A 385 29.86 -12.29 -31.69
N ASN A 386 30.51 -11.16 -31.46
CA ASN A 386 31.54 -11.08 -30.41
C ASN A 386 30.96 -10.81 -29.03
N ASP A 387 29.64 -10.91 -28.87
CA ASP A 387 29.02 -10.63 -27.58
C ASP A 387 27.98 -11.67 -27.19
N LEU A 388 28.09 -12.89 -27.71
CA LEU A 388 27.10 -13.93 -27.46
C LEU A 388 27.81 -15.18 -26.97
N CYS A 389 27.08 -15.98 -26.20
CA CYS A 389 27.58 -17.27 -25.74
C CYS A 389 26.88 -18.38 -26.50
N PHE A 390 27.64 -19.35 -26.99
CA PHE A 390 27.11 -20.50 -27.70
C PHE A 390 27.50 -21.74 -26.90
N THR A 391 26.73 -22.83 -27.05
CA THR A 391 27.16 -24.05 -26.36
C THR A 391 28.06 -24.90 -27.25
N ASN A 392 27.56 -25.33 -28.40
CA ASN A 392 28.43 -26.11 -29.28
C ASN A 392 28.49 -25.46 -30.65
N VAL A 393 29.72 -25.35 -31.16
CA VAL A 393 30.00 -24.74 -32.44
C VAL A 393 30.57 -25.84 -33.33
N TYR A 394 29.72 -26.45 -34.14
CA TYR A 394 30.17 -27.51 -35.02
C TYR A 394 30.61 -26.93 -36.35
N ALA A 395 31.85 -27.20 -36.74
CA ALA A 395 32.39 -26.67 -37.99
C ALA A 395 32.56 -27.81 -38.96
N ASP A 396 31.70 -27.85 -39.98
CA ASP A 396 31.83 -28.77 -41.09
C ASP A 396 32.66 -28.14 -42.18
N SER A 397 33.29 -28.97 -43.01
CA SER A 397 34.26 -28.44 -43.96
C SER A 397 34.39 -29.34 -45.17
N PHE A 398 34.30 -28.78 -46.37
CA PHE A 398 34.39 -29.58 -47.59
C PHE A 398 34.70 -28.67 -48.78
N VAL A 399 34.76 -29.24 -49.98
CA VAL A 399 34.87 -28.47 -51.21
C VAL A 399 33.70 -28.81 -52.11
N ILE A 400 33.30 -27.87 -52.97
CA ILE A 400 32.20 -28.04 -53.93
C ILE A 400 32.46 -27.15 -55.13
N ARG A 401 31.75 -27.42 -56.23
CA ARG A 401 31.82 -26.57 -57.40
C ARG A 401 31.11 -25.25 -57.14
N GLY A 402 31.34 -24.29 -58.03
CA GLY A 402 30.91 -22.93 -57.78
C GLY A 402 29.44 -22.67 -58.01
N ASN A 403 28.82 -23.41 -58.92
CA ASN A 403 27.40 -23.22 -59.14
C ASN A 403 26.54 -23.98 -58.16
N GLU A 404 27.14 -24.63 -57.18
CA GLU A 404 26.41 -25.37 -56.16
C GLU A 404 26.58 -24.77 -54.77
N VAL A 405 27.25 -23.62 -54.65
CA VAL A 405 27.37 -22.95 -53.36
C VAL A 405 26.02 -22.47 -52.87
N SER A 406 25.10 -22.17 -53.78
CA SER A 406 23.73 -21.83 -53.37
C SER A 406 22.95 -23.02 -52.84
N GLN A 407 23.48 -24.24 -52.96
CA GLN A 407 22.77 -25.39 -52.41
C GLN A 407 23.14 -25.66 -50.97
N ILE A 408 24.13 -24.97 -50.42
CA ILE A 408 24.41 -25.07 -48.99
C ILE A 408 23.55 -24.01 -48.33
N ALA A 409 22.30 -24.37 -48.10
CA ALA A 409 21.30 -23.52 -47.48
C ALA A 409 20.20 -24.40 -46.93
N PRO A 410 19.46 -23.96 -45.91
CA PRO A 410 18.36 -24.77 -45.40
C PRO A 410 17.25 -24.92 -46.42
N GLY A 411 16.90 -26.16 -46.72
CA GLY A 411 15.83 -26.43 -47.67
C GLY A 411 16.20 -26.10 -49.09
N GLN A 412 17.11 -26.88 -49.68
CA GLN A 412 17.47 -26.70 -51.08
C GLN A 412 17.44 -28.03 -51.79
N THR A 413 17.52 -27.99 -53.12
CA THR A 413 17.51 -29.19 -53.92
C THR A 413 18.70 -29.15 -54.88
N GLY A 414 19.03 -30.31 -55.41
CA GLY A 414 20.18 -30.49 -56.27
C GLY A 414 21.17 -31.45 -55.66
N ASN A 415 22.08 -31.96 -56.52
CA ASN A 415 22.85 -33.16 -56.24
C ASN A 415 23.88 -33.00 -55.12
N ILE A 416 24.02 -31.83 -54.54
CA ILE A 416 24.78 -31.67 -53.31
C ILE A 416 23.86 -31.71 -52.10
N ALA A 417 22.78 -30.93 -52.12
CA ALA A 417 21.95 -30.83 -50.93
C ALA A 417 21.03 -32.01 -50.75
N ASP A 418 20.73 -32.78 -51.79
CA ASP A 418 19.85 -33.92 -51.58
C ASP A 418 20.59 -35.05 -50.86
N TYR A 419 21.62 -35.61 -51.49
CA TYR A 419 22.43 -36.62 -50.84
C TYR A 419 23.91 -36.34 -51.06
N ASN A 420 24.42 -35.29 -50.42
CA ASN A 420 25.82 -35.24 -50.01
C ASN A 420 25.91 -34.57 -48.65
N TYR A 421 25.10 -33.53 -48.47
CA TYR A 421 25.14 -32.70 -47.26
C TYR A 421 23.81 -31.98 -47.17
N LYS A 422 23.02 -32.30 -46.16
CA LYS A 422 21.70 -31.71 -46.01
C LYS A 422 21.67 -30.82 -44.79
N LEU A 423 21.48 -29.53 -45.01
CA LEU A 423 21.29 -28.67 -43.87
C LEU A 423 19.88 -28.80 -43.35
N PRO A 424 19.69 -28.80 -42.03
CA PRO A 424 18.32 -28.83 -41.48
C PRO A 424 17.59 -27.53 -41.75
N ASP A 425 16.26 -27.60 -41.65
CA ASP A 425 15.43 -26.42 -41.79
C ASP A 425 15.34 -25.61 -40.49
N ASP A 426 16.03 -26.04 -39.45
CA ASP A 426 16.07 -25.36 -38.16
C ASP A 426 17.47 -24.81 -37.97
N PHE A 427 17.97 -24.13 -39.00
CA PHE A 427 19.36 -23.78 -39.06
C PHE A 427 19.61 -22.41 -38.46
N THR A 428 20.70 -22.30 -37.71
CA THR A 428 21.09 -21.07 -37.04
C THR A 428 22.59 -20.82 -37.08
N GLY A 429 23.30 -21.34 -38.06
CA GLY A 429 24.72 -21.17 -38.18
C GLY A 429 25.12 -20.05 -39.11
N CYS A 430 26.12 -20.34 -39.93
CA CYS A 430 26.67 -19.39 -40.89
C CYS A 430 27.47 -20.16 -41.91
N VAL A 431 27.16 -19.97 -43.19
CA VAL A 431 27.80 -20.66 -44.28
C VAL A 431 28.84 -19.75 -44.89
N ILE A 432 30.11 -20.18 -44.90
CA ILE A 432 31.21 -19.39 -45.43
C ILE A 432 31.80 -20.14 -46.60
N ALA A 433 32.10 -19.43 -47.68
CA ALA A 433 32.61 -20.11 -48.86
C ALA A 433 33.52 -19.19 -49.63
N TRP A 434 34.69 -19.70 -50.01
CA TRP A 434 35.60 -18.87 -50.79
C TRP A 434 36.30 -19.70 -51.84
N ASN A 435 36.69 -19.04 -52.92
CA ASN A 435 37.34 -19.71 -54.03
C ASN A 435 38.72 -20.19 -53.63
N SER A 436 39.10 -21.33 -54.16
CA SER A 436 40.44 -21.85 -53.95
C SER A 436 40.97 -22.49 -55.22
N ASN A 437 40.77 -21.82 -56.36
CA ASN A 437 41.32 -22.33 -57.60
C ASN A 437 42.83 -22.23 -57.64
N LYS A 438 43.40 -21.37 -56.79
CA LYS A 438 44.84 -21.27 -56.62
C LYS A 438 45.42 -22.50 -55.94
N LEU A 439 44.63 -23.23 -55.20
CA LEU A 439 45.20 -24.23 -54.33
C LEU A 439 44.70 -25.65 -54.59
N ASP A 440 43.39 -25.84 -54.71
CA ASP A 440 42.81 -27.18 -54.73
C ASP A 440 42.63 -27.74 -56.12
N SER A 441 43.21 -27.11 -57.14
CA SER A 441 43.00 -27.54 -58.51
C SER A 441 44.34 -27.53 -59.22
N LYS A 442 44.67 -28.62 -59.89
CA LYS A 442 45.94 -28.68 -60.59
C LYS A 442 45.70 -28.97 -62.07
N VAL A 443 46.71 -28.63 -62.87
CA VAL A 443 46.65 -28.90 -64.30
C VAL A 443 46.74 -30.41 -64.54
N GLY A 444 45.87 -30.91 -65.40
CA GLY A 444 45.84 -32.33 -65.69
C GLY A 444 44.82 -33.10 -64.88
N GLY A 445 43.84 -32.45 -64.29
CA GLY A 445 42.79 -33.16 -63.60
C GLY A 445 43.15 -33.49 -62.17
N ASN A 446 42.26 -33.17 -61.25
CA ASN A 446 42.46 -33.46 -59.83
C ASN A 446 41.39 -34.46 -59.42
N TYR A 447 41.74 -35.74 -59.46
CA TYR A 447 40.79 -36.83 -59.27
C TYR A 447 40.62 -37.23 -57.81
N ASN A 448 40.85 -36.32 -56.88
CA ASN A 448 40.73 -36.65 -55.47
C ASN A 448 39.58 -35.92 -54.80
N TYR A 449 38.73 -35.25 -55.57
CA TYR A 449 37.50 -34.69 -55.03
C TYR A 449 36.33 -35.38 -55.71
N ARG A 450 35.52 -36.08 -54.93
CA ARG A 450 34.45 -36.91 -55.45
C ARG A 450 33.13 -36.54 -54.78
N TYR A 451 32.06 -36.70 -55.54
CA TYR A 451 30.72 -36.47 -55.04
C TYR A 451 29.85 -37.64 -55.47
N ARG A 452 28.89 -37.97 -54.62
CA ARG A 452 28.01 -39.10 -54.85
C ARG A 452 26.77 -38.62 -55.60
N LEU A 453 26.55 -39.21 -56.76
CA LEU A 453 25.48 -38.74 -57.63
C LEU A 453 24.28 -39.67 -57.71
N PHE A 454 24.42 -40.94 -57.37
CA PHE A 454 23.28 -41.87 -57.36
C PHE A 454 23.13 -42.45 -55.96
N ARG A 455 21.89 -42.48 -55.47
CA ARG A 455 21.63 -43.10 -54.18
C ARG A 455 20.20 -43.65 -54.19
N LYS A 456 19.87 -44.40 -53.14
CA LYS A 456 18.52 -44.90 -52.96
C LYS A 456 17.53 -43.75 -52.77
N SER A 457 17.73 -42.96 -51.74
CA SER A 457 16.95 -41.75 -51.54
C SER A 457 17.82 -40.72 -50.84
N ASN A 458 17.18 -39.69 -50.30
CA ASN A 458 17.88 -38.55 -49.75
C ASN A 458 18.55 -38.89 -48.42
N LEU A 459 19.18 -37.88 -47.84
CA LEU A 459 19.72 -38.03 -46.52
C LEU A 459 18.84 -37.31 -45.51
N LYS A 460 19.06 -37.62 -44.23
CA LYS A 460 18.56 -36.77 -43.16
C LYS A 460 19.50 -35.58 -43.02
N PRO A 461 19.09 -34.54 -42.29
CA PRO A 461 20.02 -33.46 -41.95
C PRO A 461 21.26 -33.96 -41.21
N PHE A 462 22.42 -33.44 -41.63
CA PHE A 462 23.73 -33.76 -41.06
C PHE A 462 24.06 -35.25 -41.16
N GLU A 463 23.75 -35.86 -42.31
CA GLU A 463 23.98 -37.29 -42.49
C GLU A 463 25.17 -37.54 -43.42
N ARG A 464 26.05 -38.43 -42.99
CA ARG A 464 27.31 -38.68 -43.68
C ARG A 464 27.43 -40.15 -44.06
N ASP A 465 27.68 -40.41 -45.35
CA ASP A 465 27.80 -41.77 -45.85
C ASP A 465 29.12 -41.92 -46.60
N ILE A 466 29.74 -43.09 -46.45
CA ILE A 466 30.99 -43.36 -47.15
C ILE A 466 30.86 -44.66 -47.90
N SER A 467 29.65 -44.98 -48.34
CA SER A 467 29.39 -46.24 -49.02
C SER A 467 29.95 -46.22 -50.43
N THR A 468 30.34 -47.39 -50.91
CA THR A 468 30.88 -47.55 -52.25
C THR A 468 30.21 -48.76 -52.92
N GLU A 469 29.10 -49.21 -52.34
CA GLU A 469 28.35 -50.31 -52.92
C GLU A 469 27.63 -49.85 -54.19
N ILE A 470 27.68 -50.69 -55.21
CA ILE A 470 27.15 -50.34 -56.53
C ILE A 470 25.63 -50.25 -56.46
N TYR A 471 25.11 -49.07 -56.73
CA TYR A 471 23.67 -48.84 -56.77
C TYR A 471 23.05 -49.62 -57.92
N GLN A 472 22.10 -50.48 -57.59
CA GLN A 472 21.49 -51.41 -58.54
C GLN A 472 20.23 -50.76 -59.09
N ALA A 473 20.38 -49.98 -60.15
CA ALA A 473 19.23 -49.29 -60.74
C ALA A 473 18.31 -50.26 -61.45
N GLY A 474 18.86 -51.14 -62.28
CA GLY A 474 18.06 -52.11 -63.00
C GLY A 474 17.50 -53.18 -62.10
N ASN A 475 16.61 -53.99 -62.68
CA ASN A 475 15.91 -55.01 -61.93
C ASN A 475 16.79 -56.22 -61.60
N LYS A 476 17.88 -56.41 -62.32
CA LYS A 476 18.72 -57.57 -62.09
C LYS A 476 19.92 -57.21 -61.23
N PRO A 477 20.40 -58.13 -60.39
CA PRO A 477 21.65 -57.89 -59.69
C PRO A 477 22.84 -57.98 -60.63
N CYS A 478 23.80 -57.10 -60.39
CA CYS A 478 25.09 -57.17 -61.07
C CYS A 478 26.26 -57.39 -60.12
N ASN A 479 25.99 -57.87 -58.89
CA ASN A 479 26.91 -58.51 -57.91
C ASN A 479 28.33 -57.92 -57.86
N GLY A 480 28.42 -56.60 -57.75
CA GLY A 480 29.71 -55.97 -57.60
C GLY A 480 30.45 -55.69 -58.88
N VAL A 481 29.82 -55.90 -60.04
CA VAL A 481 30.40 -55.57 -61.33
C VAL A 481 29.51 -54.54 -62.00
N ALA A 482 30.01 -53.31 -62.11
CA ALA A 482 29.19 -52.22 -62.63
C ALA A 482 29.06 -52.33 -64.14
N GLY A 483 28.23 -51.46 -64.70
CA GLY A 483 27.98 -51.48 -66.13
C GLY A 483 26.61 -50.93 -66.47
N VAL A 484 25.84 -51.71 -67.23
CA VAL A 484 24.52 -51.28 -67.66
C VAL A 484 23.55 -51.38 -66.49
N ASN A 485 22.86 -50.27 -66.22
CA ASN A 485 21.83 -50.13 -65.17
C ASN A 485 22.36 -50.40 -63.76
N CYS A 486 23.67 -50.32 -63.56
CA CYS A 486 24.25 -50.22 -62.23
C CYS A 486 25.62 -49.55 -62.37
N TYR A 487 25.78 -48.40 -61.72
CA TYR A 487 26.96 -47.58 -61.88
C TYR A 487 27.71 -47.47 -60.56
N PHE A 488 28.99 -47.12 -60.67
CA PHE A 488 29.76 -46.68 -59.52
C PHE A 488 29.12 -45.41 -58.97
N PRO A 489 29.00 -45.26 -57.65
CA PRO A 489 28.25 -44.12 -57.10
C PRO A 489 29.05 -42.85 -56.87
N LEU A 490 30.36 -42.93 -56.69
CA LEU A 490 31.18 -41.78 -56.36
C LEU A 490 31.89 -41.34 -57.62
N GLN A 491 31.48 -40.21 -58.19
CA GLN A 491 32.17 -39.71 -59.36
C GLN A 491 33.11 -38.59 -58.96
N SER A 492 34.30 -38.62 -59.55
CA SER A 492 35.32 -37.62 -59.29
C SER A 492 34.95 -36.31 -59.96
N TYR A 493 35.25 -35.20 -59.28
CA TYR A 493 35.16 -33.89 -59.87
C TYR A 493 36.26 -33.70 -60.90
N GLY A 494 36.25 -32.53 -61.52
CA GLY A 494 37.15 -32.15 -62.58
C GLY A 494 38.28 -31.32 -62.02
N PHE A 495 38.08 -30.00 -61.99
CA PHE A 495 38.97 -29.00 -61.40
C PHE A 495 40.26 -28.87 -62.22
N ARG A 496 40.10 -28.70 -63.51
CA ARG A 496 41.12 -28.08 -64.31
C ARG A 496 41.16 -26.59 -63.98
N PRO A 497 42.31 -25.94 -64.14
CA PRO A 497 42.34 -24.49 -63.90
C PRO A 497 41.66 -23.71 -64.98
N THR A 498 41.55 -24.23 -66.19
CA THR A 498 40.88 -23.51 -67.27
C THR A 498 39.40 -23.87 -67.35
N TYR A 499 38.71 -23.78 -66.23
CA TYR A 499 37.28 -23.93 -66.14
C TYR A 499 36.69 -22.59 -65.73
N GLY A 500 35.45 -22.35 -66.10
CA GLY A 500 34.80 -21.10 -65.74
C GLY A 500 34.50 -21.05 -64.26
N VAL A 501 34.36 -19.83 -63.74
CA VAL A 501 33.87 -19.67 -62.38
C VAL A 501 32.44 -20.18 -62.31
N GLY A 502 32.25 -21.24 -61.55
CA GLY A 502 31.10 -22.10 -61.69
C GLY A 502 31.49 -23.52 -62.00
N HIS A 503 32.75 -23.76 -62.31
CA HIS A 503 33.35 -25.07 -62.20
C HIS A 503 34.68 -25.03 -61.47
N GLN A 504 34.87 -24.09 -60.56
CA GLN A 504 36.11 -23.98 -59.84
C GLN A 504 35.96 -24.54 -58.43
N PRO A 505 37.03 -25.01 -57.83
CA PRO A 505 36.91 -25.56 -56.48
C PRO A 505 36.71 -24.49 -55.44
N TYR A 506 35.52 -24.49 -54.85
CA TYR A 506 35.18 -23.57 -53.79
C TYR A 506 35.21 -24.29 -52.46
N ARG A 507 36.05 -23.82 -51.55
CA ARG A 507 36.08 -24.39 -50.21
C ARG A 507 34.93 -23.81 -49.40
N VAL A 508 34.39 -24.61 -48.49
CA VAL A 508 33.21 -24.25 -47.73
C VAL A 508 33.43 -24.68 -46.30
N VAL A 509 33.13 -23.79 -45.36
CA VAL A 509 33.05 -24.12 -43.94
C VAL A 509 31.67 -23.71 -43.44
N VAL A 510 30.95 -24.66 -42.87
CA VAL A 510 29.62 -24.42 -42.34
C VAL A 510 29.71 -24.43 -40.84
N LEU A 511 29.52 -23.28 -40.21
CA LEU A 511 29.44 -23.22 -38.76
C LEU A 511 28.01 -23.42 -38.35
N SER A 512 27.80 -24.22 -37.32
CA SER A 512 26.47 -24.37 -36.76
C SER A 512 26.55 -24.21 -35.26
N PHE A 513 26.00 -23.11 -34.77
CA PHE A 513 25.95 -22.81 -33.36
C PHE A 513 24.69 -23.43 -32.80
N GLU A 514 24.78 -24.01 -31.61
CA GLU A 514 23.56 -24.33 -30.88
C GLU A 514 23.76 -23.99 -29.42
N LEU A 515 22.65 -23.64 -28.77
CA LEU A 515 22.60 -23.34 -27.34
C LEU A 515 21.65 -24.33 -26.67
N LEU A 516 22.20 -25.42 -26.11
CA LEU A 516 21.38 -26.57 -25.70
C LEU A 516 20.97 -26.55 -24.23
N HIS A 517 21.92 -26.78 -23.32
CA HIS A 517 21.59 -26.86 -21.90
C HIS A 517 22.54 -26.11 -20.97
N ALA A 518 23.84 -26.03 -21.29
CA ALA A 518 24.87 -25.67 -20.34
C ALA A 518 24.76 -24.20 -19.96
N PRO A 519 24.99 -23.85 -18.69
CA PRO A 519 24.83 -22.46 -18.27
C PRO A 519 26.00 -21.58 -18.69
N ALA A 520 27.12 -22.20 -19.05
CA ALA A 520 28.29 -21.46 -19.50
C ALA A 520 29.15 -22.36 -20.39
N THR A 521 29.58 -21.82 -21.52
CA THR A 521 30.34 -22.53 -22.56
C THR A 521 31.24 -21.52 -23.28
N VAL A 522 31.65 -21.87 -24.51
CA VAL A 522 32.38 -20.96 -25.38
C VAL A 522 31.61 -19.67 -25.61
N CYS A 523 32.26 -18.55 -25.29
CA CYS A 523 31.63 -17.24 -25.40
C CYS A 523 32.66 -16.25 -25.92
N GLY A 524 32.17 -15.16 -26.50
CA GLY A 524 33.03 -14.13 -27.07
C GLY A 524 33.53 -13.07 -26.11
N PRO A 525 34.64 -12.43 -26.45
CA PRO A 525 35.21 -11.39 -25.59
C PRO A 525 34.88 -9.97 -26.07
N LYS A 526 33.79 -9.40 -25.55
CA LYS A 526 33.40 -8.05 -25.93
C LYS A 526 34.43 -7.03 -25.46
N LYS A 527 35.70 -7.40 -25.53
CA LYS A 527 36.78 -6.52 -25.11
C LYS A 527 36.45 -5.81 -23.81
N SER A 528 37.16 -4.72 -23.56
CA SER A 528 36.96 -3.93 -22.36
C SER A 528 37.20 -2.46 -22.69
N THR A 529 37.66 -1.71 -21.70
CA THR A 529 37.93 -0.30 -21.89
C THR A 529 39.18 0.08 -21.11
N ASN A 530 39.49 1.36 -21.10
CA ASN A 530 40.65 1.84 -20.38
C ASN A 530 40.39 1.80 -18.90
N LEU A 531 41.30 2.40 -18.13
CA LEU A 531 41.12 2.40 -16.68
C LEU A 531 41.63 3.71 -16.07
N VAL A 532 40.81 4.32 -15.22
CA VAL A 532 41.17 5.57 -14.57
C VAL A 532 40.92 5.41 -13.07
N LYS A 533 41.49 6.29 -12.28
CA LYS A 533 41.29 6.23 -10.84
C LYS A 533 41.03 7.63 -10.30
N ASN A 534 40.41 7.66 -9.12
CA ASN A 534 40.05 8.89 -8.41
C ASN A 534 39.06 9.75 -9.19
N LYS A 535 38.18 9.13 -9.96
CA LYS A 535 37.16 9.86 -10.72
C LYS A 535 35.85 9.11 -10.60
N CYS A 536 34.74 9.86 -10.50
CA CYS A 536 33.44 9.22 -10.51
C CYS A 536 33.18 8.74 -11.94
N VAL A 537 33.05 7.43 -12.09
CA VAL A 537 32.92 6.80 -13.39
C VAL A 537 31.80 5.78 -13.32
N ASN A 538 31.40 5.30 -14.48
CA ASN A 538 30.47 4.18 -14.60
C ASN A 538 31.31 2.95 -14.85
N PHE A 539 31.24 1.98 -13.95
CA PHE A 539 32.13 0.82 -14.02
C PHE A 539 31.36 -0.47 -14.17
N ASN A 540 32.07 -1.46 -14.71
CA ASN A 540 31.61 -2.85 -14.78
C ASN A 540 32.83 -3.74 -14.56
N PHE A 541 32.78 -4.54 -13.49
CA PHE A 541 33.84 -5.49 -13.14
C PHE A 541 33.29 -6.89 -13.29
N ASN A 542 33.54 -7.49 -14.46
CA ASN A 542 33.13 -8.84 -14.85
C ASN A 542 31.69 -9.16 -14.45
N GLY A 543 30.77 -8.25 -14.74
CA GLY A 543 29.39 -8.51 -14.45
C GLY A 543 28.79 -7.54 -13.46
N LEU A 544 29.61 -7.06 -12.52
CA LEU A 544 29.15 -6.13 -11.50
C LEU A 544 28.97 -4.76 -12.12
N THR A 545 27.73 -4.29 -12.22
CA THR A 545 27.43 -3.01 -12.83
C THR A 545 27.18 -1.99 -11.72
N GLY A 546 27.86 -0.86 -11.78
CA GLY A 546 27.64 0.17 -10.78
C GLY A 546 28.25 1.52 -11.08
N THR A 547 28.17 2.43 -10.11
CA THR A 547 28.69 3.78 -10.25
C THR A 547 29.48 4.12 -8.99
N GLY A 548 30.55 4.88 -9.15
CA GLY A 548 31.31 5.31 -8.00
C GLY A 548 32.73 5.64 -8.36
N VAL A 549 33.45 6.08 -7.34
CA VAL A 549 34.85 6.45 -7.43
C VAL A 549 35.71 5.26 -7.04
N LEU A 550 36.75 5.00 -7.84
CA LEU A 550 37.65 3.88 -7.65
C LEU A 550 38.90 4.40 -6.94
N THR A 551 39.30 3.72 -5.87
CA THR A 551 40.50 4.13 -5.15
C THR A 551 41.31 2.92 -4.71
N GLU A 552 42.60 3.11 -4.49
CA GLU A 552 43.45 2.05 -3.96
C GLU A 552 42.93 1.57 -2.61
N SER A 553 42.85 0.25 -2.46
CA SER A 553 42.32 -0.32 -1.23
C SER A 553 43.44 -0.79 -0.31
N ASN A 554 43.03 -1.26 0.87
CA ASN A 554 43.95 -1.93 1.78
C ASN A 554 43.35 -3.23 2.29
N LYS A 555 42.36 -3.78 1.61
CA LYS A 555 41.76 -5.06 1.95
C LYS A 555 42.53 -6.19 1.27
N LYS A 556 42.34 -7.40 1.80
CA LYS A 556 43.01 -8.59 1.27
C LYS A 556 41.99 -9.68 1.05
N PHE A 557 41.74 -9.96 -0.22
CA PHE A 557 40.84 -10.99 -0.68
C PHE A 557 41.53 -12.34 -0.72
N LEU A 558 40.76 -13.41 -0.60
CA LEU A 558 41.32 -14.74 -0.68
C LEU A 558 41.37 -15.07 -2.15
N PRO A 559 42.60 -15.52 -2.60
CA PRO A 559 42.74 -15.79 -4.04
C PRO A 559 41.54 -16.24 -4.86
N PHE A 560 40.47 -16.69 -4.25
CA PHE A 560 39.35 -17.17 -5.03
C PHE A 560 38.23 -16.15 -5.09
N GLN A 561 38.32 -15.13 -4.25
CA GLN A 561 37.31 -14.09 -4.23
C GLN A 561 37.53 -12.95 -5.20
N GLN A 562 36.47 -12.55 -5.86
CA GLN A 562 36.52 -11.49 -6.83
C GLN A 562 36.18 -10.11 -6.29
N PHE A 563 35.15 -10.04 -5.47
CA PHE A 563 34.70 -8.79 -4.90
C PHE A 563 34.23 -9.01 -3.47
N GLY A 564 34.16 -7.91 -2.72
CA GLY A 564 33.69 -7.93 -1.35
C GLY A 564 32.45 -7.08 -1.18
N ARG A 565 31.71 -7.38 -0.12
CA ARG A 565 30.57 -6.59 0.28
C ARG A 565 30.72 -6.18 1.72
N ASP A 566 30.09 -5.06 2.08
CA ASP A 566 30.12 -4.53 3.43
C ASP A 566 28.92 -5.03 4.22
N ILE A 567 28.83 -4.60 5.47
CA ILE A 567 27.66 -4.87 6.29
C ILE A 567 26.52 -4.12 5.62
N ALA A 568 25.34 -4.74 5.62
CA ALA A 568 24.15 -4.28 4.90
C ALA A 568 24.18 -4.78 3.46
N ASP A 569 25.12 -5.66 3.14
CA ASP A 569 25.14 -6.40 1.88
C ASP A 569 25.22 -5.53 0.62
N THR A 570 26.18 -4.62 0.56
CA THR A 570 26.42 -3.82 -0.64
C THR A 570 27.87 -3.96 -1.02
N THR A 571 28.14 -4.07 -2.33
CA THR A 571 29.50 -4.20 -2.82
C THR A 571 30.32 -2.99 -2.42
N ASP A 572 31.48 -3.23 -1.83
CA ASP A 572 32.34 -2.11 -1.45
C ASP A 572 33.78 -2.24 -1.94
N ALA A 573 34.16 -3.37 -2.52
CA ALA A 573 35.47 -3.52 -3.10
C ALA A 573 35.39 -4.54 -4.22
N VAL A 574 36.22 -4.38 -5.25
CA VAL A 574 36.30 -5.31 -6.35
C VAL A 574 37.76 -5.59 -6.64
N ARG A 575 37.99 -6.56 -7.51
CA ARG A 575 39.32 -6.94 -7.94
C ARG A 575 39.28 -6.78 -9.46
N ASP A 576 40.21 -6.03 -10.03
CA ASP A 576 40.19 -5.78 -11.47
C ASP A 576 40.53 -7.07 -12.19
N PRO A 577 39.66 -7.56 -13.06
CA PRO A 577 39.93 -8.83 -13.73
C PRO A 577 41.25 -8.86 -14.49
N GLN A 578 41.64 -7.74 -15.08
CA GLN A 578 42.85 -7.73 -15.91
C GLN A 578 44.12 -7.58 -15.07
N THR A 579 44.14 -6.60 -14.17
CA THR A 579 45.36 -6.32 -13.42
C THR A 579 45.42 -7.01 -12.06
N LEU A 580 44.30 -7.56 -11.58
CA LEU A 580 44.22 -8.29 -10.30
C LEU A 580 44.62 -7.41 -9.12
N GLU A 581 44.04 -6.21 -9.05
CA GLU A 581 44.26 -5.32 -7.93
C GLU A 581 42.94 -4.99 -7.26
N ILE A 582 42.99 -4.84 -5.94
CA ILE A 582 41.81 -4.61 -5.14
C ILE A 582 41.58 -3.11 -5.03
N LEU A 583 40.38 -2.66 -5.34
CA LEU A 583 40.03 -1.26 -5.37
C LEU A 583 38.75 -1.04 -4.56
N ASP A 584 38.76 -0.02 -3.71
CA ASP A 584 37.54 0.36 -3.01
C ASP A 584 36.65 1.25 -3.88
N ILE A 585 35.37 1.18 -3.60
CA ILE A 585 34.35 1.93 -4.30
C ILE A 585 33.68 2.84 -3.28
N THR A 586 33.84 4.14 -3.46
CA THR A 586 33.18 5.09 -2.57
C THR A 586 32.14 5.81 -3.41
N PRO A 587 30.84 5.86 -2.88
CA PRO A 587 29.86 6.53 -3.74
C PRO A 587 30.28 7.91 -4.23
N CYS A 588 29.49 8.46 -5.15
CA CYS A 588 29.73 9.79 -5.70
C CYS A 588 28.99 10.80 -4.84
N SER A 589 29.74 11.73 -4.25
CA SER A 589 29.18 12.75 -3.37
C SER A 589 27.84 13.27 -3.83
N PHE A 590 27.05 13.76 -2.90
CA PHE A 590 25.74 14.30 -3.21
C PHE A 590 25.20 14.93 -1.95
N GLY A 591 24.05 15.61 -2.04
CA GLY A 591 23.53 16.17 -0.81
C GLY A 591 22.63 17.35 -1.04
N GLY A 592 21.87 17.77 -0.04
CA GLY A 592 20.97 18.88 -0.21
C GLY A 592 21.67 20.21 -0.34
N VAL A 593 20.97 21.17 -0.93
CA VAL A 593 21.47 22.52 -1.07
C VAL A 593 20.48 23.46 -0.40
N SER A 594 20.96 24.24 0.55
CA SER A 594 20.12 25.19 1.25
C SER A 594 20.67 26.59 1.07
N VAL A 595 19.79 27.57 1.11
CA VAL A 595 20.15 28.97 0.93
C VAL A 595 19.90 29.72 2.22
N ILE A 596 20.90 30.47 2.66
CA ILE A 596 20.86 31.26 3.88
C ILE A 596 20.63 32.71 3.48
N THR A 597 19.58 33.31 3.98
CA THR A 597 19.34 34.69 3.65
C THR A 597 19.31 35.46 4.95
N PRO A 598 20.02 36.64 5.00
CA PRO A 598 19.94 37.33 6.30
C PRO A 598 18.53 37.78 6.56
N GLY A 599 17.65 37.51 5.61
CA GLY A 599 16.26 37.91 5.71
C GLY A 599 16.12 39.02 4.68
N THR A 600 15.30 38.78 3.67
CA THR A 600 15.07 39.74 2.59
C THR A 600 15.04 41.17 3.08
N ASN A 601 14.18 41.43 4.05
CA ASN A 601 14.04 42.74 4.64
C ASN A 601 15.35 43.49 4.85
N THR A 602 16.43 42.75 5.08
CA THR A 602 17.74 43.36 5.31
C THR A 602 18.56 43.53 4.04
N SER A 603 18.72 42.44 3.28
CA SER A 603 19.49 42.50 2.06
C SER A 603 19.17 41.34 1.15
N ASN A 604 19.90 41.23 0.04
CA ASN A 604 19.70 40.18 -0.92
C ASN A 604 20.92 39.29 -1.06
N GLN A 605 21.89 39.42 -0.18
CA GLN A 605 23.03 38.57 -0.28
C GLN A 605 22.57 37.21 0.24
N VAL A 606 23.35 36.16 0.00
CA VAL A 606 23.08 34.81 0.45
C VAL A 606 24.38 34.04 0.44
N ALA A 607 24.49 33.06 1.33
CA ALA A 607 25.59 32.10 1.32
C ALA A 607 25.00 30.70 1.23
N VAL A 608 25.79 29.77 0.69
CA VAL A 608 25.29 28.41 0.46
C VAL A 608 26.22 27.41 1.10
N LEU A 609 25.66 26.48 1.86
CA LEU A 609 26.41 25.38 2.46
C LEU A 609 26.05 24.09 1.72
N TYR A 610 27.05 23.41 1.20
CA TYR A 610 26.88 22.11 0.56
C TYR A 610 27.26 21.06 1.59
N GLN A 611 26.26 20.38 2.15
CA GLN A 611 26.45 19.39 3.23
C GLN A 611 27.38 18.20 2.94
N GLY A 612 28.47 18.16 3.67
CA GLY A 612 29.55 17.17 3.51
C GLY A 612 30.00 17.03 2.06
N VAL A 613 30.14 18.18 1.41
CA VAL A 613 30.71 18.26 0.08
C VAL A 613 32.02 19.00 0.17
N ASN A 614 33.05 18.42 -0.42
CA ASN A 614 34.34 19.09 -0.42
C ASN A 614 34.31 20.26 -1.38
N CYS A 615 35.04 21.31 -1.02
CA CYS A 615 35.00 22.53 -1.82
C CYS A 615 35.72 22.39 -3.15
N THR A 616 36.21 21.19 -3.47
CA THR A 616 36.90 20.95 -4.74
C THR A 616 35.98 20.19 -5.70
N GLU A 617 34.83 19.76 -5.20
CA GLU A 617 33.92 18.96 -6.00
C GLU A 617 32.53 19.59 -6.04
N VAL A 618 32.48 20.91 -5.87
CA VAL A 618 31.21 21.63 -5.89
C VAL A 618 30.76 21.89 -7.32
N PRO A 619 31.60 22.41 -8.23
CA PRO A 619 31.02 22.72 -9.53
C PRO A 619 30.99 21.52 -10.46
N SER A 638 36.89 35.09 -3.78
CA SER A 638 35.73 34.97 -2.91
C SER A 638 36.07 34.31 -1.58
N ASN A 639 35.05 33.95 -0.83
CA ASN A 639 35.21 33.43 0.52
C ASN A 639 34.79 31.97 0.56
N VAL A 640 35.77 31.08 0.57
CA VAL A 640 35.50 29.65 0.63
C VAL A 640 36.15 29.14 1.90
N PHE A 641 35.37 28.44 2.71
CA PHE A 641 35.83 27.93 3.99
C PHE A 641 35.39 26.49 4.07
N GLN A 642 36.32 25.60 4.41
CA GLN A 642 36.02 24.20 4.60
C GLN A 642 35.81 23.90 6.08
N THR A 643 34.68 23.30 6.39
CA THR A 643 34.34 22.89 7.73
C THR A 643 33.98 21.42 7.69
N ARG A 644 34.00 20.79 8.86
CA ARG A 644 33.66 19.39 8.96
C ARG A 644 32.21 19.12 8.63
N ALA A 645 31.38 20.15 8.50
CA ALA A 645 29.98 20.02 8.19
C ALA A 645 29.68 20.19 6.70
N GLY A 646 30.69 20.44 5.88
CA GLY A 646 30.50 20.67 4.47
C GLY A 646 31.29 21.87 3.97
N CYS A 647 30.93 22.31 2.77
CA CYS A 647 31.60 23.44 2.15
C CYS A 647 30.75 24.70 2.25
N LEU A 648 31.32 25.72 2.88
CA LEU A 648 30.66 26.99 3.10
C LEU A 648 31.20 28.03 2.13
N ILE A 649 30.31 28.63 1.33
CA ILE A 649 30.69 29.57 0.30
C ILE A 649 29.93 30.87 0.51
N GLY A 650 30.64 31.99 0.48
CA GLY A 650 30.02 33.28 0.57
C GLY A 650 30.09 33.95 1.91
N ALA A 651 30.78 33.35 2.88
CA ALA A 651 30.98 33.93 4.19
C ALA A 651 32.44 33.72 4.57
N GLU A 652 33.02 34.70 5.25
CA GLU A 652 34.38 34.57 5.74
C GLU A 652 34.39 34.05 7.16
N TYR A 653 35.29 33.11 7.43
CA TYR A 653 35.39 32.50 8.74
C TYR A 653 36.39 33.24 9.61
N VAL A 654 35.94 33.68 10.77
CA VAL A 654 36.75 34.43 11.71
C VAL A 654 36.97 33.59 12.96
N ASN A 655 37.92 34.02 13.79
CA ASN A 655 38.27 33.29 15.00
C ASN A 655 37.63 33.86 16.25
N ASN A 656 36.93 34.99 16.14
CA ASN A 656 36.18 35.57 17.24
C ASN A 656 34.94 34.74 17.53
N SER A 657 34.14 35.22 18.48
CA SER A 657 32.91 34.53 18.81
C SER A 657 31.81 35.49 19.18
N TYR A 658 30.59 35.19 18.75
CA TYR A 658 29.44 36.02 19.07
C TYR A 658 28.32 35.08 19.45
N GLU A 659 27.12 35.61 19.64
CA GLU A 659 25.99 34.77 19.98
C GLU A 659 25.45 34.15 18.72
N CYS A 660 24.89 32.96 18.81
CA CYS A 660 24.34 32.31 17.65
C CYS A 660 23.36 33.25 16.99
N ASP A 661 23.38 33.32 15.67
CA ASP A 661 22.46 34.14 14.92
C ASP A 661 21.67 33.26 14.00
N ILE A 662 22.34 32.70 13.01
CA ILE A 662 21.73 31.79 12.06
C ILE A 662 22.53 30.52 12.21
N PRO A 663 21.95 29.50 12.94
CA PRO A 663 22.80 28.30 13.10
C PRO A 663 23.19 27.60 11.83
N ILE A 664 24.49 27.35 11.63
CA ILE A 664 24.95 26.64 10.45
C ILE A 664 25.19 25.18 10.75
N GLY A 665 25.55 24.85 11.98
CA GLY A 665 25.78 23.46 12.32
C GLY A 665 27.18 23.14 12.78
N ALA A 666 27.29 22.31 13.79
CA ALA A 666 28.56 21.89 14.35
C ALA A 666 29.38 22.94 15.06
N GLY A 667 28.75 24.01 15.51
CA GLY A 667 29.45 25.06 16.21
C GLY A 667 29.57 26.39 15.50
N ILE A 668 29.21 26.46 14.23
CA ILE A 668 29.31 27.66 13.39
C ILE A 668 28.01 28.43 13.16
N CYS A 669 28.08 29.75 12.96
CA CYS A 669 26.92 30.63 12.71
C CYS A 669 27.23 31.70 11.68
N ALA A 670 26.28 32.56 11.35
CA ALA A 670 26.56 33.55 10.35
C ALA A 670 25.52 34.60 10.45
N SER A 671 25.87 35.84 10.12
CA SER A 671 24.90 36.90 10.19
C SER A 671 25.43 38.17 9.61
N TYR A 672 24.57 38.89 8.90
CA TYR A 672 24.93 40.15 8.29
C TYR A 672 25.64 41.00 9.31
N GLN A 673 26.91 41.30 9.09
CA GLN A 673 27.65 42.09 10.06
C GLN A 673 28.99 42.59 9.57
N THR A 674 29.53 43.55 10.31
CA THR A 674 30.83 44.17 10.03
C THR A 674 30.70 45.44 9.18
N GLN A 688 26.88 44.63 6.26
CA GLN A 688 27.81 44.88 5.16
C GLN A 688 28.49 43.60 4.69
N SER A 689 27.88 42.46 5.01
CA SER A 689 28.43 41.17 4.63
C SER A 689 27.83 40.02 5.42
N ILE A 690 28.27 38.81 5.12
CA ILE A 690 27.81 37.62 5.81
C ILE A 690 29.00 36.82 6.27
N ILE A 691 29.42 37.01 7.51
CA ILE A 691 30.54 36.29 8.08
C ILE A 691 30.04 35.12 8.86
N ALA A 692 30.77 34.01 8.85
CA ALA A 692 30.39 32.84 9.60
C ALA A 692 31.30 32.83 10.79
N TYR A 693 31.19 31.85 11.67
CA TYR A 693 32.06 31.83 12.81
C TYR A 693 31.65 30.69 13.70
N THR A 694 32.23 30.60 14.89
CA THR A 694 31.91 29.58 15.88
C THR A 694 31.14 30.25 16.97
N MET A 695 29.97 29.73 17.33
CA MET A 695 29.13 30.34 18.35
C MET A 695 29.74 30.53 19.74
N SER A 696 29.23 31.53 20.44
CA SER A 696 29.67 31.84 21.79
C SER A 696 28.62 31.26 22.68
N LEU A 697 29.03 30.49 23.68
CA LEU A 697 28.08 29.88 24.57
C LEU A 697 27.54 30.92 25.52
N GLY A 698 28.25 32.02 25.68
CA GLY A 698 27.79 33.06 26.55
C GLY A 698 28.89 33.91 27.14
N ALA A 699 28.50 35.01 27.76
CA ALA A 699 29.45 35.91 28.37
C ALA A 699 30.14 35.15 29.44
N GLU A 700 31.42 35.35 29.59
CA GLU A 700 32.18 34.63 30.60
C GLU A 700 32.13 35.40 31.91
N ASN A 701 32.07 34.68 33.01
CA ASN A 701 32.08 35.40 34.27
C ASN A 701 32.59 34.53 35.40
N SER A 702 33.54 35.08 36.14
CA SER A 702 34.06 34.48 37.35
C SER A 702 33.29 34.98 38.56
N VAL A 703 32.92 34.04 39.42
CA VAL A 703 32.31 34.34 40.69
C VAL A 703 33.43 34.64 41.67
N ALA A 704 33.26 35.69 42.45
CA ALA A 704 34.30 36.12 43.38
C ALA A 704 34.26 35.30 44.68
N TYR A 705 34.50 34.00 44.54
CA TYR A 705 34.42 33.11 45.69
C TYR A 705 35.60 33.33 46.62
N SER A 706 35.34 33.29 47.93
CA SER A 706 36.39 33.14 48.93
C SER A 706 35.86 32.32 50.09
N ASN A 707 36.70 32.02 51.08
CA ASN A 707 36.23 31.16 52.16
C ASN A 707 35.53 31.92 53.28
N ASN A 708 35.40 33.25 53.19
CA ASN A 708 34.68 33.97 54.22
C ASN A 708 33.92 35.18 53.66
N SER A 709 33.51 35.12 52.41
CA SER A 709 32.84 36.22 51.75
C SER A 709 31.43 35.81 51.34
N ILE A 710 30.49 36.74 51.43
CA ILE A 710 29.12 36.50 51.00
C ILE A 710 28.61 37.72 50.23
N ALA A 711 27.66 37.49 49.34
CA ALA A 711 26.99 38.56 48.60
C ALA A 711 25.49 38.48 48.86
N ILE A 712 24.90 39.58 49.31
CA ILE A 712 23.49 39.66 49.66
C ILE A 712 22.87 40.82 48.89
N PRO A 713 21.69 40.65 48.28
CA PRO A 713 21.04 41.76 47.58
C PRO A 713 20.50 42.80 48.54
N THR A 714 20.55 44.06 48.10
CA THR A 714 19.95 45.17 48.87
C THR A 714 18.71 45.77 48.21
N ASN A 715 18.37 45.30 47.01
CA ASN A 715 17.19 45.78 46.31
C ASN A 715 16.69 44.65 45.42
N PHE A 716 15.60 44.89 44.72
CA PHE A 716 14.97 43.87 43.90
C PHE A 716 14.12 44.54 42.84
N THR A 717 13.75 43.74 41.83
CA THR A 717 12.74 44.13 40.85
C THR A 717 11.69 43.03 40.72
N ILE A 718 10.52 43.43 40.23
CA ILE A 718 9.45 42.50 39.87
C ILE A 718 9.44 42.35 38.36
N SER A 719 9.58 41.12 37.89
CA SER A 719 9.63 40.83 36.46
C SER A 719 8.35 40.15 36.01
N VAL A 720 8.00 40.31 34.74
CA VAL A 720 6.89 39.61 34.12
C VAL A 720 7.39 38.92 32.85
N THR A 721 7.06 37.65 32.70
CA THR A 721 7.44 36.90 31.51
C THR A 721 6.26 36.10 30.98
N THR A 722 6.27 35.84 29.68
CA THR A 722 5.23 35.08 29.04
C THR A 722 5.65 33.63 28.81
N GLU A 723 4.66 32.75 28.83
CA GLU A 723 4.81 31.38 28.38
C GLU A 723 3.56 31.01 27.60
N ILE A 724 3.71 30.33 26.48
CA ILE A 724 2.62 30.03 25.58
C ILE A 724 2.50 28.53 25.40
N LEU A 725 1.29 28.01 25.51
CA LEU A 725 1.08 26.57 25.33
C LEU A 725 -0.13 26.31 24.45
N PRO A 726 0.01 25.45 23.44
CA PRO A 726 -1.15 25.02 22.66
C PRO A 726 -2.05 24.08 23.45
N VAL A 727 -3.35 24.14 23.19
CA VAL A 727 -4.26 23.23 23.86
C VAL A 727 -5.13 22.42 22.91
N SER A 728 -5.36 22.82 21.65
CA SER A 728 -6.25 22.06 20.79
C SER A 728 -5.96 22.29 19.32
N MET A 729 -6.44 21.36 18.50
CA MET A 729 -6.44 21.43 17.04
C MET A 729 -7.86 21.53 16.51
N THR A 730 -7.97 21.80 15.22
CA THR A 730 -9.24 21.71 14.53
C THR A 730 -9.67 20.26 14.35
N LYS A 731 -10.96 20.01 14.54
CA LYS A 731 -11.56 18.70 14.40
C LYS A 731 -11.94 18.48 12.94
N THR A 732 -11.41 17.42 12.35
CA THR A 732 -11.66 17.15 10.95
C THR A 732 -12.39 15.83 10.84
N SER A 733 -13.13 15.68 9.74
CA SER A 733 -13.82 14.44 9.41
C SER A 733 -13.82 14.24 7.89
N VAL A 734 -13.52 13.02 7.45
CA VAL A 734 -13.42 12.70 6.03
C VAL A 734 -14.51 11.72 5.72
N ASP A 735 -15.24 11.97 4.63
CA ASP A 735 -16.20 11.03 4.10
C ASP A 735 -15.44 10.04 3.23
N CYS A 736 -15.25 8.82 3.74
CA CYS A 736 -14.42 7.83 3.06
C CYS A 736 -14.93 7.53 1.65
N THR A 737 -16.24 7.33 1.51
CA THR A 737 -16.81 7.01 0.21
C THR A 737 -16.70 8.18 -0.76
N MET A 738 -16.89 9.40 -0.31
CA MET A 738 -16.80 10.54 -1.20
C MET A 738 -15.37 10.92 -1.53
N TYR A 739 -14.43 10.63 -0.64
CA TYR A 739 -13.04 10.89 -0.95
C TYR A 739 -12.54 9.90 -1.99
N ILE A 740 -12.77 8.61 -1.78
CA ILE A 740 -12.22 7.64 -2.69
C ILE A 740 -13.02 7.64 -3.99
N CYS A 741 -14.21 7.05 -3.96
CA CYS A 741 -15.03 6.95 -5.16
C CYS A 741 -15.29 8.35 -5.71
N GLY A 742 -16.16 9.09 -5.02
CA GLY A 742 -16.53 10.42 -5.45
C GLY A 742 -17.72 10.40 -6.41
N ASP A 743 -18.92 10.49 -5.84
CA ASP A 743 -20.15 10.59 -6.62
C ASP A 743 -20.56 9.27 -7.28
N SER A 744 -19.66 8.69 -8.07
CA SER A 744 -19.94 7.44 -8.78
C SER A 744 -20.60 6.41 -7.87
N THR A 745 -21.46 5.58 -8.46
CA THR A 745 -22.20 4.59 -7.69
C THR A 745 -21.79 3.16 -8.04
N GLU A 746 -21.12 3.00 -9.17
CA GLU A 746 -20.62 1.68 -9.57
C GLU A 746 -19.45 1.36 -8.66
N CYS A 747 -18.79 2.40 -8.18
CA CYS A 747 -17.67 2.30 -7.26
C CYS A 747 -18.09 1.80 -5.88
N SER A 748 -19.27 2.20 -5.41
CA SER A 748 -19.65 1.84 -4.05
C SER A 748 -19.69 0.34 -3.84
N ASN A 749 -20.16 -0.42 -4.82
CA ASN A 749 -20.17 -1.86 -4.68
C ASN A 749 -18.76 -2.44 -4.67
N LEU A 750 -17.82 -1.79 -5.36
CA LEU A 750 -16.43 -2.26 -5.33
C LEU A 750 -15.76 -1.93 -4.01
N LEU A 751 -16.07 -0.76 -3.43
CA LEU A 751 -15.45 -0.36 -2.18
C LEU A 751 -15.88 -1.24 -1.02
N LEU A 752 -17.10 -1.75 -1.05
CA LEU A 752 -17.57 -2.68 -0.03
C LEU A 752 -16.77 -3.97 0.02
N GLN A 753 -16.00 -4.27 -1.02
CA GLN A 753 -15.23 -5.51 -1.12
C GLN A 753 -13.93 -5.47 -0.37
N TYR A 754 -13.57 -4.33 0.21
CA TYR A 754 -12.34 -4.22 0.98
C TYR A 754 -12.56 -4.31 2.48
N GLY A 755 -13.77 -4.57 2.93
CA GLY A 755 -13.99 -4.79 4.34
C GLY A 755 -14.29 -3.51 5.06
N SER A 756 -13.83 -3.42 6.30
CA SER A 756 -14.24 -2.35 7.21
C SER A 756 -13.21 -1.25 7.32
N PHE A 757 -12.46 -0.96 6.27
CA PHE A 757 -11.48 0.12 6.36
C PHE A 757 -12.12 1.47 6.60
N CYS A 758 -13.29 1.74 6.02
CA CYS A 758 -13.99 2.99 6.23
C CYS A 758 -14.59 3.12 7.61
N THR A 759 -14.93 2.02 8.26
CA THR A 759 -15.37 2.06 9.64
C THR A 759 -14.22 2.39 10.58
N GLN A 760 -13.04 1.83 10.32
CA GLN A 760 -11.87 2.11 11.12
C GLN A 760 -11.51 3.60 11.07
N LEU A 761 -11.61 4.22 9.89
CA LEU A 761 -11.28 5.62 9.78
C LEU A 761 -12.23 6.50 10.59
N LYS A 762 -13.52 6.19 10.56
CA LYS A 762 -14.47 6.96 11.35
C LYS A 762 -14.28 6.76 12.83
N ARG A 763 -14.01 5.53 13.28
CA ARG A 763 -13.78 5.34 14.69
C ARG A 763 -12.53 6.05 15.18
N ALA A 764 -11.44 5.97 14.40
CA ALA A 764 -10.20 6.60 14.79
C ALA A 764 -10.35 8.12 14.88
N LEU A 765 -10.99 8.73 13.89
CA LEU A 765 -11.15 10.17 13.92
C LEU A 765 -12.11 10.65 14.99
N THR A 766 -13.13 9.86 15.32
CA THR A 766 -14.02 10.25 16.42
C THR A 766 -13.29 10.27 17.75
N GLY A 767 -12.39 9.33 17.98
CA GLY A 767 -11.59 9.37 19.19
C GLY A 767 -10.84 10.68 19.39
N ILE A 768 -10.21 11.16 18.33
CA ILE A 768 -9.56 12.47 18.32
C ILE A 768 -10.55 13.60 18.58
N ALA A 769 -11.68 13.59 17.91
CA ALA A 769 -12.67 14.66 18.05
C ALA A 769 -13.21 14.78 19.45
N VAL A 770 -13.40 13.67 20.15
CA VAL A 770 -13.90 13.76 21.51
C VAL A 770 -12.81 14.25 22.46
N GLU A 771 -11.56 13.83 22.27
CA GLU A 771 -10.50 14.22 23.18
C GLU A 771 -10.17 15.71 23.09
N GLN A 772 -10.33 16.32 21.91
CA GLN A 772 -9.96 17.71 21.73
C GLN A 772 -10.85 18.66 22.52
N ASP A 773 -12.09 18.29 22.78
CA ASP A 773 -12.94 19.11 23.64
C ASP A 773 -12.65 18.89 25.11
N LYS A 774 -12.30 17.67 25.47
CA LYS A 774 -11.89 17.38 26.83
C LYS A 774 -10.57 18.05 27.19
N ASN A 775 -9.63 18.13 26.25
CA ASN A 775 -8.39 18.87 26.48
C ASN A 775 -8.67 20.28 26.97
N THR A 776 -9.60 20.98 26.32
CA THR A 776 -9.92 22.36 26.67
C THR A 776 -10.62 22.47 28.01
N GLN A 777 -11.53 21.55 28.30
CA GLN A 777 -12.21 21.59 29.59
C GLN A 777 -11.23 21.39 30.74
N GLU A 778 -10.28 20.48 30.58
CA GLU A 778 -9.32 20.26 31.65
C GLU A 778 -8.38 21.43 31.87
N VAL A 779 -8.03 22.19 30.83
CA VAL A 779 -7.17 23.34 31.07
C VAL A 779 -7.96 24.51 31.67
N PHE A 780 -9.15 24.80 31.15
CA PHE A 780 -9.84 26.02 31.57
C PHE A 780 -10.96 25.81 32.58
N ALA A 781 -11.68 24.69 32.54
CA ALA A 781 -12.88 24.55 33.37
C ALA A 781 -12.52 24.01 34.76
N GLN A 782 -11.67 24.78 35.45
CA GLN A 782 -11.20 24.46 36.79
C GLN A 782 -11.82 25.37 37.84
N VAL A 783 -13.00 25.91 37.58
CA VAL A 783 -13.63 26.79 38.55
C VAL A 783 -15.12 26.47 38.58
N LYS A 784 -15.66 26.40 39.79
CA LYS A 784 -17.06 26.04 39.99
C LYS A 784 -17.98 27.19 39.63
N GLN A 785 -17.76 28.35 40.23
CA GLN A 785 -18.61 29.51 40.09
C GLN A 785 -17.90 30.54 39.24
N ILE A 786 -18.67 31.45 38.66
CA ILE A 786 -18.13 32.50 37.83
C ILE A 786 -17.99 33.72 38.71
N TYR A 787 -16.77 34.07 39.04
CA TYR A 787 -16.47 35.19 39.91
C TYR A 787 -16.44 36.50 39.14
N LYS A 788 -16.82 37.58 39.81
CA LYS A 788 -16.75 38.93 39.27
C LYS A 788 -16.01 39.86 40.22
N THR A 789 -15.31 40.81 39.65
CA THR A 789 -14.63 41.83 40.44
C THR A 789 -15.61 42.92 40.85
N PRO A 790 -15.32 43.65 41.93
CA PRO A 790 -16.19 44.76 42.31
C PRO A 790 -16.04 45.92 41.36
N PRO A 791 -17.11 46.72 41.26
CA PRO A 791 -17.15 47.87 40.36
C PRO A 791 -15.97 48.82 40.47
N ILE A 792 -15.51 49.10 41.68
CA ILE A 792 -14.50 50.12 41.90
C ILE A 792 -13.25 49.77 41.09
N LYS A 793 -12.84 48.52 41.15
CA LYS A 793 -11.62 48.06 40.50
C LYS A 793 -10.37 48.86 40.86
N TYR A 794 -10.10 49.01 42.15
CA TYR A 794 -8.90 49.69 42.60
C TYR A 794 -8.29 48.90 43.74
N PHE A 795 -7.27 48.11 43.45
CA PHE A 795 -6.73 47.14 44.42
C PHE A 795 -5.44 47.70 45.00
N GLY A 796 -5.57 48.59 45.98
CA GLY A 796 -4.43 49.17 46.64
C GLY A 796 -3.35 49.76 45.73
N GLY A 797 -3.74 50.08 44.50
CA GLY A 797 -2.82 50.68 43.56
C GLY A 797 -2.66 49.81 42.33
N PHE A 798 -2.10 48.64 42.52
CA PHE A 798 -1.94 47.72 41.42
C PHE A 798 -3.06 47.93 40.42
N ASN A 799 -2.70 48.05 39.15
CA ASN A 799 -3.63 48.37 38.09
C ASN A 799 -3.67 47.21 37.11
N PHE A 800 -4.80 46.51 37.05
CA PHE A 800 -4.92 45.27 36.30
C PHE A 800 -5.75 45.46 35.05
N SER A 801 -5.95 46.68 34.60
CA SER A 801 -6.86 46.93 33.50
C SER A 801 -6.43 46.26 32.21
N GLN A 802 -5.17 45.92 32.05
CA GLN A 802 -4.73 45.29 30.81
C GLN A 802 -5.04 43.80 30.77
N ILE A 803 -5.45 43.20 31.88
CA ILE A 803 -5.78 41.78 31.90
C ILE A 803 -7.22 41.52 32.27
N LEU A 804 -7.95 42.49 32.71
CA LEU A 804 -9.35 42.29 32.98
C LEU A 804 -10.17 42.64 31.74
N PRO A 805 -11.38 42.11 31.62
CA PRO A 805 -12.20 42.42 30.43
C PRO A 805 -12.50 43.89 30.26
N ASP A 806 -12.67 44.30 29.00
CA ASP A 806 -13.04 45.66 28.64
C ASP A 806 -14.56 45.74 28.49
N PRO A 807 -15.27 46.41 29.39
CA PRO A 807 -16.74 46.45 29.28
C PRO A 807 -17.24 47.12 28.01
N SER A 808 -16.43 47.92 27.34
CA SER A 808 -16.84 48.61 26.12
C SER A 808 -16.47 47.81 24.87
N LYS A 809 -16.86 46.54 24.83
CA LYS A 809 -16.59 45.67 23.69
C LYS A 809 -17.68 44.63 23.60
N PRO A 810 -18.07 44.24 22.38
CA PRO A 810 -19.04 43.13 22.25
C PRO A 810 -18.51 41.80 22.73
N SER A 811 -17.20 41.60 22.65
CA SER A 811 -16.59 40.31 22.98
C SER A 811 -16.18 40.21 24.43
N LYS A 812 -15.99 41.34 25.13
CA LYS A 812 -15.56 41.38 26.52
C LYS A 812 -14.18 40.74 26.71
N ARG A 813 -13.29 40.91 25.74
CA ARG A 813 -11.94 40.46 25.89
C ARG A 813 -11.11 41.53 26.61
N SER A 814 -9.95 41.11 27.10
CA SER A 814 -9.02 42.08 27.63
C SER A 814 -8.19 42.67 26.51
N PRO A 815 -7.57 43.81 26.80
CA PRO A 815 -6.70 44.49 25.83
C PRO A 815 -5.59 43.59 25.30
N ILE A 816 -5.06 42.73 26.15
CA ILE A 816 -3.99 41.83 25.74
C ILE A 816 -4.54 40.65 24.96
N GLU A 817 -5.70 40.15 25.35
CA GLU A 817 -6.34 39.09 24.58
C GLU A 817 -6.72 39.54 23.18
N ASP A 818 -7.06 40.81 22.98
CA ASP A 818 -7.32 41.31 21.65
C ASP A 818 -6.10 41.24 20.76
N LEU A 819 -4.91 41.52 21.30
CA LEU A 819 -3.70 41.31 20.51
C LEU A 819 -3.46 39.84 20.24
N LEU A 820 -3.74 38.95 21.21
CA LEU A 820 -3.38 37.56 21.03
C LEU A 820 -4.17 36.90 19.90
N PHE A 821 -5.41 37.31 19.67
CA PHE A 821 -6.16 36.74 18.56
C PHE A 821 -5.93 37.46 17.25
N ASN A 822 -5.09 38.48 17.21
CA ASN A 822 -4.81 39.21 15.99
C ASN A 822 -3.50 38.81 15.36
N LYS A 823 -2.82 37.80 15.90
CA LYS A 823 -1.57 37.33 15.36
C LYS A 823 -1.66 35.97 14.71
N VAL A 824 -2.71 35.20 14.99
CA VAL A 824 -2.85 33.88 14.40
C VAL A 824 -4.05 33.83 13.50
N LYS A 852 -14.04 23.92 2.72
CA LYS A 852 -14.68 22.64 2.41
C LYS A 852 -14.10 22.05 1.13
N PHE A 853 -14.06 20.72 1.06
CA PHE A 853 -13.48 20.02 -0.08
C PHE A 853 -14.28 18.78 -0.44
N ASN A 854 -13.63 17.87 -1.15
CA ASN A 854 -14.26 16.66 -1.68
C ASN A 854 -14.53 15.61 -0.62
N GLY A 855 -15.45 15.88 0.30
CA GLY A 855 -15.73 14.99 1.39
C GLY A 855 -15.08 15.35 2.70
N LEU A 856 -14.33 16.45 2.75
CA LEU A 856 -13.68 16.89 3.98
C LEU A 856 -14.51 17.97 4.65
N THR A 857 -14.66 17.88 5.96
CA THR A 857 -15.36 18.88 6.72
C THR A 857 -14.69 19.16 8.06
N VAL A 858 -14.89 20.37 8.55
CA VAL A 858 -14.32 20.84 9.81
C VAL A 858 -15.45 21.06 10.80
N LEU A 859 -15.39 20.42 11.93
CA LEU A 859 -16.44 20.52 12.92
C LEU A 859 -16.15 21.67 13.87
N PRO A 860 -17.19 22.33 14.40
CA PRO A 860 -16.96 23.44 15.31
C PRO A 860 -16.63 22.95 16.72
N PRO A 861 -15.91 23.75 17.50
CA PRO A 861 -15.68 23.39 18.90
C PRO A 861 -16.96 23.43 19.73
N LEU A 862 -16.96 22.66 20.81
CA LEU A 862 -18.09 22.67 21.73
C LEU A 862 -18.18 23.98 22.49
N LEU A 863 -17.06 24.49 22.97
CA LEU A 863 -17.01 25.74 23.71
C LEU A 863 -16.65 26.88 22.76
N THR A 864 -17.47 27.91 22.75
CA THR A 864 -17.18 29.11 21.99
C THR A 864 -16.04 29.86 22.68
N ASP A 865 -15.48 30.84 21.99
CA ASP A 865 -14.42 31.59 22.66
C ASP A 865 -14.93 32.62 23.64
N GLU A 866 -16.21 32.96 23.59
CA GLU A 866 -16.80 33.75 24.65
C GLU A 866 -16.86 33.00 25.96
N MET A 867 -17.25 31.73 25.92
CA MET A 867 -17.29 30.89 27.09
C MET A 867 -15.92 30.68 27.71
N ILE A 868 -14.88 30.53 26.90
CA ILE A 868 -13.53 30.43 27.43
C ILE A 868 -13.12 31.73 28.10
N ALA A 869 -13.49 32.87 27.51
CA ALA A 869 -13.18 34.13 28.15
C ALA A 869 -13.84 34.25 29.53
N GLN A 870 -15.00 33.65 29.70
CA GLN A 870 -15.67 33.67 30.98
C GLN A 870 -14.98 32.80 32.02
N TYR A 871 -14.39 31.68 31.62
CA TYR A 871 -13.55 30.92 32.54
C TYR A 871 -12.31 31.71 32.94
N THR A 872 -11.68 32.40 31.99
CA THR A 872 -10.50 33.18 32.34
C THR A 872 -10.81 34.35 33.25
N SER A 873 -11.89 35.07 33.01
CA SER A 873 -12.23 36.16 33.91
C SER A 873 -12.61 35.69 35.30
N ALA A 874 -13.16 34.49 35.44
CA ALA A 874 -13.46 33.93 36.75
C ALA A 874 -12.20 33.58 37.51
N LEU A 875 -11.20 33.02 36.81
CA LEU A 875 -9.92 32.76 37.47
C LEU A 875 -9.23 34.04 37.88
N LEU A 876 -9.31 35.09 37.07
CA LEU A 876 -8.72 36.36 37.44
C LEU A 876 -9.42 37.03 38.62
N ALA A 877 -10.74 37.05 38.62
CA ALA A 877 -11.50 37.61 39.73
C ALA A 877 -11.36 36.82 41.02
N GLY A 878 -11.26 35.51 40.95
CA GLY A 878 -11.03 34.74 42.15
C GLY A 878 -9.69 35.02 42.78
N THR A 879 -8.63 35.01 41.97
CA THR A 879 -7.28 35.21 42.46
C THR A 879 -7.03 36.59 43.03
N ILE A 880 -7.51 37.63 42.38
CA ILE A 880 -7.18 38.99 42.81
C ILE A 880 -7.89 39.33 44.11
N THR A 881 -8.99 38.65 44.41
CA THR A 881 -9.76 38.95 45.60
C THR A 881 -9.56 37.93 46.72
N SER A 882 -9.27 36.69 46.41
CA SER A 882 -9.11 35.68 47.44
C SER A 882 -7.85 34.86 47.32
N GLY A 883 -6.95 35.20 46.42
CA GLY A 883 -5.69 34.49 46.32
C GLY A 883 -5.86 33.07 45.87
N TRP A 884 -5.44 32.11 46.68
CA TRP A 884 -5.53 30.70 46.34
C TRP A 884 -6.54 29.94 47.18
N THR A 885 -7.35 30.62 47.98
CA THR A 885 -8.22 29.92 48.88
C THR A 885 -9.43 29.33 48.18
N PHE A 886 -9.89 29.93 47.09
CA PHE A 886 -11.07 29.44 46.42
C PHE A 886 -10.83 28.14 45.69
N GLY A 887 -9.58 27.75 45.44
CA GLY A 887 -9.29 26.49 44.81
C GLY A 887 -9.30 25.30 45.75
N ALA A 888 -9.40 25.54 47.05
CA ALA A 888 -9.41 24.48 48.04
C ALA A 888 -10.69 24.44 48.85
N GLY A 889 -11.65 25.31 48.56
CA GLY A 889 -12.86 25.40 49.35
C GLY A 889 -13.62 26.65 49.01
N PRO A 890 -14.14 27.31 50.05
CA PRO A 890 -14.84 28.59 49.88
C PRO A 890 -13.82 29.69 49.59
N ALA A 891 -14.22 30.70 48.83
CA ALA A 891 -13.39 31.87 48.60
C ALA A 891 -13.37 32.74 49.85
N LEU A 892 -12.18 33.04 50.34
CA LEU A 892 -12.00 33.83 51.54
C LEU A 892 -11.36 35.14 51.15
N GLN A 893 -12.07 36.24 51.34
CA GLN A 893 -11.54 37.53 50.97
C GLN A 893 -10.41 37.95 51.93
N ILE A 894 -9.44 38.66 51.38
CA ILE A 894 -8.35 39.26 52.13
C ILE A 894 -7.90 40.44 51.28
N PRO A 895 -7.50 41.59 51.83
CA PRO A 895 -7.01 42.68 51.00
C PRO A 895 -5.81 42.26 50.15
N PHE A 896 -5.73 42.79 48.93
CA PHE A 896 -4.72 42.33 47.99
C PHE A 896 -3.31 42.64 48.44
N PRO A 897 -3.09 43.83 49.00
CA PRO A 897 -1.79 44.20 49.54
C PRO A 897 -1.30 43.16 50.55
N MET A 898 -2.21 42.59 51.33
CA MET A 898 -1.87 41.54 52.26
C MET A 898 -1.63 40.21 51.56
N GLN A 899 -2.28 39.99 50.43
CA GLN A 899 -2.02 38.81 49.64
C GLN A 899 -0.59 38.81 49.12
N MET A 900 -0.13 39.96 48.63
CA MET A 900 1.23 40.08 48.11
C MET A 900 2.26 39.87 49.20
N ALA A 901 1.99 40.35 50.40
CA ALA A 901 2.90 40.17 51.52
C ALA A 901 3.05 38.71 51.93
N TYR A 902 1.98 37.93 51.91
CA TYR A 902 2.10 36.49 52.16
C TYR A 902 2.93 35.81 51.08
N ARG A 903 2.79 36.25 49.84
CA ARG A 903 3.54 35.66 48.74
C ARG A 903 5.03 35.92 48.85
N PHE A 904 5.43 37.11 49.32
CA PHE A 904 6.85 37.31 49.61
C PHE A 904 7.33 36.43 50.75
N ASN A 905 6.50 36.25 51.78
CA ASN A 905 6.86 35.35 52.86
C ASN A 905 7.07 33.93 52.41
N GLY A 906 6.31 33.48 51.41
CA GLY A 906 6.47 32.11 50.93
C GLY A 906 7.80 31.87 50.26
N ILE A 907 8.46 32.93 49.80
CA ILE A 907 9.77 32.78 49.18
C ILE A 907 10.90 33.17 50.11
N GLY A 908 10.63 33.34 51.39
CA GLY A 908 11.67 33.64 52.35
C GLY A 908 12.02 35.10 52.51
N VAL A 909 11.14 36.00 52.18
CA VAL A 909 11.36 37.42 52.38
C VAL A 909 10.41 37.87 53.49
N THR A 910 10.93 38.68 54.39
CA THR A 910 10.17 39.11 55.54
C THR A 910 9.08 40.08 55.09
N GLN A 911 7.93 40.00 55.70
CA GLN A 911 6.76 40.67 55.12
C GLN A 911 6.77 42.19 55.25
N ASN A 912 7.65 42.77 56.06
CA ASN A 912 7.70 44.22 56.10
C ASN A 912 8.27 44.84 54.84
N VAL A 913 8.94 44.06 54.00
CA VAL A 913 9.53 44.60 52.78
C VAL A 913 8.42 45.12 51.87
N LEU A 914 7.26 44.47 51.86
CA LEU A 914 6.15 45.02 51.08
C LEU A 914 5.47 46.17 51.80
N TYR A 915 5.17 45.99 53.09
CA TYR A 915 4.30 46.96 53.75
C TYR A 915 4.95 48.34 53.83
N GLU A 916 6.27 48.40 53.92
CA GLU A 916 6.96 49.67 53.95
C GLU A 916 7.27 50.21 52.57
N ASN A 917 7.08 49.41 51.52
CA ASN A 917 7.42 49.79 50.16
C ASN A 917 6.27 49.52 49.20
N GLN A 918 5.05 49.45 49.72
CA GLN A 918 3.88 49.12 48.92
C GLN A 918 3.75 49.96 47.64
N LYS A 919 3.96 51.27 47.73
CA LYS A 919 3.83 52.11 46.55
C LYS A 919 4.88 51.81 45.49
N LEU A 920 6.11 51.55 45.92
CA LEU A 920 7.18 51.27 44.99
C LEU A 920 6.90 49.99 44.21
N ILE A 921 6.46 48.93 44.89
CA ILE A 921 6.25 47.65 44.23
C ILE A 921 5.07 47.74 43.27
N ALA A 922 4.00 48.42 43.67
CA ALA A 922 2.83 48.59 42.82
C ALA A 922 3.14 49.42 41.58
N ASN A 923 3.88 50.52 41.71
CA ASN A 923 4.28 51.31 40.55
C ASN A 923 5.24 50.56 39.64
N GLN A 924 6.25 49.89 40.20
CA GLN A 924 7.14 49.10 39.35
C GLN A 924 6.43 47.95 38.66
N PHE A 925 5.51 47.26 39.35
CA PHE A 925 4.74 46.23 38.69
C PHE A 925 3.98 46.80 37.51
N ASN A 926 3.29 47.92 37.69
CA ASN A 926 2.42 48.46 36.66
C ASN A 926 3.17 48.77 35.38
N SER A 927 4.38 49.29 35.48
CA SER A 927 5.20 49.45 34.28
C SER A 927 5.69 48.12 33.72
N ALA A 928 6.07 47.18 34.58
CA ALA A 928 6.58 45.91 34.08
C ALA A 928 5.53 45.14 33.31
N ILE A 929 4.28 45.18 33.74
CA ILE A 929 3.23 44.51 32.97
C ILE A 929 2.92 45.30 31.71
N GLY A 930 2.97 46.63 31.80
CA GLY A 930 2.77 47.44 30.61
C GLY A 930 3.74 47.15 29.49
N LYS A 931 4.96 46.74 29.80
CA LYS A 931 5.90 46.41 28.74
C LYS A 931 5.51 45.18 27.95
N ILE A 932 4.59 44.36 28.44
CA ILE A 932 4.26 43.13 27.75
C ILE A 932 3.62 43.41 26.40
N GLN A 933 2.73 44.40 26.32
CA GLN A 933 2.14 44.72 25.03
C GLN A 933 3.17 45.14 24.00
N ASP A 934 4.17 45.91 24.41
CA ASP A 934 5.20 46.34 23.47
C ASP A 934 5.92 45.16 22.85
N SER A 935 6.17 44.10 23.62
CA SER A 935 6.84 42.93 23.08
C SER A 935 5.95 42.17 22.12
N LEU A 936 4.65 42.44 22.09
CA LEU A 936 3.73 41.72 21.20
C LEU A 936 3.35 42.55 19.98
N SER A 937 2.93 43.79 20.21
CA SER A 937 2.54 44.68 19.11
C SER A 937 3.75 45.37 18.48
N ALA A 942 6.96 34.72 19.01
CA ALA A 942 5.95 34.84 20.07
C ALA A 942 4.93 33.71 19.97
N LEU A 943 3.91 33.91 19.17
CA LEU A 943 2.81 32.97 19.03
C LEU A 943 3.03 31.99 17.89
N GLY A 944 4.28 31.70 17.56
CA GLY A 944 4.59 30.73 16.53
C GLY A 944 4.16 29.32 16.87
N LYS A 945 4.12 28.98 18.17
CA LYS A 945 3.64 27.65 18.55
C LYS A 945 2.17 27.47 18.25
N LEU A 946 1.39 28.54 18.25
CA LEU A 946 -0.01 28.45 17.92
C LEU A 946 -0.25 28.45 16.42
N GLN A 947 0.55 29.19 15.66
CA GLN A 947 0.44 29.17 14.22
C GLN A 947 0.88 27.84 13.62
N ASP A 948 1.90 27.21 14.20
CA ASP A 948 2.32 25.88 13.75
C ASP A 948 1.23 24.83 13.84
N VAL A 949 0.38 24.89 14.85
CA VAL A 949 -0.72 23.92 14.92
C VAL A 949 -1.67 24.10 13.75
N VAL A 950 -2.01 25.35 13.44
CA VAL A 950 -2.85 25.67 12.30
C VAL A 950 -2.19 25.24 10.99
N ASN A 951 -0.89 25.49 10.85
CA ASN A 951 -0.20 25.15 9.63
C ASN A 951 -0.15 23.65 9.40
N HIS A 952 0.13 22.88 10.44
CA HIS A 952 0.25 21.43 10.27
C HIS A 952 -1.06 20.81 9.82
N ASN A 953 -2.19 21.26 10.35
CA ASN A 953 -3.42 20.70 9.87
C ASN A 953 -3.77 21.21 8.47
N ALA A 954 -3.51 22.49 8.19
CA ALA A 954 -3.80 23.00 6.85
C ALA A 954 -2.98 22.26 5.80
N GLN A 955 -1.74 21.95 6.10
CA GLN A 955 -0.91 21.22 5.18
C GLN A 955 -1.37 19.79 4.97
N ALA A 956 -1.87 19.12 6.00
CA ALA A 956 -2.39 17.78 5.78
C ALA A 956 -3.68 17.78 4.98
N LEU A 957 -4.49 18.80 5.11
CA LEU A 957 -5.72 18.87 4.32
C LEU A 957 -5.47 19.30 2.88
N ASN A 958 -4.48 20.14 2.64
CA ASN A 958 -4.11 20.51 1.29
C ASN A 958 -3.45 19.35 0.54
N THR A 959 -2.61 18.57 1.21
CA THR A 959 -2.02 17.37 0.63
C THR A 959 -3.04 16.26 0.39
N LEU A 960 -3.96 16.04 1.32
CA LEU A 960 -4.97 15.00 1.14
C LEU A 960 -5.81 15.25 -0.10
N VAL A 961 -6.17 16.50 -0.37
CA VAL A 961 -6.94 16.81 -1.56
C VAL A 961 -6.07 16.68 -2.81
N LYS A 962 -4.84 17.16 -2.77
CA LYS A 962 -4.01 17.08 -3.95
C LYS A 962 -3.71 15.66 -4.39
N GLN A 963 -3.69 14.70 -3.47
CA GLN A 963 -3.43 13.32 -3.80
C GLN A 963 -4.54 12.68 -4.61
N LEU A 964 -5.62 13.38 -4.89
CA LEU A 964 -6.63 12.83 -5.76
C LEU A 964 -6.29 12.99 -7.23
N SER A 965 -5.37 13.88 -7.57
CA SER A 965 -4.94 14.01 -8.94
C SER A 965 -3.68 13.20 -9.22
N SER A 966 -3.74 11.90 -9.00
CA SER A 966 -2.61 11.00 -9.22
C SER A 966 -3.15 9.74 -9.89
N LYS A 967 -2.45 9.23 -10.90
CA LYS A 967 -2.88 8.04 -11.62
C LYS A 967 -2.42 6.70 -11.03
N PHE A 968 -1.39 6.75 -10.19
CA PHE A 968 -0.89 5.55 -9.54
C PHE A 968 -0.63 4.43 -10.52
N GLY A 969 -0.35 4.77 -11.77
CA GLY A 969 -0.06 3.76 -12.76
C GLY A 969 -1.26 3.21 -13.48
N ALA A 970 -2.39 3.90 -13.43
CA ALA A 970 -3.61 3.50 -14.08
C ALA A 970 -3.70 4.26 -15.40
N ILE A 971 -4.72 3.95 -16.21
CA ILE A 971 -4.84 4.68 -17.46
C ILE A 971 -5.26 6.11 -17.21
N SER A 972 -6.09 6.34 -16.20
CA SER A 972 -6.54 7.69 -15.90
C SER A 972 -6.69 7.83 -14.40
N SER A 973 -7.10 9.02 -13.97
CA SER A 973 -7.29 9.31 -12.56
C SER A 973 -8.74 9.64 -12.24
N VAL A 974 -9.66 9.42 -13.17
CA VAL A 974 -11.06 9.75 -12.99
C VAL A 974 -11.88 8.49 -13.23
N LEU A 975 -12.64 8.09 -12.21
CA LEU A 975 -13.42 6.85 -12.22
C LEU A 975 -14.59 6.87 -13.19
N ASN A 976 -14.99 8.03 -13.70
CA ASN A 976 -15.99 8.04 -14.76
C ASN A 976 -15.36 7.91 -16.14
N ASP A 977 -14.21 8.55 -16.36
CA ASP A 977 -13.58 8.50 -17.67
C ASP A 977 -13.17 7.10 -18.05
N ILE A 978 -12.86 6.28 -17.04
CA ILE A 978 -12.44 4.91 -17.29
C ILE A 978 -13.53 4.17 -18.04
N LEU A 979 -14.76 4.31 -17.57
CA LEU A 979 -15.88 3.58 -18.14
C LEU A 979 -16.19 4.10 -19.54
N SER A 980 -16.19 5.42 -19.67
CA SER A 980 -16.46 6.09 -20.94
C SER A 980 -15.60 5.57 -22.09
N ARG A 981 -14.41 5.07 -21.78
CA ARG A 981 -13.50 4.58 -22.80
C ARG A 981 -12.92 3.22 -22.42
N LEU A 982 -13.74 2.37 -21.82
CA LEU A 982 -13.29 1.02 -21.50
C LEU A 982 -14.37 0.09 -20.94
N ASP A 983 -14.20 -1.19 -21.21
CA ASP A 983 -15.17 -2.22 -20.88
C ASP A 983 -15.04 -2.57 -19.41
N PRO A 984 -16.07 -3.18 -18.84
CA PRO A 984 -16.07 -3.45 -17.38
C PRO A 984 -14.95 -4.36 -16.92
N PRO A 985 -14.71 -5.45 -17.64
CA PRO A 985 -13.69 -6.43 -17.24
C PRO A 985 -12.35 -5.77 -16.94
N GLU A 986 -11.99 -4.78 -17.76
CA GLU A 986 -10.75 -4.02 -17.56
C GLU A 986 -10.92 -2.77 -16.70
N ALA A 987 -12.14 -2.24 -16.62
CA ALA A 987 -12.37 -1.05 -15.82
C ALA A 987 -12.34 -1.35 -14.33
N GLU A 988 -12.82 -2.52 -13.91
CA GLU A 988 -12.70 -2.95 -12.54
C GLU A 988 -11.27 -2.99 -12.05
N VAL A 989 -10.33 -3.43 -12.89
CA VAL A 989 -8.92 -3.42 -12.51
C VAL A 989 -8.39 -2.00 -12.35
N GLN A 990 -8.71 -1.11 -13.28
CA GLN A 990 -8.18 0.24 -13.21
C GLN A 990 -8.75 1.02 -12.04
N ILE A 991 -10.03 0.83 -11.74
CA ILE A 991 -10.62 1.50 -10.60
C ILE A 991 -10.11 0.88 -9.31
N ASP A 992 -9.90 -0.43 -9.28
CA ASP A 992 -9.33 -0.99 -8.06
C ASP A 992 -7.94 -0.45 -7.75
N ARG A 993 -7.11 -0.14 -8.73
CA ARG A 993 -5.82 0.48 -8.47
C ARG A 993 -5.95 1.86 -7.85
N LEU A 994 -6.85 2.68 -8.40
CA LEU A 994 -7.06 4.01 -7.84
C LEU A 994 -7.63 3.94 -6.43
N ILE A 995 -8.55 3.01 -6.17
CA ILE A 995 -9.10 2.84 -4.84
C ILE A 995 -8.01 2.49 -3.84
N THR A 996 -7.15 1.55 -4.19
CA THR A 996 -6.06 1.20 -3.30
C THR A 996 -5.16 2.39 -3.01
N GLY A 997 -4.81 3.15 -4.05
CA GLY A 997 -3.97 4.31 -3.83
C GLY A 997 -4.59 5.35 -2.92
N ARG A 998 -5.84 5.72 -3.17
CA ARG A 998 -6.50 6.71 -2.33
C ARG A 998 -6.88 6.17 -0.96
N LEU A 999 -7.10 4.88 -0.83
CA LEU A 999 -7.27 4.31 0.49
C LEU A 999 -5.98 4.35 1.31
N GLN A 1000 -4.84 4.14 0.67
CA GLN A 1000 -3.56 4.38 1.35
C GLN A 1000 -3.40 5.82 1.79
N SER A 1001 -3.89 6.78 1.01
CA SER A 1001 -3.84 8.18 1.43
C SER A 1001 -4.57 8.43 2.73
N LEU A 1002 -5.76 7.86 2.88
CA LEU A 1002 -6.52 7.99 4.10
C LEU A 1002 -5.83 7.33 5.29
N GLN A 1003 -5.21 6.18 5.08
CA GLN A 1003 -4.48 5.56 6.19
C GLN A 1003 -3.31 6.41 6.65
N THR A 1004 -2.59 7.01 5.71
CA THR A 1004 -1.52 7.91 6.08
C THR A 1004 -2.05 9.11 6.86
N TYR A 1005 -3.12 9.71 6.38
CA TYR A 1005 -3.69 10.88 7.04
C TYR A 1005 -4.11 10.56 8.48
N VAL A 1006 -4.87 9.49 8.67
CA VAL A 1006 -5.40 9.22 10.01
C VAL A 1006 -4.29 8.82 10.97
N THR A 1007 -3.29 8.07 10.50
CA THR A 1007 -2.20 7.69 11.38
C THR A 1007 -1.44 8.92 11.89
N GLN A 1008 -1.19 9.88 11.02
CA GLN A 1008 -0.52 11.08 11.49
C GLN A 1008 -1.38 11.92 12.43
N GLN A 1009 -2.69 11.96 12.24
CA GLN A 1009 -3.51 12.73 13.16
C GLN A 1009 -3.48 12.14 14.57
N LEU A 1010 -3.46 10.82 14.69
CA LEU A 1010 -3.33 10.19 15.99
C LEU A 1010 -2.00 10.47 16.64
N ILE A 1011 -0.91 10.44 15.88
CA ILE A 1011 0.41 10.72 16.47
C ILE A 1011 0.52 12.18 16.87
N ARG A 1012 -0.01 13.08 16.04
CA ARG A 1012 0.01 14.50 16.38
C ARG A 1012 -0.99 14.87 17.47
N ALA A 1013 -2.10 14.16 17.60
CA ALA A 1013 -3.02 14.46 18.67
C ALA A 1013 -2.47 14.09 20.04
N ALA A 1014 -1.61 13.09 20.11
CA ALA A 1014 -0.94 12.74 21.35
C ALA A 1014 0.01 13.84 21.83
N GLU A 1015 0.57 14.61 20.93
CA GLU A 1015 1.48 15.69 21.26
C GLU A 1015 0.77 16.91 21.80
N ILE A 1016 -0.38 17.25 21.24
CA ILE A 1016 -1.19 18.35 21.71
C ILE A 1016 -1.89 17.98 23.01
N ARG A 1017 -2.19 16.70 23.17
CA ARG A 1017 -2.71 16.21 24.44
C ARG A 1017 -1.68 16.32 25.56
N ALA A 1018 -0.43 15.99 25.28
CA ALA A 1018 0.62 16.16 26.27
C ALA A 1018 0.83 17.62 26.63
N SER A 1019 0.63 18.52 25.67
CA SER A 1019 0.70 19.94 25.91
C SER A 1019 -0.48 20.45 26.71
N ALA A 1020 -1.68 19.98 26.42
CA ALA A 1020 -2.84 20.31 27.22
C ALA A 1020 -2.72 19.82 28.66
N ASN A 1021 -2.06 18.68 28.88
CA ASN A 1021 -1.81 18.20 30.23
C ASN A 1021 -0.84 19.09 30.99
N LEU A 1022 0.19 19.58 30.34
CA LEU A 1022 1.11 20.54 30.92
C LEU A 1022 0.45 21.87 31.22
N ALA A 1023 -0.35 22.37 30.30
CA ALA A 1023 -1.12 23.59 30.54
C ALA A 1023 -2.11 23.46 31.68
N ALA A 1024 -2.84 22.34 31.77
CA ALA A 1024 -3.73 22.12 32.90
C ALA A 1024 -2.99 22.04 34.24
N THR A 1025 -1.83 21.39 34.26
CA THR A 1025 -1.00 21.30 35.44
C THR A 1025 -0.48 22.66 35.88
N LYS A 1026 0.01 23.47 34.94
CA LYS A 1026 0.39 24.83 35.30
C LYS A 1026 -0.80 25.66 35.73
N MET A 1027 -1.97 25.48 35.15
CA MET A 1027 -3.14 26.22 35.60
C MET A 1027 -3.41 25.97 37.06
N SER A 1028 -3.24 24.73 37.52
CA SER A 1028 -3.46 24.42 38.92
C SER A 1028 -2.33 24.95 39.79
N GLU A 1029 -1.10 24.75 39.37
CA GLU A 1029 0.04 24.97 40.23
C GLU A 1029 0.64 26.36 40.13
N CYS A 1030 0.36 27.10 39.06
CA CYS A 1030 0.92 28.44 38.91
C CYS A 1030 -0.11 29.53 39.16
N VAL A 1031 -1.37 29.21 38.92
CA VAL A 1031 -2.43 30.19 38.98
C VAL A 1031 -3.26 30.04 40.24
N LEU A 1032 -3.59 28.80 40.60
CA LEU A 1032 -4.36 28.52 41.80
C LEU A 1032 -3.50 28.33 43.04
N GLY A 1033 -2.19 28.54 42.93
CA GLY A 1033 -1.34 28.45 44.10
C GLY A 1033 0.02 29.03 43.83
N GLN A 1034 0.89 28.89 44.81
CA GLN A 1034 2.27 29.32 44.70
C GLN A 1034 3.19 28.10 44.66
N SER A 1035 4.04 28.03 43.64
CA SER A 1035 4.89 26.88 43.42
C SER A 1035 6.32 27.16 43.86
N LYS A 1036 6.98 26.13 44.36
CA LYS A 1036 8.39 26.16 44.63
C LYS A 1036 9.21 25.45 43.57
N ARG A 1037 8.57 24.91 42.54
CA ARG A 1037 9.25 24.20 41.46
C ARG A 1037 10.05 25.17 40.61
N VAL A 1038 11.34 24.89 40.43
CA VAL A 1038 12.25 25.82 39.77
C VAL A 1038 11.95 25.86 38.26
N ASP A 1039 11.78 27.08 37.75
CA ASP A 1039 11.51 27.31 36.34
C ASP A 1039 10.19 26.77 35.81
N PHE A 1040 9.29 26.37 36.69
CA PHE A 1040 8.02 25.81 36.26
C PHE A 1040 7.02 26.92 36.03
N CYS A 1041 7.19 28.02 36.76
CA CYS A 1041 6.29 29.16 36.68
C CYS A 1041 7.05 30.45 36.37
N GLY A 1042 7.92 30.41 35.37
CA GLY A 1042 8.72 31.58 35.01
C GLY A 1042 10.12 31.60 35.58
N LYS A 1043 10.87 32.66 35.26
CA LYS A 1043 12.27 32.80 35.69
C LYS A 1043 12.34 33.75 36.88
N GLY A 1044 12.90 33.27 37.99
CA GLY A 1044 12.94 34.03 39.22
C GLY A 1044 12.15 33.32 40.27
N TYR A 1045 11.86 34.01 41.35
CA TYR A 1045 11.09 33.43 42.44
C TYR A 1045 9.62 33.70 42.22
N HIS A 1046 8.85 32.63 42.09
CA HIS A 1046 7.45 32.73 41.73
C HIS A 1046 6.66 33.50 42.78
N LEU A 1047 5.97 34.55 42.36
CA LEU A 1047 4.98 35.19 43.21
C LEU A 1047 3.56 34.83 42.79
N MET A 1048 3.21 35.06 41.52
CA MET A 1048 1.83 34.85 41.10
C MET A 1048 1.80 34.78 39.58
N SER A 1049 0.68 34.29 39.03
CA SER A 1049 0.49 34.23 37.59
C SER A 1049 -0.95 34.55 37.24
N PHE A 1050 -1.14 35.14 36.06
CA PHE A 1050 -2.45 35.51 35.51
C PHE A 1050 -2.66 34.86 34.15
N PRO A 1051 -3.74 34.12 33.94
CA PRO A 1051 -4.01 33.54 32.62
C PRO A 1051 -4.63 34.51 31.62
N GLN A 1052 -4.36 34.27 30.36
CA GLN A 1052 -5.00 34.96 29.26
C GLN A 1052 -5.38 33.93 28.21
N SER A 1053 -6.48 34.15 27.52
CA SER A 1053 -6.91 33.20 26.49
C SER A 1053 -6.28 33.55 25.16
N ALA A 1054 -5.86 32.53 24.43
CA ALA A 1054 -5.30 32.72 23.10
C ALA A 1054 -6.06 31.76 22.19
N PRO A 1055 -6.06 31.94 20.88
CA PRO A 1055 -6.75 30.98 20.01
C PRO A 1055 -6.05 29.63 19.97
N HIS A 1056 -6.76 28.59 20.41
CA HIS A 1056 -6.27 27.23 20.56
C HIS A 1056 -5.15 27.11 21.59
N GLY A 1057 -5.07 28.02 22.54
CA GLY A 1057 -3.99 27.93 23.48
C GLY A 1057 -4.21 28.78 24.71
N VAL A 1058 -3.18 28.83 25.54
CA VAL A 1058 -3.23 29.61 26.77
C VAL A 1058 -1.91 30.35 26.90
N VAL A 1059 -2.00 31.55 27.46
CA VAL A 1059 -0.85 32.40 27.73
C VAL A 1059 -0.82 32.64 29.23
N PHE A 1060 0.35 32.48 29.83
CA PHE A 1060 0.55 32.67 31.25
C PHE A 1060 1.41 33.91 31.43
N LEU A 1061 0.95 34.83 32.26
CA LEU A 1061 1.73 36.00 32.66
C LEU A 1061 2.34 35.69 34.00
N HIS A 1062 3.65 35.42 34.03
CA HIS A 1062 4.36 34.99 35.22
C HIS A 1062 4.98 36.19 35.92
N VAL A 1063 4.63 36.38 37.19
CA VAL A 1063 5.15 37.42 38.04
C VAL A 1063 6.17 36.80 38.99
N THR A 1064 7.40 37.30 38.95
CA THR A 1064 8.52 36.73 39.68
C THR A 1064 9.23 37.82 40.48
N TYR A 1065 9.97 37.35 41.47
CA TYR A 1065 10.81 38.16 42.35
C TYR A 1065 12.26 37.96 41.95
N VAL A 1066 12.96 39.04 41.61
CA VAL A 1066 14.35 38.94 41.19
C VAL A 1066 15.20 39.86 42.07
N PRO A 1067 16.18 39.35 42.80
CA PRO A 1067 17.05 40.22 43.60
C PRO A 1067 17.98 41.06 42.73
N ALA A 1068 18.44 42.19 43.27
CA ALA A 1068 19.29 43.09 42.52
C ALA A 1068 20.24 43.83 43.45
N GLN A 1069 21.36 44.28 42.88
CA GLN A 1069 22.34 45.16 43.53
C GLN A 1069 22.96 44.54 44.78
N GLU A 1070 23.77 43.53 44.57
CA GLU A 1070 24.39 42.84 45.69
C GLU A 1070 25.63 43.59 46.20
N LYS A 1071 25.89 43.43 47.48
CA LYS A 1071 27.15 43.84 48.09
C LYS A 1071 27.78 42.62 48.74
N ASN A 1072 29.11 42.65 48.87
CA ASN A 1072 29.83 41.56 49.50
C ASN A 1072 30.09 41.90 50.96
N PHE A 1073 30.10 40.87 51.79
CA PHE A 1073 30.35 40.96 53.22
C PHE A 1073 31.19 39.76 53.64
N THR A 1074 31.81 39.90 54.80
CA THR A 1074 32.49 38.82 55.48
C THR A 1074 31.49 38.14 56.39
N THR A 1075 31.61 36.83 56.54
CA THR A 1075 30.62 36.06 57.27
C THR A 1075 31.31 35.04 58.15
N ALA A 1076 30.54 34.42 59.04
CA ALA A 1076 31.02 33.38 59.93
C ALA A 1076 29.84 32.52 60.32
N PRO A 1077 30.04 31.24 60.54
CA PRO A 1077 28.91 30.36 60.82
C PRO A 1077 28.28 30.55 62.19
N ALA A 1078 29.05 30.98 63.19
CA ALA A 1078 28.53 31.08 64.54
C ALA A 1078 29.31 32.17 65.26
N ILE A 1079 28.84 32.55 66.45
CA ILE A 1079 29.50 33.55 67.26
C ILE A 1079 29.73 33.00 68.64
N CYS A 1080 30.90 33.28 69.22
CA CYS A 1080 31.19 32.81 70.57
C CYS A 1080 30.87 33.89 71.58
N HIS A 1081 30.20 33.51 72.66
CA HIS A 1081 29.92 34.40 73.76
C HIS A 1081 29.80 33.56 75.02
N ASP A 1082 30.52 33.95 76.08
CA ASP A 1082 30.61 33.20 77.32
C ASP A 1082 31.11 31.78 77.12
N GLY A 1083 31.95 31.55 76.13
CA GLY A 1083 32.43 30.21 75.89
C GLY A 1083 31.43 29.30 75.24
N LYS A 1084 30.34 29.83 74.71
CA LYS A 1084 29.31 29.01 74.07
C LYS A 1084 29.13 29.47 72.63
N ALA A 1085 28.73 28.54 71.78
CA ALA A 1085 28.50 28.82 70.37
C ALA A 1085 27.06 29.22 70.16
N HIS A 1086 26.86 30.31 69.42
CA HIS A 1086 25.54 30.81 69.06
C HIS A 1086 25.39 30.70 67.56
N PHE A 1087 24.29 30.22 67.14
CA PHE A 1087 23.91 30.01 65.76
C PHE A 1087 22.66 30.81 65.45
N PRO A 1088 22.51 31.32 64.23
CA PRO A 1088 21.31 32.07 63.92
C PRO A 1088 20.09 31.16 63.81
N ARG A 1089 18.95 31.70 64.24
CA ARG A 1089 17.68 31.01 64.01
C ARG A 1089 17.31 30.99 62.54
N GLU A 1090 17.27 32.15 61.92
CA GLU A 1090 17.21 32.31 60.48
C GLU A 1090 18.11 33.47 60.10
N GLY A 1091 18.85 33.32 59.03
CA GLY A 1091 19.71 34.39 58.55
C GLY A 1091 21.17 33.98 58.56
N VAL A 1092 21.99 34.96 58.22
CA VAL A 1092 23.43 34.79 58.15
C VAL A 1092 24.09 35.93 58.92
N PHE A 1093 25.25 35.65 59.49
CA PHE A 1093 26.07 36.68 60.13
C PHE A 1093 26.86 37.41 59.04
N VAL A 1094 26.89 38.74 59.10
CA VAL A 1094 27.67 39.54 58.19
C VAL A 1094 28.49 40.55 58.98
N SER A 1095 29.55 41.05 58.35
CA SER A 1095 30.38 42.09 58.92
C SER A 1095 30.52 43.22 57.93
N ASN A 1096 30.31 44.45 58.40
CA ASN A 1096 30.45 45.61 57.53
C ASN A 1096 31.86 46.17 57.49
N GLY A 1097 32.79 45.53 58.19
CA GLY A 1097 34.16 45.98 58.26
C GLY A 1097 34.60 46.14 59.69
N THR A 1098 33.71 46.60 60.55
CA THR A 1098 34.03 46.82 61.95
C THR A 1098 33.06 46.19 62.94
N HIS A 1099 31.79 45.97 62.56
CA HIS A 1099 30.81 45.37 63.44
C HIS A 1099 30.09 44.25 62.71
N TRP A 1100 29.59 43.30 63.48
CA TRP A 1100 28.88 42.15 62.96
C TRP A 1100 27.38 42.25 63.24
N PHE A 1101 26.56 41.82 62.30
CA PHE A 1101 25.11 41.89 62.39
C PHE A 1101 24.51 40.58 61.92
N VAL A 1102 23.23 40.37 62.21
CA VAL A 1102 22.44 39.27 61.64
C VAL A 1102 21.55 39.86 60.56
N THR A 1103 21.50 39.19 59.42
CA THR A 1103 20.60 39.61 58.35
C THR A 1103 19.78 38.43 57.89
N GLN A 1104 18.61 38.73 57.32
CA GLN A 1104 17.87 37.71 56.60
C GLN A 1104 18.54 37.45 55.25
N ARG A 1105 18.34 36.26 54.72
CA ARG A 1105 19.12 35.83 53.58
C ARG A 1105 18.70 36.43 52.25
N ASN A 1106 17.51 37.01 52.13
CA ASN A 1106 17.01 37.42 50.84
C ASN A 1106 16.94 38.92 50.66
N PHE A 1107 17.18 39.70 51.70
CA PHE A 1107 17.13 41.14 51.64
C PHE A 1107 18.05 41.66 52.73
N TYR A 1108 18.90 42.63 52.41
CA TYR A 1108 19.83 43.14 53.40
C TYR A 1108 19.11 44.03 54.41
N GLU A 1109 19.03 43.57 55.65
CA GLU A 1109 18.32 44.29 56.71
C GLU A 1109 18.92 43.87 58.03
N PRO A 1110 19.98 44.55 58.48
CA PRO A 1110 20.72 44.11 59.67
C PRO A 1110 20.07 44.48 61.00
N GLN A 1111 20.18 43.55 61.94
CA GLN A 1111 19.75 43.77 63.31
C GLN A 1111 20.85 43.36 64.28
N ILE A 1112 20.76 43.82 65.51
CA ILE A 1112 21.80 43.49 66.47
C ILE A 1112 21.61 42.06 66.95
N ILE A 1113 22.72 41.37 67.18
CA ILE A 1113 22.72 39.97 67.58
C ILE A 1113 22.42 39.89 69.07
N THR A 1114 21.29 39.29 69.41
CA THR A 1114 20.79 39.21 70.76
C THR A 1114 20.51 37.76 71.11
N THR A 1115 20.05 37.52 72.33
CA THR A 1115 19.69 36.19 72.78
C THR A 1115 18.31 35.77 72.31
N ASP A 1116 17.55 36.67 71.68
CA ASP A 1116 16.23 36.33 71.18
C ASP A 1116 16.28 36.04 69.70
N ASN A 1117 17.38 36.40 69.07
CA ASN A 1117 17.64 36.19 67.65
C ASN A 1117 18.37 34.90 67.37
N THR A 1118 18.98 34.29 68.36
CA THR A 1118 19.90 33.19 68.18
C THR A 1118 19.48 32.05 69.08
N PHE A 1119 20.12 30.91 68.89
CA PHE A 1119 20.00 29.81 69.83
C PHE A 1119 21.38 29.23 70.07
N VAL A 1120 21.51 28.51 71.18
CA VAL A 1120 22.77 27.97 71.66
C VAL A 1120 22.80 26.48 71.37
N SER A 1121 23.94 26.01 70.88
CA SER A 1121 24.14 24.57 70.71
C SER A 1121 25.63 24.27 70.66
N GLY A 1122 26.12 23.50 71.60
CA GLY A 1122 27.51 23.11 71.62
C GLY A 1122 28.45 24.20 72.09
N ASN A 1123 29.74 23.87 72.06
CA ASN A 1123 30.79 24.74 72.55
C ASN A 1123 31.61 25.22 71.38
N CYS A 1124 32.40 26.27 71.59
CA CYS A 1124 33.26 26.78 70.53
C CYS A 1124 34.56 26.00 70.42
N ASP A 1125 34.46 24.71 70.10
CA ASP A 1125 35.63 23.87 69.87
C ASP A 1125 35.42 22.95 68.67
N VAL A 1126 34.20 22.93 68.14
CA VAL A 1126 33.83 22.04 67.04
C VAL A 1126 33.49 22.79 65.77
N VAL A 1127 33.19 24.07 65.84
CA VAL A 1127 32.82 24.84 64.67
C VAL A 1127 34.07 25.44 64.06
N ILE A 1128 34.27 25.22 62.77
CA ILE A 1128 35.41 25.73 62.04
C ILE A 1128 35.04 27.09 61.48
N GLY A 1129 35.80 28.11 61.85
CA GLY A 1129 35.55 29.45 61.40
C GLY A 1129 34.71 30.29 62.32
N ILE A 1130 34.48 29.85 63.55
CA ILE A 1130 33.72 30.64 64.51
C ILE A 1130 34.52 31.83 64.99
N VAL A 1131 33.85 32.94 65.24
CA VAL A 1131 34.48 34.20 65.54
C VAL A 1131 33.95 34.74 66.86
N ASN A 1132 34.74 35.60 67.50
CA ASN A 1132 34.35 36.25 68.74
C ASN A 1132 33.53 37.49 68.45
N ASN A 1133 32.46 37.68 69.21
CA ASN A 1133 31.68 38.91 69.16
C ASN A 1133 30.87 38.99 70.44
N THR A 1134 30.10 40.05 70.55
CA THR A 1134 29.23 40.26 71.70
C THR A 1134 27.79 39.97 71.30
N VAL A 1135 27.12 39.16 72.09
CA VAL A 1135 25.69 38.90 71.96
C VAL A 1135 25.00 39.53 73.15
N TYR A 1136 24.10 40.47 72.89
CA TYR A 1136 23.54 41.32 73.92
C TYR A 1136 22.29 40.69 74.52
N ASP A 1137 22.22 40.69 75.81
CA ASP A 1137 21.12 40.19 76.61
C ASP A 1137 20.23 41.36 77.00
N PRO A 1138 18.95 41.37 76.67
CA PRO A 1138 18.11 42.53 77.01
C PRO A 1138 17.78 42.64 78.50
N LEU A 1139 17.96 41.53 79.21
CA LEU A 1139 17.53 41.47 80.60
C LEU A 1139 18.35 42.41 81.47
N GLN A 1140 19.67 42.38 81.36
CA GLN A 1140 20.49 43.13 82.31
C GLN A 1140 20.32 44.64 82.19
N PRO A 1141 20.23 45.25 81.00
CA PRO A 1141 20.01 46.70 80.96
C PRO A 1141 18.62 47.10 81.35
N GLU A 1142 17.67 46.16 81.39
CA GLU A 1142 16.39 46.49 81.99
C GLU A 1142 16.52 46.52 83.51
N LEU A 1143 17.35 45.65 84.07
CA LEU A 1143 17.56 45.60 85.51
C LEU A 1143 18.64 46.56 85.98
N ASP A 1144 19.12 47.42 85.08
CA ASP A 1144 20.17 48.40 85.38
C ASP A 1144 21.42 47.78 86.00
N PRO B 25 31.07 -55.09 7.38
CA PRO B 25 30.52 -54.39 8.54
C PRO B 25 30.86 -52.91 8.53
N PRO B 26 29.98 -52.06 9.04
CA PRO B 26 30.24 -50.62 9.06
C PRO B 26 31.12 -50.23 10.24
N ALA B 27 31.63 -49.00 10.17
CA ALA B 27 32.43 -48.42 11.23
C ALA B 27 32.32 -46.91 11.13
N TYR B 28 31.83 -46.28 12.18
CA TYR B 28 31.49 -44.86 12.15
C TYR B 28 32.53 -44.04 12.88
N THR B 29 32.50 -42.73 12.61
CA THR B 29 33.34 -41.77 13.32
C THR B 29 32.57 -40.47 13.47
N ASN B 30 32.69 -39.85 14.64
CA ASN B 30 32.04 -38.57 14.91
C ASN B 30 32.84 -37.48 14.22
N SER B 31 32.22 -36.79 13.26
CA SER B 31 32.80 -35.59 12.68
C SER B 31 32.25 -34.41 13.44
N PHE B 32 33.14 -33.66 14.09
CA PHE B 32 32.72 -32.65 15.05
C PHE B 32 32.31 -31.37 14.36
N THR B 33 33.27 -30.68 13.76
CA THR B 33 33.00 -29.46 12.99
C THR B 33 33.85 -29.58 11.72
N ARG B 34 33.30 -30.25 10.73
CA ARG B 34 34.03 -30.55 9.51
C ARG B 34 33.19 -30.18 8.31
N GLY B 35 33.87 -29.94 7.19
CA GLY B 35 33.18 -29.73 5.94
C GLY B 35 32.48 -28.40 5.80
N VAL B 36 32.92 -27.38 6.53
CA VAL B 36 32.40 -26.03 6.36
C VAL B 36 33.19 -25.38 5.24
N TYR B 37 32.51 -25.02 4.16
CA TYR B 37 33.20 -24.46 3.02
C TYR B 37 32.76 -23.03 2.80
N TYR B 38 33.52 -22.32 1.99
CA TYR B 38 33.16 -20.96 1.62
C TYR B 38 31.97 -21.00 0.68
N PRO B 39 30.84 -20.37 1.04
CA PRO B 39 29.66 -20.49 0.17
C PRO B 39 29.77 -19.74 -1.14
N ASP B 40 30.43 -18.59 -1.15
CA ASP B 40 30.50 -17.80 -2.36
C ASP B 40 31.82 -17.06 -2.43
N LYS B 41 32.14 -16.57 -3.61
CA LYS B 41 33.41 -15.89 -3.87
C LYS B 41 33.24 -14.40 -3.60
N VAL B 42 33.09 -14.08 -2.32
CA VAL B 42 32.83 -12.72 -1.85
C VAL B 42 33.67 -12.48 -0.61
N PHE B 43 34.44 -11.41 -0.62
CA PHE B 43 35.21 -11.03 0.55
C PHE B 43 34.30 -10.41 1.59
N ARG B 44 34.50 -10.79 2.85
CA ARG B 44 33.74 -10.22 3.95
C ARG B 44 34.67 -10.01 5.13
N SER B 45 34.57 -8.83 5.75
CA SER B 45 35.37 -8.45 6.91
C SER B 45 34.80 -9.10 8.17
N SER B 46 35.13 -8.56 9.34
CA SER B 46 34.69 -9.19 10.58
C SER B 46 33.17 -9.09 10.72
N VAL B 47 32.50 -10.13 10.25
CA VAL B 47 31.06 -10.12 9.98
C VAL B 47 30.54 -11.52 10.24
N LEU B 48 29.44 -11.62 10.99
CA LEU B 48 28.75 -12.90 11.18
C LEU B 48 27.66 -12.99 10.14
N HIS B 49 27.84 -13.86 9.15
CA HIS B 49 26.92 -14.01 8.03
C HIS B 49 26.13 -15.29 8.19
N SER B 50 24.81 -15.21 8.04
CA SER B 50 23.92 -16.35 8.20
C SER B 50 23.52 -16.85 6.81
N THR B 51 23.99 -18.03 6.44
CA THR B 51 23.75 -18.60 5.13
C THR B 51 22.91 -19.86 5.26
N GLN B 52 22.35 -20.30 4.12
CA GLN B 52 21.50 -21.48 4.09
C GLN B 52 21.82 -22.24 2.81
N ASP B 53 22.47 -23.40 2.96
CA ASP B 53 22.98 -24.11 1.79
C ASP B 53 23.20 -25.57 2.21
N LEU B 54 23.81 -26.35 1.33
CA LEU B 54 24.10 -27.75 1.62
C LEU B 54 25.36 -27.82 2.47
N PHE B 55 25.22 -28.17 3.75
CA PHE B 55 26.36 -28.33 4.62
C PHE B 55 26.28 -29.71 5.27
N LEU B 56 27.44 -30.25 5.61
CA LEU B 56 27.48 -31.46 6.41
C LEU B 56 27.18 -31.11 7.85
N PRO B 57 26.21 -31.77 8.49
CA PRO B 57 25.76 -31.34 9.82
C PRO B 57 26.79 -31.58 10.90
N PHE B 58 26.73 -30.74 11.93
CA PHE B 58 27.73 -30.78 12.99
C PHE B 58 27.52 -32.00 13.87
N PHE B 59 28.64 -32.55 14.36
CA PHE B 59 28.68 -33.70 15.27
C PHE B 59 27.98 -34.92 14.68
N SER B 60 28.24 -35.16 13.40
CA SER B 60 27.53 -36.21 12.67
C SER B 60 28.33 -37.50 12.67
N ASN B 61 27.72 -38.55 12.10
CA ASN B 61 28.36 -39.84 11.97
C ASN B 61 28.79 -40.02 10.52
N VAL B 62 30.08 -39.85 10.26
CA VAL B 62 30.60 -40.19 8.95
C VAL B 62 31.02 -41.65 8.97
N THR B 63 31.08 -42.26 7.81
CA THR B 63 31.40 -43.68 7.71
C THR B 63 32.87 -43.82 7.37
N TRP B 64 33.56 -44.70 8.09
CA TRP B 64 35.00 -44.85 8.01
C TRP B 64 35.30 -46.11 7.23
N PHE B 65 35.43 -45.98 5.92
CA PHE B 65 35.74 -47.12 5.07
C PHE B 65 37.22 -47.41 5.07
N HIS B 66 37.56 -48.66 4.81
CA HIS B 66 38.96 -49.08 4.66
C HIS B 66 39.32 -49.40 3.23
N ALA B 67 38.55 -50.30 2.59
CA ALA B 67 38.84 -50.84 1.25
C ALA B 67 40.24 -51.45 1.17
N ILE B 68 40.64 -52.12 2.24
CA ILE B 68 41.90 -52.86 2.30
C ILE B 68 41.81 -53.92 3.39
N ARG B 76 40.43 -58.76 0.79
CA ARG B 76 41.01 -57.55 1.34
C ARG B 76 40.46 -56.32 0.62
N PHE B 77 40.63 -56.29 -0.70
CA PHE B 77 40.23 -55.16 -1.51
C PHE B 77 38.72 -55.16 -1.70
N ASP B 78 38.03 -54.19 -1.10
CA ASP B 78 36.58 -54.08 -1.22
C ASP B 78 36.18 -52.61 -1.09
N ASN B 79 36.01 -51.95 -2.23
CA ASN B 79 35.52 -50.58 -2.22
C ASN B 79 34.12 -50.53 -2.80
N PRO B 80 33.16 -49.94 -2.10
CA PRO B 80 31.77 -50.01 -2.52
C PRO B 80 31.37 -48.85 -3.42
N VAL B 81 30.23 -49.01 -4.08
CA VAL B 81 29.65 -47.99 -4.93
C VAL B 81 28.58 -47.29 -4.12
N LEU B 82 28.88 -46.12 -3.65
CA LEU B 82 28.04 -45.42 -2.72
C LEU B 82 27.11 -44.47 -3.44
N PRO B 83 25.97 -44.13 -2.84
CA PRO B 83 25.13 -43.07 -3.40
C PRO B 83 25.72 -41.69 -3.17
N PHE B 84 25.05 -40.70 -3.74
CA PHE B 84 25.45 -39.30 -3.66
C PHE B 84 24.45 -38.46 -2.87
N ASN B 85 23.22 -38.41 -3.35
CA ASN B 85 21.97 -37.91 -2.77
C ASN B 85 21.87 -36.41 -2.55
N ASP B 86 23.03 -35.81 -2.26
CA ASP B 86 23.24 -34.38 -2.09
C ASP B 86 24.72 -34.19 -1.76
N GLY B 87 25.61 -34.03 -2.75
CA GLY B 87 27.01 -33.89 -2.38
C GLY B 87 27.65 -35.01 -1.58
N VAL B 88 28.95 -34.89 -1.32
CA VAL B 88 29.73 -35.84 -0.53
C VAL B 88 30.86 -35.07 0.13
N TYR B 89 31.01 -35.22 1.43
CA TYR B 89 32.22 -34.82 2.13
C TYR B 89 33.13 -36.04 2.22
N PHE B 90 34.36 -35.89 1.75
CA PHE B 90 35.30 -36.99 1.59
C PHE B 90 36.61 -36.61 2.24
N ALA B 91 36.93 -37.21 3.38
CA ALA B 91 38.20 -36.96 4.03
C ALA B 91 39.10 -38.17 3.88
N SER B 92 40.41 -37.94 3.87
CA SER B 92 41.33 -39.05 3.75
C SER B 92 42.65 -38.71 4.42
N THR B 93 43.29 -39.73 4.99
CA THR B 93 44.55 -39.57 5.70
C THR B 93 45.51 -40.61 5.15
N GLU B 94 46.27 -40.25 4.12
CA GLU B 94 47.15 -41.20 3.46
C GLU B 94 48.43 -40.50 3.04
N LYS B 95 49.56 -40.95 3.60
CA LYS B 95 50.85 -40.36 3.24
C LYS B 95 51.37 -40.86 1.91
N SER B 96 50.89 -42.00 1.42
CA SER B 96 51.25 -42.49 0.11
C SER B 96 50.27 -41.91 -0.92
N ASN B 97 50.33 -42.41 -2.15
CA ASN B 97 49.41 -41.97 -3.21
C ASN B 97 48.63 -43.20 -3.66
N ILE B 98 47.54 -43.48 -2.94
CA ILE B 98 46.66 -44.59 -3.26
C ILE B 98 45.28 -44.10 -3.67
N ILE B 99 44.65 -43.26 -2.85
CA ILE B 99 43.36 -42.70 -3.22
C ILE B 99 43.61 -41.68 -4.32
N ARG B 100 43.42 -42.12 -5.55
CA ARG B 100 43.96 -41.44 -6.71
C ARG B 100 42.86 -41.15 -7.71
N GLY B 101 41.74 -40.61 -7.24
CA GLY B 101 40.68 -40.16 -8.13
C GLY B 101 39.35 -40.76 -7.76
N TRP B 102 38.34 -40.37 -8.53
CA TRP B 102 36.96 -40.75 -8.29
C TRP B 102 36.25 -41.08 -9.59
N ILE B 103 35.10 -41.72 -9.44
CA ILE B 103 34.22 -42.09 -10.54
C ILE B 103 32.82 -41.64 -10.12
N PHE B 104 32.19 -40.77 -10.90
CA PHE B 104 30.83 -40.34 -10.66
C PHE B 104 29.96 -40.75 -11.84
N GLY B 105 28.70 -41.04 -11.59
CA GLY B 105 27.81 -41.36 -12.70
C GLY B 105 26.43 -41.66 -12.20
N THR B 106 25.61 -42.20 -13.09
CA THR B 106 24.26 -42.60 -12.73
C THR B 106 24.02 -44.10 -12.84
N THR B 107 24.54 -44.75 -13.88
CA THR B 107 24.54 -46.21 -13.93
C THR B 107 25.94 -46.80 -13.93
N LEU B 108 26.98 -45.98 -14.07
CA LEU B 108 28.38 -46.40 -14.17
C LEU B 108 28.58 -47.41 -15.30
N ASP B 109 27.99 -47.10 -16.46
CA ASP B 109 27.99 -48.01 -17.58
C ASP B 109 27.99 -47.17 -18.86
N SER B 110 27.79 -47.82 -20.00
CA SER B 110 27.60 -47.13 -21.27
C SER B 110 26.16 -46.62 -21.33
N LYS B 111 25.75 -46.17 -22.52
CA LYS B 111 24.39 -45.66 -22.77
C LYS B 111 24.01 -44.32 -22.10
N THR B 112 24.76 -43.95 -21.07
CA THR B 112 24.54 -42.75 -20.30
C THR B 112 25.92 -42.29 -19.82
N GLN B 113 26.08 -40.98 -19.69
CA GLN B 113 27.42 -40.44 -19.49
C GLN B 113 27.81 -40.52 -18.03
N SER B 114 29.12 -40.39 -17.79
CA SER B 114 29.68 -40.46 -16.46
C SER B 114 30.99 -39.70 -16.43
N LEU B 115 31.35 -39.24 -15.24
CA LEU B 115 32.48 -38.37 -14.98
C LEU B 115 33.60 -39.16 -14.33
N LEU B 116 34.84 -38.83 -14.67
CA LEU B 116 36.00 -39.56 -14.19
C LEU B 116 37.07 -38.55 -13.82
N ILE B 117 37.51 -38.57 -12.55
CA ILE B 117 38.61 -37.74 -12.09
C ILE B 117 39.78 -38.65 -11.81
N VAL B 118 40.81 -38.58 -12.63
CA VAL B 118 42.03 -39.33 -12.37
C VAL B 118 43.11 -38.31 -12.05
N ASN B 119 44.12 -38.77 -11.31
CA ASN B 119 45.04 -37.86 -10.63
C ASN B 119 46.47 -38.36 -10.84
N ASN B 120 47.12 -37.91 -11.90
CA ASN B 120 48.47 -38.32 -12.21
C ASN B 120 49.46 -37.66 -11.26
N ALA B 121 50.75 -37.93 -11.45
CA ALA B 121 51.75 -37.35 -10.58
C ALA B 121 51.97 -35.87 -10.85
N THR B 122 51.55 -35.36 -12.01
CA THR B 122 51.69 -33.96 -12.33
C THR B 122 50.37 -33.23 -12.55
N ASN B 123 49.32 -33.89 -13.03
CA ASN B 123 48.12 -33.15 -13.37
C ASN B 123 46.87 -34.02 -13.25
N VAL B 124 45.76 -33.37 -12.95
CA VAL B 124 44.45 -34.00 -12.87
C VAL B 124 43.77 -33.88 -14.23
N VAL B 125 43.11 -34.95 -14.67
CA VAL B 125 42.41 -34.97 -15.96
C VAL B 125 40.98 -35.38 -15.69
N ILE B 126 40.06 -34.42 -15.69
CA ILE B 126 38.64 -34.72 -15.56
C ILE B 126 38.08 -35.00 -16.94
N LYS B 127 37.28 -36.06 -17.05
CA LYS B 127 36.80 -36.51 -18.36
C LYS B 127 35.38 -37.03 -18.22
N VAL B 128 34.45 -36.53 -19.03
CA VAL B 128 33.04 -36.88 -18.89
C VAL B 128 32.64 -37.63 -20.17
N CYS B 129 32.88 -38.93 -20.19
CA CYS B 129 32.55 -39.74 -21.37
C CYS B 129 31.68 -40.95 -21.04
N GLU B 130 31.18 -41.61 -22.07
CA GLU B 130 30.34 -42.80 -21.88
C GLU B 130 31.26 -43.98 -21.60
N PHE B 131 31.75 -44.05 -20.37
CA PHE B 131 32.69 -45.08 -19.98
C PHE B 131 31.97 -46.40 -19.73
N GLN B 132 32.49 -47.48 -20.31
CA GLN B 132 32.06 -48.82 -19.95
C GLN B 132 32.92 -49.23 -18.76
N PHE B 133 32.44 -48.89 -17.57
CA PHE B 133 33.23 -49.10 -16.36
C PHE B 133 33.27 -50.58 -16.00
N CYS B 134 34.43 -51.02 -15.54
CA CYS B 134 34.61 -52.42 -15.15
C CYS B 134 33.96 -52.67 -13.79
N ASN B 135 34.04 -53.91 -13.34
CA ASN B 135 33.41 -54.28 -12.08
C ASN B 135 34.22 -53.77 -10.89
N ASP B 136 35.51 -54.10 -10.84
CA ASP B 136 36.43 -53.62 -9.82
C ASP B 136 37.41 -52.67 -10.49
N PRO B 137 37.16 -51.36 -10.48
CA PRO B 137 38.05 -50.44 -11.20
C PRO B 137 39.26 -50.07 -10.34
N PHE B 138 40.44 -50.12 -10.96
CA PHE B 138 41.66 -49.68 -10.32
C PHE B 138 42.63 -49.24 -11.39
N LEU B 139 43.53 -48.33 -11.02
CA LEU B 139 44.65 -48.03 -11.87
C LEU B 139 45.72 -49.11 -11.72
N ASP B 140 46.67 -49.13 -12.64
CA ASP B 140 47.70 -50.17 -12.61
C ASP B 140 49.06 -49.55 -12.88
N VAL B 141 49.87 -49.44 -11.84
CA VAL B 141 51.18 -48.83 -11.91
C VAL B 141 52.23 -49.93 -12.00
N TYR B 142 53.39 -49.61 -12.59
CA TYR B 142 54.53 -50.53 -12.67
C TYR B 142 55.05 -50.95 -11.29
N MET B 151 55.67 -46.60 -15.87
CA MET B 151 54.46 -47.14 -16.48
C MET B 151 53.26 -46.89 -15.58
N GLU B 152 52.19 -46.37 -16.16
CA GLU B 152 50.95 -46.14 -15.43
C GLU B 152 49.79 -46.28 -16.41
N SER B 153 49.07 -47.39 -16.34
CA SER B 153 48.07 -47.70 -17.36
C SER B 153 46.67 -47.31 -16.90
N GLU B 154 45.72 -47.47 -17.81
CA GLU B 154 44.34 -47.05 -17.56
C GLU B 154 43.31 -48.09 -17.98
N PHE B 155 43.71 -49.17 -18.63
CA PHE B 155 42.78 -50.10 -19.27
C PHE B 155 42.10 -51.05 -18.29
N ARG B 156 42.46 -51.02 -17.00
CA ARG B 156 41.78 -51.80 -16.00
C ARG B 156 40.64 -51.04 -15.34
N VAL B 157 40.48 -49.76 -15.66
CA VAL B 157 39.35 -48.98 -15.14
C VAL B 157 38.12 -49.18 -16.02
N TYR B 158 38.24 -48.87 -17.31
CA TYR B 158 37.11 -48.96 -18.22
C TYR B 158 37.55 -49.68 -19.50
N SER B 159 36.62 -49.78 -20.45
CA SER B 159 36.93 -50.42 -21.73
C SER B 159 36.29 -49.73 -22.92
N SER B 160 35.72 -48.53 -22.75
CA SER B 160 35.15 -47.78 -23.85
C SER B 160 35.13 -46.31 -23.47
N ALA B 161 35.44 -45.44 -24.42
CA ALA B 161 35.55 -44.01 -24.16
C ALA B 161 34.85 -43.22 -25.26
N ASN B 162 33.62 -43.61 -25.59
CA ASN B 162 32.93 -43.00 -26.70
C ASN B 162 32.26 -41.68 -26.31
N ASN B 163 32.55 -40.64 -27.09
CA ASN B 163 31.78 -39.38 -27.13
C ASN B 163 31.78 -38.64 -25.79
N CYS B 164 32.97 -38.17 -25.41
CA CYS B 164 33.08 -37.17 -24.37
C CYS B 164 33.09 -35.73 -24.87
N THR B 165 32.33 -34.91 -24.15
CA THR B 165 32.09 -33.51 -24.47
C THR B 165 32.76 -32.57 -23.49
N PHE B 166 33.68 -33.06 -22.66
CA PHE B 166 34.33 -32.20 -21.68
C PHE B 166 35.68 -32.79 -21.31
N GLU B 167 36.72 -31.97 -21.37
CA GLU B 167 38.06 -32.33 -20.93
C GLU B 167 38.61 -31.17 -20.11
N TYR B 168 39.53 -31.48 -19.20
CA TYR B 168 40.06 -30.48 -18.30
C TYR B 168 41.40 -30.96 -17.77
N VAL B 169 42.36 -30.04 -17.64
CA VAL B 169 43.68 -30.35 -17.09
C VAL B 169 44.08 -29.20 -16.16
N SER B 170 44.27 -29.51 -14.88
CA SER B 170 44.85 -28.60 -13.91
C SER B 170 46.02 -29.30 -13.23
N GLN B 171 46.91 -28.52 -12.61
CA GLN B 171 48.08 -29.19 -12.06
C GLN B 171 47.86 -29.96 -10.76
N PRO B 172 47.60 -29.33 -9.59
CA PRO B 172 47.81 -30.08 -8.35
C PRO B 172 46.77 -31.12 -7.97
N PHE B 173 45.62 -30.64 -7.50
CA PHE B 173 44.40 -31.35 -7.08
C PHE B 173 44.57 -32.28 -5.88
N LEU B 174 45.80 -32.54 -5.43
CA LEU B 174 46.06 -33.58 -4.44
C LEU B 174 47.50 -33.43 -4.00
N MET B 175 47.74 -33.62 -2.69
CA MET B 175 49.03 -33.36 -2.02
C MET B 175 49.51 -31.92 -2.24
N ASP B 176 48.54 -30.99 -2.36
CA ASP B 176 48.73 -29.58 -2.70
C ASP B 176 49.58 -29.39 -3.96
N PHE B 184 52.98 -34.54 11.11
CA PHE B 184 53.24 -35.90 10.70
C PHE B 184 52.40 -36.27 9.48
N LYS B 185 51.21 -36.83 9.73
CA LYS B 185 50.30 -37.13 8.65
C LYS B 185 49.53 -35.88 8.24
N ASN B 186 48.81 -35.98 7.13
CA ASN B 186 48.10 -34.83 6.56
C ASN B 186 46.69 -35.24 6.18
N LEU B 187 45.70 -34.52 6.69
CA LEU B 187 44.32 -34.77 6.32
C LEU B 187 43.99 -34.01 5.05
N ARG B 188 43.28 -34.66 4.14
CA ARG B 188 42.85 -34.01 2.91
C ARG B 188 41.34 -34.14 2.82
N GLU B 189 40.65 -33.01 2.75
CA GLU B 189 39.20 -32.98 2.75
C GLU B 189 38.68 -32.40 1.46
N PHE B 190 37.65 -33.02 0.90
CA PHE B 190 37.00 -32.58 -0.31
C PHE B 190 35.50 -32.54 -0.08
N VAL B 191 34.82 -31.67 -0.82
CA VAL B 191 33.36 -31.68 -0.86
C VAL B 191 32.96 -31.55 -2.31
N PHE B 192 32.22 -32.55 -2.80
CA PHE B 192 31.69 -32.52 -4.15
C PHE B 192 30.20 -32.23 -4.08
N LYS B 193 29.74 -31.30 -4.90
CA LYS B 193 28.30 -31.15 -5.05
C LYS B 193 27.97 -30.70 -6.45
N ASN B 194 26.92 -31.30 -7.02
CA ASN B 194 26.53 -31.08 -8.40
C ASN B 194 25.18 -30.36 -8.38
N ILE B 195 25.16 -29.12 -8.84
CA ILE B 195 23.96 -28.30 -8.82
C ILE B 195 23.85 -27.56 -10.15
N ASP B 196 22.69 -27.70 -10.81
CA ASP B 196 22.33 -26.98 -12.04
C ASP B 196 23.33 -27.22 -13.17
N GLY B 197 23.79 -28.45 -13.29
CA GLY B 197 24.77 -28.78 -14.30
C GLY B 197 26.18 -28.33 -13.99
N TYR B 198 26.42 -27.79 -12.80
CA TYR B 198 27.74 -27.34 -12.39
C TYR B 198 28.25 -28.26 -11.29
N PHE B 199 29.38 -28.89 -11.55
CA PHE B 199 30.08 -29.68 -10.54
C PHE B 199 31.01 -28.76 -9.77
N LYS B 200 30.91 -28.79 -8.44
CA LYS B 200 31.71 -27.92 -7.59
C LYS B 200 32.51 -28.78 -6.64
N ILE B 201 33.82 -28.66 -6.70
CA ILE B 201 34.75 -29.39 -5.84
C ILE B 201 35.44 -28.37 -4.93
N TYR B 202 35.31 -28.57 -3.63
CA TYR B 202 35.98 -27.75 -2.62
C TYR B 202 37.02 -28.60 -1.94
N SER B 203 38.17 -28.02 -1.60
CA SER B 203 39.26 -28.85 -1.11
C SER B 203 40.10 -28.09 -0.09
N LYS B 204 40.68 -28.84 0.85
CA LYS B 204 41.57 -28.27 1.85
C LYS B 204 42.48 -29.36 2.39
N HIS B 205 43.78 -29.11 2.37
CA HIS B 205 44.79 -30.06 2.80
C HIS B 205 45.50 -29.48 4.01
N THR B 206 45.36 -30.14 5.17
CA THR B 206 45.90 -29.58 6.40
C THR B 206 46.77 -30.58 7.14
N PRO B 207 47.93 -30.14 7.64
CA PRO B 207 48.77 -31.03 8.46
C PRO B 207 48.22 -31.13 9.87
N ILE B 208 48.06 -32.36 10.34
CA ILE B 208 47.50 -32.61 11.67
C ILE B 208 48.44 -33.54 12.44
N ASN B 209 48.32 -33.47 13.76
CA ASN B 209 49.01 -34.38 14.65
C ASN B 209 48.26 -35.71 14.75
N LEU B 210 48.79 -36.62 15.57
CA LEU B 210 48.18 -37.93 15.71
C LEU B 210 46.94 -37.84 16.58
N GLY B 211 45.80 -38.22 16.01
CA GLY B 211 44.53 -38.16 16.72
C GLY B 211 43.53 -39.15 16.16
N ARG B 212 42.26 -38.74 16.09
CA ARG B 212 41.19 -39.60 15.59
C ARG B 212 41.01 -39.50 14.08
N ASP B 213 41.95 -38.87 13.38
CA ASP B 213 41.98 -38.61 11.93
C ASP B 213 40.86 -37.68 11.45
N LEU B 214 40.05 -37.17 12.37
CA LEU B 214 39.08 -36.10 12.10
C LEU B 214 39.17 -35.21 13.33
N PRO B 215 40.15 -34.31 13.37
CA PRO B 215 40.54 -33.70 14.64
C PRO B 215 39.57 -32.63 15.10
N GLN B 216 39.62 -32.38 16.40
CA GLN B 216 38.81 -31.34 17.04
C GLN B 216 39.42 -29.99 16.68
N GLY B 217 38.77 -29.28 15.77
CA GLY B 217 39.29 -27.99 15.33
C GLY B 217 38.37 -27.43 14.25
N PHE B 218 38.93 -26.50 13.48
CA PHE B 218 38.13 -25.89 12.42
C PHE B 218 39.04 -25.46 11.29
N SER B 219 38.59 -25.73 10.06
CA SER B 219 39.33 -25.33 8.86
C SER B 219 38.34 -25.24 7.72
N ALA B 220 38.23 -24.06 7.12
CA ALA B 220 37.29 -23.84 6.04
C ALA B 220 37.83 -24.39 4.74
N LEU B 221 36.94 -24.86 3.87
CA LEU B 221 37.29 -25.46 2.60
C LEU B 221 37.18 -24.42 1.49
N GLU B 222 38.25 -24.23 0.74
CA GLU B 222 38.28 -23.23 -0.31
C GLU B 222 38.06 -23.86 -1.67
N PRO B 223 37.35 -23.21 -2.59
CA PRO B 223 36.96 -23.87 -3.84
C PRO B 223 38.12 -24.11 -4.78
N LEU B 224 37.98 -25.15 -5.59
CA LEU B 224 39.04 -25.61 -6.46
C LEU B 224 38.68 -25.45 -7.93
N VAL B 225 37.62 -26.11 -8.41
CA VAL B 225 37.18 -26.03 -9.79
C VAL B 225 35.67 -25.79 -9.80
N ASP B 226 35.15 -25.54 -11.00
CA ASP B 226 33.72 -25.30 -11.19
C ASP B 226 33.42 -25.72 -12.62
N LEU B 227 32.92 -26.93 -12.78
CA LEU B 227 32.88 -27.54 -14.09
C LEU B 227 31.48 -27.47 -14.68
N PRO B 228 31.31 -26.98 -15.89
CA PRO B 228 30.02 -27.06 -16.60
C PRO B 228 29.81 -28.38 -17.33
N ILE B 229 29.32 -29.38 -16.60
CA ILE B 229 29.19 -30.73 -17.15
C ILE B 229 27.80 -30.99 -17.71
N GLY B 230 26.74 -30.62 -17.00
CA GLY B 230 25.39 -30.95 -17.42
C GLY B 230 25.04 -32.43 -17.30
N ILE B 231 25.28 -33.04 -16.15
CA ILE B 231 25.18 -34.49 -15.97
C ILE B 231 24.39 -34.78 -14.70
N ASN B 232 23.44 -35.71 -14.80
CA ASN B 232 22.81 -36.29 -13.63
C ASN B 232 23.81 -37.20 -12.92
N ILE B 233 24.06 -36.94 -11.63
CA ILE B 233 25.01 -37.71 -10.85
C ILE B 233 24.28 -38.24 -9.62
N THR B 234 24.28 -39.56 -9.46
CA THR B 234 23.67 -40.13 -8.25
C THR B 234 24.47 -41.26 -7.60
N ARG B 235 25.48 -41.80 -8.29
CA ARG B 235 26.31 -42.86 -7.73
C ARG B 235 27.79 -42.51 -7.92
N PHE B 236 28.65 -42.97 -6.99
CA PHE B 236 30.06 -42.68 -7.12
C PHE B 236 30.85 -43.74 -6.38
N GLN B 237 32.10 -43.90 -6.79
CA GLN B 237 33.04 -44.71 -6.03
C GLN B 237 34.44 -44.15 -6.25
N THR B 238 35.42 -44.74 -5.58
CA THR B 238 36.77 -44.20 -5.59
C THR B 238 37.72 -45.10 -6.37
N LEU B 239 38.61 -44.48 -7.11
CA LEU B 239 39.68 -45.18 -7.79
C LEU B 239 40.83 -45.45 -6.84
N LEU B 240 41.63 -46.45 -7.18
CA LEU B 240 42.83 -46.76 -6.42
C LEU B 240 43.94 -47.11 -7.40
N ALA B 241 45.15 -47.26 -6.86
CA ALA B 241 46.28 -47.79 -7.62
C ALA B 241 46.79 -49.02 -6.92
N LEU B 242 47.24 -50.02 -7.69
CA LEU B 242 47.57 -51.31 -7.11
C LEU B 242 48.99 -51.80 -7.36
N HIS B 243 49.84 -51.04 -8.04
CA HIS B 243 51.29 -51.26 -8.19
C HIS B 243 51.68 -52.57 -8.86
N ARG B 244 50.74 -53.33 -9.42
CA ARG B 244 50.91 -54.68 -9.95
C ARG B 244 51.62 -55.64 -8.98
N TRP B 256 46.30 -56.33 -6.86
CA TRP B 256 47.20 -57.37 -6.43
C TRP B 256 47.67 -57.13 -5.00
N THR B 257 48.51 -56.12 -4.82
CA THR B 257 49.04 -55.77 -3.50
C THR B 257 49.01 -54.26 -3.33
N ALA B 258 48.41 -53.82 -2.23
CA ALA B 258 48.33 -52.39 -1.92
C ALA B 258 48.76 -52.19 -0.48
N GLY B 259 48.62 -50.95 0.00
CA GLY B 259 49.05 -50.60 1.33
C GLY B 259 47.93 -50.68 2.34
N ALA B 260 47.44 -49.54 2.78
CA ALA B 260 46.35 -49.49 3.76
C ALA B 260 45.58 -48.19 3.54
N ALA B 261 44.46 -48.29 2.84
CA ALA B 261 43.62 -47.13 2.59
C ALA B 261 42.59 -46.96 3.70
N ALA B 262 42.07 -45.75 3.81
CA ALA B 262 41.02 -45.40 4.76
C ALA B 262 40.44 -44.07 4.33
N TYR B 263 39.13 -44.01 4.12
CA TYR B 263 38.53 -42.75 3.77
C TYR B 263 37.21 -42.58 4.49
N TYR B 264 36.86 -41.33 4.77
CA TYR B 264 35.69 -40.99 5.57
C TYR B 264 34.69 -40.31 4.67
N VAL B 265 33.47 -40.85 4.62
CA VAL B 265 32.44 -40.35 3.72
C VAL B 265 31.26 -39.87 4.55
N GLY B 266 30.84 -38.62 4.32
CA GLY B 266 29.65 -38.09 4.94
C GLY B 266 28.81 -37.38 3.90
N TYR B 267 27.54 -37.19 4.21
CA TYR B 267 26.60 -36.66 3.24
C TYR B 267 26.08 -35.30 3.65
N LEU B 268 25.98 -34.41 2.67
CA LEU B 268 25.56 -33.04 2.89
C LEU B 268 24.04 -32.97 2.97
N GLN B 269 23.56 -32.04 3.79
CA GLN B 269 22.13 -31.82 3.98
C GLN B 269 21.84 -30.33 3.93
N PRO B 270 20.63 -29.92 3.54
CA PRO B 270 20.32 -28.48 3.55
C PRO B 270 20.19 -27.91 4.94
N ARG B 271 21.19 -27.14 5.36
CA ARG B 271 21.25 -26.59 6.70
C ARG B 271 21.51 -25.09 6.66
N THR B 272 21.16 -24.44 7.75
CA THR B 272 21.42 -23.02 7.96
C THR B 272 22.61 -22.89 8.89
N PHE B 273 23.64 -22.18 8.45
CA PHE B 273 24.84 -21.97 9.23
C PHE B 273 25.00 -20.48 9.52
N LEU B 274 25.78 -20.19 10.56
CA LEU B 274 26.18 -18.82 10.87
C LEU B 274 27.70 -18.83 10.90
N LEU B 275 28.32 -18.28 9.86
CA LEU B 275 29.76 -18.26 9.72
C LEU B 275 30.30 -16.93 10.22
N LYS B 276 31.51 -16.94 10.76
CA LYS B 276 32.11 -15.74 11.35
C LYS B 276 33.40 -15.43 10.61
N TYR B 277 33.39 -14.38 9.80
CA TYR B 277 34.59 -13.99 9.08
C TYR B 277 35.37 -12.97 9.90
N ASN B 278 36.66 -13.22 10.06
CA ASN B 278 37.51 -12.32 10.83
C ASN B 278 38.00 -11.19 9.93
N GLU B 279 39.06 -10.50 10.33
CA GLU B 279 39.53 -9.33 9.60
C GLU B 279 40.03 -9.69 8.21
N ASN B 280 40.75 -10.79 8.08
CA ASN B 280 41.37 -11.11 6.81
C ASN B 280 40.45 -11.86 5.86
N GLY B 281 39.17 -11.98 6.18
CA GLY B 281 38.24 -12.65 5.30
C GLY B 281 38.20 -14.16 5.41
N THR B 282 38.86 -14.74 6.41
CA THR B 282 38.85 -16.17 6.63
C THR B 282 37.73 -16.55 7.58
N ILE B 283 37.25 -17.78 7.46
CA ILE B 283 36.25 -18.28 8.39
C ILE B 283 36.96 -18.94 9.56
N THR B 284 36.64 -18.48 10.78
CA THR B 284 37.23 -19.07 11.97
C THR B 284 36.25 -19.88 12.80
N ASP B 285 34.96 -19.64 12.68
CA ASP B 285 33.97 -20.34 13.48
C ASP B 285 32.64 -20.35 12.77
N ALA B 286 31.80 -21.32 13.12
CA ALA B 286 30.48 -21.47 12.51
C ALA B 286 29.56 -22.12 13.53
N VAL B 287 28.26 -21.83 13.39
CA VAL B 287 27.25 -22.35 14.31
C VAL B 287 26.12 -22.93 13.47
N ASP B 288 25.80 -24.20 13.74
CA ASP B 288 24.74 -24.93 13.03
C ASP B 288 23.40 -24.68 13.71
N CYS B 289 22.48 -24.03 13.00
CA CYS B 289 21.27 -23.49 13.62
C CYS B 289 20.17 -24.52 13.84
N ALA B 290 20.53 -25.79 13.88
CA ALA B 290 19.52 -26.82 14.09
C ALA B 290 20.06 -27.87 15.03
N LEU B 291 21.06 -27.50 15.80
CA LEU B 291 21.61 -28.41 16.77
C LEU B 291 20.76 -28.25 18.02
N ASP B 292 21.38 -28.12 19.19
CA ASP B 292 20.65 -27.98 20.44
C ASP B 292 19.69 -26.80 20.38
N PRO B 293 18.97 -26.57 21.47
CA PRO B 293 18.03 -25.45 21.49
C PRO B 293 18.80 -24.16 21.47
N LEU B 294 20.01 -24.18 22.00
CA LEU B 294 20.86 -22.99 22.09
C LEU B 294 21.24 -22.34 20.75
N SER B 295 22.00 -23.07 19.95
CA SER B 295 22.45 -22.61 18.65
C SER B 295 21.30 -21.98 17.93
N GLU B 296 20.10 -22.39 18.29
CA GLU B 296 18.93 -21.81 17.69
C GLU B 296 18.94 -20.34 18.08
N THR B 297 19.13 -20.09 19.38
CA THR B 297 19.16 -18.72 19.90
C THR B 297 20.29 -17.94 19.31
N LYS B 298 21.42 -18.60 19.08
CA LYS B 298 22.54 -17.87 18.51
C LYS B 298 22.18 -17.43 17.11
N CYS B 299 21.66 -18.36 16.32
CA CYS B 299 21.27 -18.07 14.96
C CYS B 299 20.26 -16.95 14.96
N THR B 300 19.49 -16.85 16.02
CA THR B 300 18.47 -15.80 16.11
C THR B 300 19.07 -14.43 16.42
N LEU B 301 19.90 -14.32 17.46
CA LEU B 301 20.49 -13.02 17.75
C LEU B 301 21.67 -12.76 16.85
N LYS B 302 21.87 -13.60 15.85
CA LYS B 302 23.04 -13.37 14.98
C LYS B 302 24.25 -12.94 15.81
N SER B 303 24.61 -13.79 16.76
CA SER B 303 25.76 -13.57 17.60
C SER B 303 26.27 -14.92 18.07
N PHE B 304 27.43 -14.92 18.72
CA PHE B 304 27.95 -16.14 19.33
C PHE B 304 27.97 -16.09 20.84
N THR B 305 27.57 -14.98 21.44
CA THR B 305 27.51 -14.85 22.90
C THR B 305 26.07 -14.48 23.26
N VAL B 306 25.46 -15.28 24.12
CA VAL B 306 24.08 -15.08 24.54
C VAL B 306 24.08 -14.77 26.03
N GLU B 307 23.73 -13.54 26.38
CA GLU B 307 23.67 -13.18 27.78
C GLU B 307 22.40 -13.74 28.41
N LYS B 308 22.26 -13.50 29.70
CA LYS B 308 21.29 -14.22 30.51
C LYS B 308 19.89 -13.69 30.26
N GLY B 309 18.97 -14.58 29.92
CA GLY B 309 17.56 -14.22 29.85
C GLY B 309 16.80 -15.08 28.88
N ILE B 310 15.48 -14.98 28.95
CA ILE B 310 14.60 -15.68 28.01
C ILE B 310 14.74 -15.06 26.64
N TYR B 311 14.99 -15.89 25.63
CA TYR B 311 15.15 -15.44 24.26
C TYR B 311 14.21 -16.21 23.37
N GLN B 312 13.20 -15.54 22.83
CA GLN B 312 12.22 -16.20 21.98
C GLN B 312 12.83 -16.51 20.63
N THR B 313 12.79 -17.78 20.21
CA THR B 313 13.42 -18.18 18.95
C THR B 313 12.41 -18.63 17.91
N SER B 314 11.64 -19.69 18.17
CA SER B 314 10.89 -20.36 17.13
C SER B 314 9.40 -20.41 17.48
N ASN B 315 8.64 -21.15 16.67
CA ASN B 315 7.22 -21.31 16.86
C ASN B 315 6.86 -22.79 16.89
N PHE B 316 6.03 -23.23 17.82
CA PHE B 316 5.75 -24.67 17.90
C PHE B 316 4.33 -25.07 17.54
N ARG B 317 4.05 -25.33 16.28
CA ARG B 317 2.70 -25.73 15.89
C ARG B 317 2.66 -27.24 15.72
N VAL B 318 1.65 -27.89 16.30
CA VAL B 318 1.53 -29.34 16.18
C VAL B 318 0.65 -29.74 15.00
N GLN B 319 1.24 -30.41 14.02
CA GLN B 319 0.50 -30.81 12.82
C GLN B 319 -0.55 -31.88 13.10
N PRO B 320 -1.39 -32.18 12.04
CA PRO B 320 -2.40 -33.20 12.33
C PRO B 320 -1.99 -34.60 11.91
N THR B 321 -2.80 -35.58 12.29
CA THR B 321 -2.52 -36.97 11.96
C THR B 321 -3.47 -37.57 10.93
N GLU B 322 -4.71 -37.81 11.34
CA GLU B 322 -5.71 -38.41 10.44
C GLU B 322 -6.15 -37.49 9.30
N SER B 323 -7.45 -37.51 9.00
CA SER B 323 -8.08 -36.72 7.95
C SER B 323 -9.38 -37.38 7.53
N ILE B 324 -10.41 -37.23 8.35
CA ILE B 324 -11.72 -37.83 8.08
C ILE B 324 -12.53 -37.10 7.02
N VAL B 325 -13.71 -37.64 6.74
CA VAL B 325 -14.61 -37.06 5.75
C VAL B 325 -16.01 -37.62 5.98
N ARG B 326 -16.71 -37.07 6.98
CA ARG B 326 -18.04 -37.54 7.32
C ARG B 326 -19.11 -37.06 6.37
N PHE B 327 -20.26 -37.73 6.40
CA PHE B 327 -21.40 -37.43 5.55
C PHE B 327 -22.65 -38.11 6.08
N PRO B 328 -23.76 -37.98 5.36
CA PRO B 328 -25.03 -38.60 5.76
C PRO B 328 -25.14 -40.01 5.18
N ASN B 329 -26.14 -40.78 5.60
CA ASN B 329 -26.30 -42.13 5.08
C ASN B 329 -26.57 -42.08 3.57
N ILE B 330 -27.71 -42.63 3.14
CA ILE B 330 -28.08 -42.63 1.73
C ILE B 330 -29.59 -42.84 1.56
N THR B 331 -30.31 -41.75 1.28
CA THR B 331 -31.76 -41.83 1.09
C THR B 331 -32.10 -42.61 -0.17
N ASN B 332 -32.92 -42.04 -1.05
CA ASN B 332 -33.31 -42.70 -2.30
C ASN B 332 -32.08 -43.27 -2.98
N LEU B 333 -32.28 -44.21 -3.90
CA LEU B 333 -31.14 -44.79 -4.59
C LEU B 333 -31.34 -44.98 -6.09
N CYS B 334 -32.42 -44.44 -6.67
CA CYS B 334 -32.76 -44.33 -8.10
C CYS B 334 -32.53 -45.63 -8.86
N PRO B 335 -33.46 -46.57 -8.77
CA PRO B 335 -33.14 -47.96 -9.07
C PRO B 335 -32.77 -48.26 -10.51
N PHE B 336 -31.52 -48.63 -10.69
CA PHE B 336 -31.06 -49.33 -11.87
C PHE B 336 -31.56 -50.76 -11.90
N ASP B 337 -32.03 -51.24 -10.76
CA ASP B 337 -32.78 -52.48 -10.58
C ASP B 337 -33.92 -52.64 -11.58
N GLU B 338 -34.58 -51.57 -11.98
CA GLU B 338 -35.67 -51.70 -12.94
C GLU B 338 -35.23 -51.58 -14.38
N VAL B 339 -34.10 -50.92 -14.65
CA VAL B 339 -33.73 -50.73 -16.05
C VAL B 339 -32.69 -51.76 -16.49
N PHE B 340 -31.79 -52.20 -15.62
CA PHE B 340 -30.81 -53.21 -15.98
C PHE B 340 -31.33 -54.63 -15.80
N ASN B 341 -32.51 -54.79 -15.27
CA ASN B 341 -32.93 -56.11 -14.83
C ASN B 341 -34.40 -56.36 -15.11
N ALA B 342 -34.96 -55.72 -16.13
CA ALA B 342 -36.35 -55.96 -16.47
C ALA B 342 -36.52 -57.33 -17.09
N THR B 343 -37.70 -57.89 -16.95
CA THR B 343 -38.00 -59.18 -17.55
C THR B 343 -38.24 -59.08 -19.04
N ARG B 344 -38.60 -57.91 -19.55
CA ARG B 344 -38.94 -57.72 -20.96
C ARG B 344 -38.42 -56.37 -21.40
N PHE B 345 -37.25 -56.35 -22.03
CA PHE B 345 -36.82 -55.16 -22.71
C PHE B 345 -37.72 -54.92 -23.91
N ALA B 346 -37.90 -53.66 -24.28
CA ALA B 346 -38.73 -53.32 -25.41
C ALA B 346 -37.91 -53.47 -26.69
N SER B 347 -38.60 -53.68 -27.80
CA SER B 347 -37.91 -53.86 -29.07
C SER B 347 -37.34 -52.52 -29.54
N VAL B 348 -36.49 -52.59 -30.56
CA VAL B 348 -35.61 -51.47 -30.85
C VAL B 348 -36.33 -50.31 -31.53
N TYR B 349 -37.38 -50.54 -32.32
CA TYR B 349 -38.06 -49.40 -32.95
C TYR B 349 -38.90 -48.63 -31.94
N ALA B 350 -39.30 -49.26 -30.84
CA ALA B 350 -40.11 -48.61 -29.82
C ALA B 350 -39.42 -48.84 -28.47
N TRP B 351 -38.41 -48.04 -28.19
CA TRP B 351 -37.61 -48.16 -26.99
C TRP B 351 -38.20 -47.36 -25.84
N ASN B 352 -37.96 -47.87 -24.64
CA ASN B 352 -38.37 -47.18 -23.43
C ASN B 352 -37.54 -45.93 -23.22
N ARG B 353 -37.94 -45.14 -22.24
CA ARG B 353 -37.15 -43.98 -21.85
C ARG B 353 -37.47 -43.69 -20.39
N LYS B 354 -36.67 -44.21 -19.49
CA LYS B 354 -36.88 -43.92 -18.08
C LYS B 354 -36.11 -42.66 -17.71
N ARG B 355 -36.84 -41.64 -17.29
CA ARG B 355 -36.23 -40.45 -16.73
C ARG B 355 -35.91 -40.73 -15.27
N ILE B 356 -34.69 -40.41 -14.86
CA ILE B 356 -34.25 -40.69 -13.49
C ILE B 356 -34.29 -39.40 -12.69
N SER B 357 -35.12 -39.39 -11.67
CA SER B 357 -35.31 -38.26 -10.79
C SER B 357 -34.32 -38.34 -9.63
N ASN B 358 -34.56 -37.53 -8.61
CA ASN B 358 -33.64 -37.27 -7.51
C ASN B 358 -33.26 -38.52 -6.72
N CYS B 359 -31.96 -38.71 -6.52
CA CYS B 359 -31.42 -39.85 -5.81
C CYS B 359 -29.97 -39.59 -5.47
N VAL B 360 -29.35 -40.55 -4.80
CA VAL B 360 -27.91 -40.68 -4.78
C VAL B 360 -27.60 -41.90 -5.64
N ALA B 361 -26.68 -41.75 -6.57
CA ALA B 361 -26.52 -42.71 -7.65
C ALA B 361 -25.19 -43.41 -7.51
N ASP B 362 -25.22 -44.60 -6.93
CA ASP B 362 -24.02 -45.41 -6.77
C ASP B 362 -23.83 -46.24 -8.03
N TYR B 363 -22.85 -45.88 -8.83
CA TYR B 363 -22.63 -46.56 -10.10
C TYR B 363 -21.82 -47.83 -9.96
N SER B 364 -21.32 -48.13 -8.77
CA SER B 364 -20.59 -49.38 -8.55
C SER B 364 -21.47 -50.61 -8.69
N VAL B 365 -22.79 -50.47 -8.57
CA VAL B 365 -23.67 -51.59 -8.85
C VAL B 365 -23.79 -51.85 -10.35
N LEU B 366 -23.43 -50.88 -11.19
CA LEU B 366 -23.23 -51.17 -12.60
C LEU B 366 -22.01 -52.05 -12.79
N TYR B 367 -20.94 -51.72 -12.06
CA TYR B 367 -19.59 -52.10 -12.44
C TYR B 367 -19.30 -53.57 -12.16
N ASN B 368 -20.05 -54.19 -11.26
CA ASN B 368 -19.83 -55.57 -10.88
C ASN B 368 -21.12 -56.37 -10.98
N PHE B 369 -21.77 -56.30 -12.14
CA PHE B 369 -23.12 -56.81 -12.30
C PHE B 369 -23.20 -57.89 -13.38
N ALA B 370 -22.46 -57.70 -14.47
CA ALA B 370 -22.64 -58.49 -15.69
C ALA B 370 -21.31 -58.62 -16.40
N PRO B 371 -21.21 -59.50 -17.41
CA PRO B 371 -19.95 -59.57 -18.18
C PRO B 371 -19.66 -58.35 -19.05
N PHE B 372 -20.69 -57.64 -19.53
CA PHE B 372 -20.56 -56.32 -20.18
C PHE B 372 -19.70 -56.39 -21.45
N PHE B 373 -20.28 -57.00 -22.49
CA PHE B 373 -19.66 -57.04 -23.81
C PHE B 373 -19.17 -55.67 -24.29
N ALA B 374 -19.92 -54.61 -24.01
CA ALA B 374 -19.42 -53.29 -24.38
C ALA B 374 -19.82 -52.29 -23.33
N PHE B 375 -18.90 -51.40 -22.98
CA PHE B 375 -19.15 -50.40 -21.94
C PHE B 375 -18.36 -49.16 -22.31
N LYS B 376 -18.99 -48.26 -23.06
CA LYS B 376 -18.26 -47.12 -23.62
C LYS B 376 -18.87 -45.85 -23.07
N CYS B 377 -18.17 -45.21 -22.15
CA CYS B 377 -18.56 -43.89 -21.67
C CYS B 377 -17.88 -42.83 -22.52
N TYR B 378 -18.68 -41.88 -23.02
CA TYR B 378 -18.21 -40.99 -24.08
C TYR B 378 -17.78 -39.63 -23.58
N GLY B 379 -18.65 -38.88 -22.92
CA GLY B 379 -18.25 -37.58 -22.44
C GLY B 379 -17.51 -37.66 -21.13
N VAL B 380 -17.78 -38.70 -20.35
CA VAL B 380 -17.24 -38.86 -19.01
C VAL B 380 -16.32 -40.07 -19.03
N SER B 381 -15.42 -40.15 -18.06
CA SER B 381 -14.65 -41.36 -17.89
C SER B 381 -15.22 -42.16 -16.71
N PRO B 382 -15.41 -43.48 -16.87
CA PRO B 382 -16.23 -44.23 -15.92
C PRO B 382 -15.63 -44.42 -14.54
N THR B 383 -14.36 -44.10 -14.35
CA THR B 383 -13.77 -44.24 -13.03
C THR B 383 -14.12 -43.08 -12.10
N LYS B 384 -14.69 -42.00 -12.63
CA LYS B 384 -14.94 -40.80 -11.86
C LYS B 384 -16.42 -40.53 -11.63
N LEU B 385 -17.29 -41.49 -11.90
CA LEU B 385 -18.72 -41.19 -11.93
C LEU B 385 -19.31 -40.96 -10.55
N ASN B 386 -18.66 -41.45 -9.49
CA ASN B 386 -19.23 -41.38 -8.16
C ASN B 386 -18.97 -40.05 -7.47
N ASP B 387 -18.48 -39.05 -8.19
CA ASP B 387 -18.18 -37.76 -7.57
C ASP B 387 -18.67 -36.59 -8.41
N LEU B 388 -19.70 -36.78 -9.23
CA LEU B 388 -20.19 -35.75 -10.12
C LEU B 388 -21.69 -35.59 -9.92
N CYS B 389 -22.19 -34.40 -10.20
CA CYS B 389 -23.62 -34.13 -10.18
C CYS B 389 -24.14 -33.99 -11.60
N PHE B 390 -25.24 -34.65 -11.89
CA PHE B 390 -25.89 -34.58 -13.19
C PHE B 390 -27.28 -34.01 -12.98
N THR B 391 -27.86 -33.40 -14.03
CA THR B 391 -29.23 -32.92 -13.86
C THR B 391 -30.23 -33.97 -14.29
N ASN B 392 -30.19 -34.40 -15.54
CA ASN B 392 -31.11 -35.45 -15.96
C ASN B 392 -30.35 -36.63 -16.54
N VAL B 393 -30.71 -37.81 -16.10
CA VAL B 393 -30.11 -39.06 -16.51
C VAL B 393 -31.17 -39.84 -17.26
N TYR B 394 -31.17 -39.76 -18.57
CA TYR B 394 -32.16 -40.48 -19.36
C TYR B 394 -31.62 -41.85 -19.72
N ALA B 395 -32.36 -42.91 -19.36
CA ALA B 395 -31.94 -44.27 -19.63
C ALA B 395 -32.84 -44.86 -20.69
N ASP B 396 -32.30 -45.02 -21.89
CA ASP B 396 -32.98 -45.73 -22.97
C ASP B 396 -32.63 -47.19 -22.91
N SER B 397 -33.49 -48.04 -23.46
CA SER B 397 -33.31 -49.47 -23.28
C SER B 397 -33.95 -50.24 -24.40
N PHE B 398 -33.23 -51.18 -25.01
CA PHE B 398 -33.75 -51.96 -26.12
C PHE B 398 -32.90 -53.21 -26.32
N VAL B 399 -33.22 -54.01 -27.35
CA VAL B 399 -32.39 -55.14 -27.75
C VAL B 399 -32.00 -54.95 -29.21
N ILE B 400 -30.84 -55.50 -29.59
CA ILE B 400 -30.33 -55.45 -30.96
C ILE B 400 -29.46 -56.67 -31.22
N ARG B 401 -29.19 -56.94 -32.49
CA ARG B 401 -28.28 -58.01 -32.86
C ARG B 401 -26.84 -57.63 -32.52
N GLY B 402 -25.96 -58.62 -32.54
CA GLY B 402 -24.63 -58.43 -32.02
C GLY B 402 -23.68 -57.69 -32.95
N ASN B 403 -23.90 -57.80 -34.25
CA ASN B 403 -23.02 -57.07 -35.16
C ASN B 403 -23.46 -55.63 -35.37
N GLU B 404 -24.48 -55.18 -34.64
CA GLU B 404 -24.95 -53.81 -34.72
C GLU B 404 -24.75 -53.03 -33.44
N VAL B 405 -24.08 -53.61 -32.44
CA VAL B 405 -23.77 -52.90 -31.22
C VAL B 405 -22.82 -51.76 -31.48
N SER B 406 -21.97 -51.87 -32.50
CA SER B 406 -21.12 -50.75 -32.90
C SER B 406 -21.89 -49.61 -33.54
N GLN B 407 -23.17 -49.79 -33.86
CA GLN B 407 -23.94 -48.70 -34.42
C GLN B 407 -24.60 -47.83 -33.37
N ILE B 408 -24.55 -48.22 -32.10
CA ILE B 408 -25.01 -47.36 -31.02
C ILE B 408 -23.79 -46.52 -30.63
N ALA B 409 -23.57 -45.45 -31.37
CA ALA B 409 -22.47 -44.53 -31.18
C ALA B 409 -22.84 -43.23 -31.87
N PRO B 410 -22.29 -42.09 -31.44
CA PRO B 410 -22.59 -40.83 -32.12
C PRO B 410 -22.01 -40.82 -33.54
N GLY B 411 -22.89 -40.54 -34.50
CA GLY B 411 -22.47 -40.48 -35.88
C GLY B 411 -22.11 -41.82 -36.47
N GLN B 412 -23.10 -42.69 -36.67
CA GLN B 412 -22.88 -43.98 -37.28
C GLN B 412 -23.91 -44.21 -38.37
N THR B 413 -23.67 -45.22 -39.19
CA THR B 413 -24.59 -45.56 -40.27
C THR B 413 -24.93 -47.04 -40.19
N GLY B 414 -26.00 -47.42 -40.86
CA GLY B 414 -26.55 -48.75 -40.82
C GLY B 414 -27.95 -48.77 -40.24
N ASN B 415 -28.65 -49.88 -40.50
CA ASN B 415 -30.10 -49.93 -40.39
C ASN B 415 -30.63 -49.85 -38.96
N ILE B 416 -29.77 -49.75 -37.95
CA ILE B 416 -30.18 -49.39 -36.62
C ILE B 416 -30.01 -47.90 -36.38
N ALA B 417 -28.83 -47.36 -36.69
CA ALA B 417 -28.56 -45.98 -36.34
C ALA B 417 -29.21 -44.99 -37.31
N ASP B 418 -29.55 -45.40 -38.53
CA ASP B 418 -30.18 -44.44 -39.41
C ASP B 418 -31.62 -44.17 -38.99
N TYR B 419 -32.49 -45.18 -39.05
CA TYR B 419 -33.85 -45.04 -38.58
C TYR B 419 -34.25 -46.24 -37.72
N ASN B 420 -33.68 -46.31 -36.53
CA ASN B 420 -34.34 -46.94 -35.38
C ASN B 420 -34.03 -46.15 -34.12
N TYR B 421 -32.78 -45.70 -34.03
CA TYR B 421 -32.29 -45.02 -32.84
C TYR B 421 -31.06 -44.22 -33.24
N LYS B 422 -31.15 -42.91 -33.18
CA LYS B 422 -30.06 -42.05 -33.61
C LYS B 422 -29.47 -41.33 -32.43
N LEU B 423 -28.22 -41.64 -32.11
CA LEU B 423 -27.57 -40.84 -31.07
C LEU B 423 -27.13 -39.51 -31.64
N PRO B 424 -27.27 -38.43 -30.88
CA PRO B 424 -26.77 -37.14 -31.34
C PRO B 424 -25.25 -37.11 -31.38
N ASP B 425 -24.72 -36.15 -32.14
CA ASP B 425 -23.27 -35.95 -32.20
C ASP B 425 -22.76 -35.12 -31.03
N ASP B 426 -23.62 -34.73 -30.12
CA ASP B 426 -23.28 -33.95 -28.93
C ASP B 426 -23.46 -34.84 -27.72
N PHE B 427 -22.93 -36.06 -27.81
CA PHE B 427 -23.26 -37.08 -26.85
C PHE B 427 -22.27 -37.09 -25.70
N THR B 428 -22.81 -37.28 -24.49
CA THR B 428 -22.03 -37.31 -23.28
C THR B 428 -22.50 -38.36 -22.28
N GLY B 429 -23.10 -39.44 -22.75
CA GLY B 429 -23.59 -40.49 -21.90
C GLY B 429 -22.65 -41.66 -21.79
N CYS B 430 -23.21 -42.86 -21.86
CA CYS B 430 -22.47 -44.10 -21.75
C CYS B 430 -23.34 -45.22 -22.29
N VAL B 431 -22.81 -45.97 -23.23
CA VAL B 431 -23.53 -47.05 -23.90
C VAL B 431 -23.10 -48.37 -23.27
N ILE B 432 -24.05 -49.11 -22.71
CA ILE B 432 -23.78 -50.38 -22.05
C ILE B 432 -24.51 -51.46 -22.81
N ALA B 433 -23.85 -52.59 -23.04
CA ALA B 433 -24.46 -53.64 -23.83
C ALA B 433 -23.95 -54.99 -23.37
N TRP B 434 -24.86 -55.92 -23.15
CA TRP B 434 -24.44 -57.25 -22.76
C TRP B 434 -25.30 -58.31 -23.42
N ASN B 435 -24.71 -59.49 -23.60
CA ASN B 435 -25.40 -60.59 -24.25
C ASN B 435 -26.52 -61.11 -23.37
N SER B 436 -27.60 -61.52 -24.00
CA SER B 436 -28.71 -62.13 -23.29
C SER B 436 -29.29 -63.27 -24.11
N ASN B 437 -28.42 -64.11 -24.68
CA ASN B 437 -28.91 -65.26 -25.41
C ASN B 437 -29.50 -66.30 -24.48
N LYS B 438 -29.16 -66.24 -23.20
CA LYS B 438 -29.76 -67.07 -22.17
C LYS B 438 -31.22 -66.72 -21.93
N LEU B 439 -31.61 -65.50 -22.23
CA LEU B 439 -32.91 -65.04 -21.75
C LEU B 439 -33.86 -64.61 -22.86
N ASP B 440 -33.42 -63.80 -23.81
CA ASP B 440 -34.31 -63.16 -24.77
C ASP B 440 -34.49 -63.95 -26.05
N SER B 441 -34.03 -65.19 -26.10
CA SER B 441 -34.07 -65.97 -27.32
C SER B 441 -34.55 -67.36 -26.99
N LYS B 442 -35.54 -67.85 -27.72
CA LYS B 442 -36.06 -69.17 -27.47
C LYS B 442 -35.94 -70.03 -28.71
N VAL B 443 -35.98 -71.34 -28.51
CA VAL B 443 -35.95 -72.29 -29.60
C VAL B 443 -37.26 -72.23 -30.39
N GLY B 444 -37.15 -72.17 -31.70
CA GLY B 444 -38.32 -72.07 -32.53
C GLY B 444 -38.67 -70.66 -32.96
N GLY B 445 -37.75 -69.72 -32.86
CA GLY B 445 -38.01 -68.38 -33.34
C GLY B 445 -38.70 -67.52 -32.32
N ASN B 446 -38.18 -66.32 -32.10
CA ASN B 446 -38.76 -65.36 -31.17
C ASN B 446 -39.20 -64.16 -31.99
N TYR B 447 -40.48 -64.16 -32.37
CA TYR B 447 -41.03 -63.17 -33.30
C TYR B 447 -41.54 -61.92 -32.61
N ASN B 448 -41.02 -61.59 -31.44
CA ASN B 448 -41.48 -60.41 -30.71
C ASN B 448 -40.44 -59.31 -30.64
N TYR B 449 -39.33 -59.46 -31.35
CA TYR B 449 -38.38 -58.37 -31.49
C TYR B 449 -38.33 -57.96 -32.95
N ARG B 450 -38.69 -56.72 -33.22
CA ARG B 450 -38.82 -56.22 -34.58
C ARG B 450 -38.02 -54.95 -34.77
N TYR B 451 -37.53 -54.77 -35.98
CA TYR B 451 -36.82 -53.57 -36.35
C TYR B 451 -37.36 -53.06 -37.68
N ARG B 452 -37.36 -51.74 -37.83
CA ARG B 452 -37.88 -51.11 -39.02
C ARG B 452 -36.78 -50.94 -40.05
N LEU B 453 -36.99 -51.52 -41.22
CA LEU B 453 -35.94 -51.55 -42.22
C LEU B 453 -36.18 -50.63 -43.40
N PHE B 454 -37.42 -50.21 -43.67
CA PHE B 454 -37.70 -49.27 -44.75
C PHE B 454 -38.38 -48.03 -44.17
N ARG B 455 -37.93 -46.86 -44.60
CA ARG B 455 -38.56 -45.63 -44.18
C ARG B 455 -38.38 -44.58 -45.28
N LYS B 456 -39.07 -43.45 -45.12
CA LYS B 456 -38.91 -42.33 -46.02
C LYS B 456 -37.49 -41.78 -45.97
N SER B 457 -37.06 -41.32 -44.81
CA SER B 457 -35.69 -40.90 -44.61
C SER B 457 -35.30 -41.18 -43.17
N ASN B 458 -34.21 -40.57 -42.74
CA ASN B 458 -33.62 -40.88 -41.44
C ASN B 458 -34.46 -40.28 -40.30
N LEU B 459 -33.96 -40.48 -39.09
CA LEU B 459 -34.57 -39.84 -37.95
C LEU B 459 -33.72 -38.67 -37.49
N LYS B 460 -34.29 -37.83 -36.65
CA LYS B 460 -33.51 -36.90 -35.86
C LYS B 460 -32.93 -37.65 -34.67
N PRO B 461 -31.97 -37.05 -33.96
CA PRO B 461 -31.50 -37.65 -32.70
C PRO B 461 -32.63 -37.82 -31.69
N PHE B 462 -32.64 -38.99 -31.03
CA PHE B 462 -33.62 -39.38 -30.01
C PHE B 462 -35.05 -39.36 -30.56
N GLU B 463 -35.25 -39.87 -31.77
CA GLU B 463 -36.57 -39.86 -32.39
C GLU B 463 -37.17 -41.26 -32.41
N ARG B 464 -38.43 -41.35 -32.00
CA ARG B 464 -39.11 -42.63 -31.82
C ARG B 464 -40.37 -42.68 -32.65
N ASP B 465 -40.50 -43.72 -33.47
CA ASP B 465 -41.65 -43.89 -34.33
C ASP B 465 -42.26 -45.27 -34.11
N ILE B 466 -43.59 -45.34 -34.16
CA ILE B 466 -44.29 -46.60 -33.99
C ILE B 466 -45.24 -46.80 -35.17
N SER B 467 -44.87 -46.26 -36.32
CA SER B 467 -45.74 -46.32 -37.49
C SER B 467 -45.73 -47.72 -38.09
N THR B 468 -46.85 -48.09 -38.68
CA THR B 468 -47.02 -49.40 -39.33
C THR B 468 -47.65 -49.19 -40.72
N GLU B 469 -47.62 -47.94 -41.20
CA GLU B 469 -48.15 -47.66 -42.52
C GLU B 469 -47.20 -48.19 -43.59
N ILE B 470 -47.78 -48.81 -44.63
CA ILE B 470 -47.01 -49.48 -45.65
C ILE B 470 -46.25 -48.45 -46.48
N TYR B 471 -44.92 -48.54 -46.44
CA TYR B 471 -44.07 -47.67 -47.23
C TYR B 471 -44.27 -47.95 -48.72
N GLN B 472 -44.63 -46.91 -49.45
CA GLN B 472 -45.00 -47.01 -50.84
C GLN B 472 -43.76 -46.71 -51.69
N ALA B 473 -42.97 -47.74 -51.96
CA ALA B 473 -41.75 -47.56 -52.73
C ALA B 473 -42.04 -47.27 -54.19
N GLY B 474 -42.93 -48.05 -54.80
CA GLY B 474 -43.28 -47.85 -56.19
C GLY B 474 -44.11 -46.60 -56.41
N ASN B 475 -44.30 -46.29 -57.68
CA ASN B 475 -45.00 -45.07 -58.07
C ASN B 475 -46.51 -45.16 -57.84
N LYS B 476 -47.06 -46.37 -57.75
CA LYS B 476 -48.49 -46.51 -57.62
C LYS B 476 -48.88 -46.76 -56.17
N PRO B 477 -50.04 -46.27 -55.74
CA PRO B 477 -50.53 -46.63 -54.41
C PRO B 477 -50.99 -48.07 -54.36
N CYS B 478 -50.71 -48.72 -53.23
CA CYS B 478 -51.24 -50.03 -52.95
C CYS B 478 -52.13 -50.07 -51.72
N ASN B 479 -52.64 -48.90 -51.27
CA ASN B 479 -53.78 -48.65 -50.35
C ASN B 479 -53.93 -49.67 -49.21
N GLY B 480 -52.84 -49.93 -48.50
CA GLY B 480 -52.91 -50.79 -47.34
C GLY B 480 -52.79 -52.27 -47.63
N VAL B 481 -52.48 -52.64 -48.87
CA VAL B 481 -52.25 -54.04 -49.23
C VAL B 481 -50.82 -54.15 -49.75
N ALA B 482 -49.96 -54.80 -48.98
CA ALA B 482 -48.55 -54.86 -49.33
C ALA B 482 -48.32 -55.86 -50.47
N GLY B 483 -47.09 -55.90 -50.95
CA GLY B 483 -46.74 -56.77 -52.05
C GLY B 483 -45.59 -56.23 -52.86
N VAL B 484 -45.78 -56.12 -54.17
CA VAL B 484 -44.72 -55.64 -55.06
C VAL B 484 -44.56 -54.14 -54.91
N ASN B 485 -43.33 -53.71 -54.65
CA ASN B 485 -42.91 -52.31 -54.50
C ASN B 485 -43.62 -51.58 -53.37
N CYS B 486 -44.19 -52.31 -52.41
CA CYS B 486 -44.59 -51.74 -51.13
C CYS B 486 -44.62 -52.87 -50.11
N TYR B 487 -43.81 -52.75 -49.07
CA TYR B 487 -43.60 -53.80 -48.10
C TYR B 487 -44.07 -53.37 -46.72
N PHE B 488 -44.34 -54.35 -45.88
CA PHE B 488 -44.50 -54.10 -44.45
C PHE B 488 -43.20 -53.55 -43.90
N PRO B 489 -43.23 -52.54 -43.03
CA PRO B 489 -42.00 -51.88 -42.60
C PRO B 489 -41.29 -52.50 -41.41
N LEU B 490 -42.00 -53.21 -40.54
CA LEU B 490 -41.42 -53.75 -39.31
C LEU B 490 -41.15 -55.22 -39.54
N GLN B 491 -39.88 -55.60 -39.66
CA GLN B 491 -39.55 -57.00 -39.80
C GLN B 491 -39.09 -57.55 -38.47
N SER B 492 -39.55 -58.75 -38.15
CA SER B 492 -39.19 -59.43 -36.94
C SER B 492 -37.76 -59.95 -37.02
N TYR B 493 -37.06 -59.87 -35.89
CA TYR B 493 -35.78 -60.52 -35.76
C TYR B 493 -35.95 -62.02 -35.70
N GLY B 494 -34.81 -62.71 -35.60
CA GLY B 494 -34.71 -64.14 -35.59
C GLY B 494 -34.60 -64.64 -34.16
N PHE B 495 -33.36 -64.76 -33.69
CA PHE B 495 -32.99 -65.13 -32.32
C PHE B 495 -33.34 -66.58 -32.03
N ARG B 496 -32.89 -67.45 -32.91
CA ARG B 496 -32.69 -68.83 -32.56
C ARG B 496 -31.46 -68.92 -31.65
N PRO B 497 -31.39 -69.92 -30.77
CA PRO B 497 -30.19 -70.07 -29.96
C PRO B 497 -29.00 -70.57 -30.73
N THR B 498 -29.21 -71.27 -31.84
CA THR B 498 -28.09 -71.75 -32.64
C THR B 498 -27.71 -70.77 -33.74
N TYR B 499 -27.50 -69.52 -33.36
CA TYR B 499 -26.98 -68.49 -34.23
C TYR B 499 -25.62 -68.08 -33.71
N GLY B 500 -24.78 -67.59 -34.59
CA GLY B 500 -23.46 -67.15 -34.20
C GLY B 500 -23.53 -65.89 -33.35
N VAL B 501 -22.49 -65.66 -32.55
CA VAL B 501 -22.35 -64.39 -31.86
C VAL B 501 -22.15 -63.29 -32.90
N GLY B 502 -23.13 -62.40 -32.99
CA GLY B 502 -23.32 -61.57 -34.14
C GLY B 502 -24.69 -61.77 -34.76
N HIS B 503 -25.41 -62.77 -34.31
CA HIS B 503 -26.86 -62.82 -34.47
C HIS B 503 -27.56 -63.17 -33.17
N GLN B 504 -26.97 -62.82 -32.03
CA GLN B 504 -27.57 -63.14 -30.76
C GLN B 504 -28.23 -61.90 -30.16
N PRO B 505 -29.24 -62.06 -29.32
CA PRO B 505 -29.90 -60.90 -28.74
C PRO B 505 -29.04 -60.22 -27.70
N TYR B 506 -28.59 -59.02 -28.02
CA TYR B 506 -27.82 -58.21 -27.09
C TYR B 506 -28.70 -57.12 -26.51
N ARG B 507 -28.81 -57.09 -25.20
CA ARG B 507 -29.55 -56.04 -24.54
C ARG B 507 -28.67 -54.81 -24.44
N VAL B 508 -29.27 -53.63 -24.51
CA VAL B 508 -28.54 -52.37 -24.55
C VAL B 508 -29.26 -51.39 -23.65
N VAL B 509 -28.50 -50.69 -22.81
CA VAL B 509 -29.00 -49.54 -22.07
C VAL B 509 -28.10 -48.36 -22.37
N VAL B 510 -28.69 -47.28 -22.85
CA VAL B 510 -27.96 -46.07 -23.19
C VAL B 510 -28.27 -45.04 -22.13
N LEU B 511 -27.28 -44.68 -21.32
CA LEU B 511 -27.44 -43.60 -20.37
C LEU B 511 -27.03 -42.31 -21.05
N SER B 512 -27.81 -41.27 -20.85
CA SER B 512 -27.42 -39.96 -21.34
C SER B 512 -27.57 -38.96 -20.21
N PHE B 513 -26.44 -38.46 -19.73
CA PHE B 513 -26.40 -37.46 -18.68
C PHE B 513 -26.47 -36.10 -19.34
N GLU B 514 -27.20 -35.18 -18.75
CA GLU B 514 -27.06 -33.80 -19.15
C GLU B 514 -27.10 -32.93 -17.90
N LEU B 515 -26.39 -31.80 -17.98
CA LEU B 515 -26.35 -30.78 -16.93
C LEU B 515 -26.90 -29.47 -17.48
N LEU B 516 -28.19 -29.21 -17.26
CA LEU B 516 -28.88 -28.13 -18.00
C LEU B 516 -28.94 -26.80 -17.26
N HIS B 517 -29.73 -26.72 -16.18
CA HIS B 517 -29.90 -25.46 -15.47
C HIS B 517 -29.83 -25.56 -13.95
N ALA B 518 -30.31 -26.66 -13.36
CA ALA B 518 -30.62 -26.71 -11.94
C ALA B 518 -29.35 -26.66 -11.10
N PRO B 519 -29.37 -25.97 -9.97
CA PRO B 519 -28.15 -25.84 -9.16
C PRO B 519 -27.86 -27.08 -8.35
N ALA B 520 -28.85 -27.96 -8.19
CA ALA B 520 -28.66 -29.22 -7.46
C ALA B 520 -29.69 -30.23 -7.94
N THR B 521 -29.23 -31.45 -8.19
CA THR B 521 -30.01 -32.56 -8.74
C THR B 521 -29.42 -33.87 -8.23
N VAL B 522 -29.71 -34.96 -8.97
CA VAL B 522 -29.10 -36.27 -8.70
C VAL B 522 -27.59 -36.19 -8.73
N CYS B 523 -26.96 -36.61 -7.64
CA CYS B 523 -25.52 -36.54 -7.50
C CYS B 523 -25.03 -37.79 -6.79
N GLY B 524 -23.75 -38.10 -6.95
CA GLY B 524 -23.17 -39.28 -6.33
C GLY B 524 -22.98 -39.11 -4.84
N PRO B 525 -22.33 -40.10 -4.24
CA PRO B 525 -22.08 -40.12 -2.79
C PRO B 525 -20.66 -39.67 -2.51
N LYS B 526 -19.92 -40.46 -1.74
CA LYS B 526 -18.53 -40.15 -1.40
C LYS B 526 -18.05 -41.02 -0.24
N LYS B 527 -17.20 -40.44 0.62
CA LYS B 527 -16.67 -41.16 1.76
C LYS B 527 -17.61 -41.16 2.95
N SER B 528 -17.03 -41.42 4.12
CA SER B 528 -17.79 -41.46 5.35
C SER B 528 -16.89 -42.06 6.42
N THR B 529 -15.61 -41.71 6.34
CA THR B 529 -14.61 -42.19 7.28
C THR B 529 -15.13 -42.18 8.71
N ASN B 530 -14.52 -42.99 9.56
CA ASN B 530 -14.93 -43.06 10.95
C ASN B 530 -14.85 -41.71 11.64
N LEU B 531 -15.25 -41.68 12.90
CA LEU B 531 -15.22 -40.46 13.69
C LEU B 531 -14.20 -40.58 14.81
N VAL B 532 -13.00 -40.10 14.55
CA VAL B 532 -11.94 -40.14 15.55
C VAL B 532 -12.14 -38.94 16.45
N LYS B 533 -12.11 -39.14 17.76
CA LYS B 533 -12.32 -37.96 18.60
C LYS B 533 -11.09 -37.73 19.47
N ASN B 534 -10.97 -36.50 19.95
CA ASN B 534 -9.87 -36.06 20.80
C ASN B 534 -8.52 -36.13 20.11
N LYS B 535 -8.48 -35.94 18.79
CA LYS B 535 -7.24 -35.97 18.03
C LYS B 535 -7.25 -34.83 17.03
N CYS B 536 -6.10 -34.20 16.83
CA CYS B 536 -6.01 -33.19 15.79
C CYS B 536 -6.04 -33.90 14.44
N VAL B 537 -7.07 -33.62 13.66
CA VAL B 537 -7.32 -34.30 12.41
C VAL B 537 -7.68 -33.26 11.35
N ASN B 538 -7.67 -33.70 10.11
CA ASN B 538 -8.15 -32.89 8.98
C ASN B 538 -9.58 -33.35 8.72
N PHE B 539 -10.54 -32.44 8.85
CA PHE B 539 -11.94 -32.81 8.78
C PHE B 539 -12.65 -32.10 7.64
N ASN B 540 -13.75 -32.72 7.21
CA ASN B 540 -14.70 -32.13 6.27
C ASN B 540 -16.09 -32.58 6.70
N PHE B 541 -16.94 -31.62 7.04
CA PHE B 541 -18.33 -31.86 7.45
C PHE B 541 -19.25 -31.28 6.38
N ASN B 542 -19.68 -32.13 5.45
CA ASN B 542 -20.56 -31.80 4.33
C ASN B 542 -20.21 -30.49 3.65
N GLY B 543 -18.93 -30.29 3.34
CA GLY B 543 -18.52 -29.10 2.64
C GLY B 543 -17.58 -28.23 3.43
N LEU B 544 -17.73 -28.22 4.76
CA LEU B 544 -16.89 -27.40 5.64
C LEU B 544 -15.52 -28.05 5.73
N THR B 545 -14.51 -27.39 5.19
CA THR B 545 -13.15 -27.93 5.19
C THR B 545 -12.36 -27.22 6.27
N GLY B 546 -11.71 -27.98 7.15
CA GLY B 546 -10.89 -27.38 8.18
C GLY B 546 -9.98 -28.30 8.94
N THR B 547 -9.33 -27.78 9.97
CA THR B 547 -8.41 -28.55 10.80
C THR B 547 -8.72 -28.26 12.26
N GLY B 548 -8.55 -29.28 13.10
CA GLY B 548 -8.77 -29.08 14.52
C GLY B 548 -9.11 -30.36 15.22
N VAL B 549 -9.27 -30.23 16.52
CA VAL B 549 -9.60 -31.31 17.43
C VAL B 549 -11.11 -31.32 17.62
N LEU B 550 -11.69 -32.52 17.55
CA LEU B 550 -13.13 -32.73 17.67
C LEU B 550 -13.42 -33.19 19.10
N THR B 551 -14.38 -32.54 19.75
CA THR B 551 -14.74 -32.93 21.10
C THR B 551 -16.25 -32.87 21.30
N GLU B 552 -16.74 -33.63 22.27
CA GLU B 552 -18.16 -33.58 22.62
C GLU B 552 -18.56 -32.17 23.03
N SER B 553 -19.67 -31.69 22.49
CA SER B 553 -20.12 -30.35 22.77
C SER B 553 -21.23 -30.33 23.82
N ASN B 554 -21.63 -29.13 24.17
CA ASN B 554 -22.81 -28.94 25.01
C ASN B 554 -23.74 -27.87 24.43
N LYS B 555 -23.61 -27.55 23.14
CA LYS B 555 -24.48 -26.62 22.45
C LYS B 555 -25.70 -27.34 21.90
N LYS B 556 -26.73 -26.57 21.60
CA LYS B 556 -27.98 -27.11 21.08
C LYS B 556 -28.39 -26.32 19.84
N PHE B 557 -28.28 -26.99 18.70
CA PHE B 557 -28.64 -26.46 17.40
C PHE B 557 -30.11 -26.64 17.15
N LEU B 558 -30.68 -25.79 16.30
CA LEU B 558 -32.09 -25.90 15.95
C LEU B 558 -32.13 -26.89 14.81
N PRO B 559 -33.04 -27.94 14.99
CA PRO B 559 -33.08 -28.97 13.95
C PRO B 559 -32.75 -28.66 12.50
N PHE B 560 -32.71 -27.41 12.12
CA PHE B 560 -32.43 -27.09 10.73
C PHE B 560 -31.02 -26.61 10.53
N GLN B 561 -30.34 -26.33 11.63
CA GLN B 561 -28.96 -25.89 11.55
C GLN B 561 -27.91 -26.97 11.54
N GLN B 562 -26.94 -26.83 10.67
CA GLN B 562 -25.88 -27.79 10.52
C GLN B 562 -24.64 -27.50 11.33
N PHE B 563 -24.23 -26.26 11.35
CA PHE B 563 -23.03 -25.85 12.07
C PHE B 563 -23.24 -24.48 12.68
N GLY B 564 -22.40 -24.15 13.66
CA GLY B 564 -22.43 -22.88 14.32
C GLY B 564 -21.13 -22.12 14.13
N ARG B 565 -21.22 -20.81 14.31
CA ARG B 565 -20.05 -19.95 14.31
C ARG B 565 -20.03 -19.13 15.58
N ASP B 566 -18.84 -18.71 15.97
CA ASP B 566 -18.64 -17.91 17.17
C ASP B 566 -18.61 -16.43 16.81
N ILE B 567 -18.42 -15.59 17.81
CA ILE B 567 -18.22 -14.17 17.60
C ILE B 567 -16.91 -14.05 16.84
N ALA B 568 -16.87 -13.12 15.88
CA ALA B 568 -15.77 -12.94 14.93
C ALA B 568 -15.95 -13.85 13.73
N ASP B 569 -17.12 -14.50 13.64
CA ASP B 569 -17.53 -15.23 12.44
C ASP B 569 -16.61 -16.37 12.02
N THR B 570 -16.29 -17.27 12.94
CA THR B 570 -15.51 -18.46 12.61
C THR B 570 -16.26 -19.68 13.11
N THR B 571 -16.25 -20.75 12.32
CA THR B 571 -16.93 -21.98 12.68
C THR B 571 -16.38 -22.53 13.97
N ASP B 572 -17.25 -22.84 14.92
CA ASP B 572 -16.77 -23.41 16.18
C ASP B 572 -17.49 -24.68 16.59
N ALA B 573 -18.54 -25.09 15.89
CA ALA B 573 -19.20 -26.33 16.16
C ALA B 573 -19.84 -26.83 14.87
N VAL B 574 -19.92 -28.15 14.71
CA VAL B 574 -20.57 -28.76 13.56
C VAL B 574 -21.47 -29.88 14.05
N ARG B 575 -22.26 -30.41 13.15
CA ARG B 575 -23.15 -31.51 13.42
C ARG B 575 -22.73 -32.60 12.43
N ASP B 576 -22.44 -33.80 12.91
CA ASP B 576 -21.96 -34.87 12.03
C ASP B 576 -23.10 -35.30 11.12
N PRO B 577 -22.95 -35.22 9.81
CA PRO B 577 -24.05 -35.57 8.91
C PRO B 577 -24.58 -36.98 9.13
N GLN B 578 -23.69 -37.92 9.41
CA GLN B 578 -24.09 -39.33 9.58
C GLN B 578 -24.68 -39.73 10.93
N THR B 579 -24.11 -39.22 12.02
CA THR B 579 -24.60 -39.57 13.34
C THR B 579 -25.46 -38.50 13.99
N LEU B 580 -25.46 -37.27 13.44
CA LEU B 580 -26.27 -36.15 13.94
C LEU B 580 -25.92 -35.79 15.39
N GLU B 581 -24.64 -35.63 15.66
CA GLU B 581 -24.17 -35.20 16.96
C GLU B 581 -23.36 -33.91 16.83
N ILE B 582 -23.49 -33.07 17.83
CA ILE B 582 -22.85 -31.75 17.82
C ILE B 582 -21.49 -31.88 18.47
N LEU B 583 -20.47 -31.40 17.78
CA LEU B 583 -19.08 -31.51 18.21
C LEU B 583 -18.42 -30.15 18.14
N ASP B 584 -17.69 -29.78 19.20
CA ASP B 584 -16.91 -28.57 19.17
C ASP B 584 -15.57 -28.80 18.48
N ILE B 585 -15.05 -27.71 17.92
CA ILE B 585 -13.79 -27.70 17.21
C ILE B 585 -12.86 -26.75 17.95
N THR B 586 -11.82 -27.30 18.55
CA THR B 586 -10.83 -26.47 19.21
C THR B 586 -9.70 -26.41 18.19
N PRO B 587 -8.91 -25.35 18.21
CA PRO B 587 -7.80 -25.21 17.26
C PRO B 587 -6.60 -26.09 17.62
N CYS B 588 -5.73 -26.37 16.66
CA CYS B 588 -4.54 -27.19 16.89
C CYS B 588 -3.48 -26.40 17.65
N SER B 589 -3.19 -26.83 18.87
CA SER B 589 -2.18 -26.18 19.72
C SER B 589 -0.98 -25.61 18.96
N PHE B 590 -0.38 -24.56 19.49
CA PHE B 590 0.77 -23.95 18.86
C PHE B 590 1.31 -22.86 19.77
N GLY B 591 2.20 -22.02 19.23
CA GLY B 591 2.73 -20.94 20.02
C GLY B 591 4.21 -20.74 19.83
N GLY B 592 4.74 -19.62 20.29
CA GLY B 592 6.16 -19.37 20.10
C GLY B 592 7.04 -20.24 20.97
N VAL B 593 8.28 -20.38 20.55
CA VAL B 593 9.28 -21.12 21.30
C VAL B 593 10.43 -20.19 21.60
N SER B 594 10.70 -20.10 22.91
CA SER B 594 11.72 -19.25 23.52
C SER B 594 12.59 -19.98 24.53
N VAL B 595 13.90 -19.94 24.34
CA VAL B 595 14.87 -20.59 25.17
C VAL B 595 15.32 -19.73 26.32
N ILE B 596 15.38 -20.28 27.52
CA ILE B 596 15.79 -19.56 28.71
C ILE B 596 17.22 -19.89 29.05
N THR B 597 18.16 -19.07 28.60
CA THR B 597 19.57 -19.34 28.85
C THR B 597 20.13 -18.49 29.97
N PRO B 598 21.01 -19.08 30.79
CA PRO B 598 21.63 -18.34 31.89
C PRO B 598 22.97 -17.75 31.47
N GLY B 599 22.99 -17.04 30.35
CA GLY B 599 24.22 -16.44 29.87
C GLY B 599 25.16 -17.46 29.26
N THR B 600 25.57 -17.24 28.02
CA THR B 600 26.47 -18.18 27.37
C THR B 600 27.87 -18.07 27.97
N ASN B 601 28.09 -17.01 28.73
CA ASN B 601 29.39 -16.78 29.35
C ASN B 601 29.62 -17.68 30.54
N THR B 602 28.54 -18.14 31.15
CA THR B 602 28.64 -19.00 32.31
C THR B 602 28.23 -20.43 32.04
N SER B 603 27.50 -20.70 30.98
CA SER B 603 27.08 -22.09 30.80
C SER B 603 26.48 -22.21 29.41
N ASN B 604 26.29 -23.46 28.98
CA ASN B 604 25.60 -23.75 27.73
C ASN B 604 24.31 -24.49 27.97
N GLN B 605 23.85 -24.58 29.21
CA GLN B 605 22.60 -25.24 29.43
C GLN B 605 21.53 -24.26 28.98
N VAL B 606 20.30 -24.73 28.80
CA VAL B 606 19.16 -23.93 28.42
C VAL B 606 17.90 -24.66 28.82
N ALA B 607 16.85 -23.91 29.11
CA ALA B 607 15.52 -24.45 29.33
C ALA B 607 14.55 -23.80 28.35
N VAL B 608 13.47 -24.50 28.02
CA VAL B 608 12.54 -24.02 27.02
C VAL B 608 11.13 -23.99 27.60
N LEU B 609 10.44 -22.88 27.42
CA LEU B 609 9.05 -22.73 27.81
C LEU B 609 8.18 -22.70 26.55
N TYR B 610 7.22 -23.60 26.47
CA TYR B 610 6.25 -23.63 25.39
C TYR B 610 5.00 -22.95 25.90
N GLN B 611 4.75 -21.73 25.44
CA GLN B 611 3.62 -20.89 25.88
C GLN B 611 2.21 -21.45 25.72
N GLY B 612 1.56 -21.70 26.85
CA GLY B 612 0.25 -22.33 26.94
C GLY B 612 0.15 -23.62 26.11
N VAL B 613 1.21 -24.41 26.22
CA VAL B 613 1.24 -25.74 25.63
C VAL B 613 1.28 -26.75 26.76
N ASN B 614 0.42 -27.74 26.68
CA ASN B 614 0.43 -28.77 27.70
C ASN B 614 1.63 -29.68 27.50
N CYS B 615 2.18 -30.17 28.59
CA CYS B 615 3.39 -30.97 28.52
C CYS B 615 3.16 -32.34 27.94
N THR B 616 1.94 -32.64 27.49
CA THR B 616 1.60 -33.93 26.88
C THR B 616 1.50 -33.79 25.36
N GLU B 617 1.56 -32.55 24.88
CA GLU B 617 1.38 -32.30 23.46
C GLU B 617 2.56 -31.52 22.90
N VAL B 618 3.72 -31.66 23.54
CA VAL B 618 4.92 -30.96 23.10
C VAL B 618 5.59 -31.69 21.93
N PRO B 619 5.81 -33.01 21.99
CA PRO B 619 6.55 -33.58 20.87
C PRO B 619 5.65 -33.93 19.69
N SER B 638 13.93 -36.42 33.43
CA SER B 638 14.21 -35.00 33.34
C SER B 638 13.25 -34.17 34.20
N ASN B 639 13.28 -32.87 34.00
CA ASN B 639 12.54 -31.93 34.83
C ASN B 639 11.43 -31.29 34.01
N VAL B 640 10.21 -31.76 34.19
CA VAL B 640 9.06 -31.21 33.50
C VAL B 640 8.10 -30.68 34.55
N PHE B 641 7.71 -29.43 34.39
CA PHE B 641 6.85 -28.74 35.34
C PHE B 641 5.76 -28.06 34.55
N GLN B 642 4.52 -28.27 34.96
CA GLN B 642 3.39 -27.61 34.33
C GLN B 642 2.98 -26.39 35.13
N THR B 643 2.92 -25.26 34.46
CA THR B 643 2.49 -24.01 35.04
C THR B 643 1.35 -23.45 34.20
N ARG B 644 0.60 -22.52 34.77
CA ARG B 644 -0.51 -21.91 34.07
C ARG B 644 -0.04 -21.08 32.88
N ALA B 645 1.26 -20.83 32.76
CA ALA B 645 1.82 -20.05 31.67
C ALA B 645 2.34 -20.90 30.52
N GLY B 646 2.24 -22.22 30.62
CA GLY B 646 2.76 -23.12 29.61
C GLY B 646 3.54 -24.26 30.21
N CYS B 647 4.27 -24.95 29.34
CA CYS B 647 5.08 -26.08 29.76
C CYS B 647 6.55 -25.71 29.87
N LEU B 648 7.10 -25.90 31.07
CA LEU B 648 8.47 -25.57 31.37
C LEU B 648 9.31 -26.85 31.42
N ILE B 649 10.35 -26.93 30.59
CA ILE B 649 11.18 -28.11 30.48
C ILE B 649 12.62 -27.73 30.73
N GLY B 650 13.30 -28.49 31.58
CA GLY B 650 14.71 -28.29 31.82
C GLY B 650 15.05 -27.56 33.10
N ALA B 651 14.06 -27.23 33.92
CA ALA B 651 14.26 -26.60 35.21
C ALA B 651 13.37 -27.29 36.22
N GLU B 652 13.88 -27.45 37.45
CA GLU B 652 13.08 -28.02 38.51
C GLU B 652 12.38 -26.93 39.30
N TYR B 653 11.12 -27.16 39.61
CA TYR B 653 10.33 -26.17 40.36
C TYR B 653 10.39 -26.44 41.85
N VAL B 654 10.80 -25.42 42.59
CA VAL B 654 10.95 -25.50 44.04
C VAL B 654 9.91 -24.61 44.70
N ASN B 655 9.73 -24.79 46.00
CA ASN B 655 8.75 -24.03 46.77
C ASN B 655 9.34 -22.85 47.51
N ASN B 656 10.67 -22.70 47.49
CA ASN B 656 11.33 -21.56 48.10
C ASN B 656 11.11 -20.32 47.24
N SER B 657 11.74 -19.21 47.65
CA SER B 657 11.63 -17.99 46.89
C SER B 657 12.90 -17.18 46.92
N TYR B 658 13.24 -16.57 45.80
CA TYR B 658 14.44 -15.74 45.71
C TYR B 658 14.05 -14.50 44.95
N GLU B 659 15.02 -13.66 44.61
CA GLU B 659 14.72 -12.47 43.87
C GLU B 659 14.62 -12.82 42.40
N CYS B 660 13.80 -12.11 41.65
CA CYS B 660 13.67 -12.39 40.25
C CYS B 660 15.03 -12.37 39.61
N ASP B 661 15.29 -13.31 38.72
CA ASP B 661 16.55 -13.38 38.01
C ASP B 661 16.26 -13.27 36.54
N ILE B 662 15.62 -14.29 35.98
CA ILE B 662 15.25 -14.32 34.59
C ILE B 662 13.75 -14.49 34.62
N PRO B 663 12.98 -13.35 34.38
CA PRO B 663 11.53 -13.56 34.48
C PRO B 663 10.94 -14.55 33.52
N ILE B 664 10.18 -15.52 34.01
CA ILE B 664 9.54 -16.51 33.16
C ILE B 664 8.09 -16.13 32.89
N GLY B 665 7.44 -15.47 33.82
CA GLY B 665 6.06 -15.07 33.63
C GLY B 665 5.10 -15.64 34.60
N ALA B 666 4.16 -14.83 35.05
CA ALA B 666 3.12 -15.24 36.00
C ALA B 666 3.57 -15.54 37.41
N GLY B 667 4.72 -15.04 37.81
CA GLY B 667 5.23 -15.27 39.14
C GLY B 667 6.46 -16.15 39.27
N ILE B 668 6.89 -16.79 38.18
CA ILE B 668 8.03 -17.70 38.15
C ILE B 668 9.31 -17.13 37.56
N CYS B 669 10.49 -17.61 38.01
CA CYS B 669 11.81 -17.18 37.53
C CYS B 669 12.80 -18.36 37.44
N ALA B 670 14.09 -18.11 37.19
CA ALA B 670 15.11 -19.19 37.14
C ALA B 670 16.55 -18.64 37.20
N SER B 671 17.52 -19.48 37.52
CA SER B 671 18.86 -18.97 37.53
C SER B 671 19.81 -20.07 37.86
N TYR B 672 21.05 -19.92 37.45
CA TYR B 672 22.04 -20.93 37.74
C TYR B 672 22.08 -21.09 39.25
N GLN B 673 21.88 -22.30 39.75
CA GLN B 673 21.91 -22.51 41.19
C GLN B 673 23.15 -23.30 41.60
N THR B 674 22.99 -24.27 42.49
CA THR B 674 24.12 -25.06 42.95
C THR B 674 23.69 -26.44 43.43
N GLN B 688 25.60 -24.25 38.48
CA GLN B 688 25.59 -25.70 38.30
C GLN B 688 24.21 -26.29 38.05
N SER B 689 23.27 -25.49 37.56
CA SER B 689 21.92 -25.94 37.29
C SER B 689 20.99 -24.78 37.04
N ILE B 690 19.78 -25.09 36.59
CA ILE B 690 18.80 -24.06 36.32
C ILE B 690 17.62 -24.39 37.19
N ILE B 691 16.92 -23.37 37.69
CA ILE B 691 15.77 -23.60 38.54
C ILE B 691 14.64 -22.61 38.32
N ALA B 692 13.45 -22.97 38.72
CA ALA B 692 12.31 -22.08 38.58
C ALA B 692 11.85 -21.94 40.01
N TYR B 693 10.89 -21.07 40.30
CA TYR B 693 10.43 -20.92 41.67
C TYR B 693 9.45 -19.78 41.75
N THR B 694 8.62 -19.72 42.77
CA THR B 694 7.67 -18.62 42.81
C THR B 694 8.41 -17.48 43.44
N MET B 695 8.79 -16.49 42.64
CA MET B 695 9.55 -15.35 43.15
C MET B 695 8.99 -14.81 44.44
N SER B 696 9.84 -14.22 45.26
CA SER B 696 9.43 -13.64 46.52
C SER B 696 9.47 -12.16 46.34
N LEU B 697 8.56 -11.46 47.00
CA LEU B 697 8.46 -10.02 46.86
C LEU B 697 9.43 -9.19 47.67
N GLY B 698 10.12 -9.81 48.62
CA GLY B 698 11.08 -9.07 49.42
C GLY B 698 11.11 -9.52 50.85
N ALA B 699 12.13 -9.07 51.58
CA ALA B 699 12.27 -9.45 52.97
C ALA B 699 11.07 -8.98 53.73
N GLU B 700 10.62 -9.77 54.67
CA GLU B 700 9.45 -9.44 55.45
C GLU B 700 9.89 -8.66 56.68
N ASN B 701 9.08 -7.68 57.09
CA ASN B 701 9.46 -6.98 58.30
C ASN B 701 8.25 -6.35 58.95
N SER B 702 8.12 -6.61 60.24
CA SER B 702 7.13 -5.99 61.10
C SER B 702 7.70 -4.73 61.74
N VAL B 703 6.91 -3.67 61.69
CA VAL B 703 7.21 -2.43 62.38
C VAL B 703 6.75 -2.59 63.82
N ALA B 704 7.59 -2.16 64.75
CA ALA B 704 7.29 -2.31 66.16
C ALA B 704 6.37 -1.20 66.66
N TYR B 705 5.17 -1.17 66.10
CA TYR B 705 4.21 -0.12 66.44
C TYR B 705 3.66 -0.32 67.85
N SER B 706 3.50 0.77 68.59
CA SER B 706 2.68 0.78 69.79
C SER B 706 2.01 2.13 69.93
N ASN B 707 1.17 2.32 70.95
CA ASN B 707 0.45 3.58 71.04
C ASN B 707 1.22 4.67 71.77
N ASN B 708 2.43 4.40 72.24
CA ASN B 708 3.21 5.45 72.88
C ASN B 708 4.71 5.31 72.63
N SER B 709 5.09 4.74 71.50
CA SER B 709 6.48 4.49 71.18
C SER B 709 6.86 5.25 69.92
N ILE B 710 8.10 5.76 69.89
CA ILE B 710 8.63 6.45 68.72
C ILE B 710 10.05 5.99 68.48
N ALA B 711 10.49 6.07 67.22
CA ALA B 711 11.86 5.78 66.82
C ALA B 711 12.45 6.99 66.14
N ILE B 712 13.60 7.46 66.62
CA ILE B 712 14.27 8.65 66.12
C ILE B 712 15.70 8.28 65.78
N PRO B 713 16.22 8.68 64.62
CA PRO B 713 17.62 8.41 64.29
C PRO B 713 18.60 9.22 65.13
N THR B 714 19.74 8.60 65.43
CA THR B 714 20.82 9.29 66.13
C THR B 714 22.06 9.54 65.26
N ASN B 715 22.03 9.05 64.03
CA ASN B 715 23.14 9.25 63.11
C ASN B 715 22.58 9.23 61.69
N PHE B 716 23.44 9.44 60.72
CA PHE B 716 23.02 9.53 59.32
C PHE B 716 24.19 9.21 58.42
N THR B 717 23.88 8.94 57.16
CA THR B 717 24.88 8.86 56.10
C THR B 717 24.45 9.73 54.91
N ILE B 718 25.43 10.10 54.11
CA ILE B 718 25.22 10.79 52.83
C ILE B 718 25.37 9.77 51.72
N SER B 719 24.34 9.62 50.90
CA SER B 719 24.35 8.66 49.81
C SER B 719 24.45 9.38 48.48
N VAL B 720 24.99 8.69 47.47
CA VAL B 720 25.03 9.17 46.10
C VAL B 720 24.45 8.10 45.19
N THR B 721 23.54 8.51 44.31
CA THR B 721 22.94 7.58 43.35
C THR B 721 22.91 8.19 41.97
N THR B 722 22.92 7.34 40.95
CA THR B 722 22.88 7.78 39.57
C THR B 722 21.49 7.65 38.99
N GLU B 723 21.20 8.53 38.05
CA GLU B 723 20.03 8.42 37.18
C GLU B 723 20.46 8.82 35.79
N ILE B 724 20.00 8.09 34.78
CA ILE B 724 20.45 8.28 33.41
C ILE B 724 19.25 8.56 32.54
N LEU B 725 19.34 9.58 31.69
CA LEU B 725 18.25 9.91 30.80
C LEU B 725 18.76 10.19 29.39
N PRO B 726 18.15 9.58 28.37
CA PRO B 726 18.48 9.93 26.99
C PRO B 726 17.94 11.30 26.60
N VAL B 727 18.66 11.98 25.73
CA VAL B 727 18.18 13.28 25.26
C VAL B 727 18.07 13.39 23.74
N SER B 728 18.77 12.58 22.94
CA SER B 728 18.70 12.77 21.50
C SER B 728 19.03 11.49 20.75
N MET B 729 18.62 11.45 19.48
CA MET B 729 18.96 10.43 18.50
C MET B 729 19.82 11.00 17.40
N THR B 730 20.35 10.11 16.56
CA THR B 730 21.01 10.52 15.32
C THR B 730 20.00 11.01 14.30
N LYS B 731 20.37 12.07 13.60
CA LYS B 731 19.54 12.67 12.58
C LYS B 731 19.80 11.97 11.26
N THR B 732 18.77 11.44 10.66
CA THR B 732 18.90 10.69 9.42
C THR B 732 18.14 11.41 8.33
N SER B 733 18.58 11.18 7.09
CA SER B 733 17.90 11.69 5.91
C SER B 733 18.01 10.67 4.76
N VAL B 734 16.90 10.44 4.07
CA VAL B 734 16.85 9.46 3.00
C VAL B 734 16.59 10.20 1.71
N ASP B 735 17.36 9.90 0.68
CA ASP B 735 17.10 10.39 -0.67
C ASP B 735 16.06 9.48 -1.30
N CYS B 736 14.82 9.97 -1.40
CA CYS B 736 13.70 9.15 -1.87
C CYS B 736 13.96 8.59 -3.26
N THR B 737 14.43 9.43 -4.17
CA THR B 737 14.67 8.99 -5.54
C THR B 737 15.80 7.98 -5.62
N MET B 738 16.87 8.15 -4.84
CA MET B 738 17.97 7.21 -4.89
C MET B 738 17.68 5.92 -4.14
N TYR B 739 16.82 5.96 -3.14
CA TYR B 739 16.44 4.74 -2.46
C TYR B 739 15.56 3.89 -3.36
N ILE B 740 14.52 4.49 -3.93
CA ILE B 740 13.58 3.69 -4.71
C ILE B 740 14.21 3.34 -6.05
N CYS B 741 14.27 4.29 -6.96
CA CYS B 741 14.80 4.05 -8.29
C CYS B 741 16.23 3.54 -8.18
N GLY B 742 17.14 4.43 -7.84
CA GLY B 742 18.55 4.10 -7.75
C GLY B 742 19.27 4.25 -9.07
N ASP B 743 19.81 5.44 -9.31
CA ASP B 743 20.63 5.71 -10.49
C ASP B 743 19.82 5.82 -11.78
N SER B 744 19.04 4.79 -12.09
CA SER B 744 18.23 4.77 -13.30
C SER B 744 17.49 6.08 -13.53
N THR B 745 17.30 6.44 -14.79
CA THR B 745 16.64 7.71 -15.12
C THR B 745 15.29 7.49 -15.79
N GLU B 746 15.04 6.28 -16.28
CA GLU B 746 13.75 5.96 -16.88
C GLU B 746 12.74 5.87 -15.75
N CYS B 747 13.24 5.53 -14.57
CA CYS B 747 12.45 5.42 -13.36
C CYS B 747 11.95 6.77 -12.87
N SER B 748 12.77 7.81 -13.00
CA SER B 748 12.38 9.10 -12.45
C SER B 748 11.07 9.61 -13.01
N ASN B 749 10.83 9.42 -14.31
CA ASN B 749 9.55 9.84 -14.86
C ASN B 749 8.40 9.02 -14.34
N LEU B 750 8.64 7.75 -14.00
CA LEU B 750 7.59 6.94 -13.42
C LEU B 750 7.29 7.32 -11.99
N LEU B 751 8.33 7.67 -11.22
CA LEU B 751 8.14 8.03 -9.82
C LEU B 751 7.37 9.32 -9.66
N LEU B 752 7.51 10.25 -10.60
CA LEU B 752 6.74 11.49 -10.59
C LEU B 752 5.24 11.26 -10.69
N GLN B 753 4.82 10.07 -11.13
CA GLN B 753 3.42 9.76 -11.34
C GLN B 753 2.69 9.39 -10.07
N TYR B 754 3.38 9.30 -8.95
CA TYR B 754 2.76 8.97 -7.68
C TYR B 754 2.48 10.18 -6.81
N GLY B 755 2.76 11.38 -7.30
CA GLY B 755 2.41 12.56 -6.55
C GLY B 755 3.51 12.99 -5.62
N SER B 756 3.14 13.50 -4.46
CA SER B 756 4.07 14.18 -3.57
C SER B 756 4.52 13.32 -2.41
N PHE B 757 4.60 12.00 -2.59
CA PHE B 757 5.05 11.15 -1.49
C PHE B 757 6.47 11.47 -1.05
N CYS B 758 7.36 11.79 -1.98
CA CYS B 758 8.73 12.14 -1.65
C CYS B 758 8.87 13.49 -0.96
N THR B 759 7.96 14.42 -1.22
CA THR B 759 7.93 15.68 -0.49
C THR B 759 7.50 15.47 0.96
N GLN B 760 6.50 14.61 1.17
CA GLN B 760 6.05 14.30 2.52
C GLN B 760 7.16 13.68 3.36
N LEU B 761 7.96 12.80 2.77
CA LEU B 761 9.04 12.18 3.53
C LEU B 761 10.09 13.20 3.97
N LYS B 762 10.44 14.13 3.08
CA LYS B 762 11.40 15.16 3.45
C LYS B 762 10.86 16.10 4.49
N ARG B 763 9.59 16.50 4.39
CA ARG B 763 9.04 17.37 5.41
C ARG B 763 8.97 16.69 6.76
N ALA B 764 8.55 15.44 6.79
CA ALA B 764 8.43 14.71 8.04
C ALA B 764 9.77 14.54 8.71
N LEU B 765 10.79 14.15 7.96
CA LEU B 765 12.10 13.95 8.56
C LEU B 765 12.76 15.26 8.97
N THR B 766 12.52 16.36 8.28
CA THR B 766 13.05 17.64 8.71
C THR B 766 12.48 18.08 10.05
N GLY B 767 11.19 17.82 10.29
CA GLY B 767 10.62 18.12 11.59
C GLY B 767 11.35 17.45 12.73
N ILE B 768 11.68 16.16 12.59
CA ILE B 768 12.49 15.44 13.54
C ILE B 768 13.87 16.04 13.70
N ALA B 769 14.54 16.34 12.59
CA ALA B 769 15.89 16.87 12.62
C ALA B 769 16.00 18.20 13.35
N VAL B 770 14.99 19.06 13.23
CA VAL B 770 15.05 20.33 13.93
C VAL B 770 14.77 20.14 15.42
N GLU B 771 13.85 19.25 15.77
CA GLU B 771 13.52 19.07 17.19
C GLU B 771 14.66 18.44 17.98
N GLN B 772 15.48 17.60 17.35
CA GLN B 772 16.54 16.92 18.08
C GLN B 772 17.62 17.86 18.57
N ASP B 773 17.85 18.97 17.90
CA ASP B 773 18.79 19.97 18.40
C ASP B 773 18.18 20.85 19.46
N LYS B 774 16.90 21.12 19.36
CA LYS B 774 16.19 21.85 20.39
C LYS B 774 16.08 21.06 21.68
N ASN B 775 15.89 19.74 21.58
CA ASN B 775 15.88 18.90 22.77
C ASN B 775 17.14 19.10 23.62
N THR B 776 18.30 19.14 22.97
CA THR B 776 19.58 19.29 23.65
C THR B 776 19.74 20.68 24.25
N GLN B 777 19.33 21.71 23.53
CA GLN B 777 19.44 23.07 24.05
C GLN B 777 18.59 23.24 25.30
N GLU B 778 17.39 22.68 25.31
CA GLU B 778 16.54 22.81 26.48
C GLU B 778 17.06 22.06 27.69
N VAL B 779 17.75 20.94 27.51
CA VAL B 779 18.29 20.27 28.69
C VAL B 779 19.54 20.96 29.20
N PHE B 780 20.46 21.34 28.31
CA PHE B 780 21.75 21.84 28.79
C PHE B 780 21.91 23.35 28.76
N ALA B 781 21.30 24.07 27.82
CA ALA B 781 21.58 25.49 27.66
C ALA B 781 20.69 26.33 28.58
N GLN B 782 20.81 26.07 29.87
CA GLN B 782 20.07 26.75 30.92
C GLN B 782 20.94 27.70 31.72
N VAL B 783 22.02 28.20 31.13
CA VAL B 783 22.88 29.11 31.86
C VAL B 783 23.31 30.23 30.90
N LYS B 784 23.27 31.45 31.42
CA LYS B 784 23.59 32.62 30.60
C LYS B 784 25.09 32.74 30.37
N GLN B 785 25.86 32.76 31.44
CA GLN B 785 27.29 32.98 31.40
C GLN B 785 28.00 31.67 31.68
N ILE B 786 29.25 31.61 31.26
CA ILE B 786 30.07 30.41 31.47
C ILE B 786 30.88 30.66 32.72
N TYR B 787 30.53 29.98 33.80
CA TYR B 787 31.20 30.13 35.08
C TYR B 787 32.46 29.29 35.16
N LYS B 788 33.43 29.77 35.91
CA LYS B 788 34.67 29.06 36.20
C LYS B 788 34.93 29.00 37.70
N THR B 789 35.54 27.91 38.14
CA THR B 789 35.93 27.77 39.53
C THR B 789 37.26 28.48 39.76
N PRO B 790 37.54 28.88 41.00
CA PRO B 790 38.84 29.49 41.29
C PRO B 790 39.95 28.47 41.24
N PRO B 791 41.15 28.95 40.95
CA PRO B 791 42.34 28.10 40.84
C PRO B 791 42.58 27.16 42.00
N ILE B 792 42.37 27.63 43.23
CA ILE B 792 42.72 26.86 44.41
C ILE B 792 41.98 25.52 44.39
N LYS B 793 40.70 25.56 44.08
CA LYS B 793 39.86 24.37 44.11
C LYS B 793 39.89 23.59 45.41
N TYR B 794 39.65 24.28 46.52
CA TYR B 794 39.57 23.61 47.81
C TYR B 794 38.38 24.17 48.58
N PHE B 795 37.27 23.45 48.58
CA PHE B 795 36.01 23.97 49.11
C PHE B 795 35.76 23.37 50.48
N GLY B 796 36.40 23.94 51.50
CA GLY B 796 36.25 23.49 52.86
C GLY B 796 36.41 21.99 53.10
N GLY B 797 37.10 21.33 52.18
CA GLY B 797 37.36 19.91 52.32
C GLY B 797 36.77 19.15 51.15
N PHE B 798 35.47 19.15 51.08
CA PHE B 798 34.81 18.49 49.96
C PHE B 798 35.71 18.51 48.74
N ASN B 799 35.87 17.35 48.12
CA ASN B 799 36.79 17.17 47.01
C ASN B 799 35.99 16.78 45.80
N PHE B 800 35.95 17.66 44.80
CA PHE B 800 35.08 17.49 43.64
C PHE B 800 35.88 17.15 42.39
N SER B 801 37.11 16.70 42.54
CA SER B 801 37.97 16.50 41.37
C SER B 801 37.43 15.47 40.41
N GLN B 802 36.57 14.57 40.86
CA GLN B 802 36.05 13.55 39.96
C GLN B 802 34.94 14.06 39.08
N ILE B 803 34.39 15.25 39.33
CA ILE B 803 33.32 15.79 38.51
C ILE B 803 33.71 17.10 37.84
N LEU B 804 34.80 17.68 38.19
CA LEU B 804 35.25 18.87 37.50
C LEU B 804 36.17 18.48 36.35
N PRO B 805 36.32 19.35 35.35
CA PRO B 805 37.19 19.01 34.21
C PRO B 805 38.64 18.78 34.61
N ASP B 806 39.29 17.92 33.82
CA ASP B 806 40.72 17.63 34.00
C ASP B 806 41.53 18.52 33.09
N PRO B 807 42.28 19.51 33.62
CA PRO B 807 43.03 20.41 32.74
C PRO B 807 44.08 19.73 31.89
N SER B 808 44.51 18.53 32.25
CA SER B 808 45.53 17.81 31.49
C SER B 808 44.91 16.87 30.46
N LYS B 809 44.00 17.38 29.64
CA LYS B 809 43.35 16.60 28.60
C LYS B 809 42.99 17.51 27.45
N PRO B 810 43.06 17.01 26.21
CA PRO B 810 42.61 17.83 25.07
C PRO B 810 41.12 18.10 25.09
N SER B 811 40.33 17.19 25.66
CA SER B 811 38.88 17.28 25.64
C SER B 811 38.32 18.05 26.84
N LYS B 812 39.07 18.15 27.94
CA LYS B 812 38.63 18.81 29.16
C LYS B 812 37.40 18.15 29.77
N ARG B 813 37.31 16.83 29.66
CA ARG B 813 36.24 16.11 30.32
C ARG B 813 36.62 15.81 31.76
N SER B 814 35.65 15.44 32.56
CA SER B 814 35.94 14.97 33.89
C SER B 814 36.26 13.49 33.85
N PRO B 815 36.88 13.01 34.92
CA PRO B 815 37.25 11.60 35.04
C PRO B 815 36.05 10.67 34.89
N ILE B 816 34.89 11.09 35.37
CA ILE B 816 33.70 10.27 35.27
C ILE B 816 33.08 10.37 33.89
N GLU B 817 33.12 11.54 33.27
CA GLU B 817 32.68 11.68 31.90
C GLU B 817 33.50 10.87 30.92
N ASP B 818 34.79 10.68 31.18
CA ASP B 818 35.59 9.82 30.34
C ASP B 818 35.13 8.38 30.37
N LEU B 819 34.70 7.89 31.54
CA LEU B 819 34.10 6.56 31.57
C LEU B 819 32.77 6.53 30.84
N LEU B 820 31.96 7.58 30.95
CA LEU B 820 30.63 7.52 30.38
C LEU B 820 30.65 7.43 28.86
N PHE B 821 31.63 8.02 28.20
CA PHE B 821 31.70 7.89 26.76
C PHE B 821 32.47 6.66 26.29
N ASN B 822 32.95 5.84 27.20
CA ASN B 822 33.68 4.64 26.86
C ASN B 822 32.83 3.39 26.97
N LYS B 823 31.54 3.53 27.26
CA LYS B 823 30.64 2.40 27.37
C LYS B 823 29.65 2.30 26.23
N VAL B 824 29.43 3.39 25.49
CA VAL B 824 28.47 3.36 24.40
C VAL B 824 29.17 3.57 23.07
N LYS B 852 26.24 8.15 4.05
CA LYS B 852 25.95 8.26 2.63
C LYS B 852 25.93 6.90 1.96
N PHE B 853 24.83 6.60 1.28
CA PHE B 853 24.70 5.32 0.59
C PHE B 853 23.70 5.39 -0.55
N ASN B 854 22.42 5.38 -0.21
CA ASN B 854 21.38 5.46 -1.23
C ASN B 854 20.62 6.76 -1.08
N GLY B 855 21.33 7.79 -0.67
CA GLY B 855 20.77 9.07 -0.48
C GLY B 855 20.35 9.20 0.91
N LEU B 856 20.70 8.29 1.79
CA LEU B 856 20.35 8.39 3.13
C LEU B 856 21.21 9.44 3.63
N THR B 857 21.90 9.10 4.64
CA THR B 857 22.95 9.90 5.23
C THR B 857 22.62 10.31 6.65
N VAL B 858 23.66 10.51 7.44
CA VAL B 858 23.56 10.89 8.85
C VAL B 858 24.09 12.31 9.00
N LEU B 859 23.29 13.19 9.52
CA LEU B 859 23.70 14.59 9.67
C LEU B 859 24.37 14.80 11.01
N PRO B 860 25.33 15.72 11.11
CA PRO B 860 26.00 15.97 12.38
C PRO B 860 25.16 16.82 13.30
N PRO B 861 25.34 16.69 14.61
CA PRO B 861 24.67 17.59 15.55
C PRO B 861 25.15 19.02 15.44
N LEU B 862 24.29 19.96 15.83
CA LEU B 862 24.65 21.37 15.83
C LEU B 862 25.68 21.66 16.92
N LEU B 863 25.49 21.12 18.11
CA LEU B 863 26.40 21.32 19.22
C LEU B 863 27.39 20.16 19.28
N THR B 864 28.67 20.49 19.29
CA THR B 864 29.71 19.49 19.49
C THR B 864 29.69 19.03 20.94
N ASP B 865 30.40 17.96 21.23
CA ASP B 865 30.41 17.52 22.62
C ASP B 865 31.35 18.33 23.50
N GLU B 866 32.26 19.08 22.90
CA GLU B 866 33.02 20.05 23.67
C GLU B 866 32.13 21.17 24.20
N MET B 867 31.24 21.69 23.37
CA MET B 867 30.32 22.73 23.77
C MET B 867 29.38 22.27 24.87
N ILE B 868 28.92 21.03 24.81
CA ILE B 868 28.09 20.50 25.88
C ILE B 868 28.88 20.40 27.17
N ALA B 869 30.15 19.99 27.09
CA ALA B 869 30.98 19.94 28.28
C ALA B 869 31.12 21.31 28.92
N GLN B 870 31.11 22.36 28.12
CA GLN B 870 31.21 23.71 28.64
C GLN B 870 29.93 24.16 29.35
N TYR B 871 28.76 23.72 28.89
CA TYR B 871 27.54 23.96 29.64
C TYR B 871 27.55 23.22 30.97
N THR B 872 28.04 21.97 30.98
CA THR B 872 28.08 21.23 32.24
C THR B 872 29.06 21.81 33.24
N SER B 873 30.24 22.23 32.80
CA SER B 873 31.16 22.84 33.74
C SER B 873 30.68 24.18 34.27
N ALA B 874 29.88 24.92 33.51
CA ALA B 874 29.29 26.15 33.99
C ALA B 874 28.24 25.89 35.05
N LEU B 875 27.42 24.86 34.86
CA LEU B 875 26.47 24.50 35.92
C LEU B 875 27.17 24.04 37.18
N LEU B 876 28.26 23.29 37.05
CA LEU B 876 29.01 22.86 38.22
C LEU B 876 29.69 24.01 38.95
N ALA B 877 30.33 24.91 38.22
CA ALA B 877 30.97 26.07 38.83
C ALA B 877 29.97 27.05 39.44
N GLY B 878 28.80 27.23 38.84
CA GLY B 878 27.80 28.08 39.45
C GLY B 878 27.30 27.54 40.77
N THR B 879 26.94 26.26 40.79
CA THR B 879 26.38 25.62 41.96
C THR B 879 27.34 25.55 43.12
N ILE B 880 28.59 25.19 42.89
CA ILE B 880 29.51 24.97 44.00
C ILE B 880 29.90 26.28 44.66
N THR B 881 29.78 27.39 43.94
CA THR B 881 30.17 28.68 44.48
C THR B 881 28.99 29.55 44.90
N SER B 882 27.84 29.41 44.27
CA SER B 882 26.70 30.25 44.62
C SER B 882 25.42 29.47 44.85
N GLY B 883 25.46 28.16 44.89
CA GLY B 883 24.27 27.39 45.19
C GLY B 883 23.21 27.51 44.13
N TRP B 884 22.03 28.00 44.50
CA TRP B 884 20.94 28.14 43.55
C TRP B 884 20.60 29.59 43.23
N THR B 885 21.41 30.54 43.64
CA THR B 885 21.05 31.93 43.45
C THR B 885 21.25 32.39 42.03
N PHE B 886 22.19 31.80 41.30
CA PHE B 886 22.46 32.26 39.95
C PHE B 886 21.35 31.87 38.97
N GLY B 887 20.49 30.93 39.32
CA GLY B 887 19.38 30.59 38.46
C GLY B 887 18.19 31.50 38.57
N ALA B 888 18.19 32.41 39.53
CA ALA B 888 17.10 33.36 39.72
C ALA B 888 17.51 34.80 39.54
N GLY B 889 18.77 35.06 39.22
CA GLY B 889 19.28 36.42 39.12
C GLY B 889 20.78 36.42 39.05
N PRO B 890 21.40 37.35 39.78
CA PRO B 890 22.86 37.42 39.85
C PRO B 890 23.38 36.29 40.73
N ALA B 891 24.57 35.81 40.44
CA ALA B 891 25.22 34.82 41.28
C ALA B 891 25.73 35.49 42.55
N LEU B 892 25.34 34.95 43.69
CA LEU B 892 25.70 35.48 45.00
C LEU B 892 26.60 34.48 45.68
N GLN B 893 27.85 34.85 45.91
CA GLN B 893 28.76 33.94 46.55
C GLN B 893 28.42 33.76 48.03
N ILE B 894 28.67 32.55 48.52
CA ILE B 894 28.54 32.20 49.92
C ILE B 894 29.49 31.03 50.12
N PRO B 895 30.18 30.89 51.26
CA PRO B 895 31.05 29.73 51.45
C PRO B 895 30.29 28.42 51.35
N PHE B 896 30.94 27.40 50.79
CA PHE B 896 30.23 26.15 50.48
C PHE B 896 29.75 25.43 51.74
N PRO B 897 30.56 25.42 52.78
CA PRO B 897 30.16 24.81 54.05
C PRO B 897 28.84 25.41 54.55
N MET B 898 28.64 26.70 54.31
CA MET B 898 27.40 27.36 54.66
C MET B 898 26.28 27.00 53.71
N GLN B 899 26.61 26.70 52.46
CA GLN B 899 25.62 26.24 51.51
C GLN B 899 25.03 24.90 51.94
N MET B 900 25.90 24.00 52.40
CA MET B 900 25.47 22.68 52.85
C MET B 900 24.58 22.78 54.08
N ALA B 901 24.90 23.68 54.99
CA ALA B 901 24.09 23.88 56.18
C ALA B 901 22.69 24.40 55.88
N TYR B 902 22.53 25.29 54.91
CA TYR B 902 21.19 25.69 54.48
C TYR B 902 20.41 24.53 53.90
N ARG B 903 21.11 23.66 53.16
CA ARG B 903 20.45 22.52 52.54
C ARG B 903 19.95 21.52 53.56
N PHE B 904 20.68 21.31 54.66
CA PHE B 904 20.13 20.49 55.74
C PHE B 904 18.94 21.16 56.40
N ASN B 905 18.97 22.48 56.57
CA ASN B 905 17.82 23.20 57.10
C ASN B 905 16.58 23.04 56.25
N GLY B 906 16.74 22.97 54.93
CA GLY B 906 15.60 22.83 54.06
C GLY B 906 14.88 21.52 54.22
N ILE B 907 15.57 20.51 54.75
CA ILE B 907 14.94 19.21 54.99
C ILE B 907 14.56 19.01 56.45
N GLY B 908 14.60 20.05 57.26
CA GLY B 908 14.17 19.93 58.63
C GLY B 908 15.23 19.48 59.62
N VAL B 909 16.50 19.65 59.30
CA VAL B 909 17.57 19.33 60.23
C VAL B 909 18.18 20.64 60.67
N THR B 910 18.46 20.74 61.95
CA THR B 910 18.98 21.96 62.52
C THR B 910 20.42 22.17 62.06
N GLN B 911 20.78 23.41 61.79
CA GLN B 911 22.01 23.65 61.06
C GLN B 911 23.28 23.39 61.85
N ASN B 912 23.23 23.22 63.16
CA ASN B 912 24.44 22.90 63.89
C ASN B 912 24.94 21.50 63.62
N VAL B 913 24.11 20.63 63.05
CA VAL B 913 24.53 19.26 62.77
C VAL B 913 25.67 19.26 61.77
N LEU B 914 25.67 20.19 60.83
CA LEU B 914 26.81 20.30 59.92
C LEU B 914 27.98 21.00 60.57
N TYR B 915 27.74 22.14 61.21
CA TYR B 915 28.85 22.98 61.63
C TYR B 915 29.71 22.29 62.66
N GLU B 916 29.12 21.43 63.50
CA GLU B 916 29.88 20.69 64.49
C GLU B 916 30.46 19.40 63.95
N ASN B 917 30.07 18.98 62.76
CA ASN B 917 30.49 17.72 62.18
C ASN B 917 30.98 17.89 60.74
N GLN B 918 31.41 19.10 60.40
CA GLN B 918 31.83 19.42 59.04
C GLN B 918 32.86 18.43 58.47
N LYS B 919 33.87 18.06 59.25
CA LYS B 919 34.88 17.14 58.75
C LYS B 919 34.31 15.76 58.47
N LEU B 920 33.43 15.28 59.33
CA LEU B 920 32.86 13.96 59.13
C LEU B 920 32.04 13.88 57.86
N ILE B 921 31.21 14.90 57.61
CA ILE B 921 30.34 14.87 56.44
C ILE B 921 31.16 14.98 55.16
N ALA B 922 32.16 15.85 55.16
CA ALA B 922 33.02 16.00 53.99
C ALA B 922 33.82 14.75 53.68
N ASN B 923 34.39 14.10 54.69
CA ASN B 923 35.10 12.84 54.47
C ASN B 923 34.19 11.70 54.04
N GLN B 924 33.02 11.55 54.67
CA GLN B 924 32.09 10.55 54.21
C GLN B 924 31.57 10.80 52.82
N PHE B 925 31.27 12.06 52.48
CA PHE B 925 30.88 12.36 51.11
C PHE B 925 31.94 11.93 50.12
N ASN B 926 33.21 12.28 50.39
CA ASN B 926 34.29 12.03 49.43
C ASN B 926 34.43 10.55 49.11
N SER B 927 34.29 9.68 50.09
CA SER B 927 34.27 8.26 49.79
C SER B 927 33.01 7.83 49.07
N ALA B 928 31.85 8.37 49.45
CA ALA B 928 30.61 7.96 48.80
C ALA B 928 30.58 8.31 47.33
N ILE B 929 31.13 9.45 46.93
CA ILE B 929 31.21 9.79 45.52
C ILE B 929 32.26 8.94 44.84
N GLY B 930 33.37 8.68 45.53
CA GLY B 930 34.39 7.81 44.98
C GLY B 930 33.89 6.43 44.60
N LYS B 931 32.91 5.91 45.32
CA LYS B 931 32.38 4.59 44.95
C LYS B 931 31.65 4.58 43.62
N ILE B 932 31.29 5.74 43.07
CA ILE B 932 30.51 5.76 41.84
C ILE B 932 31.32 5.19 40.68
N GLN B 933 32.61 5.52 40.59
CA GLN B 933 33.41 4.96 39.50
C GLN B 933 33.47 3.45 39.57
N ASP B 934 33.58 2.86 40.77
CA ASP B 934 33.65 1.41 40.88
C ASP B 934 32.40 0.77 40.30
N SER B 935 31.24 1.37 40.50
CA SER B 935 30.02 0.78 39.95
C SER B 935 29.95 0.89 38.44
N LEU B 936 30.82 1.70 37.83
CA LEU B 936 30.79 1.87 36.38
C LEU B 936 31.93 1.10 35.71
N SER B 937 33.15 1.26 36.18
CA SER B 937 34.31 0.57 35.62
C SER B 937 34.44 -0.84 36.17
N ALA B 942 23.67 -0.30 33.43
CA ALA B 942 24.05 1.09 33.66
C ALA B 942 23.57 1.97 32.50
N LEU B 943 24.40 2.07 31.47
CA LEU B 943 24.12 2.94 30.33
C LEU B 943 23.40 2.20 29.21
N GLY B 944 22.63 1.18 29.56
CA GLY B 944 21.84 0.48 28.56
C GLY B 944 20.76 1.33 27.92
N LYS B 945 20.24 2.32 28.63
CA LYS B 945 19.25 3.21 28.02
C LYS B 945 19.84 4.05 26.91
N LEU B 946 21.14 4.34 26.97
CA LEU B 946 21.79 5.08 25.92
C LEU B 946 22.18 4.21 24.75
N GLN B 947 22.58 2.96 25.01
CA GLN B 947 22.90 2.04 23.94
C GLN B 947 21.66 1.62 23.17
N ASP B 948 20.52 1.47 23.84
CA ASP B 948 19.27 1.16 23.16
C ASP B 948 18.87 2.20 22.13
N VAL B 949 19.13 3.48 22.38
CA VAL B 949 18.80 4.49 21.37
C VAL B 949 19.62 4.28 20.12
N VAL B 950 20.92 4.02 20.28
CA VAL B 950 21.80 3.73 19.16
C VAL B 950 21.37 2.46 18.44
N ASN B 951 21.00 1.43 19.16
CA ASN B 951 20.61 0.17 18.56
C ASN B 951 19.35 0.31 17.73
N HIS B 952 18.35 1.02 18.26
CA HIS B 952 17.08 1.15 17.55
C HIS B 952 17.25 1.86 16.22
N ASN B 953 18.07 2.90 16.17
CA ASN B 953 18.27 3.52 14.89
C ASN B 953 19.15 2.69 13.96
N ALA B 954 20.17 2.02 14.50
CA ALA B 954 20.99 1.18 13.64
C ALA B 954 20.18 0.05 13.02
N GLN B 955 19.26 -0.52 13.78
CA GLN B 955 18.42 -1.57 13.28
C GLN B 955 17.45 -1.08 12.21
N ALA B 956 16.91 0.13 12.35
CA ALA B 956 16.03 0.63 11.29
C ALA B 956 16.80 0.95 10.01
N LEU B 957 18.04 1.37 10.13
CA LEU B 957 18.84 1.63 8.93
C LEU B 957 19.36 0.37 8.26
N ASN B 958 19.66 -0.65 9.04
CA ASN B 958 20.06 -1.94 8.47
C ASN B 958 18.89 -2.65 7.80
N THR B 959 17.69 -2.58 8.37
CA THR B 959 16.49 -3.12 7.75
C THR B 959 16.08 -2.35 6.50
N LEU B 960 16.14 -1.03 6.52
CA LEU B 960 15.76 -0.23 5.37
C LEU B 960 16.61 -0.57 4.15
N VAL B 961 17.90 -0.78 4.34
CA VAL B 961 18.75 -1.17 3.23
C VAL B 961 18.48 -2.59 2.79
N LYS B 962 18.30 -3.52 3.72
CA LYS B 962 18.07 -4.89 3.32
C LYS B 962 16.78 -5.08 2.54
N GLN B 963 15.78 -4.24 2.75
CA GLN B 963 14.53 -4.34 2.03
C GLN B 963 14.64 -4.00 0.56
N LEU B 964 15.81 -3.61 0.08
CA LEU B 964 15.98 -3.41 -1.35
C LEU B 964 16.25 -4.71 -2.10
N SER B 965 16.63 -5.76 -1.40
CA SER B 965 16.81 -7.05 -2.06
C SER B 965 15.57 -7.92 -1.92
N SER B 966 14.43 -7.44 -2.40
CA SER B 966 13.17 -8.16 -2.33
C SER B 966 12.48 -7.98 -3.67
N LYS B 967 11.89 -9.05 -4.22
CA LYS B 967 11.21 -8.98 -5.51
C LYS B 967 9.73 -8.59 -5.46
N PHE B 968 9.12 -8.72 -4.29
CA PHE B 968 7.73 -8.35 -4.10
C PHE B 968 6.82 -8.96 -5.15
N GLY B 969 7.22 -10.10 -5.70
CA GLY B 969 6.41 -10.76 -6.69
C GLY B 969 6.64 -10.31 -8.12
N ALA B 970 7.77 -9.67 -8.38
CA ALA B 970 8.12 -9.20 -9.71
C ALA B 970 9.07 -10.22 -10.32
N ILE B 971 9.43 -10.02 -11.58
CA ILE B 971 10.35 -10.98 -12.18
C ILE B 971 11.75 -10.83 -11.59
N SER B 972 12.14 -9.61 -11.24
CA SER B 972 13.45 -9.39 -10.67
C SER B 972 13.36 -8.27 -9.65
N SER B 973 14.50 -7.96 -9.03
CA SER B 973 14.57 -6.92 -8.02
C SER B 973 15.48 -5.77 -8.47
N VAL B 974 15.90 -5.75 -9.71
CA VAL B 974 16.82 -4.74 -10.22
C VAL B 974 16.17 -4.07 -11.42
N LEU B 975 15.98 -2.74 -11.33
CA LEU B 975 15.29 -1.95 -12.33
C LEU B 975 16.05 -1.84 -13.64
N ASN B 976 17.33 -2.16 -13.69
CA ASN B 976 18.01 -2.23 -14.98
C ASN B 976 17.87 -3.60 -15.64
N ASP B 977 17.90 -4.67 -14.86
CA ASP B 977 17.82 -6.01 -15.43
C ASP B 977 16.49 -6.23 -16.11
N ILE B 978 15.45 -5.56 -15.63
CA ILE B 978 14.12 -5.72 -16.19
C ILE B 978 14.15 -5.33 -17.66
N LEU B 979 14.76 -4.19 -17.95
CA LEU B 979 14.78 -3.66 -19.30
C LEU B 979 15.62 -4.54 -20.20
N SER B 980 16.79 -4.92 -19.69
CA SER B 980 17.73 -5.78 -20.41
C SER B 980 17.09 -7.05 -20.96
N ARG B 981 16.05 -7.54 -20.32
CA ARG B 981 15.38 -8.76 -20.75
C ARG B 981 13.87 -8.59 -20.79
N LEU B 982 13.41 -7.42 -21.21
CA LEU B 982 11.98 -7.20 -21.37
C LEU B 982 11.59 -5.88 -22.00
N ASP B 983 10.45 -5.90 -22.69
CA ASP B 983 9.97 -4.76 -23.47
C ASP B 983 9.33 -3.75 -22.54
N PRO B 984 9.18 -2.52 -23.00
CA PRO B 984 8.68 -1.45 -22.11
C PRO B 984 7.27 -1.69 -21.60
N PRO B 985 6.35 -2.11 -22.46
CA PRO B 985 4.95 -2.31 -22.06
C PRO B 985 4.83 -3.17 -20.80
N GLU B 986 5.66 -4.19 -20.71
CA GLU B 986 5.69 -5.07 -19.54
C GLU B 986 6.68 -4.63 -18.47
N ALA B 987 7.70 -3.87 -18.84
CA ALA B 987 8.67 -3.42 -17.86
C ALA B 987 8.13 -2.33 -16.96
N GLU B 988 7.27 -1.47 -17.48
CA GLU B 988 6.58 -0.48 -16.66
C GLU B 988 5.77 -1.12 -15.54
N VAL B 989 5.11 -2.24 -15.80
CA VAL B 989 4.38 -2.93 -14.75
C VAL B 989 5.32 -3.50 -13.70
N GLN B 990 6.42 -4.13 -14.10
CA GLN B 990 7.32 -4.75 -13.14
C GLN B 990 8.02 -3.71 -12.28
N ILE B 991 8.41 -2.59 -12.89
CA ILE B 991 9.06 -1.55 -12.12
C ILE B 991 8.04 -0.86 -11.21
N ASP B 992 6.81 -0.69 -11.68
CA ASP B 992 5.82 -0.11 -10.78
C ASP B 992 5.57 -0.95 -9.54
N ARG B 993 5.62 -2.27 -9.63
CA ARG B 993 5.50 -3.11 -8.44
C ARG B 993 6.63 -2.89 -7.45
N LEU B 994 7.87 -2.85 -7.95
CA LEU B 994 9.01 -2.60 -7.07
C LEU B 994 8.95 -1.22 -6.44
N ILE B 995 8.53 -0.21 -7.20
CA ILE B 995 8.40 1.14 -6.66
C ILE B 995 7.39 1.16 -5.52
N THR B 996 6.24 0.54 -5.72
CA THR B 996 5.25 0.50 -4.65
C THR B 996 5.79 -0.18 -3.41
N GLY B 997 6.48 -1.32 -3.59
CA GLY B 997 7.04 -2.00 -2.44
C GLY B 997 8.05 -1.18 -1.67
N ARG B 998 9.01 -0.57 -2.37
CA ARG B 998 10.01 0.24 -1.70
C ARG B 998 9.46 1.56 -1.21
N LEU B 999 8.44 2.10 -1.84
CA LEU B 999 7.77 3.27 -1.28
C LEU B 999 7.05 2.95 0.02
N GLN B 1000 6.45 1.77 0.13
CA GLN B 1000 5.92 1.32 1.41
C GLN B 1000 7.00 1.20 2.48
N SER B 1001 8.20 0.78 2.09
CA SER B 1001 9.30 0.72 3.05
C SER B 1001 9.62 2.07 3.67
N LEU B 1002 9.67 3.11 2.85
CA LEU B 1002 9.90 4.45 3.35
C LEU B 1002 8.78 4.95 4.23
N GLN B 1003 7.53 4.64 3.91
CA GLN B 1003 6.46 5.05 4.79
C GLN B 1003 6.53 4.38 6.15
N THR B 1004 6.89 3.10 6.18
CA THR B 1004 7.09 2.43 7.45
C THR B 1004 8.21 3.07 8.25
N TYR B 1005 9.34 3.34 7.58
CA TYR B 1005 10.49 3.93 8.27
C TYR B 1005 10.14 5.29 8.88
N VAL B 1006 9.54 6.18 8.10
CA VAL B 1006 9.30 7.53 8.61
C VAL B 1006 8.25 7.52 9.70
N THR B 1007 7.22 6.69 9.59
CA THR B 1007 6.21 6.63 10.64
C THR B 1007 6.82 6.21 11.97
N GLN B 1008 7.69 5.20 11.95
CA GLN B 1008 8.32 4.81 13.20
C GLN B 1008 9.27 5.86 13.76
N GLN B 1009 9.95 6.63 12.92
CA GLN B 1009 10.83 7.66 13.46
C GLN B 1009 10.05 8.74 14.17
N LEU B 1010 8.87 9.11 13.66
CA LEU B 1010 8.02 10.06 14.34
C LEU B 1010 7.50 9.54 15.67
N ILE B 1011 7.11 8.28 15.73
CA ILE B 1011 6.62 7.73 16.99
C ILE B 1011 7.76 7.60 18.01
N ARG B 1012 8.92 7.19 17.56
CA ARG B 1012 10.08 7.10 18.45
C ARG B 1012 10.66 8.46 18.82
N ALA B 1013 10.55 9.46 17.97
CA ALA B 1013 11.04 10.78 18.35
C ALA B 1013 10.20 11.44 19.42
N ALA B 1014 8.91 11.11 19.49
CA ALA B 1014 8.06 11.59 20.56
C ALA B 1014 8.46 11.04 21.92
N GLU B 1015 9.03 9.85 21.96
CA GLU B 1015 9.46 9.23 23.19
C GLU B 1015 10.76 9.82 23.73
N ILE B 1016 11.70 10.14 22.86
CA ILE B 1016 12.94 10.78 23.24
C ILE B 1016 12.70 12.23 23.59
N ARG B 1017 11.71 12.84 22.95
CA ARG B 1017 11.30 14.18 23.30
C ARG B 1017 10.70 14.24 24.69
N ALA B 1018 9.87 13.26 25.05
CA ALA B 1018 9.33 13.19 26.40
C ALA B 1018 10.42 12.98 27.44
N SER B 1019 11.47 12.25 27.08
CA SER B 1019 12.62 12.05 27.94
C SER B 1019 13.46 13.30 28.07
N ALA B 1020 13.68 14.03 26.98
CA ALA B 1020 14.36 15.30 27.04
C ALA B 1020 13.60 16.33 27.87
N ASN B 1021 12.27 16.28 27.87
CA ASN B 1021 11.49 17.16 28.73
C ASN B 1021 11.64 16.84 30.20
N LEU B 1022 11.70 15.56 30.55
CA LEU B 1022 11.97 15.13 31.91
C LEU B 1022 13.38 15.50 32.35
N ALA B 1023 14.37 15.29 31.50
CA ALA B 1023 15.73 15.71 31.81
C ALA B 1023 15.88 17.21 31.97
N ALA B 1024 15.23 18.01 31.13
CA ALA B 1024 15.25 19.46 31.32
C ALA B 1024 14.57 19.90 32.61
N THR B 1025 13.47 19.26 32.97
CA THR B 1025 12.77 19.54 34.21
C THR B 1025 13.61 19.19 35.42
N LYS B 1026 14.26 18.03 35.43
CA LYS B 1026 15.18 17.72 36.50
C LYS B 1026 16.38 18.65 36.53
N MET B 1027 16.89 19.08 35.38
CA MET B 1027 17.99 20.01 35.40
C MET B 1027 17.62 21.29 36.13
N SER B 1028 16.40 21.76 35.98
CA SER B 1028 15.96 22.95 36.69
C SER B 1028 15.72 22.67 38.16
N GLU B 1029 15.03 21.58 38.46
CA GLU B 1029 14.53 21.36 39.80
C GLU B 1029 15.45 20.56 40.70
N CYS B 1030 16.43 19.85 40.14
CA CYS B 1030 17.35 19.07 40.97
C CYS B 1030 18.73 19.70 41.06
N VAL B 1031 19.09 20.46 40.04
CA VAL B 1031 20.43 21.02 39.95
C VAL B 1031 20.45 22.49 40.28
N LEU B 1032 19.47 23.24 39.79
CA LEU B 1032 19.36 24.67 40.07
C LEU B 1032 18.56 24.98 41.31
N GLY B 1033 18.15 23.97 42.06
CA GLY B 1033 17.45 24.22 43.30
C GLY B 1033 17.35 22.98 44.14
N GLN B 1034 16.63 23.09 45.24
CA GLN B 1034 16.36 21.98 46.13
C GLN B 1034 14.88 21.59 46.04
N SER B 1035 14.62 20.32 45.79
CA SER B 1035 13.27 19.83 45.58
C SER B 1035 12.75 19.11 46.80
N LYS B 1036 11.45 19.24 47.04
CA LYS B 1036 10.76 18.44 48.04
C LYS B 1036 9.96 17.32 47.43
N ARG B 1037 10.00 17.16 46.11
CA ARG B 1037 9.27 16.10 45.41
C ARG B 1037 9.89 14.74 45.72
N VAL B 1038 9.07 13.80 46.18
CA VAL B 1038 9.56 12.51 46.65
C VAL B 1038 10.03 11.65 45.47
N ASP B 1039 11.25 11.15 45.59
CA ASP B 1039 11.85 10.30 44.55
C ASP B 1039 12.11 10.94 43.20
N PHE B 1040 12.03 12.27 43.13
CA PHE B 1040 12.23 12.96 41.88
C PHE B 1040 13.71 13.23 41.66
N CYS B 1041 14.42 13.39 42.77
CA CYS B 1041 15.84 13.70 42.74
C CYS B 1041 16.66 12.67 43.53
N GLY B 1042 16.40 11.38 43.30
CA GLY B 1042 17.10 10.33 44.04
C GLY B 1042 16.35 9.76 45.24
N LYS B 1043 16.95 8.79 45.92
CA LYS B 1043 16.34 8.11 47.05
C LYS B 1043 16.89 8.69 48.35
N GLY B 1044 16.00 9.18 49.21
CA GLY B 1044 16.41 9.84 50.43
C GLY B 1044 15.97 11.26 50.38
N TYR B 1045 16.48 12.06 51.30
CA TYR B 1045 16.15 13.46 51.35
C TYR B 1045 17.12 14.26 50.51
N HIS B 1046 16.59 14.94 49.51
CA HIS B 1046 17.41 15.62 48.52
C HIS B 1046 18.24 16.71 49.17
N LEU B 1047 19.55 16.67 48.97
CA LEU B 1047 20.41 17.79 49.30
C LEU B 1047 20.85 18.54 48.06
N MET B 1048 21.45 17.85 47.09
CA MET B 1048 22.01 18.54 45.93
C MET B 1048 22.26 17.53 44.83
N SER B 1049 22.46 18.02 43.60
CA SER B 1049 22.78 17.16 42.47
C SER B 1049 23.81 17.82 41.58
N PHE B 1050 24.62 17.00 40.92
CA PHE B 1050 25.67 17.43 39.98
C PHE B 1050 25.47 16.76 38.62
N PRO B 1051 25.38 17.52 37.53
CA PRO B 1051 25.26 16.92 36.21
C PRO B 1051 26.58 16.44 35.62
N GLN B 1052 26.48 15.42 34.79
CA GLN B 1052 27.59 14.94 33.98
C GLN B 1052 27.08 14.71 32.57
N SER B 1053 27.93 14.92 31.58
CA SER B 1053 27.51 14.72 30.19
C SER B 1053 27.77 13.27 29.78
N ALA B 1054 26.83 12.70 29.04
CA ALA B 1054 26.98 11.36 28.52
C ALA B 1054 26.68 11.45 27.03
N PRO B 1055 27.09 10.50 26.21
CA PRO B 1055 26.76 10.58 24.77
C PRO B 1055 25.27 10.38 24.52
N HIS B 1056 24.63 11.40 23.96
CA HIS B 1056 23.20 11.46 23.71
C HIS B 1056 22.37 11.45 24.98
N GLY B 1057 22.93 11.85 26.11
CA GLY B 1057 22.16 11.79 27.32
C GLY B 1057 22.77 12.60 28.43
N VAL B 1058 22.16 12.48 29.60
CA VAL B 1058 22.62 13.18 30.78
C VAL B 1058 22.61 12.21 31.95
N VAL B 1059 23.58 12.39 32.84
CA VAL B 1059 23.72 11.61 34.06
C VAL B 1059 23.63 12.58 35.23
N PHE B 1060 22.81 12.23 36.22
CA PHE B 1060 22.61 13.04 37.40
C PHE B 1060 23.25 12.32 38.57
N LEU B 1061 24.09 13.00 39.30
CA LEU B 1061 24.64 12.49 40.56
C LEU B 1061 23.83 13.07 41.70
N HIS B 1062 22.99 12.25 42.31
CA HIS B 1062 22.05 12.70 43.33
C HIS B 1062 22.66 12.50 44.71
N VAL B 1063 22.75 13.57 45.47
CA VAL B 1063 23.22 13.58 46.85
C VAL B 1063 22.04 13.69 47.78
N THR B 1064 21.89 12.70 48.66
CA THR B 1064 20.73 12.57 49.54
C THR B 1064 21.17 12.40 50.98
N TYR B 1065 20.23 12.69 51.87
CA TYR B 1065 20.36 12.55 53.32
C TYR B 1065 19.58 11.33 53.77
N VAL B 1066 20.25 10.38 54.40
CA VAL B 1066 19.59 9.14 54.84
C VAL B 1066 19.81 8.98 56.34
N PRO B 1067 18.76 8.93 57.16
CA PRO B 1067 18.95 8.70 58.59
C PRO B 1067 19.39 7.28 58.90
N ALA B 1068 20.05 7.10 60.04
CA ALA B 1068 20.56 5.79 60.42
C ALA B 1068 20.56 5.63 61.93
N GLN B 1069 20.54 4.36 62.36
CA GLN B 1069 20.71 3.95 63.76
C GLN B 1069 19.64 4.53 64.68
N GLU B 1070 18.42 4.05 64.52
CA GLU B 1070 17.33 4.57 65.34
C GLU B 1070 17.29 3.90 66.71
N LYS B 1071 16.78 4.66 67.68
CA LYS B 1071 16.42 4.14 68.99
C LYS B 1071 14.94 4.43 69.23
N ASN B 1072 14.33 3.61 70.08
CA ASN B 1072 12.92 3.79 70.40
C ASN B 1072 12.82 4.56 71.72
N PHE B 1073 11.76 5.35 71.82
CA PHE B 1073 11.46 6.16 72.99
C PHE B 1073 9.95 6.14 73.20
N THR B 1074 9.55 6.50 74.41
CA THR B 1074 8.17 6.75 74.78
C THR B 1074 7.88 8.22 74.53
N THR B 1075 6.67 8.53 74.09
CA THR B 1075 6.35 9.88 73.70
C THR B 1075 4.96 10.25 74.23
N ALA B 1076 4.63 11.54 74.12
CA ALA B 1076 3.34 12.05 74.54
C ALA B 1076 3.09 13.32 73.76
N PRO B 1077 1.85 13.61 73.43
CA PRO B 1077 1.57 14.79 72.59
C PRO B 1077 1.78 16.12 73.27
N ALA B 1078 1.60 16.20 74.59
CA ALA B 1078 1.67 17.47 75.29
C ALA B 1078 2.10 17.21 76.71
N ILE B 1079 2.42 18.27 77.45
CA ILE B 1079 2.82 18.15 78.84
C ILE B 1079 1.96 19.09 79.68
N CYS B 1080 1.55 18.63 80.84
CA CYS B 1080 0.75 19.47 81.73
C CYS B 1080 1.64 20.16 82.76
N HIS B 1081 1.42 21.45 82.95
CA HIS B 1081 2.10 22.21 83.96
C HIS B 1081 1.21 23.36 84.38
N ASP B 1082 1.00 23.52 85.69
CA ASP B 1082 0.07 24.49 86.26
C ASP B 1082 -1.34 24.32 85.75
N GLY B 1083 -1.75 23.11 85.41
CA GLY B 1083 -3.08 22.90 84.91
C GLY B 1083 -3.27 23.33 83.49
N LYS B 1084 -2.19 23.60 82.75
CA LYS B 1084 -2.29 24.03 81.37
C LYS B 1084 -1.54 23.06 80.47
N ALA B 1085 -1.99 22.95 79.23
CA ALA B 1085 -1.37 22.05 78.27
C ALA B 1085 -0.31 22.80 77.49
N HIS B 1086 0.87 22.18 77.38
CA HIS B 1086 1.99 22.73 76.62
C HIS B 1086 2.26 21.81 75.44
N PHE B 1087 2.44 22.37 74.32
CA PHE B 1087 2.70 21.72 73.05
C PHE B 1087 4.04 22.17 72.52
N PRO B 1088 4.79 21.32 71.83
CA PRO B 1088 6.07 21.75 71.28
C PRO B 1088 5.88 22.71 70.11
N ARG B 1089 6.79 23.67 70.02
CA ARG B 1089 6.84 24.53 68.84
C ARG B 1089 7.29 23.76 67.62
N GLU B 1090 8.42 23.10 67.70
CA GLU B 1090 8.85 22.10 66.73
C GLU B 1090 9.50 20.97 67.51
N GLY B 1091 9.23 19.75 67.11
CA GLY B 1091 9.84 18.60 67.75
C GLY B 1091 8.80 17.70 68.38
N VAL B 1092 9.30 16.68 69.05
CA VAL B 1092 8.49 15.69 69.73
C VAL B 1092 9.02 15.52 71.15
N PHE B 1093 8.11 15.18 72.07
CA PHE B 1093 8.49 14.84 73.43
C PHE B 1093 8.94 13.38 73.46
N VAL B 1094 10.06 13.11 74.12
CA VAL B 1094 10.56 11.76 74.30
C VAL B 1094 10.89 11.53 75.76
N SER B 1095 10.94 10.25 76.13
CA SER B 1095 11.32 9.85 77.48
C SER B 1095 12.43 8.82 77.40
N ASN B 1096 13.49 9.01 78.16
CA ASN B 1096 14.59 8.06 78.16
C ASN B 1096 14.41 6.94 79.19
N GLY B 1097 13.30 6.93 79.90
CA GLY B 1097 13.02 5.94 80.91
C GLY B 1097 12.67 6.60 82.23
N THR B 1098 13.32 7.72 82.53
CA THR B 1098 13.09 8.43 83.78
C THR B 1098 12.82 9.91 83.63
N HIS B 1099 13.30 10.56 82.57
CA HIS B 1099 13.09 11.98 82.35
C HIS B 1099 12.61 12.21 80.94
N TRP B 1100 11.87 13.30 80.76
CA TRP B 1100 11.32 13.68 79.46
C TRP B 1100 12.06 14.88 78.89
N PHE B 1101 12.26 14.87 77.56
CA PHE B 1101 12.99 15.92 76.86
C PHE B 1101 12.23 16.28 75.59
N VAL B 1102 12.61 17.41 74.98
CA VAL B 1102 12.16 17.80 73.64
C VAL B 1102 13.28 17.51 72.67
N THR B 1103 12.95 16.91 71.55
CA THR B 1103 13.94 16.68 70.51
C THR B 1103 13.41 17.19 69.18
N GLN B 1104 14.31 17.51 68.28
CA GLN B 1104 13.93 17.75 66.90
C GLN B 1104 13.65 16.41 66.22
N ARG B 1105 12.81 16.44 65.19
CA ARG B 1105 12.29 15.21 64.64
C ARG B 1105 13.26 14.44 63.76
N ASN B 1106 14.34 15.04 63.28
CA ASN B 1106 15.19 14.39 62.30
C ASN B 1106 16.54 13.97 62.83
N PHE B 1107 16.89 14.38 64.05
CA PHE B 1107 18.17 14.05 64.63
C PHE B 1107 17.98 14.06 66.14
N TYR B 1108 18.46 13.05 66.84
CA TYR B 1108 18.28 12.99 68.28
C TYR B 1108 19.20 13.98 68.97
N GLU B 1109 18.60 14.99 69.58
CA GLU B 1109 19.35 16.06 70.25
C GLU B 1109 18.45 16.67 71.31
N PRO B 1110 18.45 16.10 72.52
CA PRO B 1110 17.51 16.52 73.56
C PRO B 1110 17.87 17.81 74.27
N GLN B 1111 16.84 18.59 74.57
CA GLN B 1111 16.97 19.80 75.37
C GLN B 1111 15.92 19.80 76.46
N ILE B 1112 16.13 20.63 77.49
CA ILE B 1112 15.16 20.67 78.58
C ILE B 1112 13.94 21.44 78.14
N ILE B 1113 12.77 20.99 78.61
CA ILE B 1113 11.50 21.59 78.25
C ILE B 1113 11.28 22.85 79.06
N THR B 1114 11.25 23.99 78.39
CA THR B 1114 11.14 25.30 79.02
C THR B 1114 9.97 26.04 78.43
N THR B 1115 9.74 27.25 78.92
CA THR B 1115 8.68 28.10 78.41
C THR B 1115 9.06 28.82 77.13
N ASP B 1116 10.31 28.69 76.68
CA ASP B 1116 10.75 29.33 75.45
C ASP B 1116 10.75 28.33 74.31
N ASN B 1117 10.66 27.05 74.65
CA ASN B 1117 10.63 25.94 73.72
C ASN B 1117 9.24 25.53 73.33
N THR B 1118 8.23 25.95 74.08
CA THR B 1118 6.88 25.43 73.96
C THR B 1118 5.93 26.60 73.83
N PHE B 1119 4.68 26.28 73.54
CA PHE B 1119 3.61 27.27 73.61
C PHE B 1119 2.41 26.62 74.29
N VAL B 1120 1.52 27.47 74.79
CA VAL B 1120 0.37 27.05 75.57
C VAL B 1120 -0.87 27.16 74.71
N SER B 1121 -1.73 26.16 74.79
CA SER B 1121 -3.02 26.21 74.12
C SER B 1121 -3.98 25.22 74.77
N GLY B 1122 -5.05 25.73 75.35
CA GLY B 1122 -6.05 24.87 75.95
C GLY B 1122 -5.65 24.31 77.30
N ASN B 1123 -6.53 23.49 77.85
CA ASN B 1123 -6.37 22.92 79.18
C ASN B 1123 -6.13 21.43 79.04
N CYS B 1124 -5.65 20.80 80.10
CA CYS B 1124 -5.42 19.37 80.09
C CYS B 1124 -6.68 18.59 80.38
N ASP B 1125 -7.67 18.71 79.49
CA ASP B 1125 -8.91 17.94 79.61
C ASP B 1125 -9.37 17.45 78.24
N VAL B 1126 -8.71 17.93 77.18
CA VAL B 1126 -9.10 17.61 75.81
C VAL B 1126 -8.05 16.78 75.09
N VAL B 1127 -6.82 16.76 75.56
CA VAL B 1127 -5.75 16.02 74.89
C VAL B 1127 -5.72 14.61 75.44
N ILE B 1128 -5.74 13.63 74.55
CA ILE B 1128 -5.71 12.22 74.92
C ILE B 1128 -4.26 11.79 74.96
N GLY B 1129 -3.82 11.29 76.09
CA GLY B 1129 -2.46 10.85 76.26
C GLY B 1129 -1.51 11.88 76.82
N ILE B 1130 -2.02 13.00 77.35
CA ILE B 1130 -1.16 14.02 77.94
C ILE B 1130 -0.61 13.53 79.28
N VAL B 1131 0.61 13.93 79.57
CA VAL B 1131 1.35 13.41 80.72
C VAL B 1131 1.82 14.58 81.58
N ASN B 1132 2.05 14.29 82.86
CA ASN B 1132 2.55 15.28 83.80
C ASN B 1132 4.07 15.37 83.73
N ASN B 1133 4.59 16.58 83.73
CA ASN B 1133 6.03 16.80 83.83
C ASN B 1133 6.23 18.23 84.30
N THR B 1134 7.50 18.60 84.44
CA THR B 1134 7.88 19.94 84.84
C THR B 1134 8.38 20.72 83.64
N VAL B 1135 7.85 21.90 83.43
CA VAL B 1135 8.32 22.84 82.43
C VAL B 1135 8.98 24.00 83.16
N TYR B 1136 10.25 24.22 82.90
CA TYR B 1136 11.05 25.12 83.71
C TYR B 1136 11.00 26.54 83.13
N ASP B 1137 10.77 27.49 83.99
CA ASP B 1137 10.72 28.92 83.70
C ASP B 1137 12.07 29.54 84.01
N PRO B 1138 12.75 30.18 83.07
CA PRO B 1138 14.08 30.73 83.38
C PRO B 1138 14.05 31.96 84.27
N LEU B 1139 12.87 32.59 84.35
CA LEU B 1139 12.76 33.85 85.06
C LEU B 1139 13.02 33.71 86.54
N GLN B 1140 12.39 32.72 87.18
CA GLN B 1140 12.47 32.65 88.65
C GLN B 1140 13.87 32.36 89.16
N PRO B 1141 14.66 31.45 88.56
CA PRO B 1141 16.01 31.25 89.08
C PRO B 1141 16.95 32.38 88.76
N GLU B 1142 16.57 33.27 87.85
CA GLU B 1142 17.35 34.49 87.69
C GLU B 1142 17.02 35.46 88.82
N LEU B 1143 15.77 35.46 89.27
CA LEU B 1143 15.36 36.35 90.36
C LEU B 1143 15.59 35.71 91.73
N ASP B 1144 16.27 34.57 91.77
CA ASP B 1144 16.56 33.85 93.01
C ASP B 1144 15.31 33.57 93.86
N PRO C 25 -62.71 -4.01 -3.82
CA PRO C 25 -62.06 -2.98 -3.02
C PRO C 25 -60.98 -3.55 -2.13
N PRO C 26 -59.91 -2.79 -1.87
CA PRO C 26 -58.83 -3.29 -1.03
C PRO C 26 -59.15 -3.11 0.45
N ALA C 27 -58.35 -3.79 1.28
CA ALA C 27 -58.46 -3.68 2.74
C ALA C 27 -57.10 -4.03 3.32
N TYR C 28 -56.52 -3.11 4.06
CA TYR C 28 -55.14 -3.22 4.51
C TYR C 28 -55.09 -3.57 5.99
N THR C 29 -53.93 -4.04 6.42
CA THR C 29 -53.67 -4.32 7.83
C THR C 29 -52.22 -4.01 8.12
N ASN C 30 -51.96 -3.38 9.27
CA ASN C 30 -50.61 -3.07 9.69
C ASN C 30 -49.94 -4.33 10.21
N SER C 31 -48.89 -4.77 9.54
CA SER C 31 -48.05 -5.85 10.05
C SER C 31 -46.91 -5.21 10.83
N PHE C 32 -46.84 -5.50 12.13
CA PHE C 32 -45.96 -4.77 13.01
C PHE C 32 -44.53 -5.30 12.93
N THR C 33 -44.32 -6.52 13.40
CA THR C 33 -43.02 -7.17 13.31
C THR C 33 -43.30 -8.61 12.89
N ARG C 34 -43.42 -8.81 11.59
CA ARG C 34 -43.81 -10.10 11.05
C ARG C 34 -42.85 -10.49 9.93
N GLY C 35 -42.79 -11.80 9.68
CA GLY C 35 -42.03 -12.29 8.55
C GLY C 35 -40.54 -12.25 8.71
N VAL C 36 -40.03 -12.24 9.93
CA VAL C 36 -38.60 -12.33 10.17
C VAL C 36 -38.23 -13.80 10.17
N TYR C 37 -37.39 -14.22 9.24
CA TYR C 37 -37.04 -15.62 9.13
C TYR C 37 -35.57 -15.81 9.42
N TYR C 38 -35.20 -17.06 9.65
CA TYR C 38 -33.80 -17.40 9.86
C TYR C 38 -33.06 -17.28 8.53
N PRO C 39 -32.03 -16.44 8.43
CA PRO C 39 -31.39 -16.25 7.11
C PRO C 39 -30.57 -17.43 6.66
N ASP C 40 -29.93 -18.15 7.58
CA ASP C 40 -29.06 -19.25 7.18
C ASP C 40 -29.10 -20.33 8.24
N LYS C 41 -28.61 -21.51 7.86
CA LYS C 41 -28.63 -22.68 8.74
C LYS C 41 -27.32 -22.71 9.53
N VAL C 42 -27.21 -21.77 10.47
CA VAL C 42 -26.02 -21.57 11.28
C VAL C 42 -26.47 -21.30 12.71
N PHE C 43 -25.94 -22.06 13.66
CA PHE C 43 -26.22 -21.82 15.06
C PHE C 43 -25.44 -20.61 15.54
N ARG C 44 -26.09 -19.75 16.30
CA ARG C 44 -25.43 -18.60 16.89
C ARG C 44 -25.93 -18.41 18.31
N SER C 45 -25.00 -18.17 19.23
CA SER C 45 -25.30 -17.95 20.64
C SER C 45 -25.78 -16.52 20.86
N SER C 46 -25.70 -16.02 22.09
CA SER C 46 -26.25 -14.69 22.38
C SER C 46 -25.43 -13.63 21.65
N VAL C 47 -25.89 -13.27 20.46
CA VAL C 47 -25.12 -12.53 19.47
C VAL C 47 -26.09 -11.66 18.68
N LEU C 48 -25.77 -10.40 18.52
CA LEU C 48 -26.53 -9.50 17.64
C LEU C 48 -25.87 -9.52 16.26
N HIS C 49 -26.52 -10.15 15.30
CA HIS C 49 -25.98 -10.31 13.96
C HIS C 49 -26.71 -9.38 13.00
N SER C 50 -25.95 -8.64 12.20
CA SER C 50 -26.50 -7.69 11.25
C SER C 50 -26.46 -8.30 9.86
N THR C 51 -27.63 -8.60 9.31
CA THR C 51 -27.75 -9.25 8.01
C THR C 51 -28.42 -8.32 7.02
N GLN C 52 -28.31 -8.66 5.74
CA GLN C 52 -28.88 -7.85 4.66
C GLN C 52 -29.46 -8.80 3.63
N ASP C 53 -30.77 -8.87 3.54
CA ASP C 53 -31.42 -9.87 2.70
C ASP C 53 -32.84 -9.38 2.40
N LEU C 54 -33.64 -10.23 1.78
CA LEU C 54 -35.02 -9.88 1.48
C LEU C 54 -35.87 -10.08 2.72
N PHE C 55 -36.33 -8.99 3.33
CA PHE C 55 -37.21 -9.08 4.48
C PHE C 55 -38.45 -8.25 4.22
N LEU C 56 -39.55 -8.64 4.84
CA LEU C 56 -40.74 -7.81 4.82
C LEU C 56 -40.56 -6.65 5.79
N PRO C 57 -40.76 -5.41 5.35
CA PRO C 57 -40.40 -4.26 6.19
C PRO C 57 -41.32 -4.10 7.39
N PHE C 58 -40.77 -3.53 8.45
CA PHE C 58 -41.51 -3.41 9.71
C PHE C 58 -42.59 -2.36 9.60
N PHE C 59 -43.70 -2.61 10.30
CA PHE C 59 -44.87 -1.72 10.38
C PHE C 59 -45.43 -1.41 9.00
N SER C 60 -45.54 -2.43 8.17
CA SER C 60 -45.93 -2.24 6.77
C SER C 60 -47.43 -2.48 6.61
N ASN C 61 -47.90 -2.24 5.38
CA ASN C 61 -49.31 -2.46 5.03
C ASN C 61 -49.40 -3.74 4.22
N VAL C 62 -49.85 -4.81 4.85
CA VAL C 62 -50.15 -6.01 4.10
C VAL C 62 -51.61 -5.93 3.65
N THR C 63 -51.94 -6.67 2.61
CA THR C 63 -53.28 -6.62 2.05
C THR C 63 -54.07 -7.81 2.59
N TRP C 64 -55.29 -7.54 3.04
CA TRP C 64 -56.13 -8.50 3.74
C TRP C 64 -57.21 -8.98 2.77
N PHE C 65 -56.91 -10.03 2.02
CA PHE C 65 -57.87 -10.57 1.08
C PHE C 65 -58.86 -11.49 1.79
N HIS C 66 -60.04 -11.60 1.20
CA HIS C 66 -61.05 -12.52 1.69
C HIS C 66 -61.26 -13.72 0.78
N ALA C 67 -61.51 -13.47 -0.51
CA ALA C 67 -61.86 -14.50 -1.51
C ALA C 67 -63.06 -15.33 -1.07
N ILE C 68 -64.04 -14.67 -0.44
CA ILE C 68 -65.29 -15.28 -0.05
C ILE C 68 -66.35 -14.19 0.12
N ARG C 76 -69.28 -14.03 -4.72
CA ARG C 76 -68.65 -14.31 -3.44
C ARG C 76 -67.20 -14.75 -3.65
N PHE C 77 -67.02 -15.81 -4.43
CA PHE C 77 -65.71 -16.39 -4.65
C PHE C 77 -64.92 -15.54 -5.63
N ASP C 78 -63.87 -14.88 -5.15
CA ASP C 78 -63.04 -14.03 -6.01
C ASP C 78 -61.62 -14.02 -5.43
N ASN C 79 -60.75 -14.88 -5.98
CA ASN C 79 -59.35 -14.87 -5.59
C ASN C 79 -58.50 -14.37 -6.75
N PRO C 80 -57.66 -13.37 -6.54
CA PRO C 80 -56.94 -12.74 -7.65
C PRO C 80 -55.59 -13.41 -7.92
N VAL C 81 -55.05 -13.09 -9.08
CA VAL C 81 -53.73 -13.55 -9.50
C VAL C 81 -52.74 -12.43 -9.22
N LEU C 82 -52.00 -12.58 -8.17
CA LEU C 82 -51.15 -11.50 -7.68
C LEU C 82 -49.74 -11.63 -8.25
N PRO C 83 -49.01 -10.54 -8.33
CA PRO C 83 -47.59 -10.63 -8.66
C PRO C 83 -46.76 -11.17 -7.50
N PHE C 84 -45.47 -11.36 -7.79
CA PHE C 84 -44.51 -11.90 -6.84
C PHE C 84 -43.46 -10.86 -6.48
N ASN C 85 -42.70 -10.40 -7.47
CA ASN C 85 -41.76 -9.29 -7.55
C ASN C 85 -40.48 -9.42 -6.73
N ASP C 86 -40.61 -10.11 -5.61
CA ASP C 86 -39.53 -10.45 -4.69
C ASP C 86 -40.17 -11.23 -3.54
N GLY C 87 -40.29 -12.57 -3.62
CA GLY C 87 -40.95 -13.25 -2.51
C GLY C 87 -42.36 -12.83 -2.15
N VAL C 88 -42.95 -13.52 -1.18
CA VAL C 88 -44.29 -13.25 -0.67
C VAL C 88 -44.33 -13.70 0.78
N TYR C 89 -44.78 -12.83 1.67
CA TYR C 89 -45.17 -13.21 3.02
C TYR C 89 -46.66 -13.48 3.01
N PHE C 90 -47.06 -14.65 3.46
CA PHE C 90 -48.43 -15.12 3.35
C PHE C 90 -48.88 -15.61 4.72
N ALA C 91 -49.77 -14.86 5.37
CA ALA C 91 -50.31 -15.29 6.65
C ALA C 91 -51.76 -15.70 6.47
N SER C 92 -52.21 -16.62 7.32
CA SER C 92 -53.59 -17.06 7.22
C SER C 92 -54.08 -17.51 8.58
N THR C 93 -55.37 -17.30 8.84
CA THR C 93 -55.99 -17.66 10.11
C THR C 93 -57.26 -18.43 9.78
N GLU C 94 -57.13 -19.76 9.68
CA GLU C 94 -58.27 -20.59 9.29
C GLU C 94 -58.24 -21.89 10.06
N LYS C 95 -59.28 -22.14 10.86
CA LYS C 95 -59.35 -23.37 11.63
C LYS C 95 -59.80 -24.56 10.79
N SER C 96 -60.44 -24.33 9.65
CA SER C 96 -60.78 -25.40 8.74
C SER C 96 -59.62 -25.63 7.78
N ASN C 97 -59.84 -26.43 6.74
CA ASN C 97 -58.82 -26.68 5.72
C ASN C 97 -59.38 -26.21 4.39
N ILE C 98 -59.21 -24.92 4.11
CA ILE C 98 -59.65 -24.31 2.87
C ILE C 98 -58.47 -23.81 2.05
N ILE C 99 -57.59 -23.00 2.66
CA ILE C 99 -56.41 -22.55 1.95
C ILE C 99 -55.47 -23.74 1.84
N ARG C 100 -55.51 -24.41 0.70
CA ARG C 100 -55.00 -25.74 0.55
C ARG C 100 -54.02 -25.81 -0.61
N GLY C 101 -53.10 -24.87 -0.67
CA GLY C 101 -52.03 -24.90 -1.64
C GLY C 101 -51.93 -23.62 -2.44
N TRP C 102 -50.95 -23.61 -3.35
CA TRP C 102 -50.63 -22.44 -4.14
C TRP C 102 -50.31 -22.83 -5.57
N ILE C 103 -50.31 -21.82 -6.43
CA ILE C 103 -49.97 -21.94 -7.84
C ILE C 103 -48.99 -20.84 -8.14
N PHE C 104 -47.79 -21.19 -8.60
CA PHE C 104 -46.79 -20.21 -9.01
C PHE C 104 -46.48 -20.39 -10.48
N GLY C 105 -46.13 -19.32 -11.17
CA GLY C 105 -45.77 -19.45 -12.57
C GLY C 105 -45.43 -18.11 -13.17
N THR C 106 -45.31 -18.09 -14.48
CA THR C 106 -45.04 -16.86 -15.19
C THR C 106 -46.17 -16.45 -16.12
N THR C 107 -46.79 -17.38 -16.83
CA THR C 107 -48.01 -17.07 -17.56
C THR C 107 -49.22 -17.85 -17.05
N LEU C 108 -49.01 -18.83 -16.18
CA LEU C 108 -50.05 -19.73 -15.66
C LEU C 108 -50.80 -20.43 -16.79
N ASP C 109 -50.03 -20.95 -17.73
CA ASP C 109 -50.59 -21.55 -18.94
C ASP C 109 -49.64 -22.65 -19.39
N SER C 110 -49.89 -23.20 -20.57
CA SER C 110 -48.97 -24.13 -21.20
C SER C 110 -47.80 -23.36 -21.81
N LYS C 111 -47.00 -24.04 -22.63
CA LYS C 111 -45.85 -23.45 -23.32
C LYS C 111 -44.65 -23.02 -22.45
N THR C 112 -44.90 -22.86 -21.15
CA THR C 112 -43.92 -22.45 -20.18
C THR C 112 -44.29 -23.12 -18.86
N GLN C 113 -43.29 -23.44 -18.05
CA GLN C 113 -43.54 -24.28 -16.91
C GLN C 113 -44.08 -23.48 -15.74
N SER C 114 -44.65 -24.20 -14.78
CA SER C 114 -45.25 -23.59 -13.60
C SER C 114 -45.27 -24.61 -12.48
N LEU C 115 -45.27 -24.09 -11.25
CA LEU C 115 -45.15 -24.86 -10.03
C LEU C 115 -46.49 -24.93 -9.33
N LEU C 116 -46.77 -26.07 -8.71
CA LEU C 116 -48.05 -26.32 -8.08
C LEU C 116 -47.81 -26.99 -6.73
N ILE C 117 -48.28 -26.36 -5.65
CA ILE C 117 -48.21 -26.94 -4.32
C ILE C 117 -49.62 -27.30 -3.91
N VAL C 118 -49.92 -28.59 -3.84
CA VAL C 118 -51.21 -29.03 -3.34
C VAL C 118 -50.94 -29.74 -2.02
N ASN C 119 -51.96 -29.77 -1.18
CA ASN C 119 -51.78 -30.10 0.24
C ASN C 119 -52.89 -31.06 0.67
N ASN C 120 -52.63 -32.36 0.54
CA ASN C 120 -53.61 -33.37 0.90
C ASN C 120 -53.71 -33.48 2.42
N ALA C 121 -54.54 -34.42 2.87
CA ALA C 121 -54.72 -34.58 4.32
C ALA C 121 -53.53 -35.27 4.96
N THR C 122 -52.67 -35.94 4.18
CA THR C 122 -51.49 -36.58 4.72
C THR C 122 -50.17 -36.04 4.18
N ASN C 123 -50.12 -35.55 2.95
CA ASN C 123 -48.83 -35.17 2.39
C ASN C 123 -48.97 -34.07 1.36
N VAL C 124 -47.92 -33.28 1.25
CA VAL C 124 -47.82 -32.21 0.26
C VAL C 124 -47.12 -32.76 -0.98
N VAL C 125 -47.61 -32.39 -2.16
CA VAL C 125 -47.05 -32.86 -3.43
C VAL C 125 -46.73 -31.63 -4.26
N ILE C 126 -45.46 -31.26 -4.32
CA ILE C 126 -45.03 -30.16 -5.17
C ILE C 126 -44.73 -30.70 -6.56
N LYS C 127 -45.21 -30.03 -7.60
CA LYS C 127 -45.12 -30.54 -8.97
C LYS C 127 -44.86 -29.38 -9.92
N VAL C 128 -43.84 -29.48 -10.74
CA VAL C 128 -43.45 -28.37 -11.62
C VAL C 128 -43.65 -28.86 -13.06
N CYS C 129 -44.87 -28.72 -13.57
CA CYS C 129 -45.16 -29.16 -14.93
C CYS C 129 -45.81 -28.08 -15.78
N GLU C 130 -45.94 -28.33 -17.08
CA GLU C 130 -46.56 -27.38 -17.99
C GLU C 130 -48.07 -27.51 -17.85
N PHE C 131 -48.59 -26.93 -16.79
CA PHE C 131 -50.01 -27.02 -16.48
C PHE C 131 -50.81 -26.07 -17.35
N GLN C 132 -51.87 -26.57 -17.96
CA GLN C 132 -52.87 -25.73 -18.62
C GLN C 132 -53.86 -25.35 -17.52
N PHE C 133 -53.56 -24.25 -16.83
CA PHE C 133 -54.36 -23.85 -15.68
C PHE C 133 -55.69 -23.28 -16.12
N CYS C 134 -56.74 -23.61 -15.37
CA CYS C 134 -58.08 -23.13 -15.67
C CYS C 134 -58.22 -21.67 -15.24
N ASN C 135 -59.39 -21.10 -15.50
CA ASN C 135 -59.62 -19.70 -15.17
C ASN C 135 -59.81 -19.50 -13.68
N ASP C 136 -60.74 -20.24 -13.07
CA ASP C 136 -60.98 -20.22 -11.64
C ASP C 136 -60.54 -21.56 -11.07
N PRO C 137 -59.31 -21.70 -10.59
CA PRO C 137 -58.85 -23.00 -10.12
C PRO C 137 -59.29 -23.27 -8.68
N PHE C 138 -59.80 -24.48 -8.46
CA PHE C 138 -60.17 -24.92 -7.12
C PHE C 138 -60.09 -26.43 -7.09
N LEU C 139 -59.83 -26.96 -5.90
CA LEU C 139 -59.97 -28.39 -5.68
C LEU C 139 -61.44 -28.71 -5.50
N ASP C 140 -61.77 -30.01 -5.59
CA ASP C 140 -63.18 -30.42 -5.50
C ASP C 140 -63.27 -31.64 -4.60
N VAL C 141 -63.80 -31.45 -3.39
CA VAL C 141 -63.91 -32.51 -2.41
C VAL C 141 -65.34 -33.01 -2.40
N TYR C 142 -65.55 -34.26 -1.99
CA TYR C 142 -66.88 -34.86 -1.84
C TYR C 142 -67.74 -34.11 -0.82
N MET C 151 -63.53 -38.82 -1.47
CA MET C 151 -63.26 -38.34 -2.81
C MET C 151 -62.63 -36.96 -2.77
N GLU C 152 -61.55 -36.79 -3.52
CA GLU C 152 -60.86 -35.50 -3.61
C GLU C 152 -60.22 -35.43 -4.99
N SER C 153 -60.81 -34.64 -5.89
CA SER C 153 -60.40 -34.64 -7.28
C SER C 153 -59.45 -33.49 -7.58
N GLU C 154 -58.94 -33.47 -8.81
CA GLU C 154 -57.94 -32.49 -9.21
C GLU C 154 -58.23 -31.87 -10.58
N PHE C 155 -59.23 -32.35 -11.31
CA PHE C 155 -59.43 -31.98 -12.70
C PHE C 155 -60.08 -30.61 -12.88
N ARG C 156 -60.47 -29.94 -11.80
CA ARG C 156 -60.97 -28.58 -11.89
C ARG C 156 -59.88 -27.54 -11.73
N VAL C 157 -58.66 -27.96 -11.43
CA VAL C 157 -57.54 -27.03 -11.34
C VAL C 157 -56.93 -26.79 -12.72
N TYR C 158 -56.49 -27.87 -13.38
CA TYR C 158 -55.83 -27.77 -14.67
C TYR C 158 -56.42 -28.81 -15.62
N SER C 159 -55.87 -28.86 -16.83
CA SER C 159 -56.33 -29.82 -17.82
C SER C 159 -55.20 -30.43 -18.65
N SER C 160 -53.94 -30.21 -18.28
CA SER C 160 -52.81 -30.79 -18.98
C SER C 160 -51.63 -30.85 -18.03
N ALA C 161 -50.87 -31.94 -18.09
CA ALA C 161 -49.77 -32.15 -17.16
C ALA C 161 -48.55 -32.67 -17.91
N ASN C 162 -48.20 -32.01 -19.01
CA ASN C 162 -47.13 -32.50 -19.86
C ASN C 162 -45.76 -32.07 -19.34
N ASN C 163 -44.87 -33.05 -19.20
CA ASN C 163 -43.42 -32.87 -19.06
C ASN C 163 -43.05 -32.09 -17.81
N CYS C 164 -43.30 -32.71 -16.66
CA CYS C 164 -42.70 -32.26 -15.41
C CYS C 164 -41.40 -32.96 -15.06
N THR C 165 -40.45 -32.14 -14.61
CA THR C 165 -39.09 -32.54 -14.29
C THR C 165 -38.81 -32.49 -12.80
N PHE C 166 -39.83 -32.38 -11.95
CA PHE C 166 -39.61 -32.31 -10.52
C PHE C 166 -40.86 -32.78 -9.79
N GLU C 167 -40.67 -33.71 -8.85
CA GLU C 167 -41.72 -34.18 -7.97
C GLU C 167 -41.17 -34.23 -6.55
N TYR C 168 -42.06 -34.10 -5.57
CA TYR C 168 -41.63 -34.03 -4.19
C TYR C 168 -42.81 -34.42 -3.31
N VAL C 169 -42.53 -35.17 -2.24
CA VAL C 169 -43.56 -35.57 -1.27
C VAL C 169 -42.95 -35.43 0.13
N SER C 170 -43.54 -34.58 0.95
CA SER C 170 -43.25 -34.47 2.37
C SER C 170 -44.55 -34.58 3.14
N GLN C 171 -44.45 -34.89 4.44
CA GLN C 171 -45.70 -35.13 5.15
C GLN C 171 -46.49 -33.86 5.53
N PRO C 172 -46.03 -33.00 6.47
CA PRO C 172 -47.01 -32.07 7.07
C PRO C 172 -47.44 -30.87 6.24
N PHE C 173 -46.54 -29.89 6.13
CA PHE C 173 -46.61 -28.63 5.39
C PHE C 173 -47.70 -27.66 5.84
N LEU C 174 -48.62 -28.09 6.71
CA LEU C 174 -49.81 -27.31 7.02
C LEU C 174 -50.48 -27.97 8.22
N MET C 175 -51.00 -27.14 9.13
CA MET C 175 -51.55 -27.58 10.43
C MET C 175 -50.53 -28.38 11.25
N ASP C 176 -49.24 -28.04 11.06
CA ASP C 176 -48.08 -28.73 11.63
C ASP C 176 -48.10 -30.24 11.34
N PHE C 184 -56.94 -20.46 20.92
CA PHE C 184 -58.16 -20.61 20.13
C PHE C 184 -57.82 -20.85 18.66
N LYS C 185 -57.74 -19.77 17.89
CA LYS C 185 -57.35 -19.88 16.49
C LYS C 185 -55.83 -19.96 16.40
N ASN C 186 -55.34 -20.25 15.19
CA ASN C 186 -53.91 -20.46 14.96
C ASN C 186 -53.49 -19.72 13.71
N LEU C 187 -52.48 -18.87 13.85
CA LEU C 187 -51.93 -18.16 12.69
C LEU C 187 -50.90 -19.04 12.02
N ARG C 188 -50.91 -19.07 10.69
CA ARG C 188 -49.92 -19.82 9.94
C ARG C 188 -49.26 -18.87 8.97
N GLU C 189 -47.95 -18.74 9.06
CA GLU C 189 -47.21 -17.78 8.26
C GLU C 189 -46.21 -18.50 7.38
N PHE C 190 -46.13 -18.08 6.12
CA PHE C 190 -45.20 -18.63 5.16
C PHE C 190 -44.47 -17.49 4.48
N VAL C 191 -43.25 -17.76 4.02
CA VAL C 191 -42.52 -16.84 3.17
C VAL C 191 -41.95 -17.64 2.01
N PHE C 192 -42.33 -17.28 0.80
CA PHE C 192 -41.80 -17.90 -0.40
C PHE C 192 -40.81 -16.94 -1.06
N LYS C 193 -39.64 -17.45 -1.42
CA LYS C 193 -38.78 -16.64 -2.26
C LYS C 193 -37.98 -17.54 -3.18
N ASN C 194 -37.85 -17.12 -4.43
CA ASN C 194 -37.21 -17.89 -5.48
C ASN C 194 -35.94 -17.16 -5.89
N ILE C 195 -34.79 -17.78 -5.61
CA ILE C 195 -33.50 -17.17 -5.89
C ILE C 195 -32.57 -18.21 -6.48
N ASP C 196 -31.99 -17.89 -7.65
CA ASP C 196 -30.98 -18.70 -8.33
C ASP C 196 -31.46 -20.11 -8.63
N GLY C 197 -32.73 -20.23 -9.05
CA GLY C 197 -33.30 -21.52 -9.33
C GLY C 197 -33.69 -22.31 -8.11
N TYR C 198 -33.57 -21.75 -6.92
CA TYR C 198 -33.92 -22.42 -5.68
C TYR C 198 -35.15 -21.76 -5.10
N PHE C 199 -36.21 -22.54 -4.93
CA PHE C 199 -37.41 -22.09 -4.24
C PHE C 199 -37.24 -22.37 -2.76
N LYS C 200 -37.45 -21.35 -1.94
CA LYS C 200 -37.27 -21.46 -0.50
C LYS C 200 -38.58 -21.10 0.19
N ILE C 201 -39.13 -22.04 0.95
CA ILE C 201 -40.35 -21.85 1.70
C ILE C 201 -40.01 -21.89 3.18
N TYR C 202 -40.35 -20.83 3.90
CA TYR C 202 -40.17 -20.73 5.34
C TYR C 202 -41.55 -20.73 5.99
N SER C 203 -41.69 -21.37 7.13
CA SER C 203 -43.02 -21.55 7.70
C SER C 203 -42.98 -21.55 9.20
N LYS C 204 -44.08 -21.07 9.80
CA LYS C 204 -44.23 -21.07 11.25
C LYS C 204 -45.71 -21.03 11.60
N HIS C 205 -46.14 -21.97 12.44
CA HIS C 205 -47.53 -22.09 12.85
C HIS C 205 -47.62 -21.82 14.34
N THR C 206 -48.31 -20.75 14.72
CA THR C 206 -48.34 -20.35 16.12
C THR C 206 -49.75 -20.16 16.64
N PRO C 207 -50.06 -20.66 17.84
CA PRO C 207 -51.38 -20.42 18.43
C PRO C 207 -51.45 -19.02 19.03
N ILE C 208 -52.50 -18.28 18.66
CA ILE C 208 -52.68 -16.92 19.12
C ILE C 208 -54.07 -16.76 19.72
N ASN C 209 -54.20 -15.75 20.57
CA ASN C 209 -55.48 -15.36 21.12
C ASN C 209 -56.25 -14.49 20.13
N LEU C 210 -57.43 -14.04 20.55
CA LEU C 210 -58.27 -13.23 19.67
C LEU C 210 -57.72 -11.81 19.59
N GLY C 211 -57.38 -11.38 18.38
CA GLY C 211 -56.83 -10.06 18.17
C GLY C 211 -57.05 -9.56 16.75
N ARG C 212 -56.06 -8.88 16.18
CA ARG C 212 -56.17 -8.34 14.83
C ARG C 212 -55.72 -9.32 13.76
N ASP C 213 -55.52 -10.60 14.12
CA ASP C 213 -55.05 -11.71 13.30
C ASP C 213 -53.61 -11.54 12.79
N LEU C 214 -52.95 -10.47 13.19
CA LEU C 214 -51.52 -10.27 12.98
C LEU C 214 -51.02 -9.66 14.28
N PRO C 215 -50.76 -10.47 15.29
CA PRO C 215 -50.67 -9.96 16.66
C PRO C 215 -49.36 -9.24 16.93
N GLN C 216 -49.42 -8.40 17.95
CA GLN C 216 -48.25 -7.65 18.42
C GLN C 216 -47.34 -8.62 19.16
N GLY C 217 -46.25 -9.01 18.54
CA GLY C 217 -45.34 -9.95 19.14
C GLY C 217 -44.21 -10.27 18.18
N PHE C 218 -43.56 -11.40 18.41
CA PHE C 218 -42.45 -11.77 17.55
C PHE C 218 -42.32 -13.28 17.50
N SER C 219 -42.11 -13.81 16.30
CA SER C 219 -41.92 -15.25 16.10
C SER C 219 -41.13 -15.44 14.82
N ALA C 220 -39.97 -16.07 14.92
CA ALA C 220 -39.12 -16.28 13.76
C ALA C 220 -39.62 -17.44 12.93
N LEU C 221 -39.39 -17.37 11.63
CA LEU C 221 -39.86 -18.37 10.69
C LEU C 221 -38.71 -19.33 10.37
N GLU C 222 -38.95 -20.62 10.56
CA GLU C 222 -37.92 -21.63 10.35
C GLU C 222 -38.10 -22.31 9.02
N PRO C 223 -37.02 -22.66 8.31
CA PRO C 223 -37.15 -23.14 6.94
C PRO C 223 -37.76 -24.52 6.84
N LEU C 224 -38.43 -24.76 5.72
CA LEU C 224 -39.18 -26.00 5.52
C LEU C 224 -38.60 -26.85 4.40
N VAL C 225 -38.54 -26.34 3.17
CA VAL C 225 -38.00 -27.06 2.02
C VAL C 225 -37.04 -26.14 1.30
N ASP C 226 -36.35 -26.71 0.30
CA ASP C 226 -35.39 -25.96 -0.51
C ASP C 226 -35.35 -26.69 -1.85
N LEU C 227 -36.09 -26.20 -2.81
CA LEU C 227 -36.34 -26.99 -4.02
C LEU C 227 -35.48 -26.49 -5.17
N PRO C 228 -34.75 -27.37 -5.84
CA PRO C 228 -34.04 -27.01 -7.09
C PRO C 228 -34.93 -27.09 -8.33
N ILE C 229 -35.67 -26.02 -8.59
CA ILE C 229 -36.64 -26.02 -9.68
C ILE C 229 -36.06 -25.44 -10.97
N GLY C 230 -35.35 -24.32 -10.91
CA GLY C 230 -34.88 -23.66 -12.11
C GLY C 230 -35.98 -23.02 -12.94
N ILE C 231 -36.83 -22.19 -12.33
CA ILE C 231 -38.04 -21.66 -12.95
C ILE C 231 -38.12 -20.17 -12.69
N ASN C 232 -38.41 -19.40 -13.74
CA ASN C 232 -38.80 -18.01 -13.58
C ASN C 232 -40.20 -17.94 -12.98
N ILE C 233 -40.35 -17.25 -11.86
CA ILE C 233 -41.62 -17.13 -11.15
C ILE C 233 -41.93 -15.65 -11.00
N THR C 234 -43.08 -15.22 -11.52
CA THR C 234 -43.49 -13.83 -11.34
C THR C 234 -44.96 -13.63 -10.98
N ARG C 235 -45.79 -14.65 -11.13
CA ARG C 235 -47.21 -14.55 -10.80
C ARG C 235 -47.62 -15.74 -9.92
N PHE C 236 -48.60 -15.53 -9.04
CA PHE C 236 -49.03 -16.62 -8.17
C PHE C 236 -50.47 -16.36 -7.75
N GLN C 237 -51.15 -17.44 -7.39
CA GLN C 237 -52.45 -17.32 -6.73
C GLN C 237 -52.63 -18.53 -5.83
N THR C 238 -53.74 -18.56 -5.11
CA THR C 238 -53.96 -19.58 -4.10
C THR C 238 -55.04 -20.55 -4.51
N LEU C 239 -54.83 -21.82 -4.20
CA LEU C 239 -55.83 -22.84 -4.40
C LEU C 239 -56.81 -22.85 -3.23
N LEU C 240 -58.00 -23.39 -3.48
CA LEU C 240 -59.00 -23.56 -2.45
C LEU C 240 -59.67 -24.91 -2.64
N ALA C 241 -60.50 -25.29 -1.68
CA ALA C 241 -61.36 -26.45 -1.80
C ALA C 241 -62.80 -26.00 -1.63
N LEU C 242 -63.72 -26.62 -2.38
CA LEU C 242 -65.08 -26.12 -2.41
C LEU C 242 -66.17 -27.12 -2.02
N HIS C 243 -65.82 -28.34 -1.62
CA HIS C 243 -66.70 -29.34 -1.02
C HIS C 243 -67.88 -29.78 -1.87
N ARG C 244 -67.95 -29.39 -3.15
CA ARG C 244 -69.09 -29.58 -4.05
C ARG C 244 -70.43 -29.12 -3.46
N TRP C 256 -68.74 -23.95 -5.37
CA TRP C 256 -70.16 -23.99 -5.07
C TRP C 256 -70.45 -23.32 -3.73
N THR C 257 -70.04 -23.98 -2.65
CA THR C 257 -70.27 -23.46 -1.30
C THR C 257 -69.00 -23.66 -0.47
N ALA C 258 -68.52 -22.59 0.14
CA ALA C 258 -67.34 -22.64 0.97
C ALA C 258 -67.64 -21.95 2.30
N GLY C 259 -66.61 -21.79 3.12
CA GLY C 259 -66.78 -21.19 4.43
C GLY C 259 -66.48 -19.71 4.43
N ALA C 260 -65.34 -19.34 5.00
CA ALA C 260 -64.94 -17.93 5.07
C ALA C 260 -63.42 -17.88 5.10
N ALA C 261 -62.80 -17.63 3.96
CA ALA C 261 -61.36 -17.53 3.86
C ALA C 261 -60.91 -16.10 4.12
N ALA C 262 -59.63 -15.96 4.47
CA ALA C 262 -59.00 -14.67 4.68
C ALA C 262 -57.51 -14.90 4.70
N TYR C 263 -56.77 -14.20 3.85
CA TYR C 263 -55.32 -14.36 3.88
C TYR C 263 -54.66 -13.00 3.70
N TYR C 264 -53.48 -12.86 4.29
CA TYR C 264 -52.76 -11.61 4.33
C TYR C 264 -51.52 -11.74 3.48
N VAL C 265 -51.35 -10.86 2.50
CA VAL C 265 -50.25 -10.95 1.56
C VAL C 265 -49.40 -9.68 1.68
N GLY C 266 -48.09 -9.86 1.89
CA GLY C 266 -47.17 -8.76 1.89
C GLY C 266 -45.94 -9.12 1.06
N TYR C 267 -45.21 -8.11 0.64
CA TYR C 267 -44.12 -8.30 -0.30
C TYR C 267 -42.78 -7.98 0.34
N LEU C 268 -41.80 -8.83 0.04
CA LEU C 268 -40.47 -8.71 0.61
C LEU C 268 -39.67 -7.67 -0.15
N GLN C 269 -38.79 -6.97 0.56
CA GLN C 269 -37.92 -5.96 -0.01
C GLN C 269 -36.51 -6.14 0.51
N PRO C 270 -35.48 -5.73 -0.24
CA PRO C 270 -34.12 -5.85 0.28
C PRO C 270 -33.83 -4.90 1.42
N ARG C 271 -33.75 -5.42 2.63
CA ARG C 271 -33.56 -4.63 3.83
C ARG C 271 -32.42 -5.18 4.66
N THR C 272 -31.88 -4.31 5.52
CA THR C 272 -30.85 -4.67 6.48
C THR C 272 -31.51 -4.81 7.85
N PHE C 273 -31.33 -5.96 8.47
CA PHE C 273 -31.90 -6.24 9.77
C PHE C 273 -30.79 -6.48 10.77
N LEU C 274 -31.11 -6.31 12.04
CA LEU C 274 -30.21 -6.67 13.14
C LEU C 274 -30.98 -7.65 14.02
N LEU C 275 -30.63 -8.93 13.93
CA LEU C 275 -31.31 -9.97 14.66
C LEU C 275 -30.54 -10.27 15.93
N LYS C 276 -31.26 -10.69 16.98
CA LYS C 276 -30.65 -10.94 18.27
C LYS C 276 -30.90 -12.38 18.67
N TYR C 277 -29.85 -13.21 18.63
CA TYR C 277 -29.98 -14.60 19.01
C TYR C 277 -29.67 -14.76 20.49
N ASN C 278 -30.55 -15.43 21.21
CA ASN C 278 -30.35 -15.64 22.64
C ASN C 278 -29.48 -16.87 22.84
N GLU C 279 -29.50 -17.43 24.05
CA GLU C 279 -28.60 -18.54 24.38
C GLU C 279 -28.90 -19.78 23.56
N ASN C 280 -30.17 -20.10 23.35
CA ASN C 280 -30.51 -21.34 22.70
C ASN C 280 -30.52 -21.24 21.18
N GLY C 281 -30.05 -20.15 20.61
CA GLY C 281 -29.98 -20.01 19.17
C GLY C 281 -31.26 -19.57 18.51
N THR C 282 -32.25 -19.15 19.27
CA THR C 282 -33.51 -18.65 18.72
C THR C 282 -33.45 -17.14 18.54
N ILE C 283 -34.22 -16.64 17.61
CA ILE C 283 -34.32 -15.20 17.42
C ILE C 283 -35.45 -14.67 18.30
N THR C 284 -35.13 -13.70 19.14
CA THR C 284 -36.13 -13.08 20.00
C THR C 284 -36.49 -11.66 19.62
N ASP C 285 -35.61 -10.95 18.92
CA ASP C 285 -35.86 -9.56 18.56
C ASP C 285 -35.07 -9.19 17.33
N ALA C 286 -35.55 -8.17 16.62
CA ALA C 286 -34.91 -7.71 15.41
C ALA C 286 -35.18 -6.22 15.25
N VAL C 287 -34.27 -5.54 14.57
CA VAL C 287 -34.36 -4.10 14.36
C VAL C 287 -34.15 -3.81 12.87
N ASP C 288 -35.11 -3.12 12.26
CA ASP C 288 -35.06 -2.76 10.85
C ASP C 288 -34.31 -1.45 10.66
N CYS C 289 -33.16 -1.51 9.99
CA CYS C 289 -32.22 -0.39 9.97
C CYS C 289 -32.58 0.72 9.00
N ALA C 290 -33.86 0.90 8.73
CA ALA C 290 -34.28 2.00 7.88
C ALA C 290 -35.70 2.34 8.22
N LEU C 291 -36.13 1.97 9.42
CA LEU C 291 -37.49 2.22 9.83
C LEU C 291 -37.65 3.65 10.27
N ASP C 292 -36.71 4.16 11.05
CA ASP C 292 -36.78 5.53 11.55
C ASP C 292 -35.36 6.05 11.76
N PRO C 293 -35.17 7.04 12.63
CA PRO C 293 -33.79 7.51 12.82
C PRO C 293 -33.13 6.76 13.92
N LEU C 294 -33.84 6.53 15.01
CA LEU C 294 -33.27 5.78 16.10
C LEU C 294 -32.73 4.45 15.56
N SER C 295 -33.63 3.65 14.99
CA SER C 295 -33.27 2.35 14.43
C SER C 295 -31.99 2.43 13.60
N GLU C 296 -31.76 3.57 12.94
CA GLU C 296 -30.49 3.77 12.25
C GLU C 296 -29.34 3.86 13.25
N THR C 297 -29.57 4.46 14.41
CA THR C 297 -28.54 4.51 15.44
C THR C 297 -28.25 3.12 16.01
N LYS C 298 -29.30 2.33 16.24
CA LYS C 298 -29.11 0.97 16.74
C LYS C 298 -28.41 0.09 15.73
N CYS C 299 -28.62 0.32 14.44
CA CYS C 299 -27.89 -0.43 13.44
C CYS C 299 -26.47 0.07 13.24
N THR C 300 -26.19 1.33 13.58
CA THR C 300 -24.81 1.82 13.54
C THR C 300 -24.00 1.25 14.69
N LEU C 301 -24.57 1.26 15.90
CA LEU C 301 -23.84 0.76 17.07
C LEU C 301 -23.70 -0.76 17.08
N LYS C 302 -24.53 -1.47 16.31
CA LYS C 302 -24.73 -2.92 16.39
C LYS C 302 -25.09 -3.32 17.83
N SER C 303 -26.16 -2.71 18.32
CA SER C 303 -26.69 -3.02 19.65
C SER C 303 -28.17 -2.70 19.65
N PHE C 304 -28.85 -3.08 20.73
CA PHE C 304 -30.25 -2.72 20.91
C PHE C 304 -30.48 -1.74 22.04
N THR C 305 -29.43 -1.33 22.75
CA THR C 305 -29.53 -0.35 23.81
C THR C 305 -28.60 0.80 23.49
N VAL C 306 -29.14 2.01 23.43
CA VAL C 306 -28.37 3.20 23.09
C VAL C 306 -28.37 4.11 24.30
N GLU C 307 -27.21 4.27 24.91
CA GLU C 307 -27.11 5.17 26.05
C GLU C 307 -27.08 6.62 25.58
N LYS C 308 -27.04 7.52 26.55
CA LYS C 308 -27.32 8.92 26.31
C LYS C 308 -26.15 9.60 25.62
N GLY C 309 -26.41 10.23 24.49
CA GLY C 309 -25.41 11.07 23.85
C GLY C 309 -25.62 11.17 22.36
N ILE C 310 -24.90 12.12 21.76
CA ILE C 310 -24.92 12.28 20.31
C ILE C 310 -24.21 11.11 19.67
N TYR C 311 -24.87 10.47 18.70
CA TYR C 311 -24.32 9.32 18.00
C TYR C 311 -24.37 9.59 16.51
N GLN C 312 -23.22 9.75 15.87
CA GLN C 312 -23.17 10.04 14.46
C GLN C 312 -23.49 8.78 13.66
N THR C 313 -24.49 8.85 12.78
CA THR C 313 -24.91 7.69 12.03
C THR C 313 -24.64 7.81 10.53
N SER C 314 -25.22 8.78 9.86
CA SER C 314 -25.24 8.78 8.40
C SER C 314 -24.64 10.07 7.85
N ASN C 315 -24.76 10.24 6.53
CA ASN C 315 -24.25 11.41 5.85
C ASN C 315 -25.35 12.05 5.02
N PHE C 316 -25.39 13.37 5.05
CA PHE C 316 -26.41 14.16 4.35
C PHE C 316 -25.76 14.86 3.17
N ARG C 317 -26.15 14.45 1.97
CA ARG C 317 -25.67 15.08 0.75
C ARG C 317 -26.86 15.38 -0.15
N VAL C 318 -26.86 16.56 -0.76
CA VAL C 318 -27.96 17.02 -1.60
C VAL C 318 -27.62 16.72 -3.06
N GLN C 319 -28.58 16.18 -3.79
CA GLN C 319 -28.38 15.81 -5.17
C GLN C 319 -28.74 16.95 -6.11
N PRO C 320 -28.46 16.77 -7.40
CA PRO C 320 -28.73 17.80 -8.41
C PRO C 320 -30.12 17.74 -9.04
N THR C 321 -30.60 18.88 -9.52
CA THR C 321 -31.93 18.97 -10.11
C THR C 321 -32.00 19.74 -11.44
N GLU C 322 -31.14 19.37 -12.38
CA GLU C 322 -31.08 20.00 -13.69
C GLU C 322 -29.77 19.65 -14.41
N SER C 323 -29.54 20.27 -15.56
CA SER C 323 -28.33 20.00 -16.33
C SER C 323 -28.05 21.15 -17.29
N ILE C 324 -27.95 22.35 -16.75
CA ILE C 324 -27.70 23.55 -17.54
C ILE C 324 -26.59 23.34 -18.57
N VAL C 325 -26.51 24.24 -19.54
CA VAL C 325 -25.48 24.19 -20.59
C VAL C 325 -25.25 25.62 -21.04
N ARG C 326 -24.02 25.93 -21.42
CA ARG C 326 -23.74 27.30 -21.83
C ARG C 326 -22.65 27.46 -22.89
N PHE C 327 -23.07 27.82 -24.10
CA PHE C 327 -22.16 28.04 -25.21
C PHE C 327 -22.36 29.45 -25.74
N PRO C 328 -21.49 29.89 -26.64
CA PRO C 328 -21.58 31.25 -27.20
C PRO C 328 -22.55 31.39 -28.39
N ASN C 329 -22.67 32.61 -28.90
CA ASN C 329 -23.55 32.91 -30.03
C ASN C 329 -23.21 32.22 -31.38
N ILE C 330 -22.97 33.03 -32.41
CA ILE C 330 -22.66 32.50 -33.74
C ILE C 330 -21.81 33.46 -34.60
N THR C 331 -21.23 32.93 -35.68
CA THR C 331 -20.38 33.70 -36.60
C THR C 331 -20.69 33.40 -38.07
N ASN C 332 -19.93 34.00 -38.99
CA ASN C 332 -20.17 33.68 -40.40
C ASN C 332 -20.76 32.29 -40.53
N LEU C 333 -21.48 32.07 -41.63
CA LEU C 333 -22.35 30.90 -41.72
C LEU C 333 -22.03 29.97 -42.90
N CYS C 334 -20.89 30.18 -43.58
CA CYS C 334 -20.28 29.34 -44.63
C CYS C 334 -21.28 28.85 -45.67
N PRO C 335 -21.65 29.69 -46.63
CA PRO C 335 -22.89 29.48 -47.37
C PRO C 335 -22.94 28.23 -48.23
N PHE C 336 -23.81 27.33 -47.83
CA PHE C 336 -24.32 26.28 -48.69
C PHE C 336 -25.27 26.82 -49.73
N ASP C 337 -25.74 28.05 -49.52
CA ASP C 337 -26.46 28.88 -50.47
C ASP C 337 -25.79 28.92 -51.85
N GLU C 338 -24.47 28.90 -51.92
CA GLU C 338 -23.81 28.96 -53.22
C GLU C 338 -23.54 27.59 -53.81
N VAL C 339 -23.47 26.53 -53.00
CA VAL C 339 -23.14 25.24 -53.58
C VAL C 339 -24.38 24.39 -53.82
N PHE C 340 -25.41 24.50 -52.97
CA PHE C 340 -26.63 23.75 -53.18
C PHE C 340 -27.62 24.44 -54.10
N ASN C 341 -27.32 25.65 -54.52
CA ASN C 341 -28.34 26.47 -55.16
C ASN C 341 -27.78 27.28 -56.32
N ALA C 342 -26.71 26.82 -56.95
CA ALA C 342 -26.14 27.52 -58.07
C ALA C 342 -27.05 27.41 -59.28
N THR C 343 -26.98 28.40 -60.16
CA THR C 343 -27.76 28.36 -61.38
C THR C 343 -27.18 27.42 -62.42
N ARG C 344 -25.89 27.11 -62.32
CA ARG C 344 -25.22 26.28 -63.32
C ARG C 344 -24.22 25.38 -62.60
N PHE C 345 -24.61 24.15 -62.32
CA PHE C 345 -23.64 23.17 -61.90
C PHE C 345 -22.70 22.86 -63.04
N ALA C 346 -21.47 22.52 -62.72
CA ALA C 346 -20.49 22.18 -63.74
C ALA C 346 -20.68 20.74 -64.16
N SER C 347 -20.25 20.42 -65.38
CA SER C 347 -20.38 19.07 -65.87
C SER C 347 -19.42 18.13 -65.16
N VAL C 348 -19.64 16.83 -65.37
CA VAL C 348 -19.04 15.85 -64.47
C VAL C 348 -17.55 15.65 -64.68
N TYR C 349 -17.03 15.82 -65.90
CA TYR C 349 -15.60 15.63 -66.10
C TYR C 349 -14.81 16.80 -65.55
N ALA C 350 -15.42 17.97 -65.40
CA ALA C 350 -14.75 19.15 -64.86
C ALA C 350 -15.61 19.70 -63.74
N TRP C 351 -15.49 19.10 -62.58
CA TRP C 351 -16.30 19.46 -61.42
C TRP C 351 -15.65 20.56 -60.59
N ASN C 352 -16.49 21.36 -59.96
CA ASN C 352 -16.02 22.40 -59.07
C ASN C 352 -15.44 21.80 -57.81
N ARG C 353 -14.83 22.65 -57.00
CA ARG C 353 -14.33 22.22 -55.70
C ARG C 353 -14.32 23.44 -54.80
N LYS C 354 -15.38 23.65 -54.04
CA LYS C 354 -15.39 24.77 -53.12
C LYS C 354 -14.80 24.32 -51.79
N ARG C 355 -13.76 25.04 -51.36
CA ARG C 355 -13.11 24.79 -50.07
C ARG C 355 -13.90 25.67 -49.10
N ILE C 356 -14.33 25.09 -47.98
CA ILE C 356 -15.13 25.82 -47.02
C ILE C 356 -14.24 26.24 -45.85
N SER C 357 -14.09 27.53 -45.67
CA SER C 357 -13.28 28.11 -44.63
C SER C 357 -14.12 28.30 -43.37
N ASN C 358 -13.59 29.08 -42.43
CA ASN C 358 -14.10 29.23 -41.07
C ASN C 358 -15.52 29.75 -41.00
N CYS C 359 -16.36 29.05 -40.24
CA CYS C 359 -17.76 29.40 -40.08
C CYS C 359 -18.33 28.63 -38.91
N VAL C 360 -19.60 28.86 -38.62
CA VAL C 360 -20.42 27.94 -37.86
C VAL C 360 -21.37 27.31 -38.87
N ALA C 361 -21.43 25.99 -38.87
CA ALA C 361 -22.04 25.25 -39.96
C ALA C 361 -23.31 24.58 -39.48
N ASP C 362 -24.45 25.21 -39.75
CA ASP C 362 -25.75 24.65 -39.39
C ASP C 362 -26.20 23.75 -40.52
N TYR C 363 -26.18 22.45 -40.29
CA TYR C 363 -26.52 21.50 -41.33
C TYR C 363 -28.01 21.26 -41.44
N SER C 364 -28.81 21.84 -40.55
CA SER C 364 -30.26 21.72 -40.65
C SER C 364 -30.84 22.40 -41.88
N VAL C 365 -30.11 23.35 -42.48
CA VAL C 365 -30.55 23.90 -43.75
C VAL C 365 -30.32 22.94 -44.90
N LEU C 366 -29.46 21.93 -44.72
CA LEU C 366 -29.45 20.82 -45.65
C LEU C 366 -30.72 20.00 -45.54
N TYR C 367 -31.15 19.77 -44.31
CA TYR C 367 -32.03 18.66 -43.98
C TYR C 367 -33.47 18.90 -44.39
N ASN C 368 -33.85 20.16 -44.58
CA ASN C 368 -35.22 20.51 -44.93
C ASN C 368 -35.24 21.42 -46.14
N PHE C 369 -34.56 21.01 -47.20
CA PHE C 369 -34.30 21.87 -48.35
C PHE C 369 -34.89 21.31 -49.64
N ALA C 370 -34.81 20.00 -49.82
CA ALA C 370 -35.07 19.36 -51.11
C ALA C 370 -35.63 17.96 -50.87
N PRO C 371 -36.17 17.31 -51.91
CA PRO C 371 -36.63 15.92 -51.74
C PRO C 371 -35.54 14.91 -51.49
N PHE C 372 -34.31 15.12 -52.00
CA PHE C 372 -33.11 14.35 -51.66
C PHE C 372 -33.25 12.88 -52.01
N PHE C 373 -33.22 12.60 -53.32
CA PHE C 373 -33.20 11.22 -53.83
C PHE C 373 -32.18 10.33 -53.15
N ALA C 374 -31.00 10.86 -52.83
CA ALA C 374 -30.04 10.04 -52.10
C ALA C 374 -29.27 10.92 -51.13
N PHE C 375 -29.05 10.41 -49.92
CA PHE C 375 -28.37 11.18 -48.89
C PHE C 375 -27.61 10.18 -48.03
N LYS C 376 -26.37 9.91 -48.39
CA LYS C 376 -25.62 8.84 -47.74
C LYS C 376 -24.41 9.43 -47.07
N CYS C 377 -24.44 9.53 -45.76
CA CYS C 377 -23.27 9.93 -44.98
C CYS C 377 -22.49 8.69 -44.59
N TYR C 378 -21.20 8.70 -44.86
CA TYR C 378 -20.39 7.48 -44.80
C TYR C 378 -19.59 7.33 -43.53
N GLY C 379 -18.72 8.28 -43.21
CA GLY C 379 -17.94 8.15 -42.00
C GLY C 379 -18.69 8.63 -40.78
N VAL C 380 -19.65 9.53 -40.99
CA VAL C 380 -20.38 10.18 -39.92
C VAL C 380 -21.83 9.74 -40.03
N SER C 381 -22.58 9.86 -38.95
CA SER C 381 -24.01 9.67 -39.04
C SER C 381 -24.71 11.03 -39.03
N PRO C 382 -25.67 11.25 -39.92
CA PRO C 382 -26.16 12.62 -40.18
C PRO C 382 -26.96 13.25 -39.06
N THR C 383 -27.35 12.49 -38.04
CA THR C 383 -28.09 13.08 -36.95
C THR C 383 -27.19 13.80 -35.95
N LYS C 384 -25.88 13.62 -36.04
CA LYS C 384 -24.94 14.16 -35.06
C LYS C 384 -24.07 15.26 -35.61
N LEU C 385 -24.38 15.81 -36.79
CA LEU C 385 -23.44 16.69 -37.46
C LEU C 385 -23.32 18.04 -36.80
N ASN C 386 -24.30 18.46 -36.01
CA ASN C 386 -24.32 19.81 -35.45
C ASN C 386 -23.50 19.92 -34.17
N ASP C 387 -22.71 18.90 -33.83
CA ASP C 387 -21.94 18.94 -32.59
C ASP C 387 -20.51 18.47 -32.79
N LEU C 388 -19.96 18.60 -33.99
CA LEU C 388 -18.63 18.11 -34.30
C LEU C 388 -17.83 19.23 -34.96
N CYS C 389 -16.51 19.16 -34.79
CA CYS C 389 -15.61 20.10 -35.44
C CYS C 389 -14.88 19.38 -36.57
N PHE C 390 -14.83 20.02 -37.73
CA PHE C 390 -14.11 19.49 -38.89
C PHE C 390 -13.02 20.47 -39.25
N THR C 391 -11.97 20.01 -39.91
CA THR C 391 -10.95 20.97 -40.34
C THR C 391 -11.24 21.49 -41.73
N ASN C 392 -11.29 20.62 -42.73
CA ASN C 392 -11.62 21.09 -44.06
C ASN C 392 -12.83 20.36 -44.61
N VAL C 393 -13.75 21.12 -45.16
CA VAL C 393 -14.99 20.61 -45.73
C VAL C 393 -14.94 20.91 -47.22
N TYR C 394 -14.53 19.93 -48.02
CA TYR C 394 -14.46 20.14 -49.45
C TYR C 394 -15.78 19.74 -50.10
N ALA C 395 -16.39 20.67 -50.82
CA ALA C 395 -17.67 20.40 -51.48
C ALA C 395 -17.45 20.32 -52.97
N ASP C 396 -17.54 19.12 -53.51
CA ASP C 396 -17.52 18.91 -54.95
C ASP C 396 -18.94 18.94 -55.48
N SER C 397 -19.09 19.27 -56.76
CA SER C 397 -20.42 19.51 -57.29
C SER C 397 -20.47 19.24 -58.78
N PHE C 398 -21.46 18.46 -59.24
CA PHE C 398 -21.58 18.13 -60.65
C PHE C 398 -22.98 17.62 -60.95
N VAL C 399 -23.22 17.22 -62.20
CA VAL C 399 -24.46 16.56 -62.57
C VAL C 399 -24.13 15.20 -63.18
N ILE C 400 -25.04 14.23 -63.06
CA ILE C 400 -24.89 12.89 -63.61
C ILE C 400 -26.27 12.32 -63.92
N ARG C 401 -26.30 11.26 -64.71
CA ARG C 401 -27.54 10.55 -64.99
C ARG C 401 -28.01 9.78 -63.76
N GLY C 402 -29.26 9.35 -63.79
CA GLY C 402 -29.86 8.78 -62.60
C GLY C 402 -29.47 7.37 -62.27
N ASN C 403 -29.12 6.58 -63.27
CA ASN C 403 -28.69 5.22 -62.98
C ASN C 403 -27.23 5.13 -62.62
N GLU C 404 -26.54 6.26 -62.49
CA GLU C 404 -25.14 6.30 -62.10
C GLU C 404 -24.92 6.98 -60.76
N VAL C 405 -26.00 7.35 -60.05
CA VAL C 405 -25.86 7.91 -58.72
C VAL C 405 -25.29 6.91 -57.75
N SER C 406 -25.53 5.61 -57.98
CA SER C 406 -24.90 4.58 -57.17
C SER C 406 -23.42 4.44 -57.42
N GLN C 407 -22.86 5.10 -58.43
CA GLN C 407 -21.43 5.02 -58.66
C GLN C 407 -20.66 6.09 -57.91
N ILE C 408 -21.34 7.03 -57.28
CA ILE C 408 -20.67 7.99 -56.40
C ILE C 408 -20.66 7.34 -55.02
N ALA C 409 -19.67 6.47 -54.82
CA ALA C 409 -19.48 5.72 -53.59
C ALA C 409 -18.03 5.26 -53.55
N PRO C 410 -17.47 5.02 -52.38
CA PRO C 410 -16.09 4.52 -52.32
C PRO C 410 -15.98 3.11 -52.89
N GLY C 411 -15.08 2.95 -53.85
CA GLY C 411 -14.87 1.66 -54.47
C GLY C 411 -16.03 1.21 -55.34
N GLN C 412 -16.22 1.86 -56.48
CA GLN C 412 -17.25 1.48 -57.43
C GLN C 412 -16.68 1.41 -58.82
N THR C 413 -17.43 0.82 -59.74
CA THR C 413 -16.99 0.70 -61.12
C THR C 413 -18.09 1.23 -62.02
N GLY C 414 -17.70 1.52 -63.26
CA GLY C 414 -18.59 2.12 -64.24
C GLY C 414 -18.06 3.47 -64.69
N ASN C 415 -18.59 3.93 -65.82
CA ASN C 415 -17.97 5.00 -66.60
C ASN C 415 -18.00 6.38 -65.95
N ILE C 416 -18.59 6.50 -64.77
CA ILE C 416 -18.43 7.70 -63.96
C ILE C 416 -17.33 7.52 -62.93
N ALA C 417 -17.37 6.42 -62.19
CA ALA C 417 -16.43 6.27 -61.10
C ALA C 417 -15.05 5.84 -61.55
N ASP C 418 -14.92 5.26 -62.74
CA ASP C 418 -13.57 4.87 -63.17
C ASP C 418 -12.75 6.10 -63.57
N TYR C 419 -13.18 6.79 -64.63
CA TYR C 419 -12.52 8.02 -65.03
C TYR C 419 -13.55 9.11 -65.33
N ASN C 420 -14.20 9.61 -64.28
CA ASN C 420 -14.70 10.98 -64.27
C ASN C 420 -14.51 11.56 -62.87
N TYR C 421 -14.76 10.72 -61.87
CA TYR C 421 -14.74 11.16 -60.47
C TYR C 421 -14.55 9.92 -59.62
N LYS C 422 -13.43 9.80 -58.94
CA LYS C 422 -13.12 8.62 -58.15
C LYS C 422 -13.11 8.98 -56.68
N LEU C 423 -14.05 8.43 -55.94
CA LEU C 423 -13.96 8.62 -54.50
C LEU C 423 -12.92 7.69 -53.91
N PRO C 424 -12.15 8.17 -52.94
CA PRO C 424 -11.18 7.29 -52.27
C PRO C 424 -11.87 6.24 -51.42
N ASP C 425 -11.13 5.18 -51.11
CA ASP C 425 -11.64 4.14 -50.22
C ASP C 425 -11.50 4.50 -48.74
N ASP C 426 -10.98 5.69 -48.44
CA ASP C 426 -10.81 6.19 -47.10
C ASP C 426 -11.78 7.35 -46.89
N PHE C 427 -13.02 7.12 -47.28
CA PHE C 427 -13.97 8.19 -47.40
C PHE C 427 -14.75 8.38 -46.11
N THR C 428 -14.96 9.65 -45.74
CA THR C 428 -15.67 10.02 -44.53
C THR C 428 -16.58 11.22 -44.72
N GLY C 429 -17.07 11.46 -45.93
CA GLY C 429 -17.94 12.58 -46.21
C GLY C 429 -19.40 12.21 -46.21
N CYS C 430 -20.11 12.73 -47.21
CA CYS C 430 -21.55 12.51 -47.36
C CYS C 430 -21.92 12.88 -48.78
N VAL C 431 -22.57 11.96 -49.48
CA VAL C 431 -22.96 12.14 -50.87
C VAL C 431 -24.43 12.52 -50.91
N ILE C 432 -24.73 13.68 -51.49
CA ILE C 432 -26.10 14.18 -51.57
C ILE C 432 -26.45 14.29 -53.03
N ALA C 433 -27.66 13.87 -53.39
CA ALA C 433 -28.04 13.88 -54.80
C ALA C 433 -29.54 14.08 -54.92
N TRP C 434 -29.93 15.01 -55.78
CA TRP C 434 -31.35 15.21 -55.99
C TRP C 434 -31.66 15.48 -57.45
N ASN C 435 -32.89 15.15 -57.84
CA ASN C 435 -33.31 15.31 -59.23
C ASN C 435 -33.42 16.78 -59.57
N SER C 436 -33.08 17.11 -60.80
CA SER C 436 -33.24 18.46 -61.30
C SER C 436 -33.71 18.45 -62.74
N ASN C 437 -34.67 17.58 -63.05
CA ASN C 437 -35.23 17.55 -64.40
C ASN C 437 -36.05 18.80 -64.68
N LYS C 438 -36.49 19.49 -63.63
CA LYS C 438 -37.16 20.78 -63.76
C LYS C 438 -36.23 21.87 -64.25
N LEU C 439 -34.93 21.72 -64.02
CA LEU C 439 -34.05 22.85 -64.22
C LEU C 439 -32.95 22.62 -65.24
N ASP C 440 -32.24 21.49 -65.18
CA ASP C 440 -31.03 21.30 -65.96
C ASP C 440 -31.27 20.60 -67.28
N SER C 441 -32.53 20.46 -67.70
CA SER C 441 -32.84 19.72 -68.91
C SER C 441 -33.86 20.52 -69.70
N LYS C 442 -33.60 20.72 -70.98
CA LYS C 442 -34.53 21.46 -71.80
C LYS C 442 -34.98 20.62 -72.98
N VAL C 443 -36.11 21.01 -73.55
CA VAL C 443 -36.65 20.34 -74.73
C VAL C 443 -35.76 20.63 -75.93
N GLY C 444 -35.42 19.59 -76.68
CA GLY C 444 -34.56 19.75 -77.81
C GLY C 444 -33.10 19.46 -77.56
N GLY C 445 -32.78 18.76 -76.49
CA GLY C 445 -31.42 18.36 -76.24
C GLY C 445 -30.62 19.43 -75.53
N ASN C 446 -29.93 19.04 -74.46
CA ASN C 446 -29.08 19.97 -73.71
C ASN C 446 -27.65 19.47 -73.84
N TYR C 447 -26.93 20.04 -74.81
CA TYR C 447 -25.61 19.57 -75.20
C TYR C 447 -24.49 20.22 -74.40
N ASN C 448 -24.76 20.66 -73.18
CA ASN C 448 -23.74 21.32 -72.38
C ASN C 448 -23.34 20.50 -71.16
N TYR C 449 -23.80 19.26 -71.06
CA TYR C 449 -23.33 18.35 -70.03
C TYR C 449 -22.63 17.18 -70.73
N ARG C 450 -21.34 17.03 -70.46
CA ARG C 450 -20.51 16.05 -71.14
C ARG C 450 -19.79 15.17 -70.15
N TYR C 451 -19.56 13.93 -70.54
CA TYR C 451 -18.81 12.99 -69.75
C TYR C 451 -17.79 12.31 -70.63
N ARG C 452 -16.64 11.99 -70.04
CA ARG C 452 -15.55 11.36 -70.76
C ARG C 452 -15.68 9.86 -70.70
N LEU C 453 -15.76 9.24 -71.87
CA LEU C 453 -16.03 7.82 -71.93
C LEU C 453 -14.84 6.97 -72.35
N PHE C 454 -13.83 7.54 -72.98
CA PHE C 454 -12.62 6.79 -73.34
C PHE C 454 -11.42 7.46 -72.72
N ARG C 455 -10.54 6.66 -72.12
CA ARG C 455 -9.30 7.19 -71.57
C ARG C 455 -8.23 6.10 -71.62
N LYS C 456 -7.01 6.50 -71.31
CA LYS C 456 -5.90 5.55 -71.22
C LYS C 456 -6.14 4.55 -70.10
N SER C 457 -6.26 5.03 -68.87
CA SER C 457 -6.62 4.19 -67.75
C SER C 457 -7.41 5.04 -66.76
N ASN C 458 -7.54 4.52 -65.54
CA ASN C 458 -8.41 5.12 -64.55
C ASN C 458 -7.80 6.40 -63.99
N LEU C 459 -8.51 6.99 -63.04
CA LEU C 459 -7.98 8.12 -62.32
C LEU C 459 -7.53 7.69 -60.93
N LYS C 460 -6.76 8.56 -60.28
CA LYS C 460 -6.56 8.47 -58.85
C LYS C 460 -7.78 9.06 -58.16
N PRO C 461 -7.93 8.84 -56.85
CA PRO C 461 -8.97 9.54 -56.09
C PRO C 461 -8.83 11.06 -56.19
N PHE C 462 -9.98 11.73 -56.38
CA PHE C 462 -10.09 13.18 -56.49
C PHE C 462 -9.25 13.74 -57.64
N GLU C 463 -9.27 13.08 -58.78
CA GLU C 463 -8.47 13.50 -59.92
C GLU C 463 -9.34 14.11 -61.01
N ARG C 464 -8.92 15.27 -61.50
CA ARG C 464 -9.71 16.05 -62.44
C ARG C 464 -8.93 16.30 -63.72
N ASP C 465 -9.53 15.96 -64.86
CA ASP C 465 -8.89 16.13 -66.16
C ASP C 465 -9.80 16.92 -67.08
N ILE C 466 -9.21 17.77 -67.90
CA ILE C 466 -9.98 18.57 -68.85
C ILE C 466 -9.39 18.38 -70.24
N SER C 467 -8.80 17.22 -70.48
CA SER C 467 -8.15 16.95 -71.74
C SER C 467 -9.17 16.74 -72.85
N THR C 468 -8.78 17.12 -74.07
CA THR C 468 -9.63 16.96 -75.25
C THR C 468 -8.80 16.34 -76.38
N GLU C 469 -7.64 15.78 -76.03
CA GLU C 469 -6.80 15.11 -77.02
C GLU C 469 -7.44 13.79 -77.44
N ILE C 470 -7.41 13.53 -78.74
CA ILE C 470 -8.08 12.37 -79.32
C ILE C 470 -7.37 11.10 -78.87
N TYR C 471 -8.11 10.26 -78.14
CA TYR C 471 -7.58 8.97 -77.71
C TYR C 471 -7.34 8.07 -78.91
N GLN C 472 -6.09 7.62 -79.03
CA GLN C 472 -5.64 6.86 -80.19
C GLN C 472 -5.78 5.38 -79.87
N ALA C 473 -6.95 4.82 -80.12
CA ALA C 473 -7.19 3.41 -79.83
C ALA C 473 -6.43 2.50 -80.77
N GLY C 474 -6.50 2.76 -82.08
CA GLY C 474 -5.81 1.96 -83.06
C GLY C 474 -4.31 2.15 -83.02
N ASN C 475 -3.63 1.30 -83.77
CA ASN C 475 -2.17 1.30 -83.78
C ASN C 475 -1.58 2.47 -84.54
N LYS C 476 -2.34 3.10 -85.43
CA LYS C 476 -1.80 4.19 -86.23
C LYS C 476 -2.20 5.53 -85.65
N PRO C 477 -1.34 6.54 -85.78
CA PRO C 477 -1.75 7.90 -85.40
C PRO C 477 -2.74 8.47 -86.39
N CYS C 478 -3.71 9.21 -85.84
CA CYS C 478 -4.64 9.99 -86.65
C CYS C 478 -4.54 11.48 -86.40
N ASN C 479 -3.44 11.95 -85.79
CA ASN C 479 -2.92 13.34 -85.72
C ASN C 479 -4.00 14.43 -85.61
N GLY C 480 -4.92 14.26 -84.67
CA GLY C 480 -5.90 15.29 -84.43
C GLY C 480 -7.12 15.24 -85.31
N VAL C 481 -7.27 14.20 -86.12
CA VAL C 481 -8.45 14.00 -86.94
C VAL C 481 -9.10 12.69 -86.53
N ALA C 482 -10.26 12.78 -85.89
CA ALA C 482 -10.91 11.60 -85.34
C ALA C 482 -11.56 10.78 -86.45
N GLY C 483 -12.05 9.61 -86.08
CA GLY C 483 -12.67 8.72 -87.04
C GLY C 483 -12.56 7.27 -86.63
N VAL C 484 -12.04 6.43 -87.51
CA VAL C 484 -11.93 5.01 -87.23
C VAL C 484 -10.79 4.76 -86.25
N ASN C 485 -11.10 4.06 -85.16
CA ASN C 485 -10.16 3.66 -84.10
C ASN C 485 -9.49 4.84 -83.40
N CYS C 486 -10.07 6.04 -83.49
CA CYS C 486 -9.73 7.15 -82.61
C CYS C 486 -10.93 8.07 -82.57
N TYR C 487 -11.49 8.28 -81.38
CA TYR C 487 -12.72 9.02 -81.19
C TYR C 487 -12.48 10.26 -80.36
N PHE C 488 -13.39 11.22 -80.49
CA PHE C 488 -13.47 12.32 -79.55
C PHE C 488 -13.77 11.76 -78.16
N PRO C 489 -13.13 12.26 -77.11
CA PRO C 489 -13.28 11.63 -75.79
C PRO C 489 -14.45 12.13 -74.95
N LEU C 490 -14.94 13.35 -75.17
CA LEU C 490 -15.98 13.94 -74.33
C LEU C 490 -17.28 13.84 -75.09
N GLN C 491 -18.17 12.96 -74.65
CA GLN C 491 -19.48 12.88 -75.28
C GLN C 491 -20.51 13.62 -74.45
N SER C 492 -21.36 14.34 -75.15
CA SER C 492 -22.43 15.10 -74.52
C SER C 492 -23.52 14.18 -74.04
N TYR C 493 -24.08 14.51 -72.88
CA TYR C 493 -25.28 13.85 -72.40
C TYR C 493 -26.48 14.24 -73.26
N GLY C 494 -27.62 13.68 -72.89
CA GLY C 494 -28.88 13.85 -73.59
C GLY C 494 -29.71 14.90 -72.88
N PHE C 495 -30.53 14.43 -71.93
CA PHE C 495 -31.37 15.24 -71.04
C PHE C 495 -32.49 15.92 -71.81
N ARG C 496 -33.21 15.12 -72.57
CA ARG C 496 -34.57 15.46 -72.94
C ARG C 496 -35.45 15.32 -71.72
N PRO C 497 -36.56 16.06 -71.65
CA PRO C 497 -37.47 15.89 -70.52
C PRO C 497 -38.26 14.61 -70.60
N THR C 498 -38.46 14.05 -71.79
CA THR C 498 -39.20 12.80 -71.92
C THR C 498 -38.28 11.59 -71.89
N TYR C 499 -37.43 11.53 -70.88
CA TYR C 499 -36.58 10.38 -70.60
C TYR C 499 -37.04 9.78 -69.28
N GLY C 500 -36.81 8.50 -69.10
CA GLY C 500 -37.17 7.85 -67.87
C GLY C 500 -36.31 8.30 -66.72
N VAL C 501 -36.82 8.15 -65.50
CA VAL C 501 -35.99 8.36 -64.33
C VAL C 501 -34.91 7.29 -64.29
N GLY C 502 -33.67 7.73 -64.44
CA GLY C 502 -32.59 6.89 -64.85
C GLY C 502 -31.93 7.38 -66.12
N HIS C 503 -32.54 8.35 -66.78
CA HIS C 503 -31.85 9.21 -67.71
C HIS C 503 -32.13 10.68 -67.47
N GLN C 504 -32.42 11.07 -66.23
CA GLN C 504 -32.72 12.44 -65.93
C GLN C 504 -31.52 13.11 -65.28
N PRO C 505 -31.38 14.42 -65.40
CA PRO C 505 -30.24 15.09 -64.80
C PRO C 505 -30.35 15.18 -63.29
N TYR C 506 -29.48 14.46 -62.61
CA TYR C 506 -29.41 14.47 -61.17
C TYR C 506 -28.23 15.30 -60.73
N ARG C 507 -28.48 16.33 -59.94
CA ARG C 507 -27.41 17.13 -59.39
C ARG C 507 -26.84 16.43 -58.18
N VAL C 508 -25.54 16.58 -57.95
CA VAL C 508 -24.83 15.87 -56.90
C VAL C 508 -23.89 16.84 -56.24
N VAL C 509 -23.88 16.83 -54.91
CA VAL C 509 -22.87 17.52 -54.11
C VAL C 509 -22.24 16.51 -53.18
N VAL C 510 -20.93 16.38 -53.25
CA VAL C 510 -20.18 15.46 -52.42
C VAL C 510 -19.43 16.26 -51.39
N LEU C 511 -19.83 16.13 -50.13
CA LEU C 511 -19.08 16.75 -49.04
C LEU C 511 -18.03 15.78 -48.57
N SER C 512 -16.83 16.28 -48.34
CA SER C 512 -15.80 15.45 -47.75
C SER C 512 -15.18 16.22 -46.60
N PHE C 513 -15.42 15.73 -45.39
CA PHE C 513 -14.87 16.30 -44.18
C PHE C 513 -13.54 15.65 -43.92
N GLU C 514 -12.56 16.42 -43.49
CA GLU C 514 -11.36 15.81 -42.93
C GLU C 514 -10.94 16.60 -41.71
N LEU C 515 -10.32 15.89 -40.77
CA LEU C 515 -9.76 16.47 -39.55
C LEU C 515 -8.25 16.22 -39.52
N LEU C 516 -7.46 17.20 -39.98
CA LEU C 516 -6.04 16.95 -40.28
C LEU C 516 -5.08 17.31 -39.14
N HIS C 517 -4.92 18.61 -38.86
CA HIS C 517 -3.96 19.03 -37.85
C HIS C 517 -4.47 20.10 -36.89
N ALA C 518 -5.32 21.04 -37.36
CA ALA C 518 -5.57 22.29 -36.66
C ALA C 518 -6.36 22.05 -35.39
N PRO C 519 -6.05 22.78 -34.31
CA PRO C 519 -6.74 22.52 -33.04
C PRO C 519 -8.13 23.12 -33.00
N ALA C 520 -8.44 24.03 -33.93
CA ALA C 520 -9.76 24.64 -34.01
C ALA C 520 -9.99 25.14 -35.42
N THR C 521 -11.17 24.85 -35.97
CA THR C 521 -11.58 25.16 -37.34
C THR C 521 -13.09 25.34 -37.37
N VAL C 522 -13.68 25.18 -38.57
CA VAL C 522 -15.14 25.17 -38.74
C VAL C 522 -15.80 24.12 -37.85
N CYS C 523 -16.73 24.57 -37.02
CA CYS C 523 -17.41 23.69 -36.08
C CYS C 523 -18.87 24.08 -36.00
N GLY C 524 -19.70 23.16 -35.54
CA GLY C 524 -21.12 23.41 -35.42
C GLY C 524 -21.46 24.35 -34.28
N PRO C 525 -22.76 24.46 -34.03
CA PRO C 525 -23.31 25.27 -32.94
C PRO C 525 -24.11 24.31 -32.08
N LYS C 526 -23.45 23.73 -31.08
CA LYS C 526 -24.05 22.75 -30.18
C LYS C 526 -25.33 23.18 -29.47
N LYS C 527 -25.66 22.43 -28.42
CA LYS C 527 -26.85 22.66 -27.60
C LYS C 527 -26.91 24.05 -26.96
N SER C 528 -27.39 24.13 -25.73
CA SER C 528 -27.50 25.40 -25.04
C SER C 528 -28.20 25.23 -23.69
N THR C 529 -29.53 25.24 -23.73
CA THR C 529 -30.34 25.11 -22.53
C THR C 529 -30.48 26.48 -21.87
N ASN C 530 -31.11 26.53 -20.71
CA ASN C 530 -31.28 27.80 -20.02
C ASN C 530 -30.35 28.00 -18.85
N LEU C 531 -30.54 29.11 -18.13
CA LEU C 531 -29.69 29.44 -17.00
C LEU C 531 -30.45 29.77 -15.72
N VAL C 532 -30.76 28.76 -14.92
CA VAL C 532 -31.45 28.96 -13.66
C VAL C 532 -30.42 29.39 -12.63
N LYS C 533 -30.87 29.94 -11.51
CA LYS C 533 -29.95 30.35 -10.47
C LYS C 533 -30.50 29.95 -9.11
N ASN C 534 -29.61 29.87 -8.15
CA ASN C 534 -29.90 29.48 -6.76
C ASN C 534 -30.44 28.07 -6.65
N LYS C 535 -29.99 27.16 -7.52
CA LYS C 535 -30.42 25.77 -7.48
C LYS C 535 -29.20 24.89 -7.74
N CYS C 536 -29.13 23.76 -7.03
CA CYS C 536 -28.08 22.80 -7.31
C CYS C 536 -28.39 22.14 -8.64
N VAL C 537 -27.50 22.35 -9.61
CA VAL C 537 -27.70 21.90 -10.98
C VAL C 537 -26.42 21.27 -11.47
N ASN C 538 -26.51 20.58 -12.59
CA ASN C 538 -25.37 20.05 -13.30
C ASN C 538 -25.04 21.04 -14.41
N PHE C 539 -23.85 21.63 -14.38
CA PHE C 539 -23.52 22.70 -15.29
C PHE C 539 -22.33 22.36 -16.17
N ASN C 540 -22.27 23.05 -17.31
CA ASN C 540 -21.13 23.02 -18.21
C ASN C 540 -20.98 24.43 -18.79
N PHE C 541 -19.83 25.06 -18.51
CA PHE C 541 -19.50 26.39 -19.01
C PHE C 541 -18.35 26.27 -19.99
N ASN C 542 -18.69 26.19 -21.27
CA ASN C 542 -17.76 26.07 -22.40
C ASN C 542 -16.64 25.07 -22.14
N GLY C 543 -16.97 23.89 -21.65
CA GLY C 543 -15.97 22.88 -21.44
C GLY C 543 -15.83 22.48 -20.00
N LEU C 544 -16.04 23.42 -19.08
CA LEU C 544 -15.91 23.16 -17.64
C LEU C 544 -17.12 22.35 -17.19
N THR C 545 -16.89 21.11 -16.80
CA THR C 545 -17.97 20.22 -16.37
C THR C 545 -17.95 20.15 -14.84
N GLY C 546 -19.10 20.40 -14.22
CA GLY C 546 -19.17 20.31 -12.77
C GLY C 546 -20.55 20.32 -12.18
N THR C 547 -20.63 20.37 -10.85
CA THR C 547 -21.88 20.38 -10.13
C THR C 547 -21.82 21.46 -9.07
N GLY C 548 -22.96 22.10 -8.81
CA GLY C 548 -22.99 23.10 -7.77
C GLY C 548 -24.11 24.10 -7.98
N VAL C 549 -24.20 25.01 -7.04
CA VAL C 549 -25.18 26.07 -7.01
C VAL C 549 -24.56 27.32 -7.62
N LEU C 550 -25.31 27.97 -8.50
CA LEU C 550 -24.87 29.17 -9.21
C LEU C 550 -25.44 30.38 -8.50
N THR C 551 -24.59 31.36 -8.20
CA THR C 551 -25.06 32.57 -7.54
C THR C 551 -24.37 33.80 -8.10
N GLU C 552 -25.01 34.95 -7.97
CA GLU C 552 -24.40 36.22 -8.39
C GLU C 552 -23.09 36.45 -7.64
N SER C 553 -22.06 36.82 -8.39
CA SER C 553 -20.75 37.02 -7.79
C SER C 553 -20.47 38.50 -7.55
N ASN C 554 -19.31 38.74 -6.94
CA ASN C 554 -18.81 40.11 -6.81
C ASN C 554 -17.34 40.18 -7.23
N LYS C 555 -16.85 39.21 -7.98
CA LYS C 555 -15.49 39.20 -8.49
C LYS C 555 -15.44 39.92 -9.84
N LYS C 556 -14.23 40.32 -10.22
CA LYS C 556 -14.01 41.05 -11.47
C LYS C 556 -12.88 40.38 -12.24
N PHE C 557 -13.26 39.75 -13.35
CA PHE C 557 -12.36 39.07 -14.24
C PHE C 557 -11.77 40.04 -15.24
N LEU C 558 -10.60 39.74 -15.77
CA LEU C 558 -9.98 40.58 -16.77
C LEU C 558 -10.57 40.13 -18.09
N PRO C 559 -11.10 41.15 -18.87
CA PRO C 559 -11.75 40.77 -20.13
C PRO C 559 -11.31 39.54 -20.90
N PHE C 560 -10.16 38.98 -20.62
CA PHE C 560 -9.70 37.83 -21.37
C PHE C 560 -9.90 36.54 -20.61
N GLN C 561 -10.20 36.67 -19.33
CA GLN C 561 -10.43 35.49 -18.50
C GLN C 561 -11.84 34.96 -18.48
N GLN C 562 -11.95 33.65 -18.58
CA GLN C 562 -13.23 33.00 -18.61
C GLN C 562 -13.73 32.52 -17.26
N PHE C 563 -12.85 31.94 -16.49
CA PHE C 563 -13.20 31.41 -15.18
C PHE C 563 -12.05 31.64 -14.21
N GLY C 564 -12.37 31.55 -12.92
CA GLY C 564 -11.39 31.69 -11.87
C GLY C 564 -11.30 30.44 -11.02
N ARG C 565 -10.15 30.32 -10.35
CA ARG C 565 -9.95 29.25 -9.39
C ARG C 565 -9.53 29.84 -8.06
N ASP C 566 -9.79 29.11 -6.99
CA ASP C 566 -9.45 29.54 -5.65
C ASP C 566 -8.11 28.95 -5.24
N ILE C 567 -7.69 29.24 -4.02
CA ILE C 567 -6.51 28.63 -3.45
C ILE C 567 -6.83 27.16 -3.31
N ALA C 568 -5.84 26.30 -3.58
CA ALA C 568 -5.97 24.86 -3.67
C ALA C 568 -6.42 24.45 -5.07
N ASP C 569 -6.43 25.40 -6.00
CA ASP C 569 -6.60 25.13 -7.43
C ASP C 569 -7.92 24.44 -7.80
N THR C 570 -9.05 24.99 -7.35
CA THR C 570 -10.34 24.47 -7.74
C THR C 570 -11.18 25.62 -8.30
N THR C 571 -11.92 25.36 -9.36
CA THR C 571 -12.75 26.38 -9.99
C THR C 571 -13.77 26.91 -8.99
N ASP C 572 -13.84 28.22 -8.84
CA ASP C 572 -14.83 28.79 -7.94
C ASP C 572 -15.69 29.87 -8.55
N ALA C 573 -15.41 30.30 -9.77
CA ALA C 573 -16.25 31.26 -10.46
C ALA C 573 -16.10 31.03 -11.96
N VAL C 574 -17.17 31.30 -12.70
CA VAL C 574 -17.15 31.20 -14.15
C VAL C 574 -17.82 32.43 -14.73
N ARG C 575 -17.73 32.57 -16.05
CA ARG C 575 -18.33 33.66 -16.77
C ARG C 575 -19.24 32.96 -17.80
N ASP C 576 -20.52 33.33 -17.83
CA ASP C 576 -21.46 32.67 -18.73
C ASP C 576 -21.12 33.03 -20.16
N PRO C 577 -20.82 32.08 -21.02
CA PRO C 577 -20.43 32.42 -22.39
C PRO C 577 -21.46 33.27 -23.13
N GLN C 578 -22.74 33.04 -22.88
CA GLN C 578 -23.77 33.76 -23.63
C GLN C 578 -24.03 35.15 -23.06
N THR C 579 -24.23 35.26 -21.75
CA THR C 579 -24.62 36.53 -21.16
C THR C 579 -23.44 37.33 -20.62
N LEU C 580 -22.26 36.71 -20.48
CA LEU C 580 -21.04 37.36 -20.01
C LEU C 580 -21.20 37.93 -18.59
N GLU C 581 -21.70 37.10 -17.68
CA GLU C 581 -21.82 37.48 -16.29
C GLU C 581 -21.06 36.51 -15.42
N ILE C 582 -20.48 37.03 -14.35
CA ILE C 582 -19.64 36.25 -13.45
C ILE C 582 -20.51 35.68 -12.35
N LEU C 583 -20.40 34.38 -12.15
CA LEU C 583 -21.23 33.65 -11.20
C LEU C 583 -20.33 32.81 -10.31
N ASP C 584 -20.58 32.85 -9.00
CA ASP C 584 -19.88 31.96 -8.08
C ASP C 584 -20.54 30.59 -8.04
N ILE C 585 -19.71 29.60 -7.72
CA ILE C 585 -20.12 28.22 -7.62
C ILE C 585 -19.89 27.77 -6.18
N THR C 586 -20.94 27.48 -5.44
CA THR C 586 -20.73 26.95 -4.11
C THR C 586 -20.89 25.48 -4.39
N PRO C 587 -20.37 24.60 -3.44
CA PRO C 587 -20.57 23.19 -3.78
C PRO C 587 -21.90 22.73 -3.22
N CYS C 588 -22.46 21.65 -3.76
CA CYS C 588 -23.73 21.11 -3.27
C CYS C 588 -23.57 20.61 -1.84
N SER C 589 -24.25 21.25 -0.90
CA SER C 589 -24.18 20.88 0.51
C SER C 589 -24.10 19.38 0.82
N PHE C 590 -23.65 19.07 2.02
CA PHE C 590 -23.53 17.69 2.47
C PHE C 590 -23.00 17.69 3.89
N GLY C 591 -22.91 16.53 4.50
CA GLY C 591 -22.40 16.43 5.85
C GLY C 591 -22.91 15.22 6.60
N GLY C 592 -22.30 14.90 7.73
CA GLY C 592 -22.73 13.73 8.47
C GLY C 592 -24.07 13.93 9.15
N VAL C 593 -24.70 12.81 9.46
CA VAL C 593 -25.97 12.81 10.18
C VAL C 593 -25.78 11.99 11.45
N SER C 594 -26.05 12.60 12.60
CA SER C 594 -25.94 11.90 13.87
C SER C 594 -27.28 11.92 14.57
N VAL C 595 -27.51 10.91 15.39
CA VAL C 595 -28.75 10.77 16.13
C VAL C 595 -28.47 10.89 17.62
N ILE C 596 -29.24 11.74 18.28
CA ILE C 596 -29.11 12.01 19.71
C ILE C 596 -30.23 11.24 20.42
N THR C 597 -29.84 10.32 21.28
CA THR C 597 -30.77 9.45 21.97
C THR C 597 -30.47 9.38 23.46
N PRO C 598 -31.49 9.51 24.31
CA PRO C 598 -31.26 9.33 25.75
C PRO C 598 -31.06 7.90 26.19
N GLY C 599 -31.25 6.92 25.32
CA GLY C 599 -31.19 5.51 25.67
C GLY C 599 -32.60 4.95 25.69
N THR C 600 -32.77 3.76 25.15
CA THR C 600 -34.09 3.16 25.00
C THR C 600 -34.74 2.82 26.33
N ASN C 601 -33.96 2.86 27.40
CA ASN C 601 -34.42 2.62 28.76
C ASN C 601 -34.85 3.92 29.43
N THR C 602 -34.85 5.02 28.68
CA THR C 602 -35.31 6.30 29.18
C THR C 602 -36.44 6.81 28.31
N SER C 603 -36.24 6.70 26.99
CA SER C 603 -37.19 7.21 26.02
C SER C 603 -36.75 6.71 24.65
N ASN C 604 -37.63 6.84 23.68
CA ASN C 604 -37.33 6.54 22.29
C ASN C 604 -37.37 7.79 21.43
N GLN C 605 -37.45 8.96 22.02
CA GLN C 605 -37.46 10.14 21.21
C GLN C 605 -36.01 10.34 20.75
N VAL C 606 -35.79 11.18 19.76
CA VAL C 606 -34.48 11.51 19.24
C VAL C 606 -34.57 12.85 18.51
N ALA C 607 -33.47 13.58 18.50
CA ALA C 607 -33.33 14.77 17.69
C ALA C 607 -32.12 14.62 16.78
N VAL C 608 -32.14 15.32 15.65
CA VAL C 608 -31.08 15.16 14.65
C VAL C 608 -30.49 16.51 14.32
N LEU C 609 -29.17 16.61 14.34
CA LEU C 609 -28.44 17.79 13.93
C LEU C 609 -27.76 17.52 12.60
N TYR C 610 -28.04 18.36 11.60
CA TYR C 610 -27.39 18.30 10.31
C TYR C 610 -26.31 19.35 10.32
N GLN C 611 -25.06 18.91 10.41
CA GLN C 611 -23.88 19.79 10.51
C GLN C 611 -23.65 20.79 9.38
N GLY C 612 -23.75 22.06 9.72
CA GLY C 612 -23.67 23.18 8.79
C GLY C 612 -24.57 23.01 7.56
N VAL C 613 -25.77 22.53 7.83
CA VAL C 613 -26.82 22.44 6.82
C VAL C 613 -27.91 23.42 7.19
N ASN C 614 -28.32 24.22 6.22
CA ASN C 614 -29.40 25.15 6.47
C ASN C 614 -30.72 24.41 6.55
N CYS C 615 -31.60 24.89 7.40
CA CYS C 615 -32.86 24.21 7.64
C CYS C 615 -33.82 24.30 6.46
N THR C 616 -33.40 24.92 5.36
CA THR C 616 -34.22 25.04 4.16
C THR C 616 -33.77 24.04 3.09
N GLU C 617 -32.65 23.38 3.35
CA GLU C 617 -32.09 22.47 2.36
C GLU C 617 -31.89 21.09 2.95
N VAL C 618 -32.68 20.74 3.96
CA VAL C 618 -32.59 19.45 4.62
C VAL C 618 -33.32 18.38 3.82
N PRO C 619 -34.57 18.59 3.37
CA PRO C 619 -35.21 17.45 2.71
C PRO C 619 -34.85 17.36 1.24
N SER C 638 -43.55 21.60 14.26
CA SER C 638 -42.45 20.99 15.00
C SER C 638 -41.45 22.03 15.47
N ASN C 639 -40.31 21.56 15.95
CA ASN C 639 -39.30 22.41 16.57
C ASN C 639 -38.06 22.46 15.69
N VAL C 640 -37.91 23.54 14.95
CA VAL C 640 -36.76 23.73 14.09
C VAL C 640 -36.02 24.97 14.57
N PHE C 641 -34.74 24.82 14.82
CA PHE C 641 -33.91 25.90 15.35
C PHE C 641 -32.66 25.95 14.51
N GLN C 642 -32.30 27.13 14.04
CA GLN C 642 -31.08 27.33 13.29
C GLN C 642 -29.99 27.86 14.20
N THR C 643 -28.86 27.18 14.21
CA THR C 643 -27.69 27.56 14.97
C THR C 643 -26.51 27.63 14.01
N ARG C 644 -25.44 28.28 14.46
CA ARG C 644 -24.24 28.44 13.66
C ARG C 644 -23.52 27.11 13.45
N ALA C 645 -23.96 26.07 14.15
CA ALA C 645 -23.35 24.76 14.04
C ALA C 645 -24.12 23.82 13.11
N GLY C 646 -25.22 24.29 12.52
CA GLY C 646 -26.05 23.46 11.67
C GLY C 646 -27.52 23.61 11.99
N CYS C 647 -28.30 22.68 11.45
CA CYS C 647 -29.75 22.69 11.65
C CYS C 647 -30.16 21.65 12.69
N LEU C 648 -30.80 22.14 13.74
CA LEU C 648 -31.25 21.31 14.86
C LEU C 648 -32.76 21.08 14.75
N ILE C 649 -33.17 19.81 14.69
CA ILE C 649 -34.57 19.45 14.50
C ILE C 649 -34.99 18.54 15.63
N GLY C 650 -36.13 18.82 16.25
CA GLY C 650 -36.68 17.97 17.27
C GLY C 650 -36.47 18.43 18.69
N ALA C 651 -35.86 19.59 18.89
CA ALA C 651 -35.65 20.16 20.21
C ALA C 651 -36.00 21.64 20.13
N GLU C 652 -36.60 22.17 21.19
CA GLU C 652 -36.91 23.58 21.27
C GLU C 652 -35.78 24.34 21.96
N TYR C 653 -35.42 25.48 21.39
CA TYR C 653 -34.34 26.28 21.94
C TYR C 653 -34.87 27.32 22.92
N VAL C 654 -34.34 27.30 24.13
CA VAL C 654 -34.74 28.19 25.19
C VAL C 654 -33.60 29.14 25.51
N ASN C 655 -33.91 30.20 26.26
CA ASN C 655 -32.93 31.21 26.62
C ASN C 655 -32.34 31.02 28.01
N ASN C 656 -32.86 30.06 28.77
CA ASN C 656 -32.32 29.73 30.08
C ASN C 656 -30.98 29.00 29.93
N SER C 657 -30.43 28.57 31.06
CA SER C 657 -29.18 27.84 31.02
C SER C 657 -29.12 26.78 32.10
N TYR C 658 -28.55 25.63 31.78
CA TYR C 658 -28.42 24.54 32.72
C TYR C 658 -27.02 23.98 32.55
N GLU C 659 -26.72 22.89 33.21
CA GLU C 659 -25.40 22.29 33.07
C GLU C 659 -25.39 21.44 31.81
N CYS C 660 -24.24 21.33 31.17
CA CYS C 660 -24.15 20.54 29.97
C CYS C 660 -24.69 19.16 30.26
N ASP C 661 -25.44 18.60 29.33
CA ASP C 661 -25.98 17.26 29.47
C ASP C 661 -25.47 16.43 28.32
N ILE C 662 -25.93 16.75 27.13
CA ILE C 662 -25.52 16.06 25.92
C ILE C 662 -24.94 17.17 25.07
N PRO C 663 -23.56 17.25 25.01
CA PRO C 663 -23.05 18.38 24.21
C PRO C 663 -23.42 18.37 22.76
N ILE C 664 -23.98 19.47 22.25
CA ILE C 664 -24.35 19.56 20.85
C ILE C 664 -23.29 20.30 20.06
N GLY C 665 -22.57 21.22 20.67
CA GLY C 665 -21.53 21.94 19.98
C GLY C 665 -21.73 23.42 19.89
N ALA C 666 -20.66 24.17 20.07
CA ALA C 666 -20.68 25.63 20.00
C ALA C 666 -21.42 26.35 21.11
N GLY C 667 -21.62 25.70 22.24
CA GLY C 667 -22.32 26.32 23.34
C GLY C 667 -23.68 25.77 23.70
N ILE C 668 -24.24 24.89 22.87
CA ILE C 668 -25.58 24.30 23.03
C ILE C 668 -25.59 22.88 23.56
N CYS C 669 -26.66 22.49 24.29
CA CYS C 669 -26.85 21.14 24.86
C CYS C 669 -28.31 20.68 24.78
N ALA C 670 -28.67 19.56 25.40
CA ALA C 670 -30.09 19.09 25.43
C ALA C 670 -30.33 18.00 26.50
N SER C 671 -31.57 17.80 26.90
CA SER C 671 -31.79 16.77 27.86
C SER C 671 -33.25 16.51 27.99
N TYR C 672 -33.60 15.30 28.36
CA TYR C 672 -34.98 14.96 28.56
C TYR C 672 -35.42 15.83 29.72
N GLN C 673 -36.22 16.85 29.44
CA GLN C 673 -36.67 17.74 30.50
C GLN C 673 -38.04 17.35 31.04
N THR C 674 -38.71 18.31 31.66
CA THR C 674 -40.03 18.04 32.24
C THR C 674 -40.90 19.30 32.30
N GLN C 688 -39.89 14.48 29.71
CA GLN C 688 -41.18 14.71 29.05
C GLN C 688 -41.00 15.40 27.71
N SER C 689 -39.75 15.59 27.31
CA SER C 689 -39.44 16.26 26.04
C SER C 689 -37.96 16.60 25.99
N ILE C 690 -37.36 16.52 24.81
CA ILE C 690 -35.94 16.81 24.68
C ILE C 690 -35.69 18.21 24.17
N ILE C 691 -35.36 19.11 25.10
CA ILE C 691 -35.08 20.49 24.77
C ILE C 691 -33.63 20.70 24.50
N ALA C 692 -33.35 21.84 23.91
CA ALA C 692 -32.00 22.29 23.60
C ALA C 692 -31.80 23.61 24.34
N TYR C 693 -30.58 24.01 24.61
CA TYR C 693 -30.33 25.24 25.32
C TYR C 693 -28.87 25.57 25.32
N THR C 694 -28.50 26.73 25.87
CA THR C 694 -27.11 27.14 25.96
C THR C 694 -26.56 26.73 27.30
N MET C 695 -25.43 26.05 27.33
CA MET C 695 -24.87 25.61 28.59
C MET C 695 -24.50 26.72 29.57
N SER C 696 -24.67 26.44 30.85
CA SER C 696 -24.36 27.35 31.92
C SER C 696 -22.98 26.99 32.38
N LEU C 697 -22.14 27.99 32.62
CA LEU C 697 -20.79 27.72 33.05
C LEU C 697 -20.69 27.42 34.53
N GLY C 698 -21.68 27.84 35.28
CA GLY C 698 -21.69 27.58 36.71
C GLY C 698 -22.49 28.62 37.42
N ALA C 699 -22.62 28.46 38.73
CA ALA C 699 -23.36 29.41 39.53
C ALA C 699 -22.53 30.67 39.58
N GLU C 700 -23.16 31.78 39.86
CA GLU C 700 -22.47 33.05 39.92
C GLU C 700 -22.24 33.43 41.36
N ASN C 701 -21.10 34.05 41.64
CA ASN C 701 -20.91 34.47 43.03
C ASN C 701 -19.93 35.62 43.10
N SER C 702 -20.34 36.66 43.81
CA SER C 702 -19.51 37.80 44.13
C SER C 702 -18.81 37.59 45.46
N VAL C 703 -17.52 37.87 45.47
CA VAL C 703 -16.73 37.86 46.68
C VAL C 703 -16.93 39.21 47.36
N ALA C 704 -17.12 39.19 48.67
CA ALA C 704 -17.40 40.41 49.41
C ALA C 704 -16.09 41.15 49.74
N TYR C 705 -15.39 41.58 48.70
CA TYR C 705 -14.10 42.24 48.90
C TYR C 705 -14.29 43.63 49.47
N SER C 706 -13.41 44.01 50.40
CA SER C 706 -13.25 45.41 50.78
C SER C 706 -11.79 45.67 51.12
N ASN C 707 -11.44 46.91 51.44
CA ASN C 707 -10.03 47.19 51.69
C ASN C 707 -9.60 46.94 53.12
N ASN C 708 -10.50 46.49 54.00
CA ASN C 708 -10.08 46.18 55.36
C ASN C 708 -10.85 45.01 55.95
N SER C 709 -11.32 44.09 55.12
CA SER C 709 -12.12 42.96 55.56
C SER C 709 -11.40 41.65 55.26
N ILE C 710 -11.54 40.69 56.15
CA ILE C 710 -10.97 39.36 55.95
C ILE C 710 -11.99 38.30 56.36
N ALA C 711 -11.88 37.12 55.77
CA ALA C 711 -12.70 35.97 56.13
C ALA C 711 -11.81 34.81 56.53
N ILE C 712 -12.04 34.27 57.73
CA ILE C 712 -11.22 33.20 58.29
C ILE C 712 -12.15 32.06 58.68
N PRO C 713 -11.82 30.81 58.36
CA PRO C 713 -12.66 29.68 58.78
C PRO C 713 -12.59 29.42 60.28
N THR C 714 -13.72 28.98 60.83
CA THR C 714 -13.76 28.59 62.24
C THR C 714 -13.96 27.08 62.44
N ASN C 715 -14.14 26.34 61.34
CA ASN C 715 -14.30 24.90 61.42
C ASN C 715 -13.78 24.31 60.12
N PHE C 716 -13.82 22.99 60.01
CA PHE C 716 -13.28 22.30 58.86
C PHE C 716 -13.92 20.93 58.74
N THR C 717 -13.77 20.33 57.56
CA THR C 717 -14.10 18.93 57.35
C THR C 717 -12.93 18.21 56.69
N ILE C 718 -12.91 16.89 56.85
CA ILE C 718 -11.98 16.00 56.17
C ILE C 718 -12.71 15.34 55.01
N SER C 719 -12.19 15.52 53.81
CA SER C 719 -12.82 14.96 52.60
C SER C 719 -11.99 13.80 52.07
N VAL C 720 -12.65 12.88 51.36
CA VAL C 720 -11.98 11.80 50.66
C VAL C 720 -12.46 11.80 49.22
N THR C 721 -11.51 11.73 48.27
CA THR C 721 -11.84 11.67 46.86
C THR C 721 -11.03 10.59 46.16
N THR C 722 -11.57 10.06 45.08
CA THR C 722 -10.91 9.04 44.30
C THR C 722 -10.26 9.62 43.06
N GLU C 723 -9.18 8.97 42.65
CA GLU C 723 -8.56 9.20 41.35
C GLU C 723 -8.14 7.84 40.80
N ILE C 724 -8.37 7.62 39.52
CA ILE C 724 -8.15 6.31 38.91
C ILE C 724 -7.17 6.47 37.76
N LEU C 725 -6.17 5.60 37.70
CA LEU C 725 -5.20 5.65 36.62
C LEU C 725 -4.94 4.26 36.06
N PRO C 726 -4.97 4.10 34.74
CA PRO C 726 -4.56 2.84 34.11
C PRO C 726 -3.06 2.64 34.18
N VAL C 727 -2.63 1.39 34.29
CA VAL C 727 -1.20 1.11 34.29
C VAL C 727 -0.77 0.11 33.24
N SER C 728 -1.64 -0.75 32.69
CA SER C 728 -1.16 -1.75 31.74
C SER C 728 -2.28 -2.22 30.82
N MET C 729 -1.88 -2.81 29.70
CA MET C 729 -2.73 -3.49 28.74
C MET C 729 -2.43 -4.98 28.71
N THR C 730 -3.28 -5.73 28.02
CA THR C 730 -3.00 -7.13 27.72
C THR C 730 -1.90 -7.25 26.67
N LYS C 731 -1.03 -8.22 26.87
CA LYS C 731 0.08 -8.51 25.98
C LYS C 731 -0.40 -9.45 24.90
N THR C 732 -0.25 -9.03 23.65
CA THR C 732 -0.71 -9.83 22.54
C THR C 732 0.47 -10.22 21.68
N SER C 733 0.31 -11.33 20.97
CA SER C 733 1.29 -11.80 20.00
C SER C 733 0.58 -12.45 18.81
N VAL C 734 1.04 -12.12 17.60
CA VAL C 734 0.43 -12.62 16.38
C VAL C 734 1.44 -13.49 15.69
N ASP C 735 1.01 -14.67 15.25
CA ASP C 735 1.81 -15.53 14.41
C ASP C 735 1.64 -15.06 12.97
N CYS C 736 2.67 -14.39 12.44
CA CYS C 736 2.58 -13.77 11.12
C CYS C 736 2.24 -14.80 10.04
N THR C 737 2.92 -15.93 10.05
CA THR C 737 2.69 -16.95 9.04
C THR C 737 1.30 -17.56 9.14
N MET C 738 0.81 -17.78 10.36
CA MET C 738 -0.52 -18.37 10.50
C MET C 738 -1.64 -17.37 10.27
N TYR C 739 -1.39 -16.09 10.50
CA TYR C 739 -2.39 -15.10 10.20
C TYR C 739 -2.54 -14.94 8.70
N ILE C 740 -1.43 -14.75 8.00
CA ILE C 740 -1.52 -14.48 6.58
C ILE C 740 -1.87 -15.75 5.83
N CYS C 741 -0.88 -16.64 5.67
CA CYS C 741 -1.09 -17.88 4.92
C CYS C 741 -2.23 -18.66 5.57
N GLY C 742 -1.95 -19.25 6.73
CA GLY C 742 -2.92 -20.08 7.42
C GLY C 742 -2.87 -21.52 6.97
N ASP C 743 -2.06 -22.32 7.66
CA ASP C 743 -1.99 -23.75 7.42
C ASP C 743 -1.26 -24.12 6.13
N SER C 744 -1.72 -23.57 5.01
CA SER C 744 -1.13 -23.86 3.70
C SER C 744 0.40 -23.79 3.73
N THR C 745 1.05 -24.63 2.93
CA THR C 745 2.50 -24.68 2.91
C THR C 745 3.09 -24.17 1.59
N GLU C 746 2.25 -24.08 0.57
CA GLU C 746 2.70 -23.54 -0.71
C GLU C 746 2.87 -22.04 -0.54
N CYS C 747 2.11 -21.50 0.40
CA CYS C 747 2.16 -20.09 0.75
C CYS C 747 3.47 -19.70 1.43
N SER C 748 4.02 -20.58 2.27
CA SER C 748 5.20 -20.22 3.03
C SER C 748 6.36 -19.82 2.14
N ASN C 749 6.56 -20.51 1.03
CA ASN C 749 7.63 -20.12 0.12
C ASN C 749 7.37 -18.77 -0.54
N LEU C 750 6.10 -18.43 -0.74
CA LEU C 750 5.78 -17.13 -1.31
C LEU C 750 5.97 -16.02 -0.29
N LEU C 751 5.64 -16.26 0.97
CA LEU C 751 5.76 -15.25 2.00
C LEU C 751 7.21 -14.89 2.27
N LEU C 752 8.12 -15.84 2.13
CA LEU C 752 9.54 -15.58 2.28
C LEU C 752 10.08 -14.57 1.27
N GLN C 753 9.33 -14.33 0.18
CA GLN C 753 9.78 -13.44 -0.89
C GLN C 753 9.55 -11.98 -0.58
N TYR C 754 8.93 -11.66 0.55
CA TYR C 754 8.69 -10.27 0.92
C TYR C 754 9.69 -9.75 1.92
N GLY C 755 10.69 -10.53 2.29
CA GLY C 755 11.73 -10.03 3.16
C GLY C 755 11.40 -10.24 4.61
N SER C 756 11.79 -9.29 5.44
CA SER C 756 11.77 -9.46 6.89
C SER C 756 10.59 -8.77 7.55
N PHE C 757 9.45 -8.67 6.88
CA PHE C 757 8.30 -8.02 7.49
C PHE C 757 7.82 -8.76 8.72
N CYS C 758 7.86 -10.09 8.72
CA CYS C 758 7.45 -10.87 9.87
C CYS C 758 8.42 -10.79 11.04
N THR C 759 9.69 -10.54 10.79
CA THR C 759 10.64 -10.29 11.86
C THR C 759 10.38 -8.95 12.53
N GLN C 760 10.07 -7.93 11.73
CA GLN C 760 9.76 -6.61 12.25
C GLN C 760 8.55 -6.65 13.18
N LEU C 761 7.52 -7.42 12.81
CA LEU C 761 6.34 -7.50 13.65
C LEU C 761 6.65 -8.13 15.00
N LYS C 762 7.45 -9.19 15.02
CA LYS C 762 7.81 -9.82 16.27
C LYS C 762 8.68 -8.93 17.13
N ARG C 763 9.63 -8.22 16.54
CA ARG C 763 10.45 -7.33 17.34
C ARG C 763 9.63 -6.18 17.93
N ALA C 764 8.74 -5.60 17.13
CA ALA C 764 7.94 -4.48 17.60
C ALA C 764 7.03 -4.91 18.73
N LEU C 765 6.36 -6.05 18.60
CA LEU C 765 5.46 -6.48 19.66
C LEU C 765 6.19 -6.93 20.91
N THR C 766 7.39 -7.49 20.79
CA THR C 766 8.16 -7.83 21.99
C THR C 766 8.54 -6.60 22.79
N GLY C 767 8.88 -5.50 22.12
CA GLY C 767 9.15 -4.27 22.84
C GLY C 767 8.01 -3.83 23.73
N ILE C 768 6.78 -3.88 23.22
CA ILE C 768 5.59 -3.61 24.00
C ILE C 768 5.42 -4.58 25.15
N ALA C 769 5.59 -5.87 24.90
CA ALA C 769 5.40 -6.89 25.92
C ALA C 769 6.35 -6.74 27.08
N VAL C 770 7.59 -6.34 26.83
CA VAL C 770 8.53 -6.16 27.95
C VAL C 770 8.21 -4.89 28.73
N GLU C 771 7.80 -3.81 28.06
CA GLU C 771 7.53 -2.57 28.76
C GLU C 771 6.30 -2.67 29.66
N GLN C 772 5.31 -3.48 29.30
CA GLN C 772 4.08 -3.55 30.08
C GLN C 772 4.29 -4.16 31.45
N ASP C 773 5.27 -5.02 31.63
CA ASP C 773 5.59 -5.54 32.95
C ASP C 773 6.43 -4.57 33.76
N LYS C 774 7.29 -3.82 33.10
CA LYS C 774 8.05 -2.79 33.76
C LYS C 774 7.17 -1.64 34.21
N ASN C 775 6.15 -1.28 33.45
CA ASN C 775 5.19 -0.28 33.87
C ASN C 775 4.61 -0.59 35.25
N THR C 776 4.23 -1.85 35.46
CA THR C 776 3.63 -2.28 36.72
C THR C 776 4.63 -2.28 37.87
N GLN C 777 5.85 -2.73 37.60
CA GLN C 777 6.86 -2.73 38.66
C GLN C 777 7.17 -1.32 39.13
N GLU C 778 7.25 -0.36 38.21
CA GLU C 778 7.54 1.00 38.60
C GLU C 778 6.42 1.64 39.39
N VAL C 779 5.16 1.30 39.13
CA VAL C 779 4.10 1.90 39.94
C VAL C 779 4.01 1.23 41.31
N PHE C 780 4.08 -0.09 41.38
CA PHE C 780 3.80 -0.76 42.65
C PHE C 780 5.03 -1.21 43.41
N ALA C 781 6.12 -1.60 42.76
CA ALA C 781 7.24 -2.22 43.46
C ALA C 781 8.21 -1.16 43.98
N GLN C 782 7.68 -0.29 44.83
CA GLN C 782 8.41 0.80 45.45
C GLN C 782 8.66 0.56 46.93
N VAL C 783 8.71 -0.70 47.35
CA VAL C 783 8.94 -1.00 48.75
C VAL C 783 9.88 -2.18 48.84
N LYS C 784 10.86 -2.09 49.73
CA LYS C 784 11.87 -3.12 49.88
C LYS C 784 11.31 -4.33 50.61
N GLN C 785 10.76 -4.12 51.79
CA GLN C 785 10.29 -5.17 52.66
C GLN C 785 8.76 -5.18 52.65
N ILE C 786 8.20 -6.31 53.02
CA ILE C 786 6.75 -6.47 53.07
C ILE C 786 6.35 -6.21 54.52
N TYR C 787 5.71 -5.07 54.75
CA TYR C 787 5.28 -4.66 56.08
C TYR C 787 3.95 -5.29 56.44
N LYS C 788 3.76 -5.54 57.73
CA LYS C 788 2.51 -6.03 58.29
C LYS C 788 2.05 -5.16 59.44
N THR C 789 0.75 -5.03 59.58
CA THR C 789 0.17 -4.30 60.70
C THR C 789 0.11 -5.21 61.93
N PRO C 790 0.07 -4.62 63.12
CA PRO C 790 -0.06 -5.44 64.33
C PRO C 790 -1.45 -6.01 64.45
N PRO C 791 -1.55 -7.14 65.14
CA PRO C 791 -2.82 -7.86 65.33
C PRO C 791 -3.97 -7.00 65.83
N ILE C 792 -3.70 -6.11 66.77
CA ILE C 792 -4.76 -5.36 67.44
C ILE C 792 -5.56 -4.57 66.41
N LYS C 793 -4.86 -3.92 65.49
CA LYS C 793 -5.50 -3.07 64.50
C LYS C 793 -6.43 -2.00 65.06
N TYR C 794 -5.95 -1.22 66.01
CA TYR C 794 -6.72 -0.13 66.56
C TYR C 794 -5.84 1.10 66.69
N PHE C 795 -5.93 2.02 65.73
CA PHE C 795 -4.99 3.14 65.64
C PHE C 795 -5.66 4.40 66.18
N GLY C 796 -5.65 4.54 67.50
CA GLY C 796 -6.24 5.69 68.15
C GLY C 796 -7.65 6.07 67.72
N GLY C 797 -8.36 5.10 67.16
CA GLY C 797 -9.74 5.32 66.75
C GLY C 797 -9.89 5.08 65.27
N PHE C 798 -9.26 5.94 64.49
CA PHE C 798 -9.31 5.76 63.04
C PHE C 798 -9.48 4.28 62.72
N ASN C 799 -10.43 3.99 61.84
CA ASN C 799 -10.81 2.63 61.51
C ASN C 799 -10.54 2.41 60.03
N PHE C 800 -9.56 1.56 59.72
CA PHE C 800 -9.08 1.39 58.36
C PHE C 800 -9.49 0.05 57.78
N SER C 801 -10.51 -0.59 58.36
CA SER C 801 -10.84 -1.94 57.95
C SER C 801 -11.30 -2.02 56.50
N GLN C 802 -11.76 -0.93 55.92
CA GLN C 802 -12.22 -0.97 54.53
C GLN C 802 -11.09 -0.93 53.53
N ILE C 803 -9.86 -0.64 53.95
CA ILE C 803 -8.73 -0.60 53.04
C ILE C 803 -7.65 -1.61 53.40
N LEU C 804 -7.73 -2.24 54.52
CA LEU C 804 -6.80 -3.30 54.84
C LEU C 804 -7.33 -4.65 54.37
N PRO C 805 -6.46 -5.63 54.16
CA PRO C 805 -6.94 -6.94 53.70
C PRO C 805 -7.90 -7.61 54.67
N ASP C 806 -8.81 -8.41 54.11
CA ASP C 806 -9.75 -9.20 54.88
C ASP C 806 -9.19 -10.60 55.12
N PRO C 807 -8.81 -10.95 56.35
CA PRO C 807 -8.20 -12.27 56.58
C PRO C 807 -9.12 -13.43 56.26
N SER C 808 -10.43 -13.22 56.19
CA SER C 808 -11.38 -14.28 55.90
C SER C 808 -11.70 -14.37 54.41
N LYS C 809 -10.67 -14.43 53.58
CA LYS C 809 -10.84 -14.53 52.13
C LYS C 809 -9.66 -15.29 51.55
N PRO C 810 -9.89 -16.09 50.51
CA PRO C 810 -8.75 -16.74 49.84
C PRO C 810 -7.82 -15.77 49.15
N SER C 811 -8.35 -14.63 48.69
CA SER C 811 -7.57 -13.67 47.91
C SER C 811 -6.88 -12.63 48.78
N LYS C 812 -7.37 -12.41 50.00
CA LYS C 812 -6.81 -11.39 50.91
C LYS C 812 -6.93 -9.98 50.34
N ARG C 813 -8.00 -9.71 49.62
CA ARG C 813 -8.24 -8.36 49.14
C ARG C 813 -8.97 -7.56 50.22
N SER C 814 -8.97 -6.25 50.05
CA SER C 814 -9.76 -5.42 50.93
C SER C 814 -11.19 -5.35 50.39
N PRO C 815 -12.10 -4.92 51.26
CA PRO C 815 -13.51 -4.78 50.90
C PRO C 815 -13.71 -3.87 49.70
N ILE C 816 -12.90 -2.83 49.59
CA ILE C 816 -13.03 -1.90 48.48
C ILE C 816 -12.38 -2.46 47.22
N GLU C 817 -11.29 -3.18 47.35
CA GLU C 817 -10.69 -3.85 46.22
C GLU C 817 -11.59 -4.92 45.62
N ASP C 818 -12.40 -5.58 46.43
CA ASP C 818 -13.36 -6.53 45.90
C ASP C 818 -14.39 -5.87 45.01
N LEU C 819 -14.83 -4.66 45.35
CA LEU C 819 -15.70 -3.94 44.44
C LEU C 819 -14.96 -3.52 43.18
N LEU C 820 -13.69 -3.13 43.28
CA LEU C 820 -13.01 -2.60 42.12
C LEU C 820 -12.80 -3.64 41.04
N PHE C 821 -12.63 -4.90 41.39
CA PHE C 821 -12.50 -5.93 40.37
C PHE C 821 -13.83 -6.50 39.92
N ASN C 822 -14.94 -6.03 40.45
CA ASN C 822 -16.25 -6.50 40.05
C ASN C 822 -16.95 -5.57 39.08
N LYS C 823 -16.28 -4.52 38.63
CA LYS C 823 -16.85 -3.58 37.70
C LYS C 823 -16.24 -3.66 36.31
N VAL C 824 -15.07 -4.27 36.17
CA VAL C 824 -14.42 -4.36 34.87
C VAL C 824 -14.32 -5.81 34.44
N LYS C 852 -8.80 -17.16 21.99
CA LYS C 852 -7.80 -17.56 21.01
C LYS C 852 -8.38 -17.52 19.60
N PHE C 853 -7.52 -17.23 18.62
CA PHE C 853 -7.96 -17.10 17.24
C PHE C 853 -6.93 -17.67 16.28
N ASN C 854 -7.00 -17.24 15.02
CA ASN C 854 -6.18 -17.76 13.94
C ASN C 854 -4.73 -17.27 14.00
N GLY C 855 -3.98 -17.71 15.00
CA GLY C 855 -2.62 -17.25 15.19
C GLY C 855 -2.46 -16.16 16.22
N LEU C 856 -3.53 -15.74 16.88
CA LEU C 856 -3.47 -14.71 17.91
C LEU C 856 -3.44 -15.36 19.28
N THR C 857 -2.58 -14.85 20.16
CA THR C 857 -2.50 -15.34 21.52
C THR C 857 -2.27 -14.21 22.51
N VAL C 858 -2.74 -14.42 23.74
CA VAL C 858 -2.63 -13.46 24.82
C VAL C 858 -1.69 -14.03 25.88
N LEU C 859 -0.65 -13.31 26.19
CA LEU C 859 0.32 -13.78 27.16
C LEU C 859 -0.06 -13.36 28.57
N PRO C 860 0.26 -14.15 29.59
CA PRO C 860 -0.09 -13.78 30.95
C PRO C 860 0.86 -12.75 31.53
N PRO C 861 0.41 -11.94 32.48
CA PRO C 861 1.32 -11.03 33.16
C PRO C 861 2.35 -11.75 34.00
N LEU C 862 3.49 -11.08 34.23
CA LEU C 862 4.53 -11.64 35.08
C LEU C 862 4.09 -11.66 36.53
N LEU C 863 3.49 -10.58 37.00
CA LEU C 863 3.01 -10.48 38.37
C LEU C 863 1.54 -10.87 38.44
N THR C 864 1.21 -11.80 39.31
CA THR C 864 -0.17 -12.15 39.56
C THR C 864 -0.84 -11.03 40.34
N ASP C 865 -2.15 -11.08 40.45
CA ASP C 865 -2.80 -10.02 41.21
C ASP C 865 -2.71 -10.24 42.71
N GLU C 866 -2.38 -11.44 43.15
CA GLU C 866 -2.05 -11.64 44.56
C GLU C 866 -0.78 -10.92 44.95
N MET C 867 0.26 -10.99 44.11
CA MET C 867 1.51 -10.30 44.36
C MET C 867 1.34 -8.80 44.38
N ILE C 868 0.50 -8.25 43.52
CA ILE C 868 0.22 -6.82 43.55
C ILE C 868 -0.48 -6.45 44.84
N ALA C 869 -1.42 -7.28 45.29
CA ALA C 869 -2.07 -7.01 46.56
C ALA C 869 -1.08 -6.96 47.72
N GLN C 870 -0.03 -7.75 47.64
CA GLN C 870 0.99 -7.74 48.68
C GLN C 870 1.85 -6.48 48.66
N TYR C 871 2.10 -5.91 47.49
CA TYR C 871 2.73 -4.59 47.44
C TYR C 871 1.83 -3.51 48.03
N THR C 872 0.54 -3.57 47.73
CA THR C 872 -0.37 -2.56 48.28
C THR C 872 -0.51 -2.66 49.79
N SER C 873 -0.62 -3.86 50.33
CA SER C 873 -0.72 -3.98 51.78
C SER C 873 0.56 -3.57 52.49
N ALA C 874 1.72 -3.72 51.86
CA ALA C 874 2.96 -3.24 52.43
C ALA C 874 3.03 -1.74 52.46
N LEU C 875 2.56 -1.07 51.41
CA LEU C 875 2.50 0.38 51.44
C LEU C 875 1.53 0.88 52.49
N LEU C 876 0.39 0.22 52.66
CA LEU C 876 -0.55 0.60 53.70
C LEU C 876 -0.01 0.40 55.10
N ALA C 877 0.60 -0.74 55.38
CA ALA C 877 1.18 -1.01 56.68
C ALA C 877 2.37 -0.12 57.00
N GLY C 878 3.19 0.23 56.02
CA GLY C 878 4.28 1.15 56.27
C GLY C 878 3.79 2.53 56.65
N THR C 879 2.85 3.06 55.88
CA THR C 879 2.35 4.40 56.09
C THR C 879 1.61 4.57 57.40
N ILE C 880 0.76 3.63 57.77
CA ILE C 880 -0.08 3.83 58.94
C ILE C 880 0.74 3.73 60.22
N THR C 881 1.88 3.06 60.16
CA THR C 881 2.71 2.89 61.35
C THR C 881 3.92 3.80 61.38
N SER C 882 4.48 4.18 60.24
CA SER C 882 5.66 5.01 60.23
C SER C 882 5.56 6.22 59.33
N GLY C 883 4.39 6.51 58.77
CA GLY C 883 4.24 7.70 57.97
C GLY C 883 5.04 7.66 56.70
N TRP C 884 5.94 8.62 56.52
CA TRP C 884 6.77 8.68 55.32
C TRP C 884 8.23 8.38 55.57
N THR C 885 8.59 7.90 56.75
CA THR C 885 9.99 7.71 57.06
C THR C 885 10.57 6.49 56.38
N PHE C 886 9.76 5.46 56.14
CA PHE C 886 10.29 4.23 55.56
C PHE C 886 10.66 4.39 54.10
N GLY C 887 10.20 5.44 53.43
CA GLY C 887 10.58 5.68 52.05
C GLY C 887 11.92 6.37 51.88
N ALA C 888 12.52 6.83 52.98
CA ALA C 888 13.81 7.50 52.92
C ALA C 888 14.88 6.78 53.70
N GLY C 889 14.58 5.63 54.29
CA GLY C 889 15.52 4.93 55.12
C GLY C 889 14.83 3.85 55.91
N PRO C 890 15.21 3.73 57.18
CA PRO C 890 14.57 2.77 58.08
C PRO C 890 13.18 3.27 58.46
N ALA C 891 12.26 2.35 58.71
CA ALA C 891 10.94 2.71 59.20
C ALA C 891 11.02 3.09 60.66
N LEU C 892 10.53 4.28 60.99
CA LEU C 892 10.57 4.82 62.34
C LEU C 892 9.15 4.90 62.86
N GLN C 893 8.83 4.13 63.88
CA GLN C 893 7.50 4.14 64.43
C GLN C 893 7.22 5.44 65.17
N ILE C 894 5.97 5.88 65.09
CA ILE C 894 5.45 7.02 65.82
C ILE C 894 3.96 6.77 65.96
N PRO C 895 3.30 7.11 67.06
CA PRO C 895 1.86 6.91 67.15
C PRO C 895 1.10 7.64 66.05
N PHE C 896 0.03 7.03 65.55
CA PHE C 896 -0.66 7.56 64.39
C PHE C 896 -1.29 8.92 64.65
N PRO C 897 -1.89 9.11 65.81
CA PRO C 897 -2.47 10.40 66.20
C PRO C 897 -1.42 11.51 66.08
N MET C 898 -0.17 11.20 66.41
CA MET C 898 0.92 12.16 66.25
C MET C 898 1.32 12.33 64.80
N GLN C 899 1.14 11.31 63.99
CA GLN C 899 1.39 11.43 62.57
C GLN C 899 0.43 12.42 61.93
N MET C 900 -0.84 12.35 62.30
CA MET C 900 -1.86 13.24 61.77
C MET C 900 -1.60 14.68 62.18
N ALA C 901 -1.14 14.90 63.40
CA ALA C 901 -0.82 16.24 63.87
C ALA C 901 0.33 16.88 63.11
N TYR C 902 1.37 16.11 62.77
CA TYR C 902 2.43 16.64 61.91
C TYR C 902 1.90 17.02 60.53
N ARG C 903 0.98 16.23 60.01
CA ARG C 903 0.42 16.50 58.69
C ARG C 903 -0.40 17.77 58.66
N PHE C 904 -1.13 18.08 59.73
CA PHE C 904 -1.79 19.39 59.80
C PHE C 904 -0.77 20.51 59.91
N ASN C 905 0.31 20.32 60.64
CA ASN C 905 1.36 21.31 60.71
C ASN C 905 1.98 21.61 59.36
N GLY C 906 2.10 20.60 58.49
CA GLY C 906 2.69 20.81 57.19
C GLY C 906 1.85 21.70 56.30
N ILE C 907 0.56 21.83 56.59
CA ILE C 907 -0.31 22.70 55.81
C ILE C 907 -0.58 24.00 56.51
N GLY C 908 0.14 24.33 57.57
CA GLY C 908 -0.02 25.60 58.24
C GLY C 908 -1.10 25.66 59.30
N VAL C 909 -1.50 24.53 59.86
CA VAL C 909 -2.45 24.50 60.94
C VAL C 909 -1.70 24.11 62.21
N THR C 910 -1.99 24.79 63.29
CA THR C 910 -1.28 24.56 64.54
C THR C 910 -1.70 23.21 65.11
N GLN C 911 -0.75 22.50 65.69
CA GLN C 911 -0.98 21.09 65.98
C GLN C 911 -1.96 20.83 67.12
N ASN C 912 -2.33 21.83 67.92
CA ASN C 912 -3.32 21.56 68.95
C ASN C 912 -4.70 21.33 68.39
N VAL C 913 -4.95 21.71 67.14
CA VAL C 913 -6.27 21.52 66.56
C VAL C 913 -6.62 20.05 66.50
N LEU C 914 -5.64 19.19 66.27
CA LEU C 914 -5.91 17.76 66.32
C LEU C 914 -5.97 17.25 67.75
N TYR C 915 -5.01 17.61 68.58
CA TYR C 915 -4.89 16.96 69.87
C TYR C 915 -6.08 17.24 70.75
N GLU C 916 -6.71 18.41 70.60
CA GLU C 916 -7.88 18.73 71.38
C GLU C 916 -9.17 18.25 70.73
N ASN C 917 -9.12 17.78 69.50
CA ASN C 917 -10.29 17.37 68.75
C ASN C 917 -10.10 16.00 68.12
N GLN C 918 -9.19 15.20 68.66
CA GLN C 918 -8.86 13.89 68.10
C GLN C 918 -10.08 13.02 67.83
N LYS C 919 -11.03 12.95 68.76
CA LYS C 919 -12.20 12.11 68.54
C LYS C 919 -13.07 12.60 67.40
N LEU C 920 -13.23 13.91 67.29
CA LEU C 920 -14.07 14.46 66.24
C LEU C 920 -13.49 14.14 64.86
N ILE C 921 -12.18 14.31 64.69
CA ILE C 921 -11.57 14.11 63.39
C ILE C 921 -11.61 12.64 63.00
N ALA C 922 -11.34 11.75 63.95
CA ALA C 922 -11.38 10.31 63.70
C ALA C 922 -12.78 9.83 63.35
N ASN C 923 -13.81 10.28 64.07
CA ASN C 923 -15.19 9.92 63.74
C ASN C 923 -15.64 10.49 62.41
N GLN C 924 -15.33 11.76 62.13
CA GLN C 924 -15.69 12.32 60.83
C GLN C 924 -14.95 11.65 59.69
N PHE C 925 -13.67 11.33 59.87
CA PHE C 925 -12.96 10.59 58.83
C PHE C 925 -13.65 9.26 58.55
N ASN C 926 -13.98 8.50 59.61
CA ASN C 926 -14.52 7.16 59.43
C ASN C 926 -15.79 7.14 58.60
N SER C 927 -16.68 8.12 58.80
CA SER C 927 -17.84 8.24 57.94
C SER C 927 -17.47 8.70 56.53
N ALA C 928 -16.52 9.63 56.40
CA ALA C 928 -16.18 10.12 55.06
C ALA C 928 -15.58 9.04 54.19
N ILE C 929 -14.77 8.14 54.75
CA ILE C 929 -14.25 7.04 53.97
C ILE C 929 -15.35 6.02 53.70
N GLY C 930 -16.23 5.81 54.67
CA GLY C 930 -17.35 4.92 54.45
C GLY C 930 -18.22 5.30 53.28
N LYS C 931 -18.36 6.58 52.99
CA LYS C 931 -19.17 6.97 51.84
C LYS C 931 -18.57 6.55 50.51
N ILE C 932 -17.29 6.16 50.46
CA ILE C 932 -16.68 5.83 49.18
C ILE C 932 -17.33 4.60 48.57
N GLN C 933 -17.63 3.58 49.37
CA GLN C 933 -18.28 2.41 48.80
C GLN C 933 -19.63 2.74 48.19
N ASP C 934 -20.41 3.62 48.82
CA ASP C 934 -21.71 3.98 48.27
C ASP C 934 -21.58 4.57 46.88
N SER C 935 -20.54 5.37 46.64
CA SER C 935 -20.36 5.96 45.32
C SER C 935 -19.95 4.92 44.29
N LEU C 936 -19.55 3.72 44.71
CA LEU C 936 -19.11 2.70 43.77
C LEU C 936 -20.18 1.62 43.58
N SER C 937 -20.71 1.08 44.67
CA SER C 937 -21.74 0.05 44.61
C SER C 937 -23.13 0.65 44.41
N ALA C 942 -17.05 6.00 36.77
CA ALA C 942 -16.08 5.60 37.77
C ALA C 942 -14.88 4.93 37.12
N LEU C 943 -14.99 3.62 36.90
CA LEU C 943 -13.89 2.82 36.37
C LEU C 943 -13.96 2.71 34.85
N GLY C 944 -14.54 3.70 34.19
CA GLY C 944 -14.58 3.71 32.74
C GLY C 944 -13.23 3.80 32.08
N LYS C 945 -12.25 4.44 32.74
CA LYS C 945 -10.91 4.50 32.18
C LYS C 945 -10.26 3.13 32.12
N LEU C 946 -10.63 2.23 33.01
CA LEU C 946 -10.09 0.89 33.00
C LEU C 946 -10.81 0.00 32.00
N GLN C 947 -12.11 0.17 31.83
CA GLN C 947 -12.84 -0.58 30.85
C GLN C 947 -12.47 -0.17 29.42
N ASP C 948 -12.20 1.11 29.18
CA ASP C 948 -11.74 1.56 27.88
C ASP C 948 -10.46 0.88 27.42
N VAL C 949 -9.53 0.60 28.32
CA VAL C 949 -8.31 -0.08 27.91
C VAL C 949 -8.64 -1.49 27.40
N VAL C 950 -9.51 -2.19 28.11
CA VAL C 950 -9.96 -3.51 27.71
C VAL C 950 -10.70 -3.46 26.37
N ASN C 951 -11.56 -2.47 26.20
CA ASN C 951 -12.34 -2.34 24.99
C ASN C 951 -11.47 -2.08 23.78
N HIS C 952 -10.49 -1.19 23.91
CA HIS C 952 -9.66 -0.84 22.77
C HIS C 952 -8.86 -2.04 22.27
N ASN C 953 -8.34 -2.86 23.17
CA ASN C 953 -7.64 -4.03 22.67
C ASN C 953 -8.60 -5.08 22.14
N ALA C 954 -9.76 -5.27 22.78
CA ALA C 954 -10.71 -6.24 22.25
C ALA C 954 -11.18 -5.87 20.86
N GLN C 955 -11.38 -4.58 20.61
CA GLN C 955 -11.79 -4.13 19.30
C GLN C 955 -10.71 -4.31 18.26
N ALA C 956 -9.44 -4.12 18.60
CA ALA C 956 -8.40 -4.37 17.62
C ALA C 956 -8.24 -5.84 17.31
N LEU C 957 -8.48 -6.71 18.27
CA LEU C 957 -8.39 -8.14 18.00
C LEU C 957 -9.59 -8.68 17.25
N ASN C 958 -10.77 -8.13 17.48
CA ASN C 958 -11.96 -8.51 16.72
C ASN C 958 -11.90 -8.02 15.28
N THR C 959 -11.38 -6.82 15.04
CA THR C 959 -11.15 -6.32 13.70
C THR C 959 -10.05 -7.07 12.95
N LEU C 960 -8.95 -7.39 13.61
CA LEU C 960 -7.87 -8.11 12.96
C LEU C 960 -8.32 -9.46 12.44
N VAL C 961 -9.15 -10.16 13.19
CA VAL C 961 -9.66 -11.44 12.72
C VAL C 961 -10.68 -11.24 11.60
N LYS C 962 -11.57 -10.27 11.73
CA LYS C 962 -12.57 -10.08 10.69
C LYS C 962 -11.97 -9.70 9.35
N GLN C 963 -10.81 -9.05 9.32
CA GLN C 963 -10.18 -8.67 8.08
C GLN C 963 -9.66 -9.86 7.29
N LEU C 964 -9.78 -11.08 7.78
CA LEU C 964 -9.41 -12.23 6.98
C LEU C 964 -10.51 -12.64 6.02
N SER C 965 -11.74 -12.20 6.22
CA SER C 965 -12.79 -12.48 5.27
C SER C 965 -12.98 -11.35 4.29
N SER C 966 -11.94 -11.01 3.53
CA SER C 966 -11.98 -9.95 2.54
C SER C 966 -11.25 -10.45 1.32
N LYS C 967 -11.79 -10.17 0.13
CA LYS C 967 -11.15 -10.62 -1.12
C LYS C 967 -10.14 -9.66 -1.73
N PHE C 968 -10.19 -8.40 -1.31
CA PHE C 968 -9.25 -7.41 -1.78
C PHE C 968 -9.14 -7.38 -3.30
N GLY C 969 -10.20 -7.78 -3.98
CA GLY C 969 -10.21 -7.77 -5.43
C GLY C 969 -9.65 -9.02 -6.07
N ALA C 970 -9.57 -10.11 -5.33
CA ALA C 970 -9.08 -11.38 -5.84
C ALA C 970 -10.29 -12.22 -6.21
N ILE C 971 -10.05 -13.40 -6.79
CA ILE C 971 -11.19 -14.24 -7.13
C ILE C 971 -11.83 -14.82 -5.88
N SER C 972 -11.04 -15.11 -4.85
CA SER C 972 -11.58 -15.66 -3.63
C SER C 972 -10.77 -15.13 -2.47
N SER C 973 -11.15 -15.55 -1.27
CA SER C 973 -10.47 -15.12 -0.05
C SER C 973 -9.84 -16.30 0.69
N VAL C 974 -9.77 -17.47 0.06
CA VAL C 974 -9.23 -18.67 0.69
C VAL C 974 -8.12 -19.20 -0.20
N LEU C 975 -6.92 -19.30 0.36
CA LEU C 975 -5.71 -19.71 -0.34
C LEU C 975 -5.71 -21.16 -0.77
N ASN C 976 -6.59 -22.00 -0.25
CA ASN C 976 -6.72 -23.35 -0.80
C ASN C 976 -7.70 -23.41 -1.96
N ASP C 977 -8.80 -22.65 -1.88
CA ASP C 977 -9.80 -22.71 -2.94
C ASP C 977 -9.23 -22.21 -4.27
N ILE C 978 -8.25 -21.32 -4.20
CA ILE C 978 -7.66 -20.77 -5.40
C ILE C 978 -7.05 -21.88 -6.23
N LEU C 979 -6.31 -22.75 -5.56
CA LEU C 979 -5.60 -23.82 -6.24
C LEU C 979 -6.57 -24.84 -6.80
N SER C 980 -7.56 -25.19 -5.98
CA SER C 980 -8.59 -26.15 -6.34
C SER C 980 -9.28 -25.83 -7.66
N ARG C 981 -9.34 -24.55 -8.02
CA ARG C 981 -9.99 -24.12 -9.24
C ARG C 981 -9.12 -23.16 -10.04
N LEU C 982 -7.83 -23.40 -10.06
CA LEU C 982 -6.94 -22.56 -10.85
C LEU C 982 -5.48 -23.03 -10.90
N ASP C 983 -4.83 -22.72 -12.03
CA ASP C 983 -3.48 -23.18 -12.31
C ASP C 983 -2.49 -22.32 -11.56
N PRO C 984 -1.27 -22.81 -11.39
CA PRO C 984 -0.28 -22.08 -10.57
C PRO C 984 0.07 -20.70 -11.10
N PRO C 985 0.31 -20.59 -12.41
CA PRO C 985 0.72 -19.30 -12.99
C PRO C 985 -0.20 -18.16 -12.59
N GLU C 986 -1.50 -18.45 -12.54
CA GLU C 986 -2.48 -17.45 -12.11
C GLU C 986 -2.79 -17.48 -10.61
N ALA C 987 -2.53 -18.61 -9.96
CA ALA C 987 -2.79 -18.70 -8.53
C ALA C 987 -1.78 -17.94 -7.71
N GLU C 988 -0.52 -17.89 -8.15
CA GLU C 988 0.49 -17.07 -7.51
C GLU C 988 0.10 -15.60 -7.48
N VAL C 989 -0.51 -15.09 -8.54
CA VAL C 989 -0.96 -13.71 -8.54
C VAL C 989 -2.09 -13.49 -7.55
N GLN C 990 -3.07 -14.38 -7.51
CA GLN C 990 -4.21 -14.20 -6.63
C GLN C 990 -3.82 -14.31 -5.16
N ILE C 991 -2.92 -15.24 -4.85
CA ILE C 991 -2.47 -15.37 -3.48
C ILE C 991 -1.57 -14.20 -3.11
N ASP C 992 -0.76 -13.71 -4.03
CA ASP C 992 0.03 -12.54 -3.70
C ASP C 992 -0.81 -11.32 -3.36
N ARG C 993 -1.96 -11.14 -3.99
CA ARG C 993 -2.85 -10.04 -3.63
C ARG C 993 -3.39 -10.18 -2.21
N LEU C 994 -3.83 -11.38 -1.85
CA LEU C 994 -4.33 -11.60 -0.50
C LEU C 994 -3.23 -11.42 0.55
N ILE C 995 -2.02 -11.88 0.24
CA ILE C 995 -0.90 -11.72 1.17
C ILE C 995 -0.63 -10.24 1.41
N THR C 996 -0.58 -9.45 0.34
CA THR C 996 -0.36 -8.02 0.52
C THR C 996 -1.44 -7.39 1.37
N GLY C 997 -2.71 -7.74 1.10
CA GLY C 997 -3.77 -7.17 1.90
C GLY C 997 -3.69 -7.50 3.37
N ARG C 998 -3.48 -8.78 3.69
CA ARG C 998 -3.38 -9.18 5.08
C ARG C 998 -2.08 -8.76 5.74
N LEU C 999 -1.02 -8.61 4.98
CA LEU C 999 0.19 -8.02 5.52
C LEU C 999 0.00 -6.55 5.88
N GLN C 1000 -0.75 -5.80 5.08
CA GLN C 1000 -1.13 -4.45 5.46
C GLN C 1000 -1.95 -4.43 6.75
N SER C 1001 -2.81 -5.42 6.96
CA SER C 1001 -3.56 -5.49 8.21
C SER C 1001 -2.67 -5.58 9.43
N LEU C 1002 -1.63 -6.41 9.36
CA LEU C 1002 -0.69 -6.52 10.45
C LEU C 1002 0.10 -5.24 10.67
N GLN C 1003 0.48 -4.54 9.62
CA GLN C 1003 1.18 -3.28 9.82
C GLN C 1003 0.30 -2.24 10.50
N THR C 1004 -0.98 -2.19 10.13
CA THR C 1004 -1.89 -1.30 10.81
C THR C 1004 -2.03 -1.65 12.28
N TYR C 1005 -2.20 -2.94 12.57
CA TYR C 1005 -2.36 -3.38 13.95
C TYR C 1005 -1.15 -3.01 14.81
N VAL C 1006 0.06 -3.34 14.34
CA VAL C 1006 1.23 -3.12 15.18
C VAL C 1006 1.51 -1.64 15.35
N THR C 1007 1.30 -0.83 14.32
CA THR C 1007 1.52 0.60 14.46
C THR C 1007 0.61 1.21 15.52
N GLN C 1008 -0.66 0.81 15.54
CA GLN C 1008 -1.53 1.33 16.57
C GLN C 1008 -1.18 0.84 17.96
N GLN C 1009 -0.68 -0.37 18.11
CA GLN C 1009 -0.31 -0.83 19.45
C GLN C 1009 0.86 -0.04 20.01
N LEU C 1010 1.81 0.34 19.16
CA LEU C 1010 2.92 1.19 19.61
C LEU C 1010 2.46 2.57 20.00
N ILE C 1011 1.54 3.16 19.24
CA ILE C 1011 1.05 4.50 19.59
C ILE C 1011 0.22 4.46 20.87
N ARG C 1012 -0.61 3.44 21.01
CA ARG C 1012 -1.40 3.28 22.23
C ARG C 1012 -0.58 2.85 23.43
N ALA C 1013 0.51 2.11 23.24
CA ALA C 1013 1.33 1.75 24.38
C ALA C 1013 2.09 2.93 24.96
N ALA C 1014 2.40 3.92 24.14
CA ALA C 1014 3.01 5.14 24.63
C ALA C 1014 2.08 5.93 25.55
N GLU C 1015 0.78 5.83 25.34
CA GLU C 1015 -0.20 6.53 26.15
C GLU C 1015 -0.40 5.89 27.51
N ILE C 1016 -0.40 4.56 27.58
CA ILE C 1016 -0.51 3.84 28.83
C ILE C 1016 0.80 3.93 29.60
N ARG C 1017 1.91 4.03 28.89
CA ARG C 1017 3.19 4.27 29.54
C ARG C 1017 3.25 5.64 30.18
N ALA C 1018 2.73 6.67 29.52
CA ALA C 1018 2.66 7.98 30.12
C ALA C 1018 1.78 8.00 31.35
N SER C 1019 0.72 7.20 31.34
CA SER C 1019 -0.17 7.05 32.49
C SER C 1019 0.49 6.28 33.63
N ALA C 1020 1.23 5.23 33.32
CA ALA C 1020 1.99 4.52 34.33
C ALA C 1020 3.08 5.39 34.96
N ASN C 1021 3.66 6.32 34.20
CA ASN C 1021 4.62 7.26 34.75
C ASN C 1021 3.99 8.25 35.72
N LEU C 1022 2.79 8.73 35.40
CA LEU C 1022 2.02 9.58 36.29
C LEU C 1022 1.60 8.85 37.56
N ALA C 1023 1.12 7.61 37.43
CA ALA C 1023 0.77 6.81 38.58
C ALA C 1023 1.97 6.50 39.46
N ALA C 1024 3.13 6.17 38.90
CA ALA C 1024 4.32 5.97 39.70
C ALA C 1024 4.78 7.24 40.42
N THR C 1025 4.67 8.39 39.76
CA THR C 1025 5.01 9.67 40.37
C THR C 1025 4.07 10.01 41.51
N LYS C 1026 2.78 9.82 41.34
CA LYS C 1026 1.86 10.01 42.46
C LYS C 1026 2.09 9.01 43.57
N MET C 1027 2.44 7.77 43.25
CA MET C 1027 2.73 6.81 44.30
C MET C 1027 3.85 7.30 45.20
N SER C 1028 4.87 7.92 44.62
CA SER C 1028 5.96 8.45 45.41
C SER C 1028 5.55 9.71 46.17
N GLU C 1029 4.87 10.62 45.50
CA GLU C 1029 4.67 11.94 46.04
C GLU C 1029 3.38 12.11 46.81
N CYS C 1030 2.41 11.21 46.65
CA CYS C 1030 1.15 11.33 47.37
C CYS C 1030 1.02 10.32 48.49
N VAL C 1031 1.70 9.19 48.34
CA VAL C 1031 1.57 8.08 49.27
C VAL C 1031 2.77 7.98 50.19
N LEU C 1032 3.96 8.15 49.65
CA LEU C 1032 5.19 8.09 50.44
C LEU C 1032 5.59 9.45 50.99
N GLY C 1033 4.77 10.47 50.81
CA GLY C 1033 5.09 11.75 51.41
C GLY C 1033 3.89 12.67 51.36
N GLN C 1034 4.12 13.90 51.77
CA GLN C 1034 3.12 14.96 51.73
C GLN C 1034 3.50 16.00 50.68
N SER C 1035 2.58 16.27 49.77
CA SER C 1035 2.83 17.16 48.64
C SER C 1035 2.22 18.53 48.88
N LYS C 1036 2.90 19.55 48.38
CA LYS C 1036 2.35 20.89 48.31
C LYS C 1036 1.87 21.27 46.93
N ARG C 1037 1.97 20.36 45.96
CA ARG C 1037 1.53 20.60 44.59
C ARG C 1037 0.01 20.68 44.53
N VAL C 1038 -0.50 21.77 43.95
CA VAL C 1038 -1.94 22.05 43.96
C VAL C 1038 -2.66 21.10 43.02
N ASP C 1039 -3.69 20.45 43.54
CA ASP C 1039 -4.51 19.50 42.77
C ASP C 1039 -3.81 18.25 42.27
N PHE C 1040 -2.63 17.97 42.79
CA PHE C 1040 -1.89 16.80 42.34
C PHE C 1040 -2.30 15.58 43.15
N CYS C 1041 -2.72 15.83 44.39
CA CYS C 1041 -3.12 14.76 45.29
C CYS C 1041 -4.54 14.99 45.82
N GLY C 1042 -5.49 15.29 44.94
CA GLY C 1042 -6.85 15.55 45.35
C GLY C 1042 -7.22 17.02 45.50
N LYS C 1043 -8.47 17.28 45.86
CA LYS C 1043 -8.99 18.65 45.99
C LYS C 1043 -9.00 19.05 47.46
N GLY C 1044 -8.33 20.15 47.79
CA GLY C 1044 -8.18 20.57 49.16
C GLY C 1044 -6.75 20.53 49.54
N TYR C 1045 -6.48 20.64 50.83
CA TYR C 1045 -5.12 20.60 51.32
C TYR C 1045 -4.72 19.17 51.65
N HIS C 1046 -3.71 18.68 50.96
CA HIS C 1046 -3.32 17.29 51.05
C HIS C 1046 -2.88 16.94 52.46
N LEU C 1047 -3.51 15.91 53.03
CA LEU C 1047 -3.01 15.30 54.26
C LEU C 1047 -2.33 13.97 53.99
N MET C 1048 -3.01 13.04 53.34
CA MET C 1048 -2.46 11.70 53.15
C MET C 1048 -3.24 10.99 52.06
N SER C 1049 -2.68 9.89 51.56
CA SER C 1049 -3.35 9.08 50.55
C SER C 1049 -3.09 7.60 50.81
N PHE C 1050 -4.06 6.76 50.44
CA PHE C 1050 -3.99 5.31 50.56
C PHE C 1050 -4.21 4.64 49.21
N PRO C 1051 -3.30 3.79 48.75
CA PRO C 1051 -3.52 3.08 47.48
C PRO C 1051 -4.44 1.87 47.59
N GLN C 1052 -5.10 1.58 46.50
CA GLN C 1052 -5.88 0.36 46.33
C GLN C 1052 -5.58 -0.22 44.96
N SER C 1053 -5.60 -1.53 44.84
CA SER C 1053 -5.32 -2.16 43.56
C SER C 1053 -6.60 -2.31 42.75
N ALA C 1054 -6.50 -2.05 41.46
CA ALA C 1054 -7.63 -2.23 40.56
C ALA C 1054 -7.12 -3.08 39.42
N PRO C 1055 -7.98 -3.72 38.62
CA PRO C 1055 -7.47 -4.51 37.49
C PRO C 1055 -6.90 -3.63 36.40
N HIS C 1056 -5.61 -3.80 36.12
CA HIS C 1056 -4.82 -3.01 35.17
C HIS C 1056 -4.70 -1.55 35.59
N GLY C 1057 -4.83 -1.24 36.86
CA GLY C 1057 -4.76 0.15 37.25
C GLY C 1057 -4.56 0.32 38.73
N VAL C 1058 -4.62 1.58 39.15
CA VAL C 1058 -4.44 1.93 40.54
C VAL C 1058 -5.50 2.96 40.91
N VAL C 1059 -5.97 2.87 42.14
CA VAL C 1059 -6.94 3.80 42.71
C VAL C 1059 -6.28 4.47 43.91
N PHE C 1060 -6.39 5.77 43.98
CA PHE C 1060 -5.84 6.57 45.06
C PHE C 1060 -6.99 7.10 45.88
N LEU C 1061 -6.93 6.88 47.18
CA LEU C 1061 -7.88 7.49 48.12
C LEU C 1061 -7.21 8.71 48.73
N HIS C 1062 -7.63 9.89 48.30
CA HIS C 1062 -7.01 11.14 48.69
C HIS C 1062 -7.74 11.73 49.89
N VAL C 1063 -7.00 11.97 50.97
CA VAL C 1063 -7.48 12.60 52.19
C VAL C 1063 -7.01 14.04 52.23
N THR C 1064 -7.96 14.96 52.30
CA THR C 1064 -7.69 16.39 52.20
C THR C 1064 -8.32 17.13 53.37
N TYR C 1065 -7.81 18.33 53.60
CA TYR C 1065 -8.26 19.27 54.61
C TYR C 1065 -9.04 20.39 53.92
N VAL C 1066 -10.30 20.59 54.29
CA VAL C 1066 -11.12 21.61 53.68
C VAL C 1066 -11.66 22.54 54.75
N PRO C 1067 -11.37 23.84 54.71
CA PRO C 1067 -11.94 24.75 55.71
C PRO C 1067 -13.43 24.98 55.51
N ALA C 1068 -14.12 25.36 56.58
CA ALA C 1068 -15.56 25.56 56.53
C ALA C 1068 -15.99 26.64 57.50
N GLN C 1069 -17.14 27.23 57.20
CA GLN C 1069 -17.85 28.18 58.08
C GLN C 1069 -17.02 29.43 58.40
N GLU C 1070 -16.82 30.25 57.38
CA GLU C 1070 -16.03 31.46 57.58
C GLU C 1070 -16.85 32.59 58.21
N LYS C 1071 -16.14 33.44 58.94
CA LYS C 1071 -16.67 34.71 59.40
C LYS C 1071 -15.78 35.82 58.88
N ASN C 1072 -16.36 37.02 58.75
CA ASN C 1072 -15.60 38.16 58.28
C ASN C 1072 -15.14 38.99 59.49
N PHE C 1073 -13.99 39.60 59.35
CA PHE C 1073 -13.37 40.45 60.35
C PHE C 1073 -12.72 41.63 59.65
N THR C 1074 -12.46 42.67 60.43
CA THR C 1074 -11.66 43.81 60.03
C THR C 1074 -10.22 43.51 60.37
N THR C 1075 -9.29 43.97 59.55
CA THR C 1075 -7.90 43.63 59.70
C THR C 1075 -7.04 44.86 59.48
N ALA C 1076 -5.75 44.73 59.80
CA ALA C 1076 -4.78 45.79 59.61
C ALA C 1076 -3.42 45.14 59.51
N PRO C 1077 -2.51 45.70 58.73
CA PRO C 1077 -1.21 45.05 58.53
C PRO C 1077 -0.29 45.10 59.73
N ALA C 1078 -0.39 46.12 60.58
CA ALA C 1078 0.54 46.27 61.69
C ALA C 1078 -0.18 47.02 62.79
N ILE C 1079 0.44 47.09 63.97
CA ILE C 1079 -0.12 47.80 65.10
C ILE C 1079 0.94 48.77 65.62
N CYS C 1080 0.52 49.97 66.00
CA CYS C 1080 1.45 50.94 66.56
C CYS C 1080 1.42 50.90 68.08
N HIS C 1081 2.59 50.89 68.68
CA HIS C 1081 2.73 50.96 70.12
C HIS C 1081 4.06 51.63 70.44
N ASP C 1082 4.04 52.64 71.30
CA ASP C 1082 5.21 53.46 71.62
C ASP C 1082 5.83 54.10 70.40
N GLY C 1083 5.03 54.42 69.39
CA GLY C 1083 5.59 55.02 68.20
C GLY C 1083 6.32 54.08 67.31
N LYS C 1084 6.19 52.77 67.52
CA LYS C 1084 6.87 51.78 66.71
C LYS C 1084 5.86 50.86 66.07
N ALA C 1085 6.21 50.32 64.91
CA ALA C 1085 5.34 49.43 64.16
C ALA C 1085 5.63 47.99 64.57
N HIS C 1086 4.57 47.24 64.86
CA HIS C 1086 4.65 45.83 65.20
C HIS C 1086 3.95 45.03 64.12
N PHE C 1087 4.57 44.00 63.70
CA PHE C 1087 4.13 43.08 62.67
C PHE C 1087 3.99 41.70 63.25
N PRO C 1088 3.04 40.89 62.79
CA PRO C 1088 2.92 39.54 63.32
C PRO C 1088 4.06 38.66 62.85
N ARG C 1089 4.47 37.75 63.74
CA ARG C 1089 5.42 36.71 63.35
C ARG C 1089 4.77 35.72 62.38
N GLU C 1090 3.66 35.14 62.77
CA GLU C 1090 2.78 34.39 61.89
C GLU C 1090 1.36 34.75 62.27
N GLY C 1091 0.51 34.91 61.27
CA GLY C 1091 -0.89 35.20 61.53
C GLY C 1091 -1.30 36.54 60.97
N VAL C 1092 -2.54 36.89 61.24
CA VAL C 1092 -3.15 38.14 60.81
C VAL C 1092 -3.81 38.79 62.01
N PHE C 1093 -3.86 40.12 61.99
CA PHE C 1093 -4.59 40.89 62.98
C PHE C 1093 -6.06 40.91 62.59
N VAL C 1094 -6.95 40.67 63.54
CA VAL C 1094 -8.38 40.74 63.33
C VAL C 1094 -9.02 41.59 64.41
N SER C 1095 -10.20 42.09 64.11
CA SER C 1095 -10.99 42.85 65.08
C SER C 1095 -12.39 42.26 65.16
N ASN C 1096 -12.87 42.03 66.37
CA ASN C 1096 -14.21 41.48 66.55
C ASN C 1096 -15.28 42.56 66.64
N GLY C 1097 -14.89 43.82 66.51
CA GLY C 1097 -15.81 44.92 66.60
C GLY C 1097 -15.34 45.94 67.62
N THR C 1098 -14.75 45.46 68.70
CA THR C 1098 -14.27 46.33 69.77
C THR C 1098 -12.84 46.09 70.19
N HIS C 1099 -12.31 44.88 70.03
CA HIS C 1099 -10.94 44.56 70.42
C HIS C 1099 -10.23 43.86 69.26
N TRP C 1100 -8.92 43.99 69.23
CA TRP C 1100 -8.08 43.39 68.20
C TRP C 1100 -7.28 42.22 68.77
N PHE C 1101 -7.13 41.17 67.97
CA PHE C 1101 -6.44 39.95 68.36
C PHE C 1101 -5.53 39.51 67.22
N VAL C 1102 -4.61 38.58 67.53
CA VAL C 1102 -3.81 37.89 66.53
C VAL C 1102 -4.39 36.50 66.36
N THR C 1103 -4.54 36.07 65.11
CA THR C 1103 -5.00 34.72 64.83
C THR C 1103 -4.06 34.05 63.86
N GLN C 1104 -4.02 32.73 63.88
CA GLN C 1104 -3.38 31.99 62.82
C GLN C 1104 -4.27 32.00 61.58
N ARG C 1105 -3.65 31.85 60.42
CA ARG C 1105 -4.36 32.09 59.19
C ARG C 1105 -5.32 30.99 58.76
N ASN C 1106 -5.21 29.78 59.31
CA ASN C 1106 -5.98 28.66 58.80
C ASN C 1106 -7.07 28.20 59.72
N PHE C 1107 -7.13 28.70 60.94
CA PHE C 1107 -8.13 28.32 61.92
C PHE C 1107 -8.31 29.49 62.86
N TYR C 1108 -9.55 29.87 63.14
CA TYR C 1108 -9.80 31.00 64.01
C TYR C 1108 -9.51 30.64 65.46
N GLU C 1109 -8.47 31.25 66.02
CA GLU C 1109 -8.03 30.97 67.38
C GLU C 1109 -7.30 32.19 67.89
N PRO C 1110 -8.01 33.15 68.47
CA PRO C 1110 -7.41 34.43 68.86
C PRO C 1110 -6.61 34.40 70.15
N GLN C 1111 -5.50 35.14 70.14
CA GLN C 1111 -4.68 35.35 71.33
C GLN C 1111 -4.39 36.82 71.50
N ILE C 1112 -3.97 37.21 72.70
CA ILE C 1112 -3.70 38.62 72.94
C ILE C 1112 -2.38 38.99 72.31
N ILE C 1113 -2.30 40.20 71.78
CA ILE C 1113 -1.12 40.70 71.09
C ILE C 1113 -0.08 41.14 72.12
N THR C 1114 1.04 40.45 72.16
CA THR C 1114 2.08 40.67 73.14
C THR C 1114 3.40 40.89 72.41
N THR C 1115 4.46 41.13 73.18
CA THR C 1115 5.79 41.32 72.63
C THR C 1115 6.47 40.01 72.28
N ASP C 1116 5.86 38.87 72.62
CA ASP C 1116 6.44 37.57 72.29
C ASP C 1116 5.79 37.00 71.05
N ASN C 1117 4.67 37.57 70.64
CA ASN C 1117 3.91 37.19 69.48
C ASN C 1117 4.28 37.97 68.24
N THR C 1118 4.98 39.09 68.39
CA THR C 1118 5.19 40.04 67.32
C THR C 1118 6.67 40.35 67.23
N PHE C 1119 7.04 41.07 66.19
CA PHE C 1119 8.37 41.64 66.10
C PHE C 1119 8.25 43.07 65.61
N VAL C 1120 9.31 43.84 65.85
CA VAL C 1120 9.34 45.26 65.56
C VAL C 1120 10.18 45.49 64.32
N SER C 1121 9.70 46.35 63.43
CA SER C 1121 10.49 46.76 62.28
C SER C 1121 9.96 48.08 61.76
N GLY C 1122 10.78 49.11 61.78
CA GLY C 1122 10.41 50.41 61.25
C GLY C 1122 9.47 51.19 62.15
N ASN C 1123 9.08 52.35 61.66
CA ASN C 1123 8.26 53.29 62.41
C ASN C 1123 6.89 53.36 61.76
N CYS C 1124 5.92 53.90 62.49
CA CYS C 1124 4.57 54.04 61.94
C CYS C 1124 4.44 55.29 61.08
N ASP C 1125 5.18 55.33 59.97
CA ASP C 1125 5.09 56.42 59.01
C ASP C 1125 5.14 55.89 57.58
N VAL C 1126 5.45 54.60 57.43
CA VAL C 1126 5.61 53.98 56.12
C VAL C 1126 4.56 52.94 55.83
N VAL C 1127 3.86 52.43 56.82
CA VAL C 1127 2.86 51.39 56.62
C VAL C 1127 1.51 52.06 56.37
N ILE C 1128 0.86 51.68 55.29
CA ILE C 1128 -0.45 52.22 54.91
C ILE C 1128 -1.50 51.35 55.55
N GLY C 1129 -2.36 51.94 56.36
CA GLY C 1129 -3.41 51.23 57.03
C GLY C 1129 -3.07 50.74 58.41
N ILE C 1130 -1.97 51.21 59.01
CA ILE C 1130 -1.62 50.81 60.36
C ILE C 1130 -2.55 51.47 61.37
N VAL C 1131 -2.85 50.76 62.45
CA VAL C 1131 -3.86 51.15 63.41
C VAL C 1131 -3.25 51.18 64.80
N ASN C 1132 -3.84 51.97 65.68
CA ASN C 1132 -3.41 52.06 67.07
C ASN C 1132 -4.04 50.96 67.90
N ASN C 1133 -3.24 50.34 68.76
CA ASN C 1133 -3.74 49.37 69.73
C ASN C 1133 -2.70 49.25 70.82
N THR C 1134 -3.01 48.40 71.78
CA THR C 1134 -2.10 48.12 72.89
C THR C 1134 -1.45 46.77 72.69
N VAL C 1135 -0.13 46.74 72.80
CA VAL C 1135 0.64 45.50 72.81
C VAL C 1135 1.20 45.32 74.20
N TYR C 1136 0.84 44.21 74.84
CA TYR C 1136 1.09 44.02 76.26
C TYR C 1136 2.44 43.35 76.48
N ASP C 1137 3.20 43.89 77.38
CA ASP C 1137 4.50 43.41 77.81
C ASP C 1137 4.35 42.57 79.05
N PRO C 1138 4.75 41.31 79.08
CA PRO C 1138 4.55 40.50 80.29
C PRO C 1138 5.45 40.87 81.45
N LEU C 1139 6.53 41.60 81.14
CA LEU C 1139 7.54 41.88 82.15
C LEU C 1139 6.99 42.77 83.25
N GLN C 1140 6.32 43.87 82.89
CA GLN C 1140 5.95 44.85 83.91
C GLN C 1140 4.93 44.30 84.92
N PRO C 1141 3.89 43.55 84.53
CA PRO C 1141 2.98 43.02 85.55
C PRO C 1141 3.58 41.91 86.37
N GLU C 1142 4.69 41.33 85.93
CA GLU C 1142 5.42 40.43 86.82
C GLU C 1142 6.18 41.23 87.86
N LEU C 1143 6.69 42.40 87.48
CA LEU C 1143 7.43 43.24 88.40
C LEU C 1143 6.52 44.17 89.19
N ASP C 1144 5.21 43.99 89.08
CA ASP C 1144 4.21 44.81 89.77
C ASP C 1144 4.39 46.31 89.53
N GLU D 1 33.43 39.80 -41.33
CA GLU D 1 33.23 40.40 -40.02
C GLU D 1 32.82 39.33 -39.00
N VAL D 2 32.36 38.19 -39.51
CA VAL D 2 32.11 37.04 -38.64
C VAL D 2 33.44 36.36 -38.35
N GLN D 3 33.58 35.84 -37.14
CA GLN D 3 34.83 35.20 -36.73
C GLN D 3 34.51 33.93 -35.96
N LEU D 4 34.92 32.80 -36.50
CA LEU D 4 34.81 31.51 -35.82
C LEU D 4 36.23 30.95 -35.74
N VAL D 5 36.92 31.19 -34.64
CA VAL D 5 38.31 30.75 -34.49
C VAL D 5 38.35 29.54 -33.56
N GLU D 6 38.98 28.47 -34.00
CA GLU D 6 38.93 27.21 -33.29
C GLU D 6 40.32 26.80 -32.81
N SER D 7 40.35 26.00 -31.75
CA SER D 7 41.61 25.62 -31.14
C SER D 7 41.45 24.30 -30.41
N GLY D 8 42.58 23.62 -30.22
CA GLY D 8 42.58 22.37 -29.48
C GLY D 8 43.12 21.20 -30.27
N GLY D 9 43.75 21.46 -31.42
CA GLY D 9 44.26 20.40 -32.26
C GLY D 9 45.69 20.05 -31.91
N GLY D 10 46.02 18.77 -32.01
CA GLY D 10 47.38 18.35 -31.77
C GLY D 10 47.48 16.84 -31.66
N VAL D 11 48.71 16.40 -31.41
CA VAL D 11 49.03 14.98 -31.35
C VAL D 11 48.39 14.37 -30.11
N VAL D 12 47.60 13.33 -30.31
CA VAL D 12 46.86 12.67 -29.24
C VAL D 12 47.16 11.17 -29.31
N GLN D 13 47.54 10.59 -28.18
CA GLN D 13 47.72 9.14 -28.10
C GLN D 13 46.37 8.45 -28.22
N PRO D 14 46.33 7.25 -28.81
CA PRO D 14 45.03 6.57 -29.03
C PRO D 14 44.38 6.17 -27.72
N GLY D 15 43.14 6.56 -27.56
CA GLY D 15 42.45 6.42 -26.29
C GLY D 15 42.58 7.61 -25.37
N GLY D 16 42.99 8.77 -25.89
CA GLY D 16 43.18 9.97 -25.10
C GLY D 16 41.93 10.81 -25.01
N SER D 17 42.13 12.10 -24.80
CA SER D 17 41.00 13.02 -24.66
C SER D 17 41.42 14.42 -25.07
N LEU D 18 40.44 15.18 -25.56
CA LEU D 18 40.63 16.53 -26.03
C LEU D 18 39.39 17.35 -25.72
N ARG D 19 39.58 18.67 -25.69
CA ARG D 19 38.48 19.63 -25.66
C ARG D 19 38.70 20.57 -26.83
N LEU D 20 37.97 20.37 -27.92
CA LEU D 20 38.01 21.30 -29.03
C LEU D 20 37.13 22.49 -28.70
N SER D 21 37.69 23.69 -28.82
CA SER D 21 36.97 24.91 -28.51
C SER D 21 36.81 25.73 -29.77
N CYS D 22 35.64 26.36 -29.90
CA CYS D 22 35.30 27.22 -31.02
C CYS D 22 34.83 28.55 -30.46
N ALA D 23 35.68 29.57 -30.55
CA ALA D 23 35.34 30.92 -30.12
C ALA D 23 34.62 31.63 -31.25
N ALA D 24 33.36 31.98 -31.01
CA ALA D 24 32.51 32.62 -31.99
C ALA D 24 32.32 34.08 -31.61
N SER D 25 32.54 34.98 -32.55
CA SER D 25 32.37 36.40 -32.32
C SER D 25 31.98 37.06 -33.63
N GLY D 26 30.81 37.67 -33.68
CA GLY D 26 30.38 38.33 -34.90
C GLY D 26 28.88 38.35 -34.93
N PHE D 27 28.28 37.25 -35.36
CA PHE D 27 26.84 37.17 -35.41
C PHE D 27 26.40 37.15 -33.97
N THR D 28 25.12 36.97 -33.72
CA THR D 28 24.63 36.97 -32.37
C THR D 28 24.91 35.71 -31.58
N PHE D 29 25.07 34.59 -32.26
CA PHE D 29 25.29 33.34 -31.56
C PHE D 29 24.07 33.13 -30.71
N ASN D 30 24.15 32.10 -29.90
CA ASN D 30 23.06 31.67 -29.01
C ASN D 30 21.64 31.95 -29.46
N SER D 31 21.46 32.24 -30.75
CA SER D 31 20.14 32.27 -31.35
C SER D 31 20.12 31.19 -32.40
N TYR D 32 21.31 30.69 -32.73
CA TYR D 32 21.49 29.65 -33.73
C TYR D 32 21.95 28.36 -33.05
N GLY D 33 21.40 27.24 -33.51
CA GLY D 33 21.92 25.94 -33.13
C GLY D 33 23.12 25.64 -33.99
N MET D 34 24.21 25.24 -33.36
CA MET D 34 25.47 25.15 -34.07
C MET D 34 25.97 23.71 -34.12
N HIS D 35 26.86 23.46 -35.09
CA HIS D 35 27.23 22.12 -35.48
C HIS D 35 28.74 21.97 -35.41
N TRP D 36 29.17 20.72 -35.24
CA TRP D 36 30.55 20.34 -35.45
C TRP D 36 30.58 19.38 -36.62
N VAL D 37 31.43 19.67 -37.61
CA VAL D 37 31.58 18.91 -38.84
C VAL D 37 33.05 18.54 -38.94
N ARG D 38 33.37 17.35 -39.44
CA ARG D 38 34.77 17.00 -39.58
C ARG D 38 35.07 16.46 -40.97
N GLN D 39 36.31 16.62 -41.41
CA GLN D 39 36.74 16.13 -42.70
C GLN D 39 38.02 15.32 -42.54
N ALA D 40 37.97 14.06 -42.91
CA ALA D 40 39.16 13.23 -42.86
C ALA D 40 40.12 13.66 -43.98
N PRO D 41 41.45 13.59 -43.74
CA PRO D 41 42.40 14.06 -44.78
C PRO D 41 42.41 13.17 -46.01
N GLY D 42 41.93 13.72 -47.12
CA GLY D 42 41.77 12.97 -48.35
C GLY D 42 40.40 12.37 -48.56
N LYS D 43 39.47 12.61 -47.64
CA LYS D 43 38.12 12.06 -47.74
C LYS D 43 37.10 13.20 -47.69
N GLY D 44 35.83 12.84 -47.82
CA GLY D 44 34.77 13.82 -47.83
C GLY D 44 34.44 14.31 -46.43
N LEU D 45 33.46 15.20 -46.38
CA LEU D 45 33.03 15.75 -45.10
C LEU D 45 32.09 14.79 -44.41
N GLU D 46 32.29 14.62 -43.12
CA GLU D 46 31.42 13.83 -42.28
C GLU D 46 30.63 14.79 -41.39
N TRP D 47 29.92 14.25 -40.44
CA TRP D 47 29.14 15.04 -39.51
C TRP D 47 29.43 14.55 -38.10
N VAL D 48 29.52 15.47 -37.15
CA VAL D 48 29.84 15.07 -35.80
C VAL D 48 28.69 15.34 -34.86
N ALA D 49 28.29 16.60 -34.71
CA ALA D 49 27.28 16.89 -33.68
C ALA D 49 26.48 18.16 -33.93
N PHE D 50 25.35 18.30 -33.24
CA PHE D 50 24.47 19.45 -33.36
C PHE D 50 23.93 19.79 -31.99
N ILE D 51 23.91 21.08 -31.65
CA ILE D 51 23.34 21.53 -30.39
C ILE D 51 22.41 22.71 -30.66
N ARG D 52 21.32 22.77 -29.90
CA ARG D 52 20.26 23.74 -30.12
C ARG D 52 20.67 25.10 -29.56
N TYR D 53 19.72 26.04 -29.54
CA TYR D 53 20.04 27.41 -29.16
C TYR D 53 20.21 27.59 -27.66
N ASP D 54 19.64 26.69 -26.85
CA ASP D 54 19.71 26.82 -25.40
C ASP D 54 20.53 25.71 -24.77
N GLY D 55 21.22 24.90 -25.57
CA GLY D 55 21.91 23.75 -25.03
C GLY D 55 21.00 22.65 -24.57
N GLY D 56 19.75 22.64 -25.03
CA GLY D 56 18.78 21.66 -24.57
C GLY D 56 18.97 20.29 -25.17
N ASN D 57 18.74 20.16 -26.46
CA ASN D 57 18.83 18.88 -27.14
C ASN D 57 20.12 18.82 -27.93
N LYS D 58 20.85 17.72 -27.79
CA LYS D 58 22.08 17.48 -28.52
C LYS D 58 21.93 16.22 -29.35
N TYR D 59 22.42 16.25 -30.57
CA TYR D 59 22.33 15.10 -31.46
C TYR D 59 23.71 14.77 -31.99
N TYR D 60 24.02 13.48 -32.05
CA TYR D 60 25.34 13.01 -32.46
C TYR D 60 25.19 12.11 -33.67
N ALA D 61 26.31 11.90 -34.36
CA ALA D 61 26.32 10.98 -35.48
C ALA D 61 26.23 9.54 -34.98
N ASP D 62 25.84 8.64 -35.87
CA ASP D 62 25.61 7.27 -35.48
C ASP D 62 26.88 6.46 -35.28
N SER D 63 28.04 7.03 -35.61
CA SER D 63 29.31 6.34 -35.39
C SER D 63 30.03 6.79 -34.14
N VAL D 64 29.81 8.02 -33.69
CA VAL D 64 30.50 8.59 -32.55
C VAL D 64 29.54 8.89 -31.39
N LYS D 65 28.39 8.25 -31.38
CA LYS D 65 27.39 8.49 -30.34
C LYS D 65 27.87 7.88 -29.03
N GLY D 66 28.46 8.71 -28.17
CA GLY D 66 28.91 8.28 -26.86
C GLY D 66 30.34 8.64 -26.54
N ARG D 67 31.20 8.79 -27.55
CA ARG D 67 32.58 9.17 -27.31
C ARG D 67 32.80 10.68 -27.36
N PHE D 68 31.89 11.42 -27.98
CA PHE D 68 31.96 12.87 -28.03
C PHE D 68 30.81 13.46 -27.24
N THR D 69 31.04 14.61 -26.63
CA THR D 69 29.94 15.43 -26.12
C THR D 69 30.10 16.85 -26.62
N ILE D 70 28.98 17.51 -26.89
CA ILE D 70 28.97 18.85 -27.45
C ILE D 70 28.28 19.75 -26.43
N SER D 71 28.89 20.91 -26.15
CA SER D 71 28.32 21.88 -25.24
C SER D 71 28.57 23.28 -25.75
N ARG D 72 27.88 24.25 -25.14
CA ARG D 72 28.04 25.64 -25.51
C ARG D 72 28.04 26.49 -24.26
N ASP D 73 28.83 27.57 -24.28
CA ASP D 73 28.82 28.55 -23.21
C ASP D 73 28.38 29.87 -23.86
N ASN D 74 27.17 30.31 -23.53
CA ASN D 74 26.60 31.51 -24.10
C ASN D 74 27.11 32.78 -23.43
N SER D 75 27.80 32.66 -22.30
CA SER D 75 28.37 33.84 -21.66
C SER D 75 29.63 34.30 -22.37
N LYS D 76 30.50 33.38 -22.77
CA LYS D 76 31.70 33.73 -23.51
C LYS D 76 31.60 33.42 -25.00
N ASN D 77 30.45 32.91 -25.45
CA ASN D 77 30.18 32.56 -26.85
C ASN D 77 31.18 31.54 -27.39
N THR D 78 31.16 30.34 -26.82
CA THR D 78 32.05 29.28 -27.25
C THR D 78 31.29 27.98 -27.44
N LEU D 79 31.77 27.17 -28.38
CA LEU D 79 31.38 25.78 -28.53
C LEU D 79 32.49 24.87 -28.02
N TYR D 80 32.10 23.74 -27.44
CA TYR D 80 33.06 22.77 -26.92
C TYR D 80 32.70 21.39 -27.41
N LEU D 81 33.71 20.61 -27.77
CA LEU D 81 33.57 19.20 -28.08
C LEU D 81 34.54 18.43 -27.22
N GLN D 82 34.03 17.69 -26.25
CA GLN D 82 34.85 16.77 -25.46
C GLN D 82 34.97 15.47 -26.23
N MET D 83 36.20 15.11 -26.58
CA MET D 83 36.50 13.91 -27.34
C MET D 83 37.26 12.94 -26.44
N LYS D 84 36.61 11.85 -26.06
CA LYS D 84 37.26 10.83 -25.24
C LYS D 84 37.26 9.50 -25.99
N SER D 85 38.29 8.70 -25.70
CA SER D 85 38.54 7.39 -26.31
C SER D 85 38.64 7.50 -27.84
N LEU D 86 39.60 8.31 -28.28
CA LEU D 86 39.83 8.52 -29.70
C LEU D 86 40.55 7.33 -30.29
N ARG D 87 40.06 6.87 -31.43
CA ARG D 87 40.79 5.88 -32.22
C ARG D 87 41.59 6.61 -33.31
N ALA D 88 42.27 5.86 -34.16
CA ALA D 88 43.03 6.47 -35.23
C ALA D 88 42.18 6.84 -36.43
N GLU D 89 40.88 6.56 -36.40
CA GLU D 89 39.97 6.97 -37.46
C GLU D 89 39.33 8.32 -37.19
N ASP D 90 39.88 9.08 -36.24
CA ASP D 90 39.38 10.40 -35.90
C ASP D 90 40.38 11.50 -36.18
N THR D 91 41.53 11.17 -36.75
CA THR D 91 42.45 12.22 -37.19
C THR D 91 41.82 12.95 -38.39
N ALA D 92 41.58 14.24 -38.22
CA ALA D 92 40.68 14.94 -39.12
C ALA D 92 40.95 16.43 -39.06
N VAL D 93 40.13 17.18 -39.79
CA VAL D 93 40.05 18.63 -39.70
C VAL D 93 38.65 18.96 -39.25
N TYR D 94 38.52 19.48 -38.04
CA TYR D 94 37.21 19.77 -37.47
C TYR D 94 36.85 21.22 -37.76
N TYR D 95 35.69 21.43 -38.37
CA TYR D 95 35.13 22.74 -38.60
C TYR D 95 33.97 22.96 -37.64
N CYS D 96 33.84 24.20 -37.21
CA CYS D 96 32.77 24.67 -36.34
C CYS D 96 31.76 25.36 -37.23
N ALA D 97 30.66 24.68 -37.53
CA ALA D 97 29.80 25.11 -38.62
C ALA D 97 28.49 25.68 -38.11
N ASN D 98 27.91 26.55 -38.91
CA ASN D 98 26.55 27.05 -38.72
C ASN D 98 25.87 26.87 -40.07
N LEU D 99 25.31 25.69 -40.30
CA LEU D 99 24.69 25.32 -41.57
C LEU D 99 23.38 25.99 -41.92
N LYS D 100 23.25 26.45 -43.15
CA LYS D 100 22.04 27.12 -43.57
C LYS D 100 20.87 26.20 -43.52
N ASP D 101 20.54 25.67 -42.33
CA ASP D 101 19.39 24.75 -42.18
C ASP D 101 18.17 25.48 -42.60
N SER D 102 17.05 25.06 -42.01
CA SER D 102 15.76 25.70 -42.23
C SER D 102 14.65 24.71 -41.97
N ARG D 103 14.89 23.85 -41.01
CA ARG D 103 13.94 22.82 -40.60
C ARG D 103 14.12 22.59 -39.12
N TYR D 104 15.36 22.60 -38.68
CA TYR D 104 15.68 22.37 -37.28
C TYR D 104 16.28 23.59 -36.60
N SER D 105 17.41 24.08 -37.09
CA SER D 105 18.01 25.24 -36.45
C SER D 105 17.36 26.53 -36.91
N GLY D 106 16.83 26.54 -38.12
CA GLY D 106 16.17 27.71 -38.63
C GLY D 106 17.11 28.85 -38.96
N SER D 107 18.35 28.56 -39.30
CA SER D 107 19.26 29.63 -39.62
C SER D 107 19.01 30.11 -41.04
N TYR D 108 19.70 31.18 -41.42
CA TYR D 108 19.61 31.71 -42.78
C TYR D 108 20.96 31.97 -43.41
N TYR D 109 22.02 32.14 -42.63
CA TYR D 109 23.35 32.42 -43.14
C TYR D 109 24.25 31.23 -42.89
N ASP D 110 25.21 31.03 -43.78
CA ASP D 110 26.14 29.92 -43.70
C ASP D 110 27.49 30.44 -43.23
N TYR D 111 27.81 30.19 -41.97
CA TYR D 111 29.05 30.65 -41.37
C TYR D 111 29.88 29.42 -41.01
N TRP D 112 31.00 29.24 -41.66
CA TRP D 112 31.89 28.13 -41.37
C TRP D 112 33.09 28.63 -40.57
N GLY D 113 33.73 27.70 -39.88
CA GLY D 113 34.93 28.01 -39.13
C GLY D 113 36.16 27.95 -40.00
N GLN D 114 37.29 27.62 -39.38
CA GLN D 114 38.53 27.44 -40.12
C GLN D 114 39.04 26.01 -40.09
N GLY D 115 38.85 25.29 -38.99
CA GLY D 115 39.22 23.91 -38.92
C GLY D 115 40.52 23.66 -38.18
N THR D 116 40.48 22.76 -37.20
CA THR D 116 41.67 22.35 -36.47
C THR D 116 42.06 20.94 -36.90
N LEU D 117 43.36 20.71 -37.06
CA LEU D 117 43.87 19.40 -37.47
C LEU D 117 44.12 18.59 -36.21
N VAL D 118 43.24 17.63 -35.95
CA VAL D 118 43.37 16.74 -34.81
C VAL D 118 44.03 15.46 -35.30
N THR D 119 45.31 15.31 -35.01
CA THR D 119 46.08 14.14 -35.44
C THR D 119 46.17 13.18 -34.26
N VAL D 120 45.58 12.00 -34.40
CA VAL D 120 45.63 10.99 -33.36
C VAL D 120 46.70 9.97 -33.80
N SER D 121 47.88 10.09 -33.21
CA SER D 121 48.97 9.18 -33.56
C SER D 121 49.46 8.45 -32.32
N VAL E 1 19.42 6.31 -40.45
CA VAL E 1 20.47 6.83 -41.29
C VAL E 1 20.01 6.91 -42.75
N ILE E 2 20.18 8.09 -43.36
CA ILE E 2 19.76 8.33 -44.73
C ILE E 2 21.02 8.36 -45.59
N TRP E 3 21.27 7.28 -46.31
CA TRP E 3 22.46 7.21 -47.15
C TRP E 3 22.27 8.02 -48.42
N MET E 4 23.34 8.70 -48.83
CA MET E 4 23.36 9.44 -50.08
C MET E 4 24.47 8.92 -50.97
N THR E 5 24.22 8.96 -52.28
CA THR E 5 25.21 8.63 -53.28
C THR E 5 25.25 9.76 -54.30
N GLN E 6 26.43 9.98 -54.87
CA GLN E 6 26.60 11.06 -55.84
C GLN E 6 27.24 10.51 -57.10
N SER E 7 26.83 11.06 -58.24
CA SER E 7 27.33 10.59 -59.52
C SER E 7 27.49 11.75 -60.48
N PRO E 8 28.56 11.77 -61.28
CA PRO E 8 29.72 10.86 -61.25
C PRO E 8 30.76 11.34 -60.27
N SER E 9 31.43 10.42 -59.56
CA SER E 9 32.39 10.83 -58.55
C SER E 9 33.71 11.32 -59.13
N SER E 10 33.89 11.24 -60.44
CA SER E 10 35.05 11.82 -61.10
C SER E 10 34.56 12.45 -62.39
N LEU E 11 35.06 13.63 -62.71
CA LEU E 11 34.56 14.37 -63.86
C LEU E 11 35.64 15.31 -64.36
N SER E 12 35.79 15.37 -65.68
CA SER E 12 36.73 16.29 -66.31
C SER E 12 36.06 16.89 -67.54
N ALA E 13 35.88 18.20 -67.55
CA ALA E 13 35.22 18.87 -68.66
C ALA E 13 35.85 20.23 -68.87
N SER E 14 35.85 20.69 -70.12
CA SER E 14 36.52 21.92 -70.50
C SER E 14 35.62 23.13 -70.23
N VAL E 15 36.08 24.29 -70.70
CA VAL E 15 35.36 25.54 -70.48
C VAL E 15 34.14 25.59 -71.40
N GLY E 16 33.07 26.21 -70.91
CA GLY E 16 31.85 26.35 -71.66
C GLY E 16 30.94 25.14 -71.69
N ASP E 17 31.38 24.00 -71.17
CA ASP E 17 30.58 22.79 -71.16
C ASP E 17 29.60 22.81 -69.99
N ARG E 18 28.69 21.86 -69.97
CA ARG E 18 27.69 21.77 -68.90
C ARG E 18 27.95 20.51 -68.07
N VAL E 19 27.71 20.62 -66.76
CA VAL E 19 27.99 19.56 -65.82
C VAL E 19 26.70 19.25 -65.07
N THR E 20 26.28 17.98 -65.11
CA THR E 20 25.18 17.51 -64.30
C THR E 20 25.73 16.56 -63.24
N ILE E 21 25.24 16.72 -62.01
CA ILE E 21 25.67 15.91 -60.88
C ILE E 21 24.41 15.45 -60.18
N THR E 22 24.21 14.14 -60.13
CA THR E 22 23.00 13.57 -59.54
C THR E 22 23.30 13.18 -58.11
N CYS E 23 22.45 13.63 -57.20
CA CYS E 23 22.47 13.20 -55.80
C CYS E 23 21.25 12.31 -55.58
N GLN E 24 21.49 11.09 -55.11
CA GLN E 24 20.42 10.13 -54.87
C GLN E 24 20.39 9.76 -53.40
N ALA E 25 19.20 9.78 -52.82
CA ALA E 25 19.04 9.42 -51.41
C ALA E 25 18.53 8.00 -51.29
N SER E 26 18.57 7.49 -50.06
CA SER E 26 18.01 6.17 -49.76
C SER E 26 16.60 6.25 -49.18
N GLN E 27 16.22 7.38 -48.60
CA GLN E 27 14.88 7.64 -48.12
C GLN E 27 14.30 8.80 -48.93
N ASP E 28 13.19 9.34 -48.46
CA ASP E 28 12.52 10.45 -49.12
C ASP E 28 12.83 11.74 -48.37
N ILE E 29 13.54 12.65 -49.03
CA ILE E 29 13.73 14.02 -48.55
C ILE E 29 13.08 14.95 -49.57
N ARG E 30 12.13 15.77 -49.11
CA ARG E 30 11.17 16.37 -50.03
C ARG E 30 11.79 17.49 -50.85
N PHE E 31 12.36 18.48 -50.19
CA PHE E 31 13.06 19.51 -50.92
C PHE E 31 14.09 20.02 -49.99
N TYR E 32 14.50 19.23 -48.99
CA TYR E 32 15.47 19.69 -48.02
C TYR E 32 16.82 19.08 -48.32
N LEU E 33 17.62 19.80 -49.09
CA LEU E 33 18.94 19.36 -49.53
C LEU E 33 19.78 20.55 -49.93
N ASN E 34 21.00 20.61 -49.42
CA ASN E 34 21.93 21.71 -49.63
C ASN E 34 23.08 21.26 -50.51
N TRP E 35 23.50 22.12 -51.42
CA TRP E 35 24.61 21.87 -52.32
C TRP E 35 25.75 22.83 -51.97
N TYR E 36 26.85 22.26 -51.46
CA TYR E 36 28.04 22.98 -51.06
C TYR E 36 29.13 22.84 -52.11
N GLN E 37 30.03 23.81 -52.15
CA GLN E 37 31.24 23.75 -52.95
C GLN E 37 32.43 23.96 -52.04
N GLN E 38 33.44 23.10 -52.16
CA GLN E 38 34.67 23.22 -51.39
C GLN E 38 35.85 23.23 -52.35
N LYS E 39 36.49 24.36 -52.47
CA LYS E 39 37.78 24.44 -53.15
C LYS E 39 38.85 23.82 -52.25
N PRO E 40 39.89 23.22 -52.82
CA PRO E 40 40.85 22.46 -52.01
C PRO E 40 41.69 23.36 -51.11
N GLY E 41 41.62 23.11 -49.82
CA GLY E 41 42.37 23.85 -48.83
C GLY E 41 41.57 24.85 -48.01
N LYS E 42 40.26 24.89 -48.16
CA LYS E 42 39.45 25.90 -47.50
C LYS E 42 38.14 25.31 -47.03
N ALA E 43 37.41 26.08 -46.22
CA ALA E 43 36.11 25.68 -45.73
C ALA E 43 35.09 25.72 -46.88
N PRO E 44 34.11 24.82 -46.87
CA PRO E 44 33.16 24.77 -47.99
C PRO E 44 32.18 25.94 -47.99
N LYS E 45 32.01 26.54 -49.16
CA LYS E 45 31.05 27.62 -49.36
C LYS E 45 29.75 27.04 -49.88
N LEU E 46 28.63 27.45 -49.30
CA LEU E 46 27.34 26.97 -49.75
C LEU E 46 26.98 27.61 -51.08
N LEU E 47 26.31 26.85 -51.94
CA LEU E 47 25.83 27.42 -53.18
C LEU E 47 24.32 27.36 -53.33
N ILE E 48 23.67 26.25 -52.97
CA ILE E 48 22.23 26.13 -53.23
C ILE E 48 21.56 25.57 -51.98
N SER E 49 20.55 26.27 -51.47
CA SER E 49 19.84 25.84 -50.28
C SER E 49 18.45 25.37 -50.63
N ASP E 50 18.03 24.27 -49.99
CA ASP E 50 16.74 23.60 -50.21
C ASP E 50 16.55 23.20 -51.67
N ALA E 51 17.65 22.81 -52.32
CA ALA E 51 17.74 22.15 -53.62
C ALA E 51 17.39 23.01 -54.82
N SER E 52 16.83 24.20 -54.62
CA SER E 52 16.54 25.08 -55.74
C SER E 52 16.81 26.55 -55.49
N ASN E 53 16.88 27.00 -54.25
CA ASN E 53 17.06 28.41 -53.95
C ASN E 53 18.47 28.97 -53.92
N MET E 54 18.98 29.38 -55.07
CA MET E 54 20.33 29.89 -55.19
C MET E 54 20.50 31.11 -54.28
N GLU E 55 21.70 31.26 -53.74
CA GLU E 55 21.94 32.26 -52.70
C GLU E 55 22.33 33.61 -53.30
N THR E 56 22.84 34.49 -52.44
CA THR E 56 23.30 35.81 -52.85
C THR E 56 24.83 35.85 -52.74
N GLY E 57 25.47 36.36 -53.78
CA GLY E 57 26.92 36.33 -53.87
C GLY E 57 27.44 35.22 -54.74
N VAL E 58 26.57 34.41 -55.31
CA VAL E 58 26.91 33.31 -56.21
C VAL E 58 26.42 33.68 -57.61
N PRO E 59 27.21 33.45 -58.65
CA PRO E 59 26.74 33.72 -60.02
C PRO E 59 25.62 32.79 -60.44
N SER E 60 24.93 33.19 -61.51
CA SER E 60 23.77 32.48 -62.01
C SER E 60 24.10 31.35 -62.96
N ARG E 61 25.34 30.84 -62.92
CA ARG E 61 25.66 29.66 -63.72
C ARG E 61 25.08 28.40 -63.09
N PHE E 62 25.20 28.27 -61.78
CA PHE E 62 24.72 27.09 -61.09
C PHE E 62 23.20 27.08 -61.00
N SER E 63 22.63 25.88 -61.01
CA SER E 63 21.21 25.72 -60.81
C SER E 63 20.97 24.34 -60.19
N GLY E 64 19.92 24.24 -59.40
CA GLY E 64 19.58 23.00 -58.75
C GLY E 64 18.13 22.64 -59.03
N SER E 65 17.88 21.34 -59.14
CA SER E 65 16.54 20.87 -59.45
C SER E 65 16.38 19.49 -58.86
N GLY E 66 15.21 18.90 -59.10
CA GLY E 66 14.90 17.58 -58.59
C GLY E 66 14.27 17.61 -57.22
N SER E 67 13.68 16.49 -56.85
CA SER E 67 12.89 16.39 -55.63
C SER E 67 12.64 14.91 -55.33
N GLY E 68 12.28 14.63 -54.08
CA GLY E 68 11.95 13.28 -53.72
C GLY E 68 13.16 12.45 -53.34
N THR E 69 13.68 11.68 -54.29
CA THR E 69 14.90 10.93 -54.08
C THR E 69 16.04 11.37 -54.97
N ASP E 70 15.77 11.97 -56.13
CA ASP E 70 16.81 12.36 -57.07
C ASP E 70 16.88 13.87 -57.17
N PHE E 71 18.10 14.40 -57.06
CA PHE E 71 18.38 15.82 -57.16
C PHE E 71 19.49 16.03 -58.17
N THR E 72 19.59 17.24 -58.70
CA THR E 72 20.50 17.52 -59.79
C THR E 72 21.13 18.89 -59.62
N PHE E 73 22.46 18.93 -59.62
CA PHE E 73 23.25 20.15 -59.65
C PHE E 73 23.77 20.36 -61.06
N THR E 74 23.53 21.54 -61.63
CA THR E 74 23.86 21.81 -63.03
C THR E 74 24.70 23.07 -63.12
N ILE E 75 25.88 22.96 -63.72
CA ILE E 75 26.73 24.09 -64.04
C ILE E 75 26.66 24.30 -65.54
N SER E 76 26.14 25.45 -65.96
CA SER E 76 25.94 25.68 -67.39
C SER E 76 27.25 25.98 -68.10
N SER E 77 28.24 26.54 -67.42
CA SER E 77 29.53 26.81 -68.01
C SER E 77 30.62 26.66 -66.95
N LEU E 78 31.75 26.11 -67.36
CA LEU E 78 32.88 25.93 -66.45
C LEU E 78 33.83 27.12 -66.59
N GLN E 79 33.78 28.03 -65.65
CA GLN E 79 34.85 28.98 -65.43
C GLN E 79 35.96 28.28 -64.65
N PRO E 80 37.19 28.82 -64.68
CA PRO E 80 38.29 28.14 -63.96
C PRO E 80 38.15 28.11 -62.44
N GLU E 81 37.29 28.92 -61.84
CA GLU E 81 37.06 28.83 -60.40
C GLU E 81 35.90 27.91 -60.05
N ASP E 82 35.37 27.16 -61.01
CA ASP E 82 34.40 26.11 -60.72
C ASP E 82 35.04 24.79 -60.35
N ILE E 83 36.37 24.70 -60.42
CA ILE E 83 37.09 23.46 -60.16
C ILE E 83 37.16 23.29 -58.64
N ALA E 84 36.33 22.39 -58.11
CA ALA E 84 36.22 22.17 -56.67
C ALA E 84 35.55 20.82 -56.44
N THR E 85 35.11 20.58 -55.22
CA THR E 85 34.33 19.39 -54.91
C THR E 85 32.96 19.80 -54.39
N TYR E 86 31.92 19.11 -54.85
CA TYR E 86 30.55 19.48 -54.58
C TYR E 86 29.89 18.44 -53.69
N TYR E 87 29.16 18.90 -52.69
CA TYR E 87 28.60 18.03 -51.66
C TYR E 87 27.11 18.28 -51.51
N CYS E 88 26.40 17.24 -51.06
CA CYS E 88 24.98 17.31 -50.73
C CYS E 88 24.81 17.41 -49.23
N GLN E 89 23.58 17.69 -48.82
CA GLN E 89 23.18 17.54 -47.43
C GLN E 89 21.67 17.38 -47.35
N GLN E 90 21.21 16.53 -46.45
CA GLN E 90 19.78 16.37 -46.19
C GLN E 90 19.40 16.99 -44.85
N TYR E 91 18.10 17.19 -44.62
CA TYR E 91 17.65 17.90 -43.43
C TYR E 91 16.49 17.28 -42.67
N ASP E 92 15.85 16.23 -43.17
CA ASP E 92 14.62 15.77 -42.52
C ASP E 92 14.91 15.01 -41.24
N ASN E 93 15.72 13.96 -41.33
CA ASN E 93 16.02 13.12 -40.19
C ASN E 93 17.43 13.42 -39.70
N LEU E 94 17.55 13.78 -38.43
CA LEU E 94 18.86 13.83 -37.81
C LEU E 94 19.37 12.41 -37.62
N PRO E 95 20.64 12.13 -37.93
CA PRO E 95 21.74 13.02 -38.32
C PRO E 95 21.73 13.49 -39.77
N PHE E 96 22.24 14.69 -40.01
CA PHE E 96 22.43 15.15 -41.38
C PHE E 96 23.60 14.41 -42.00
N THR E 97 23.43 13.98 -43.24
CA THR E 97 24.46 13.21 -43.92
C THR E 97 24.90 13.97 -45.17
N PHE E 98 26.20 14.19 -45.29
CA PHE E 98 26.76 14.74 -46.51
C PHE E 98 26.92 13.64 -47.54
N GLY E 99 27.12 14.03 -48.78
CA GLY E 99 27.43 13.07 -49.80
C GLY E 99 28.90 12.72 -49.79
N PRO E 100 29.28 11.78 -50.65
CA PRO E 100 30.71 11.49 -50.81
C PRO E 100 31.46 12.59 -51.54
N GLY E 101 30.82 13.30 -52.46
CA GLY E 101 31.46 14.40 -53.13
C GLY E 101 32.01 14.05 -54.49
N THR E 102 31.80 14.92 -55.48
CA THR E 102 32.27 14.70 -56.83
C THR E 102 33.37 15.71 -57.14
N LYS E 103 34.37 15.29 -57.89
CA LYS E 103 35.49 16.15 -58.23
C LYS E 103 35.37 16.58 -59.68
N VAL E 104 35.36 17.88 -59.90
CA VAL E 104 35.39 18.47 -61.24
C VAL E 104 36.82 18.83 -61.55
N ASP E 105 37.24 18.54 -62.78
CA ASP E 105 38.60 18.82 -63.22
C ASP E 105 38.57 19.40 -64.62
N PHE E 106 39.71 19.94 -65.04
CA PHE E 106 39.90 20.44 -66.39
C PHE E 106 40.53 19.37 -67.26
N LYS E 107 40.24 19.40 -68.56
CA LYS E 107 40.86 18.49 -69.51
C LYS E 107 42.26 18.95 -69.87
N GLU F 1 24.80 -60.87 6.44
CA GLU F 1 25.28 -59.98 7.49
C GLU F 1 24.37 -58.76 7.59
N VAL F 2 23.61 -58.50 6.54
CA VAL F 2 22.58 -57.46 6.59
C VAL F 2 21.37 -58.02 7.32
N GLN F 3 20.70 -57.18 8.10
CA GLN F 3 19.55 -57.61 8.88
C GLN F 3 18.46 -56.55 8.77
N LEU F 4 17.32 -56.93 8.21
CA LEU F 4 16.13 -56.08 8.16
C LEU F 4 15.02 -56.88 8.82
N VAL F 5 14.81 -56.67 10.12
CA VAL F 5 13.80 -57.42 10.87
C VAL F 5 12.60 -56.52 11.12
N GLU F 6 11.42 -57.00 10.77
CA GLU F 6 10.22 -56.17 10.79
C GLU F 6 9.22 -56.71 11.79
N SER F 7 8.36 -55.83 12.28
CA SER F 7 7.41 -56.19 13.32
C SER F 7 6.21 -55.27 13.26
N GLY F 8 5.10 -55.76 13.79
CA GLY F 8 3.88 -54.96 13.87
C GLY F 8 2.70 -55.58 13.18
N GLY F 9 2.80 -56.85 12.80
CA GLY F 9 1.72 -57.52 12.10
C GLY F 9 0.76 -58.20 13.05
N GLY F 10 -0.52 -58.19 12.70
CA GLY F 10 -1.51 -58.86 13.51
C GLY F 10 -2.91 -58.49 13.08
N VAL F 11 -3.87 -59.07 13.81
CA VAL F 11 -5.28 -58.90 13.52
C VAL F 11 -5.69 -57.47 13.82
N VAL F 12 -6.26 -56.80 12.83
CA VAL F 12 -6.67 -55.40 12.93
C VAL F 12 -8.13 -55.30 12.50
N GLN F 13 -8.95 -54.66 13.32
CA GLN F 13 -10.32 -54.37 12.96
C GLN F 13 -10.37 -53.35 11.82
N PRO F 14 -11.35 -53.43 10.93
CA PRO F 14 -11.37 -52.52 9.76
C PRO F 14 -11.62 -51.08 10.18
N GLY F 15 -10.75 -50.20 9.73
CA GLY F 15 -10.74 -48.84 10.20
C GLY F 15 -9.82 -48.59 11.38
N GLY F 16 -8.91 -49.51 11.67
CA GLY F 16 -8.01 -49.40 12.79
C GLY F 16 -6.73 -48.67 12.45
N SER F 17 -5.67 -48.97 13.20
CA SER F 17 -4.39 -48.33 12.99
C SER F 17 -3.26 -49.23 13.45
N LEU F 18 -2.11 -49.06 12.80
CA LEU F 18 -0.92 -49.85 13.08
C LEU F 18 0.31 -48.98 12.89
N ARG F 19 1.40 -49.40 13.51
CA ARG F 19 2.73 -48.85 13.24
C ARG F 19 3.63 -50.02 12.87
N LEU F 20 3.88 -50.20 11.58
CA LEU F 20 4.82 -51.22 11.15
C LEU F 20 6.23 -50.67 11.32
N SER F 21 7.07 -51.43 12.00
CA SER F 21 8.44 -51.02 12.27
C SER F 21 9.41 -51.96 11.56
N CYS F 22 10.48 -51.39 11.02
CA CYS F 22 11.53 -52.12 10.32
C CYS F 22 12.86 -51.74 10.96
N ALA F 23 13.42 -52.64 11.77
CA ALA F 23 14.72 -52.43 12.37
C ALA F 23 15.79 -52.88 11.41
N ALA F 24 16.61 -51.92 10.98
CA ALA F 24 17.67 -52.16 10.01
C ALA F 24 19.02 -52.12 10.72
N SER F 25 19.84 -53.14 10.50
CA SER F 25 21.16 -53.19 11.09
C SER F 25 22.07 -53.97 10.16
N GLY F 26 23.13 -53.34 9.66
CA GLY F 26 24.04 -54.03 8.79
C GLY F 26 24.70 -53.02 7.89
N PHE F 27 24.02 -52.64 6.83
CA PHE F 27 24.57 -51.65 5.93
C PHE F 27 24.57 -50.36 6.71
N THR F 28 24.92 -49.26 6.07
CA THR F 28 24.98 -48.00 6.78
C THR F 28 23.64 -47.35 7.03
N PHE F 29 22.65 -47.65 6.23
CA PHE F 29 21.35 -47.03 6.40
C PHE F 29 21.58 -45.56 6.24
N ASN F 30 20.54 -44.81 6.48
CA ASN F 30 20.49 -43.35 6.33
C ASN F 30 21.42 -42.74 5.28
N SER F 31 21.91 -43.55 4.35
CA SER F 31 22.57 -43.06 3.17
C SER F 31 21.73 -43.50 1.99
N TYR F 32 20.81 -44.42 2.25
CA TYR F 32 19.91 -44.97 1.26
C TYR F 32 18.49 -44.52 1.52
N GLY F 33 17.77 -44.17 0.46
CA GLY F 33 16.34 -43.96 0.55
C GLY F 33 15.65 -45.32 0.51
N MET F 34 14.75 -45.54 1.46
CA MET F 34 14.22 -46.88 1.65
C MET F 34 12.72 -46.92 1.36
N HIS F 35 12.23 -48.12 1.09
CA HIS F 35 10.92 -48.33 0.52
C HIS F 35 10.13 -49.28 1.40
N TRP F 36 8.81 -49.17 1.31
CA TRP F 36 7.89 -50.18 1.81
C TRP F 36 7.16 -50.75 0.61
N VAL F 37 7.17 -52.09 0.51
CA VAL F 37 6.57 -52.84 -0.58
C VAL F 37 5.62 -53.83 0.06
N ARG F 38 4.48 -54.11 -0.56
CA ARG F 38 3.57 -55.10 0.02
C ARG F 38 3.13 -56.11 -1.01
N GLN F 39 2.80 -57.31 -0.54
CA GLN F 39 2.32 -58.36 -1.43
C GLN F 39 1.05 -58.94 -0.85
N ALA F 40 -0.03 -58.87 -1.63
CA ALA F 40 -1.29 -59.46 -1.20
C ALA F 40 -1.19 -60.98 -1.29
N PRO F 41 -1.84 -61.72 -0.39
CA PRO F 41 -1.71 -63.19 -0.41
C PRO F 41 -2.36 -63.83 -1.62
N GLY F 42 -1.53 -64.38 -2.51
CA GLY F 42 -2.00 -64.92 -3.76
C GLY F 42 -1.92 -63.97 -4.93
N LYS F 43 -1.42 -62.75 -4.72
CA LYS F 43 -1.32 -61.76 -5.77
C LYS F 43 0.13 -61.30 -5.92
N GLY F 44 0.36 -60.43 -6.88
CA GLY F 44 1.70 -59.92 -7.14
C GLY F 44 2.11 -58.87 -6.14
N LEU F 45 3.33 -58.36 -6.33
CA LEU F 45 3.85 -57.34 -5.44
C LEU F 45 3.31 -55.98 -5.86
N GLU F 46 2.93 -55.20 -4.87
CA GLU F 46 2.50 -53.83 -5.04
C GLU F 46 3.58 -52.93 -4.51
N TRP F 47 3.28 -51.65 -4.43
CA TRP F 47 4.23 -50.66 -3.92
C TRP F 47 3.50 -49.79 -2.91
N VAL F 48 4.18 -49.44 -1.83
CA VAL F 48 3.51 -48.64 -0.81
C VAL F 48 4.15 -47.27 -0.69
N ALA F 49 5.43 -47.20 -0.35
CA ALA F 49 6.00 -45.87 -0.08
C ALA F 49 7.51 -45.79 -0.25
N PHE F 50 8.02 -44.57 -0.37
CA PHE F 50 9.45 -44.32 -0.54
C PHE F 50 9.83 -43.09 0.26
N ILE F 51 10.95 -43.16 0.98
CA ILE F 51 11.45 -42.02 1.73
C ILE F 51 12.94 -41.85 1.44
N ARG F 52 13.37 -40.59 1.38
CA ARG F 52 14.72 -40.24 0.97
C ARG F 52 15.71 -40.47 2.11
N TYR F 53 16.95 -40.03 1.93
CA TYR F 53 18.00 -40.33 2.90
C TYR F 53 17.91 -39.46 4.14
N ASP F 54 17.26 -38.31 4.06
CA ASP F 54 17.16 -37.40 5.20
C ASP F 54 15.74 -37.28 5.73
N GLY F 55 14.82 -38.09 5.24
CA GLY F 55 13.43 -37.94 5.61
C GLY F 55 12.78 -36.72 5.00
N GLY F 56 13.36 -36.16 3.95
CA GLY F 56 12.85 -34.95 3.36
C GLY F 56 11.60 -35.15 2.52
N ASN F 57 11.74 -35.84 1.40
CA ASN F 57 10.63 -36.06 0.49
C ASN F 57 10.11 -37.48 0.65
N LYS F 58 8.80 -37.62 0.75
CA LYS F 58 8.15 -38.91 0.86
C LYS F 58 7.17 -39.05 -0.30
N TYR F 59 7.13 -40.24 -0.90
CA TYR F 59 6.25 -40.50 -2.02
C TYR F 59 5.43 -41.73 -1.72
N TYR F 60 4.14 -41.67 -2.06
CA TYR F 60 3.21 -42.76 -1.77
C TYR F 60 2.60 -43.26 -3.06
N ALA F 61 2.02 -44.45 -3.00
CA ALA F 61 1.32 -44.99 -4.14
C ALA F 61 0.02 -44.24 -4.36
N ASP F 62 -0.52 -44.36 -5.58
CA ASP F 62 -1.71 -43.60 -5.93
C ASP F 62 -3.00 -44.16 -5.34
N SER F 63 -2.94 -45.32 -4.69
CA SER F 63 -4.13 -45.89 -4.06
C SER F 63 -4.18 -45.64 -2.57
N VAL F 64 -3.03 -45.49 -1.91
CA VAL F 64 -2.96 -45.33 -0.46
C VAL F 64 -2.40 -43.95 -0.08
N LYS F 65 -2.49 -42.99 -0.99
CA LYS F 65 -1.97 -41.65 -0.71
C LYS F 65 -2.88 -40.95 0.28
N GLY F 66 -2.49 -40.96 1.55
CA GLY F 66 -3.21 -40.29 2.61
C GLY F 66 -3.54 -41.15 3.80
N ARG F 67 -3.65 -42.47 3.63
CA ARG F 67 -3.92 -43.35 4.75
C ARG F 67 -2.66 -43.90 5.39
N PHE F 68 -1.55 -43.87 4.69
CA PHE F 68 -0.27 -44.31 5.24
C PHE F 68 0.66 -43.11 5.36
N THR F 69 1.53 -43.14 6.36
CA THR F 69 2.68 -42.23 6.40
C THR F 69 3.93 -43.02 6.66
N ILE F 70 5.03 -42.58 6.05
CA ILE F 70 6.31 -43.27 6.14
C ILE F 70 7.29 -42.33 6.82
N SER F 71 8.03 -42.84 7.80
CA SER F 71 9.04 -42.06 8.49
C SER F 71 10.25 -42.92 8.78
N ARG F 72 11.34 -42.27 9.17
CA ARG F 72 12.57 -42.97 9.52
C ARG F 72 13.18 -42.33 10.75
N ASP F 73 13.82 -43.14 11.58
CA ASP F 73 14.58 -42.65 12.72
C ASP F 73 16.01 -43.11 12.49
N ASN F 74 16.88 -42.15 12.19
CA ASN F 74 18.28 -42.43 11.88
C ASN F 74 19.12 -42.64 13.14
N SER F 75 18.59 -42.31 14.32
CA SER F 75 19.32 -42.56 15.55
C SER F 75 19.29 -44.03 15.93
N LYS F 76 18.14 -44.69 15.80
CA LYS F 76 18.02 -46.11 16.10
C LYS F 76 17.97 -46.96 14.85
N ASN F 77 18.05 -46.36 13.66
CA ASN F 77 18.02 -47.03 12.36
C ASN F 77 16.74 -47.84 12.17
N THR F 78 15.61 -47.15 12.13
CA THR F 78 14.31 -47.81 11.94
C THR F 78 13.49 -47.10 10.88
N LEU F 79 12.68 -47.88 10.18
CA LEU F 79 11.61 -47.36 9.33
C LEU F 79 10.27 -47.56 10.00
N TYR F 80 9.35 -46.64 9.78
CA TYR F 80 8.02 -46.71 10.36
C TYR F 80 6.99 -46.45 9.28
N LEU F 81 5.90 -47.22 9.31
CA LEU F 81 4.73 -46.98 8.48
C LEU F 81 3.52 -46.89 9.39
N GLN F 82 2.96 -45.70 9.51
CA GLN F 82 1.70 -45.51 10.22
C GLN F 82 0.56 -45.80 9.25
N MET F 83 -0.24 -46.80 9.58
CA MET F 83 -1.36 -47.24 8.75
C MET F 83 -2.65 -46.91 9.50
N LYS F 84 -3.41 -45.95 8.99
CA LYS F 84 -4.69 -45.59 9.58
C LYS F 84 -5.79 -45.78 8.54
N SER F 85 -6.99 -46.10 9.06
CA SER F 85 -8.19 -46.37 8.26
C SER F 85 -7.96 -47.51 7.26
N LEU F 86 -7.59 -48.66 7.81
CA LEU F 86 -7.33 -49.83 6.98
C LEU F 86 -8.64 -50.45 6.52
N ARG F 87 -8.71 -50.79 5.25
CA ARG F 87 -9.81 -51.59 4.74
C ARG F 87 -9.38 -53.05 4.68
N ALA F 88 -10.24 -53.92 4.18
CA ALA F 88 -9.89 -55.32 4.07
C ALA F 88 -9.06 -55.63 2.84
N GLU F 89 -8.75 -54.64 2.01
CA GLU F 89 -7.88 -54.83 0.86
C GLU F 89 -6.43 -54.54 1.19
N ASP F 90 -6.09 -54.45 2.48
CA ASP F 90 -4.73 -54.19 2.92
C ASP F 90 -4.14 -55.35 3.71
N THR F 91 -4.86 -56.45 3.85
CA THR F 91 -4.26 -57.64 4.44
C THR F 91 -3.20 -58.19 3.48
N ALA F 92 -1.96 -58.22 3.94
CA ALA F 92 -0.84 -58.39 3.02
C ALA F 92 0.38 -58.89 3.78
N VAL F 93 1.49 -58.99 3.05
CA VAL F 93 2.81 -59.23 3.61
C VAL F 93 3.66 -58.03 3.25
N TYR F 94 4.02 -57.25 4.24
CA TYR F 94 4.78 -56.03 3.99
C TYR F 94 6.27 -56.33 4.12
N TYR F 95 7.02 -55.99 3.08
CA TYR F 95 8.46 -56.06 3.07
C TYR F 95 9.04 -54.66 3.18
N CYS F 96 10.16 -54.57 3.87
CA CYS F 96 10.94 -53.36 4.06
C CYS F 96 12.09 -53.43 3.07
N ALA F 97 11.99 -52.72 1.97
CA ALA F 97 12.87 -52.96 0.84
C ALA F 97 13.87 -51.84 0.67
N ASN F 98 15.00 -52.20 0.07
CA ASN F 98 16.00 -51.25 -0.40
C ASN F 98 16.29 -51.65 -1.85
N LEU F 99 15.49 -51.13 -2.77
CA LEU F 99 15.58 -51.48 -4.18
C LEU F 99 16.79 -50.96 -4.94
N LYS F 100 17.40 -51.81 -5.75
CA LYS F 100 18.57 -51.42 -6.51
C LYS F 100 18.22 -50.36 -7.48
N ASP F 101 17.76 -49.20 -7.01
CA ASP F 101 17.41 -48.08 -7.91
C ASP F 101 18.62 -47.68 -8.66
N SER F 102 18.66 -46.41 -9.04
CA SER F 102 19.81 -45.82 -9.70
C SER F 102 19.37 -44.64 -10.54
N ARG F 103 18.38 -43.93 -10.01
CA ARG F 103 17.82 -42.76 -10.64
C ARG F 103 17.37 -41.82 -9.55
N TYR F 104 16.79 -42.39 -8.51
CA TYR F 104 16.28 -41.59 -7.40
C TYR F 104 17.05 -41.84 -6.10
N SER F 105 17.07 -43.08 -5.62
CA SER F 105 17.76 -43.35 -4.38
C SER F 105 19.24 -43.51 -4.61
N GLY F 106 19.63 -43.98 -5.79
CA GLY F 106 21.02 -44.16 -6.11
C GLY F 106 21.68 -45.30 -5.38
N SER F 107 20.92 -46.31 -5.02
CA SER F 107 21.53 -47.43 -4.32
C SER F 107 22.24 -48.33 -5.32
N TYR F 108 22.95 -49.32 -4.80
CA TYR F 108 23.61 -50.32 -5.64
C TYR F 108 23.34 -51.75 -5.21
N TYR F 109 22.96 -51.98 -3.97
CA TYR F 109 22.70 -53.32 -3.47
C TYR F 109 21.22 -53.48 -3.19
N ASP F 110 20.74 -54.71 -3.37
CA ASP F 110 19.33 -55.03 -3.19
C ASP F 110 19.17 -55.77 -1.87
N TYR F 111 18.67 -55.08 -0.86
CA TYR F 111 18.47 -55.65 0.48
C TYR F 111 16.97 -55.67 0.76
N TRP F 112 16.41 -56.86 0.87
CA TRP F 112 15.00 -57.00 1.18
C TRP F 112 14.84 -57.41 2.64
N GLY F 113 13.65 -57.16 3.17
CA GLY F 113 13.34 -57.56 4.53
C GLY F 113 12.86 -58.99 4.58
N GLN F 114 12.01 -59.27 5.56
CA GLN F 114 11.40 -60.59 5.69
C GLN F 114 9.89 -60.58 5.48
N GLY F 115 9.22 -59.53 5.91
CA GLY F 115 7.80 -59.41 5.65
C GLY F 115 6.95 -59.74 6.86
N THR F 116 6.03 -58.83 7.20
CA THR F 116 5.07 -59.06 8.26
C THR F 116 3.69 -59.28 7.66
N LEU F 117 2.96 -60.24 8.21
CA LEU F 117 1.61 -60.55 7.72
C LEU F 117 0.63 -59.67 8.48
N VAL F 118 0.10 -58.66 7.81
CA VAL F 118 -0.88 -57.75 8.39
C VAL F 118 -2.25 -58.24 7.93
N THR F 119 -2.97 -58.90 8.82
CA THR F 119 -4.29 -59.43 8.53
C THR F 119 -5.33 -58.46 9.08
N VAL F 120 -6.12 -57.86 8.19
CA VAL F 120 -7.18 -56.95 8.60
C VAL F 120 -8.48 -57.73 8.54
N SER F 121 -8.96 -58.18 9.69
CA SER F 121 -10.20 -58.95 9.73
C SER F 121 -11.21 -58.27 10.64
N VAL G 1 0.65 -42.45 -13.48
CA VAL G 1 0.77 -43.89 -13.29
C VAL G 1 1.21 -44.57 -14.59
N ILE G 2 2.26 -45.39 -14.48
CA ILE G 2 2.82 -46.09 -15.63
C ILE G 2 2.41 -47.55 -15.51
N TRP G 3 1.42 -47.95 -16.29
CA TRP G 3 0.95 -49.32 -16.24
C TRP G 3 1.90 -50.26 -16.96
N MET G 4 2.10 -51.44 -16.39
CA MET G 4 2.91 -52.47 -17.03
C MET G 4 2.07 -53.73 -17.21
N THR G 5 2.37 -54.45 -18.29
CA THR G 5 1.76 -55.74 -18.57
C THR G 5 2.87 -56.73 -18.85
N GLN G 6 2.64 -58.00 -18.51
CA GLN G 6 3.64 -59.02 -18.70
C GLN G 6 3.03 -60.19 -19.45
N SER G 7 3.83 -60.82 -20.31
CA SER G 7 3.34 -61.91 -21.12
C SER G 7 4.42 -62.97 -21.30
N PRO G 8 4.08 -64.26 -21.24
CA PRO G 8 2.77 -64.81 -20.90
C PRO G 8 2.63 -64.99 -19.40
N SER G 9 1.44 -64.75 -18.84
CA SER G 9 1.28 -64.83 -17.39
C SER G 9 1.22 -66.25 -16.87
N SER G 10 1.23 -67.24 -17.74
CA SER G 10 1.33 -68.65 -17.33
C SER G 10 2.26 -69.33 -18.32
N LEU G 11 3.15 -70.19 -17.82
CA LEU G 11 4.14 -70.79 -18.68
C LEU G 11 4.58 -72.11 -18.05
N SER G 12 4.74 -73.12 -18.90
CA SER G 12 5.23 -74.43 -18.48
C SER G 12 6.19 -74.94 -19.54
N ALA G 13 7.46 -75.13 -19.16
CA ALA G 13 8.46 -75.60 -20.11
C ALA G 13 9.43 -76.51 -19.38
N SER G 14 9.99 -77.47 -20.11
CA SER G 14 10.85 -78.49 -19.54
C SER G 14 12.29 -77.98 -19.43
N VAL G 15 13.19 -78.89 -19.06
CA VAL G 15 14.59 -78.55 -18.87
C VAL G 15 15.26 -78.33 -20.22
N GLY G 16 16.23 -77.40 -20.26
CA GLY G 16 16.96 -77.10 -21.47
C GLY G 16 16.26 -76.20 -22.46
N ASP G 17 14.99 -75.88 -22.24
CA ASP G 17 14.24 -75.04 -23.15
C ASP G 17 14.55 -73.56 -22.86
N ARG G 18 14.08 -72.69 -23.73
CA ARG G 18 14.30 -71.25 -23.58
C ARG G 18 12.97 -70.56 -23.29
N VAL G 19 13.02 -69.53 -22.44
CA VAL G 19 11.84 -68.82 -21.99
C VAL G 19 12.02 -67.34 -22.31
N THR G 20 11.08 -66.78 -23.05
CA THR G 20 11.02 -65.34 -23.28
C THR G 20 9.81 -64.77 -22.54
N ILE G 21 10.02 -63.65 -21.88
CA ILE G 21 8.99 -62.98 -21.10
C ILE G 21 9.02 -61.52 -21.50
N THR G 22 7.94 -61.03 -22.06
CA THR G 22 7.87 -59.66 -22.55
C THR G 22 7.21 -58.79 -21.48
N CYS G 23 7.88 -57.69 -21.15
CA CYS G 23 7.33 -56.65 -20.28
C CYS G 23 7.02 -55.44 -21.15
N GLN G 24 5.78 -55.00 -21.14
CA GLN G 24 5.33 -53.86 -21.94
C GLN G 24 4.85 -52.76 -21.03
N ALA G 25 5.30 -51.53 -21.28
CA ALA G 25 4.89 -50.38 -20.50
C ALA G 25 3.81 -49.60 -21.23
N SER G 26 3.20 -48.67 -20.51
CA SER G 26 2.23 -47.77 -21.09
C SER G 26 2.82 -46.41 -21.46
N GLN G 27 3.93 -46.04 -20.85
CA GLN G 27 4.68 -44.83 -21.19
C GLN G 27 6.06 -45.26 -21.68
N ASP G 28 6.97 -44.30 -21.77
CA ASP G 28 8.33 -44.56 -22.23
C ASP G 28 9.26 -44.58 -21.04
N ILE G 29 9.86 -45.74 -20.77
CA ILE G 29 10.94 -45.88 -19.80
C ILE G 29 12.17 -46.34 -20.57
N ARG G 30 13.26 -45.57 -20.48
CA ARG G 30 14.32 -45.67 -21.48
C ARG G 30 15.16 -46.93 -21.30
N PHE G 31 15.72 -47.11 -20.12
CA PHE G 31 16.43 -48.34 -19.88
C PHE G 31 16.33 -48.56 -18.39
N TYR G 32 15.34 -47.97 -17.75
CA TYR G 32 15.22 -48.09 -16.30
C TYR G 32 14.13 -49.09 -15.95
N LEU G 33 14.53 -50.34 -15.79
CA LEU G 33 13.62 -51.44 -15.51
C LEU G 33 14.39 -52.59 -14.87
N ASN G 34 13.85 -53.10 -13.77
CA ASN G 34 14.46 -54.15 -12.97
C ASN G 34 13.67 -55.44 -13.11
N TRP G 35 14.38 -56.56 -13.20
CA TRP G 35 13.77 -57.88 -13.30
C TRP G 35 14.10 -58.66 -12.03
N TYR G 36 13.08 -58.94 -11.23
CA TYR G 36 13.17 -59.67 -9.98
C TYR G 36 12.69 -61.10 -10.17
N GLN G 37 13.17 -61.99 -9.31
CA GLN G 37 12.70 -63.36 -9.22
C GLN G 37 12.27 -63.62 -7.78
N GLN G 38 11.09 -64.18 -7.60
CA GLN G 38 10.58 -64.55 -6.28
C GLN G 38 10.19 -66.01 -6.29
N LYS G 39 10.95 -66.83 -5.59
CA LYS G 39 10.56 -68.19 -5.31
C LYS G 39 9.43 -68.17 -4.27
N PRO G 40 8.52 -69.13 -4.30
CA PRO G 40 7.33 -69.07 -3.43
C PRO G 40 7.68 -69.26 -1.96
N GLY G 41 7.33 -68.26 -1.15
CA GLY G 41 7.57 -68.30 0.28
C GLY G 41 8.70 -67.44 0.77
N LYS G 42 9.32 -66.63 -0.08
CA LYS G 42 10.50 -65.87 0.31
C LYS G 42 10.46 -64.49 -0.34
N ALA G 43 11.37 -63.63 0.12
CA ALA G 43 11.50 -62.30 -0.44
C ALA G 43 12.12 -62.37 -1.84
N PRO G 44 11.74 -61.48 -2.74
CA PRO G 44 12.22 -61.57 -4.13
C PRO G 44 13.68 -61.17 -4.26
N LYS G 45 14.44 -61.99 -4.98
CA LYS G 45 15.84 -61.72 -5.28
C LYS G 45 15.93 -61.04 -6.63
N LEU G 46 16.71 -59.96 -6.71
CA LEU G 46 16.88 -59.26 -7.97
C LEU G 46 17.77 -60.07 -8.90
N LEU G 47 17.48 -60.00 -10.18
CA LEU G 47 18.33 -60.65 -11.17
C LEU G 47 18.94 -59.69 -12.17
N ILE G 48 18.19 -58.73 -12.69
CA ILE G 48 18.72 -57.87 -13.75
C ILE G 48 18.36 -56.42 -13.45
N SER G 49 19.35 -55.55 -13.42
CA SER G 49 19.13 -54.15 -13.11
C SER G 49 19.35 -53.31 -14.36
N ASP G 50 18.47 -52.31 -14.54
CA ASP G 50 18.44 -51.40 -15.70
C ASP G 50 18.34 -52.16 -17.01
N ALA G 51 17.60 -53.28 -16.99
CA ALA G 51 17.11 -54.07 -18.12
C ALA G 51 18.18 -54.85 -18.88
N SER G 52 19.45 -54.60 -18.61
CA SER G 52 20.50 -55.38 -19.28
C SER G 52 21.67 -55.76 -18.40
N ASN G 53 21.90 -55.07 -17.29
CA ASN G 53 23.06 -55.34 -16.44
C ASN G 53 22.95 -56.42 -15.40
N MET G 54 23.24 -57.65 -15.78
CA MET G 54 23.13 -58.79 -14.89
C MET G 54 24.04 -58.59 -13.68
N GLU G 55 23.60 -59.09 -12.54
CA GLU G 55 24.28 -58.79 -11.28
C GLU G 55 25.39 -59.79 -10.98
N THR G 56 25.86 -59.79 -9.74
CA THR G 56 26.90 -60.70 -9.28
C THR G 56 26.28 -61.69 -8.30
N GLY G 57 26.58 -62.97 -8.49
CA GLY G 57 25.95 -64.04 -7.73
C GLY G 57 24.82 -64.72 -8.46
N VAL G 58 24.53 -64.29 -9.69
CA VAL G 58 23.51 -64.88 -10.55
C VAL G 58 24.21 -65.58 -11.71
N PRO G 59 23.78 -66.78 -12.10
CA PRO G 59 24.39 -67.45 -13.25
C PRO G 59 24.09 -66.72 -14.55
N SER G 60 24.86 -67.07 -15.58
CA SER G 60 24.78 -66.44 -16.88
C SER G 60 23.73 -67.04 -17.79
N ARG G 61 22.74 -67.75 -17.24
CA ARG G 61 21.65 -68.23 -18.07
C ARG G 61 20.69 -67.10 -18.43
N PHE G 62 20.37 -66.25 -17.45
CA PHE G 62 19.43 -65.17 -17.66
C PHE G 62 20.06 -64.05 -18.48
N SER G 63 19.22 -63.38 -19.26
CA SER G 63 19.66 -62.21 -20.01
C SER G 63 18.47 -61.29 -20.21
N GLY G 64 18.74 -60.00 -20.29
CA GLY G 64 17.69 -59.03 -20.48
C GLY G 64 18.01 -58.13 -21.64
N SER G 65 16.97 -57.71 -22.35
CA SER G 65 17.16 -56.88 -23.52
C SER G 65 15.91 -56.03 -23.71
N GLY G 66 15.92 -55.24 -24.77
CA GLY G 66 14.80 -54.37 -25.08
C GLY G 66 14.95 -53.00 -24.43
N SER G 67 14.14 -52.07 -24.93
CA SER G 67 14.25 -50.66 -24.54
C SER G 67 13.00 -49.94 -25.01
N GLY G 68 12.76 -48.78 -24.42
CA GLY G 68 11.64 -47.97 -24.85
C GLY G 68 10.34 -48.35 -24.19
N THR G 69 9.54 -49.17 -24.85
CA THR G 69 8.32 -49.69 -24.27
C THR G 69 8.33 -51.20 -24.09
N ASP G 70 9.12 -51.94 -24.86
CA ASP G 70 9.13 -53.38 -24.81
C ASP G 70 10.47 -53.87 -24.27
N PHE G 71 10.42 -54.77 -23.29
CA PHE G 71 11.58 -55.37 -22.68
C PHE G 71 11.41 -56.89 -22.68
N THR G 72 12.51 -57.60 -22.55
CA THR G 72 12.50 -59.05 -22.71
C THR G 72 13.44 -59.70 -21.72
N PHE G 73 12.92 -60.63 -20.93
CA PHE G 73 13.68 -61.49 -20.05
C PHE G 73 13.80 -62.86 -20.70
N THR G 74 15.03 -63.37 -20.80
CA THR G 74 15.29 -64.61 -21.52
C THR G 74 16.07 -65.55 -20.64
N ILE G 75 15.53 -66.75 -20.43
CA ILE G 75 16.23 -67.83 -19.75
C ILE G 75 16.62 -68.86 -20.80
N SER G 76 17.92 -69.06 -20.98
CA SER G 76 18.38 -69.94 -22.04
C SER G 76 18.18 -71.41 -21.69
N SER G 77 18.17 -71.76 -20.40
CA SER G 77 17.93 -73.14 -19.99
C SER G 77 17.21 -73.13 -18.65
N LEU G 78 16.28 -74.06 -18.48
CA LEU G 78 15.54 -74.19 -17.24
C LEU G 78 16.20 -75.23 -16.35
N GLN G 79 16.94 -74.77 -15.36
CA GLN G 79 17.31 -75.60 -14.23
C GLN G 79 16.13 -75.66 -13.28
N PRO G 80 16.07 -76.67 -12.39
CA PRO G 80 14.92 -76.78 -11.48
C PRO G 80 14.77 -75.64 -10.47
N GLU G 81 15.80 -74.84 -10.23
CA GLU G 81 15.64 -73.68 -9.36
C GLU G 81 15.27 -72.41 -10.11
N ASP G 82 14.94 -72.51 -11.40
CA ASP G 82 14.39 -71.39 -12.14
C ASP G 82 12.88 -71.26 -11.99
N ILE G 83 12.24 -72.21 -11.30
CA ILE G 83 10.78 -72.23 -11.15
C ILE G 83 10.42 -71.20 -10.08
N ALA G 84 9.92 -70.05 -10.51
CA ALA G 84 9.60 -68.95 -9.60
C ALA G 84 8.65 -68.01 -10.33
N THR G 85 8.48 -66.81 -9.79
CA THR G 85 7.71 -65.77 -10.46
C THR G 85 8.59 -64.57 -10.73
N TYR G 86 8.47 -64.00 -11.92
CA TYR G 86 9.36 -62.95 -12.38
C TYR G 86 8.61 -61.63 -12.50
N TYR G 87 9.22 -60.55 -12.03
CA TYR G 87 8.55 -59.27 -11.93
C TYR G 87 9.39 -58.19 -12.60
N CYS G 88 8.71 -57.14 -13.06
CA CYS G 88 9.34 -55.96 -13.62
C CYS G 88 9.33 -54.83 -12.61
N GLN G 89 10.05 -53.77 -12.91
CA GLN G 89 9.94 -52.51 -12.19
C GLN G 89 10.42 -51.39 -13.07
N GLN G 90 9.75 -50.24 -13.01
CA GLN G 90 10.19 -49.03 -13.70
C GLN G 90 10.75 -48.02 -12.71
N TYR G 91 11.46 -47.01 -13.24
CA TYR G 91 12.16 -46.06 -12.37
C TYR G 91 12.00 -44.58 -12.73
N ASP G 92 11.39 -44.23 -13.84
CA ASP G 92 11.43 -42.83 -14.25
C ASP G 92 10.47 -41.97 -13.45
N ASN G 93 9.20 -42.34 -13.43
CA ASN G 93 8.19 -41.57 -12.74
C ASN G 93 7.80 -42.29 -11.46
N LEU G 94 7.92 -41.60 -10.33
CA LEU G 94 7.33 -42.09 -9.10
C LEU G 94 5.82 -41.98 -9.20
N PRO G 95 5.06 -43.00 -8.78
CA PRO G 95 5.44 -44.24 -8.10
C PRO G 95 6.03 -45.34 -8.99
N PHE G 96 6.91 -46.15 -8.42
CA PHE G 96 7.40 -47.32 -9.13
C PHE G 96 6.31 -48.37 -9.17
N THR G 97 6.15 -48.99 -10.33
CA THR G 97 5.10 -49.99 -10.51
C THR G 97 5.73 -51.32 -10.88
N PHE G 98 5.39 -52.34 -10.13
CA PHE G 98 5.78 -53.70 -10.48
C PHE G 98 4.86 -54.24 -11.56
N GLY G 99 5.27 -55.32 -12.18
CA GLY G 99 4.39 -55.99 -13.10
C GLY G 99 3.45 -56.93 -12.37
N PRO G 100 2.54 -57.54 -13.12
CA PRO G 100 1.69 -58.57 -12.52
C PRO G 100 2.43 -59.84 -12.20
N GLY G 101 3.46 -60.19 -12.98
CA GLY G 101 4.25 -61.36 -12.69
C GLY G 101 3.86 -62.59 -13.47
N THR G 102 4.84 -63.32 -14.00
CA THR G 102 4.60 -64.52 -14.78
C THR G 102 5.08 -65.73 -14.00
N LYS G 103 4.35 -66.83 -14.11
CA LYS G 103 4.69 -68.05 -13.40
C LYS G 103 5.30 -69.05 -14.35
N VAL G 104 6.50 -69.51 -14.03
CA VAL G 104 7.16 -70.57 -14.77
C VAL G 104 6.91 -71.88 -14.03
N ASP G 105 6.61 -72.94 -14.79
CA ASP G 105 6.33 -74.24 -14.21
C ASP G 105 7.04 -75.31 -15.03
N PHE G 106 7.08 -76.52 -14.47
CA PHE G 106 7.61 -77.68 -15.17
C PHE G 106 6.47 -78.45 -15.82
N LYS G 107 6.79 -79.13 -16.92
CA LYS G 107 5.81 -79.99 -17.59
C LYS G 107 5.67 -81.32 -16.86
N GLU H 1 -64.31 0.77 -10.77
CA GLU H 1 -63.98 1.01 -9.37
C GLU H 1 -62.51 1.39 -9.23
N VAL H 2 -61.72 1.07 -10.25
CA VAL H 2 -60.34 1.54 -10.29
C VAL H 2 -60.34 2.99 -10.76
N GLN H 3 -59.44 3.80 -10.20
CA GLN H 3 -59.36 5.21 -10.53
C GLN H 3 -57.91 5.61 -10.72
N LEU H 4 -57.56 6.03 -11.92
CA LEU H 4 -56.24 6.59 -12.22
C LEU H 4 -56.49 7.98 -12.79
N VAL H 5 -56.44 9.00 -11.93
CA VAL H 5 -56.71 10.37 -12.36
C VAL H 5 -55.40 11.13 -12.44
N GLU H 6 -55.15 11.77 -13.57
CA GLU H 6 -53.86 12.38 -13.84
C GLU H 6 -53.99 13.88 -14.00
N SER H 7 -52.90 14.59 -13.73
CA SER H 7 -52.93 16.05 -13.74
C SER H 7 -51.54 16.58 -14.01
N GLY H 8 -51.49 17.81 -14.52
CA GLY H 8 -50.23 18.48 -14.77
C GLY H 8 -50.04 18.90 -16.21
N GLY H 9 -51.10 18.85 -17.01
CA GLY H 9 -50.99 19.21 -18.41
C GLY H 9 -51.27 20.70 -18.64
N GLY H 10 -50.55 21.26 -19.59
CA GLY H 10 -50.76 22.65 -19.93
C GLY H 10 -49.68 23.19 -20.84
N VAL H 11 -49.84 24.47 -21.16
CA VAL H 11 -48.93 25.15 -22.08
C VAL H 11 -47.57 25.31 -21.43
N VAL H 12 -46.53 24.82 -22.09
CA VAL H 12 -45.16 24.83 -21.59
C VAL H 12 -44.26 25.46 -22.65
N GLN H 13 -43.46 26.43 -22.25
CA GLN H 13 -42.47 27.01 -23.14
C GLN H 13 -41.37 25.98 -23.43
N PRO H 14 -40.78 26.02 -24.63
CA PRO H 14 -39.80 24.98 -24.99
C PRO H 14 -38.54 25.11 -24.16
N GLY H 15 -38.14 24.01 -23.54
CA GLY H 15 -37.07 24.03 -22.57
C GLY H 15 -37.54 24.21 -21.14
N GLY H 16 -38.82 24.03 -20.87
CA GLY H 16 -39.38 24.22 -19.55
C GLY H 16 -39.35 22.96 -18.71
N SER H 17 -40.27 22.89 -17.76
CA SER H 17 -40.32 21.74 -16.86
C SER H 17 -41.73 21.54 -16.35
N LEU H 18 -42.05 20.28 -16.06
CA LEU H 18 -43.36 19.88 -15.57
C LEU H 18 -43.19 18.73 -14.59
N ARG H 19 -44.23 18.56 -13.75
CA ARG H 19 -44.37 17.37 -12.92
C ARG H 19 -45.74 16.78 -13.23
N LEU H 20 -45.78 15.74 -14.04
CA LEU H 20 -47.02 15.04 -14.28
C LEU H 20 -47.30 14.11 -13.11
N SER H 21 -48.49 14.23 -12.53
CA SER H 21 -48.88 13.42 -11.38
C SER H 21 -50.02 12.50 -11.77
N CYS H 22 -49.98 11.28 -11.25
CA CYS H 22 -50.99 10.25 -11.48
C CYS H 22 -51.45 9.75 -10.11
N ALA H 23 -52.63 10.17 -9.68
CA ALA H 23 -53.22 9.70 -8.44
C ALA H 23 -53.96 8.40 -8.70
N ALA H 24 -53.49 7.34 -8.07
CA ALA H 24 -54.03 5.99 -8.22
C ALA H 24 -54.79 5.61 -6.97
N SER H 25 -56.03 5.15 -7.15
CA SER H 25 -56.85 4.72 -6.03
C SER H 25 -57.78 3.64 -6.52
N GLY H 26 -57.69 2.44 -5.95
CA GLY H 26 -58.57 1.38 -6.35
C GLY H 26 -57.88 0.06 -6.10
N PHE H 27 -57.02 -0.35 -7.01
CA PHE H 27 -56.29 -1.58 -6.82
C PHE H 27 -55.34 -1.32 -5.69
N THR H 28 -54.47 -2.26 -5.38
CA THR H 28 -53.56 -2.09 -4.27
C THR H 28 -52.39 -1.16 -4.55
N PHE H 29 -52.01 -1.03 -5.80
CA PHE H 29 -50.87 -0.19 -6.12
C PHE H 29 -49.69 -0.80 -5.40
N ASN H 30 -48.59 -0.11 -5.46
CA ASN H 30 -47.31 -0.53 -4.88
C ASN H 30 -47.05 -2.04 -4.77
N SER H 31 -47.82 -2.82 -5.51
CA SER H 31 -47.50 -4.23 -5.69
C SER H 31 -47.25 -4.43 -7.17
N TYR H 32 -47.62 -3.42 -7.95
CA TYR H 32 -47.45 -3.42 -9.40
C TYR H 32 -46.41 -2.39 -9.80
N GLY H 33 -45.56 -2.76 -10.76
CA GLY H 33 -44.68 -1.81 -11.40
C GLY H 33 -45.48 -1.07 -12.47
N MET H 34 -45.39 0.24 -12.46
CA MET H 34 -46.30 1.05 -13.27
C MET H 34 -45.53 1.83 -14.31
N HIS H 35 -46.25 2.23 -15.36
CA HIS H 35 -45.67 2.74 -16.59
C HIS H 35 -46.24 4.10 -16.90
N TRP H 36 -45.48 4.88 -17.64
CA TRP H 36 -45.96 6.08 -18.31
C TRP H 36 -45.87 5.84 -19.80
N VAL H 37 -46.98 6.05 -20.51
CA VAL H 37 -47.11 5.84 -21.94
C VAL H 37 -47.60 7.16 -22.53
N ARG H 38 -47.16 7.54 -23.72
CA ARG H 38 -47.65 8.77 -24.31
C ARG H 38 -48.09 8.55 -25.74
N GLN H 39 -49.02 9.38 -26.19
CA GLN H 39 -49.52 9.30 -27.55
C GLN H 39 -49.47 10.68 -28.17
N ALA H 40 -48.73 10.82 -29.26
CA ALA H 40 -48.68 12.09 -29.97
C ALA H 40 -50.00 12.30 -30.71
N PRO H 41 -50.47 13.56 -30.82
CA PRO H 41 -51.77 13.80 -31.46
C PRO H 41 -51.77 13.50 -32.96
N GLY H 42 -52.48 12.45 -33.35
CA GLY H 42 -52.48 11.98 -34.71
C GLY H 42 -51.50 10.87 -35.00
N LYS H 43 -50.76 10.41 -34.00
CA LYS H 43 -49.77 9.36 -34.16
C LYS H 43 -50.08 8.21 -33.21
N GLY H 44 -49.27 7.15 -33.31
CA GLY H 44 -49.47 5.98 -32.50
C GLY H 44 -48.97 6.17 -31.08
N LEU H 45 -49.12 5.12 -30.28
CA LEU H 45 -48.67 5.18 -28.90
C LEU H 45 -47.18 4.92 -28.82
N GLU H 46 -46.51 5.71 -28.01
CA GLU H 46 -45.10 5.54 -27.72
C GLU H 46 -44.98 5.00 -26.31
N TRP H 47 -43.75 4.96 -25.81
CA TRP H 47 -43.49 4.48 -24.47
C TRP H 47 -42.57 5.48 -23.79
N VAL H 48 -42.80 5.73 -22.50
CA VAL H 48 -41.99 6.72 -21.81
C VAL H 48 -41.17 6.07 -20.72
N ALA H 49 -41.81 5.45 -19.73
CA ALA H 49 -41.02 4.96 -18.60
C ALA H 49 -41.68 3.84 -17.82
N PHE H 50 -40.88 3.13 -17.02
CA PHE H 50 -41.35 2.01 -16.20
C PHE H 50 -40.65 2.06 -14.86
N ILE H 51 -41.40 1.85 -13.77
CA ILE H 51 -40.82 1.80 -12.44
C ILE H 51 -41.36 0.57 -11.71
N ARG H 52 -40.50 -0.05 -10.91
CA ARG H 52 -40.80 -1.31 -10.25
C ARG H 52 -41.70 -1.08 -9.04
N TYR H 53 -41.91 -2.13 -8.25
CA TYR H 53 -42.87 -2.05 -7.15
C TYR H 53 -42.31 -1.30 -5.95
N ASP H 54 -41.00 -1.20 -5.82
CA ASP H 54 -40.40 -0.53 -4.67
C ASP H 54 -39.68 0.76 -5.05
N GLY H 55 -39.83 1.20 -6.30
CA GLY H 55 -39.06 2.34 -6.76
C GLY H 55 -37.59 2.05 -6.95
N GLY H 56 -37.21 0.79 -7.07
CA GLY H 56 -35.82 0.42 -7.17
C GLY H 56 -35.22 0.69 -8.53
N ASN H 57 -35.66 -0.05 -9.54
CA ASN H 57 -35.12 0.07 -10.89
C ASN H 57 -36.10 0.85 -11.75
N LYS H 58 -35.59 1.82 -12.49
CA LYS H 58 -36.37 2.62 -13.41
C LYS H 58 -35.79 2.46 -14.81
N TYR H 59 -36.67 2.34 -15.80
CA TYR H 59 -36.24 2.18 -17.17
C TYR H 59 -36.93 3.21 -18.03
N TYR H 60 -36.17 3.79 -18.96
CA TYR H 60 -36.68 4.87 -19.80
C TYR H 60 -36.56 4.46 -21.26
N ALA H 61 -37.29 5.16 -22.12
CA ALA H 61 -37.19 4.93 -23.54
C ALA H 61 -35.86 5.45 -24.07
N ASP H 62 -35.48 4.96 -25.24
CA ASP H 62 -34.16 5.30 -25.78
C ASP H 62 -34.12 6.70 -26.38
N SER H 63 -35.24 7.40 -26.48
CA SER H 63 -35.25 8.76 -27.00
C SER H 63 -35.28 9.81 -25.90
N VAL H 64 -35.85 9.49 -24.74
CA VAL H 64 -36.02 10.45 -23.65
C VAL H 64 -35.20 10.05 -22.42
N LYS H 65 -34.17 9.22 -22.60
CA LYS H 65 -33.35 8.77 -21.49
C LYS H 65 -32.50 9.91 -21.00
N GLY H 66 -32.93 10.58 -19.94
CA GLY H 66 -32.19 11.66 -19.31
C GLY H 66 -32.98 12.93 -19.12
N ARG H 67 -34.00 13.19 -19.92
CA ARG H 67 -34.82 14.38 -19.75
C ARG H 67 -36.03 14.14 -18.87
N PHE H 68 -36.44 12.88 -18.68
CA PHE H 68 -37.54 12.54 -17.81
C PHE H 68 -37.02 11.74 -16.64
N THR H 69 -37.66 11.89 -15.48
CA THR H 69 -37.47 10.97 -14.37
C THR H 69 -38.82 10.50 -13.87
N ILE H 70 -38.88 9.25 -13.44
CA ILE H 70 -40.12 8.63 -13.00
C ILE H 70 -39.94 8.25 -11.54
N SER H 71 -40.92 8.59 -10.71
CA SER H 71 -40.89 8.24 -9.29
C SER H 71 -42.28 7.85 -8.82
N ARG H 72 -42.34 7.28 -7.62
CA ARG H 72 -43.61 6.89 -7.04
C ARG H 72 -43.60 7.22 -5.56
N ASP H 73 -44.76 7.57 -5.03
CA ASP H 73 -44.93 7.78 -3.60
C ASP H 73 -46.00 6.77 -3.17
N ASN H 74 -45.56 5.77 -2.41
CA ASN H 74 -46.45 4.70 -1.96
C ASN H 74 -47.27 5.09 -0.75
N SER H 75 -46.94 6.21 -0.10
CA SER H 75 -47.75 6.68 1.01
C SER H 75 -49.05 7.31 0.56
N LYS H 76 -49.00 8.13 -0.49
CA LYS H 76 -50.20 8.74 -1.05
C LYS H 76 -50.67 8.08 -2.33
N ASN H 77 -49.98 7.03 -2.79
CA ASN H 77 -50.29 6.27 -4.00
C ASN H 77 -50.31 7.17 -5.24
N THR H 78 -49.15 7.72 -5.58
CA THR H 78 -49.03 8.59 -6.75
C THR H 78 -47.82 8.20 -7.59
N LEU H 79 -47.94 8.42 -8.89
CA LEU H 79 -46.82 8.38 -9.82
C LEU H 79 -46.44 9.80 -10.21
N TYR H 80 -45.16 10.03 -10.45
CA TYR H 80 -44.66 11.33 -10.85
C TYR H 80 -43.72 11.18 -12.03
N LEU H 81 -43.84 12.09 -12.98
CA LEU H 81 -42.90 12.20 -14.09
C LEU H 81 -42.39 13.62 -14.12
N GLN H 82 -41.12 13.81 -13.78
CA GLN H 82 -40.47 15.10 -13.93
C GLN H 82 -39.97 15.23 -15.36
N MET H 83 -40.48 16.21 -16.08
CA MET H 83 -40.14 16.46 -17.47
C MET H 83 -39.35 17.76 -17.54
N LYS H 84 -38.06 17.67 -17.85
CA LYS H 84 -37.24 18.85 -18.01
C LYS H 84 -36.65 18.88 -19.42
N SER H 85 -36.41 20.10 -19.91
CA SER H 85 -35.90 20.39 -21.25
C SER H 85 -36.79 19.79 -22.33
N LEU H 86 -38.05 20.20 -22.31
CA LEU H 86 -39.03 19.71 -23.28
C LEU H 86 -38.80 20.38 -24.62
N ARG H 87 -38.82 19.59 -25.68
CA ARG H 87 -38.85 20.13 -27.03
C ARG H 87 -40.30 20.14 -27.52
N ALA H 88 -40.51 20.55 -28.76
CA ALA H 88 -41.86 20.57 -29.31
C ALA H 88 -42.31 19.21 -29.82
N GLU H 89 -41.47 18.18 -29.74
CA GLU H 89 -41.85 16.83 -30.10
C GLU H 89 -42.39 16.05 -28.91
N ASP H 90 -42.71 16.73 -27.82
CA ASP H 90 -43.26 16.09 -26.63
C ASP H 90 -44.68 16.54 -26.32
N THR H 91 -45.28 17.36 -27.16
CA THR H 91 -46.70 17.67 -26.99
C THR H 91 -47.52 16.42 -27.30
N ALA H 92 -48.25 15.94 -26.30
CA ALA H 92 -48.77 14.58 -26.37
C ALA H 92 -49.95 14.43 -25.41
N VAL H 93 -50.45 13.21 -25.32
CA VAL H 93 -51.42 12.80 -24.32
C VAL H 93 -50.76 11.71 -23.51
N TYR H 94 -50.47 11.99 -22.25
CA TYR H 94 -49.76 11.04 -21.41
C TYR H 94 -50.77 10.23 -20.63
N TYR H 95 -50.68 8.90 -20.74
CA TYR H 95 -51.46 7.97 -19.97
C TYR H 95 -50.59 7.34 -18.89
N CYS H 96 -51.19 7.08 -17.75
CA CYS H 96 -50.59 6.43 -16.61
C CYS H 96 -51.05 4.98 -16.65
N ALA H 97 -50.18 4.09 -17.11
CA ALA H 97 -50.62 2.76 -17.48
C ALA H 97 -50.15 1.71 -16.49
N ASN H 98 -50.90 0.63 -16.43
CA ASN H 98 -50.51 -0.58 -15.72
C ASN H 98 -50.73 -1.72 -16.72
N LEU H 99 -49.72 -1.98 -17.54
CA LEU H 99 -49.80 -2.97 -18.61
C LEU H 99 -49.82 -4.44 -18.20
N LYS H 100 -50.70 -5.21 -18.80
CA LYS H 100 -50.81 -6.61 -18.47
C LYS H 100 -49.55 -7.33 -18.80
N ASP H 101 -48.43 -6.96 -18.18
CA ASP H 101 -47.15 -7.64 -18.45
C ASP H 101 -47.28 -9.06 -18.08
N SER H 102 -46.15 -9.65 -17.69
CA SER H 102 -46.10 -11.03 -17.21
C SER H 102 -44.73 -11.61 -17.46
N ARG H 103 -43.73 -10.75 -17.32
CA ARG H 103 -42.34 -11.09 -17.50
C ARG H 103 -41.51 -10.23 -16.59
N TYR H 104 -41.91 -8.98 -16.48
CA TYR H 104 -41.19 -8.03 -15.63
C TYR H 104 -42.02 -7.54 -14.45
N SER H 105 -43.16 -6.91 -14.72
CA SER H 105 -43.96 -6.42 -13.61
C SER H 105 -44.80 -7.53 -13.01
N GLY H 106 -45.17 -8.52 -13.81
CA GLY H 106 -45.96 -9.62 -13.33
C GLY H 106 -47.38 -9.26 -13.00
N SER H 107 -47.94 -8.27 -13.67
CA SER H 107 -49.32 -7.91 -13.40
C SER H 107 -50.25 -8.89 -14.10
N TYR H 108 -51.54 -8.75 -13.83
CA TYR H 108 -52.55 -9.57 -14.49
C TYR H 108 -53.71 -8.75 -15.04
N TYR H 109 -53.95 -7.55 -14.54
CA TYR H 109 -55.05 -6.71 -14.99
C TYR H 109 -54.50 -5.51 -15.73
N ASP H 110 -55.26 -5.03 -16.70
CA ASP H 110 -54.86 -3.90 -17.53
C ASP H 110 -55.66 -2.68 -17.08
N TYR H 111 -55.00 -1.78 -16.35
CA TYR H 111 -55.62 -0.56 -15.85
C TYR H 111 -54.95 0.63 -16.51
N TRP H 112 -55.69 1.35 -17.33
CA TRP H 112 -55.18 2.54 -17.99
C TRP H 112 -55.71 3.78 -17.30
N GLY H 113 -55.00 4.89 -17.48
CA GLY H 113 -55.43 6.16 -16.95
C GLY H 113 -56.41 6.84 -17.88
N GLN H 114 -56.41 8.17 -17.83
CA GLN H 114 -57.25 8.96 -18.72
C GLN H 114 -56.45 9.80 -19.71
N GLY H 115 -55.29 10.30 -19.30
CA GLY H 115 -54.44 11.03 -20.20
C GLY H 115 -54.51 12.53 -20.05
N THR H 116 -53.36 13.17 -19.90
CA THR H 116 -53.26 14.62 -19.83
C THR H 116 -52.65 15.14 -21.12
N LEU H 117 -53.19 16.23 -21.63
CA LEU H 117 -52.69 16.85 -22.86
C LEU H 117 -51.60 17.84 -22.50
N VAL H 118 -50.35 17.46 -22.75
CA VAL H 118 -49.20 18.31 -22.48
C VAL H 118 -48.84 19.00 -23.80
N THR H 119 -49.21 20.27 -23.92
CA THR H 119 -48.95 21.05 -25.13
C THR H 119 -47.72 21.89 -24.88
N VAL H 120 -46.65 21.63 -25.63
CA VAL H 120 -45.43 22.41 -25.51
C VAL H 120 -45.43 23.40 -26.67
N SER H 121 -45.78 24.66 -26.39
CA SER H 121 -45.82 25.67 -27.42
C SER H 121 -44.91 26.82 -27.06
N VAL I 1 -32.99 -1.93 -28.97
CA VAL I 1 -34.30 -1.54 -29.45
C VAL I 1 -34.86 -2.60 -30.41
N ILE I 2 -36.09 -3.03 -30.14
CA ILE I 2 -36.75 -4.06 -30.93
C ILE I 2 -37.81 -3.37 -31.78
N TRP I 3 -37.51 -3.18 -33.06
CA TRP I 3 -38.45 -2.52 -33.95
C TRP I 3 -39.58 -3.46 -34.34
N MET I 4 -40.79 -2.90 -34.41
CA MET I 4 -41.95 -3.64 -34.88
C MET I 4 -42.56 -2.93 -36.08
N THR I 5 -43.12 -3.73 -36.98
CA THR I 5 -43.85 -3.24 -38.13
C THR I 5 -45.20 -3.94 -38.16
N GLN I 6 -46.22 -3.26 -38.66
CA GLN I 6 -47.55 -3.81 -38.74
C GLN I 6 -48.09 -3.68 -40.14
N SER I 7 -48.87 -4.68 -40.56
CA SER I 7 -49.40 -4.69 -41.91
C SER I 7 -50.80 -5.28 -41.92
N PRO I 8 -51.73 -4.72 -42.69
CA PRO I 8 -51.61 -3.47 -43.47
C PRO I 8 -51.97 -2.27 -42.62
N SER I 9 -51.28 -1.15 -42.81
CA SER I 9 -51.52 0.02 -41.96
C SER I 9 -52.80 0.76 -42.33
N SER I 10 -53.49 0.36 -43.39
CA SER I 10 -54.80 0.90 -43.72
C SER I 10 -55.65 -0.24 -44.19
N LEU I 11 -56.91 -0.27 -43.77
CA LEU I 11 -57.77 -1.40 -44.07
C LEU I 11 -59.21 -0.95 -44.03
N SER I 12 -60.00 -1.43 -45.00
CA SER I 12 -61.42 -1.13 -45.07
C SER I 12 -62.15 -2.41 -45.48
N ALA I 13 -63.01 -2.92 -44.61
CA ALA I 13 -63.74 -4.15 -44.88
C ALA I 13 -65.12 -4.06 -44.29
N SER I 14 -66.08 -4.73 -44.93
CA SER I 14 -67.47 -4.66 -44.54
C SER I 14 -67.78 -5.62 -43.41
N VAL I 15 -69.07 -5.75 -43.09
CA VAL I 15 -69.51 -6.62 -42.01
C VAL I 15 -69.43 -8.08 -42.43
N GLY I 16 -69.11 -8.94 -41.48
CA GLY I 16 -69.00 -10.37 -41.72
C GLY I 16 -67.70 -10.82 -42.34
N ASP I 17 -66.83 -9.91 -42.77
CA ASP I 17 -65.58 -10.27 -43.39
C ASP I 17 -64.54 -10.60 -42.32
N ARG I 18 -63.40 -11.12 -42.74
CA ARG I 18 -62.32 -11.48 -41.83
C ARG I 18 -61.13 -10.56 -42.06
N VAL I 19 -60.45 -10.23 -40.98
CA VAL I 19 -59.33 -9.29 -40.99
C VAL I 19 -58.12 -9.98 -40.40
N THR I 20 -57.03 -10.02 -41.16
CA THR I 20 -55.74 -10.47 -40.66
C THR I 20 -54.79 -9.29 -40.57
N ILE I 21 -54.07 -9.21 -39.47
CA ILE I 21 -53.12 -8.13 -39.21
C ILE I 21 -51.83 -8.78 -38.76
N THR I 22 -50.77 -8.58 -39.52
CA THR I 22 -49.49 -9.20 -39.23
C THR I 22 -48.62 -8.21 -38.46
N CYS I 23 -48.08 -8.66 -37.33
CA CYS I 23 -47.09 -7.92 -36.57
C CYS I 23 -45.76 -8.62 -36.74
N GLN I 24 -44.76 -7.89 -37.23
CA GLN I 24 -43.44 -8.44 -37.47
C GLN I 24 -42.42 -7.73 -36.60
N ALA I 25 -41.56 -8.48 -35.94
CA ALA I 25 -40.53 -7.92 -35.08
C ALA I 25 -39.19 -7.92 -35.81
N SER I 26 -38.23 -7.21 -35.22
CA SER I 26 -36.87 -7.20 -35.73
C SER I 26 -35.95 -8.17 -35.00
N GLN I 27 -36.31 -8.55 -33.77
CA GLN I 27 -35.60 -9.56 -33.01
C GLN I 27 -36.55 -10.72 -32.76
N ASP I 28 -36.19 -11.60 -31.85
CA ASP I 28 -37.00 -12.76 -31.51
C ASP I 28 -37.69 -12.51 -30.19
N ILE I 29 -39.02 -12.45 -30.23
CA ILE I 29 -39.86 -12.44 -29.04
C ILE I 29 -40.73 -13.69 -29.08
N ARG I 30 -40.64 -14.51 -28.03
CA ARG I 30 -41.06 -15.91 -28.16
C ARG I 30 -42.58 -16.03 -28.16
N PHE I 31 -43.23 -15.52 -27.14
CA PHE I 31 -44.68 -15.52 -27.16
C PHE I 31 -45.08 -14.35 -26.33
N TYR I 32 -44.21 -13.37 -26.17
CA TYR I 32 -44.51 -12.22 -25.33
C TYR I 32 -44.88 -11.02 -26.19
N LEU I 33 -46.17 -10.88 -26.46
CA LEU I 33 -46.70 -9.83 -27.30
C LEU I 33 -48.16 -9.60 -26.99
N ASN I 34 -48.53 -8.35 -26.81
CA ASN I 34 -49.87 -7.93 -26.43
C ASN I 34 -50.55 -7.21 -27.58
N TRP I 35 -51.83 -7.48 -27.79
CA TRP I 35 -52.63 -6.85 -28.82
C TRP I 35 -53.69 -5.98 -28.17
N TYR I 36 -53.56 -4.67 -28.34
CA TYR I 36 -54.46 -3.66 -27.79
C TYR I 36 -55.39 -3.15 -28.88
N GLN I 37 -56.56 -2.64 -28.45
CA GLN I 37 -57.49 -1.95 -29.31
C GLN I 37 -57.76 -0.58 -28.72
N GLN I 38 -57.69 0.46 -29.54
CA GLN I 38 -57.97 1.82 -29.11
C GLN I 38 -59.02 2.40 -30.04
N LYS I 39 -60.22 2.60 -29.52
CA LYS I 39 -61.23 3.38 -30.22
C LYS I 39 -60.85 4.86 -30.14
N PRO I 40 -61.20 5.66 -31.15
CA PRO I 40 -60.71 7.05 -31.20
C PRO I 40 -61.31 7.93 -30.12
N GLY I 41 -60.44 8.50 -29.28
CA GLY I 41 -60.86 9.37 -28.22
C GLY I 41 -60.79 8.79 -26.82
N LYS I 42 -60.25 7.58 -26.66
CA LYS I 42 -60.26 6.91 -25.37
C LYS I 42 -58.97 6.14 -25.16
N ALA I 43 -58.77 5.69 -23.94
CA ALA I 43 -57.61 4.89 -23.59
C ALA I 43 -57.72 3.50 -24.23
N PRO I 44 -56.60 2.90 -24.61
CA PRO I 44 -56.67 1.61 -25.31
C PRO I 44 -57.04 0.46 -24.39
N LYS I 45 -57.97 -0.37 -24.84
CA LYS I 45 -58.39 -1.57 -24.12
C LYS I 45 -57.62 -2.76 -24.64
N LEU I 46 -57.08 -3.57 -23.73
CA LEU I 46 -56.33 -4.75 -24.14
C LEU I 46 -57.30 -5.81 -24.66
N LEU I 47 -56.86 -6.56 -25.66
CA LEU I 47 -57.65 -7.68 -26.15
C LEU I 47 -56.95 -9.02 -26.01
N ILE I 48 -55.67 -9.13 -26.32
CA ILE I 48 -55.01 -10.43 -26.33
C ILE I 48 -53.67 -10.31 -25.63
N SER I 49 -53.43 -11.13 -24.63
CA SER I 49 -52.19 -11.11 -23.88
C SER I 49 -51.35 -12.33 -24.19
N ASP I 50 -50.03 -12.11 -24.34
CA ASP I 50 -49.04 -13.14 -24.70
C ASP I 50 -49.40 -13.84 -26.00
N ALA I 51 -49.97 -13.08 -26.94
CA ALA I 51 -50.18 -13.39 -28.35
C ALA I 51 -51.24 -14.45 -28.63
N SER I 52 -51.72 -15.16 -27.61
CA SER I 52 -52.77 -16.14 -27.84
C SER I 52 -53.85 -16.19 -26.77
N ASN I 53 -53.58 -15.70 -25.56
CA ASN I 53 -54.53 -15.79 -24.46
C ASN I 53 -55.60 -14.71 -24.34
N MET I 54 -56.70 -14.90 -25.03
CA MET I 54 -57.79 -13.92 -25.04
C MET I 54 -58.29 -13.70 -23.62
N GLU I 55 -58.71 -12.47 -23.33
CA GLU I 55 -59.03 -12.09 -21.97
C GLU I 55 -60.48 -12.37 -21.62
N THR I 56 -60.94 -11.80 -20.51
CA THR I 56 -62.31 -11.93 -20.05
C THR I 56 -63.02 -10.59 -20.22
N GLY I 57 -64.23 -10.63 -20.79
CA GLY I 57 -64.94 -9.42 -21.15
C GLY I 57 -64.83 -9.06 -22.61
N VAL I 58 -64.10 -9.84 -23.39
CA VAL I 58 -63.93 -9.65 -24.83
C VAL I 58 -64.66 -10.78 -25.55
N PRO I 59 -65.39 -10.50 -26.62
CA PRO I 59 -66.05 -11.58 -27.37
C PRO I 59 -65.05 -12.48 -28.08
N SER I 60 -65.54 -13.64 -28.50
CA SER I 60 -64.72 -14.67 -29.10
C SER I 60 -64.54 -14.50 -30.60
N ARG I 61 -64.74 -13.29 -31.13
CA ARG I 61 -64.45 -13.05 -32.54
C ARG I 61 -62.95 -12.94 -32.77
N PHE I 62 -62.25 -12.23 -31.90
CA PHE I 62 -60.82 -12.02 -32.05
C PHE I 62 -60.05 -13.27 -31.71
N SER I 63 -58.91 -13.44 -32.38
CA SER I 63 -58.00 -14.53 -32.07
C SER I 63 -56.60 -14.10 -32.44
N GLY I 64 -55.63 -14.63 -31.73
CA GLY I 64 -54.24 -14.30 -31.98
C GLY I 64 -53.43 -15.57 -32.15
N SER I 65 -52.43 -15.49 -33.01
CA SER I 65 -51.60 -16.64 -33.29
C SER I 65 -50.22 -16.16 -33.71
N GLY I 66 -49.36 -17.11 -34.04
CA GLY I 66 -48.01 -16.79 -34.46
C GLY I 66 -47.05 -16.74 -33.29
N SER I 67 -45.76 -16.78 -33.63
CA SER I 67 -44.70 -16.90 -32.64
C SER I 67 -43.37 -16.59 -33.31
N GLY I 68 -42.37 -16.27 -32.50
CA GLY I 68 -41.05 -16.04 -33.04
C GLY I 68 -40.86 -14.62 -33.50
N THR I 69 -41.02 -14.39 -34.81
CA THR I 69 -40.95 -13.04 -35.35
C THR I 69 -42.28 -12.57 -35.93
N ASP I 70 -43.15 -13.47 -36.36
CA ASP I 70 -44.40 -13.10 -37.02
C ASP I 70 -45.58 -13.49 -36.14
N PHE I 71 -46.48 -12.53 -35.93
CA PHE I 71 -47.70 -12.72 -35.16
C PHE I 71 -48.89 -12.26 -35.99
N THR I 72 -50.07 -12.73 -35.61
CA THR I 72 -51.26 -12.50 -36.42
C THR I 72 -52.47 -12.26 -35.54
N PHE I 73 -53.13 -11.13 -35.76
CA PHE I 73 -54.40 -10.80 -35.13
C PHE I 73 -55.51 -11.03 -36.16
N THR I 74 -56.53 -11.79 -35.78
CA THR I 74 -57.58 -12.19 -36.71
C THR I 74 -58.93 -11.85 -36.13
N ILE I 75 -59.71 -11.07 -36.87
CA ILE I 75 -61.10 -10.80 -36.53
C ILE I 75 -61.97 -11.57 -37.51
N SER I 76 -62.75 -12.51 -36.99
CA SER I 76 -63.55 -13.36 -37.87
C SER I 76 -64.75 -12.64 -38.46
N SER I 77 -65.28 -11.63 -37.77
CA SER I 77 -66.40 -10.86 -38.28
C SER I 77 -66.28 -9.43 -37.78
N LEU I 78 -66.64 -8.48 -38.64
CA LEU I 78 -66.60 -7.06 -38.28
C LEU I 78 -67.98 -6.63 -37.81
N GLN I 79 -68.14 -6.51 -36.51
CA GLN I 79 -69.24 -5.75 -35.94
C GLN I 79 -68.87 -4.27 -36.00
N PRO I 80 -69.86 -3.36 -35.91
CA PRO I 80 -69.54 -1.93 -36.01
C PRO I 80 -68.69 -1.37 -34.88
N GLU I 81 -68.57 -2.06 -33.74
CA GLU I 81 -67.68 -1.59 -32.69
C GLU I 81 -66.27 -2.19 -32.79
N ASP I 82 -65.95 -2.87 -33.90
CA ASP I 82 -64.59 -3.30 -34.18
C ASP I 82 -63.76 -2.23 -34.86
N ILE I 83 -64.37 -1.10 -35.22
CA ILE I 83 -63.70 -0.03 -35.95
C ILE I 83 -62.84 0.74 -34.95
N ALA I 84 -61.54 0.50 -34.96
CA ALA I 84 -60.60 1.10 -34.01
C ALA I 84 -59.19 0.98 -34.58
N THR I 85 -58.20 1.20 -33.74
CA THR I 85 -56.81 1.00 -34.12
C THR I 85 -56.19 -0.06 -33.22
N TYR I 86 -55.42 -0.97 -33.82
CA TYR I 86 -54.89 -2.12 -33.12
C TYR I 86 -53.39 -2.03 -33.01
N TYR I 87 -52.86 -2.33 -31.82
CA TYR I 87 -51.46 -2.12 -31.52
C TYR I 87 -50.84 -3.40 -30.98
N CYS I 88 -49.53 -3.54 -31.17
CA CYS I 88 -48.73 -4.63 -30.63
C CYS I 88 -47.97 -4.14 -29.41
N GLN I 89 -47.38 -5.09 -28.70
CA GLN I 89 -46.38 -4.77 -27.68
C GLN I 89 -45.51 -5.99 -27.45
N GLN I 90 -44.22 -5.77 -27.23
CA GLN I 90 -43.28 -6.83 -26.88
C GLN I 90 -42.88 -6.72 -25.41
N TYR I 91 -42.29 -7.80 -24.87
CA TYR I 91 -42.00 -7.85 -23.45
C TYR I 91 -40.60 -8.34 -23.07
N ASP I 92 -39.79 -8.84 -24.00
CA ASP I 92 -38.55 -9.47 -23.57
C ASP I 92 -37.49 -8.46 -23.17
N ASN I 93 -37.17 -7.53 -24.05
CA ASN I 93 -36.14 -6.54 -23.79
C ASN I 93 -36.80 -5.21 -23.49
N LEU I 94 -36.47 -4.64 -22.33
CA LEU I 94 -36.82 -3.26 -22.08
C LEU I 94 -35.96 -2.36 -22.95
N PRO I 95 -36.52 -1.33 -23.59
CA PRO I 95 -37.88 -0.79 -23.51
C PRO I 95 -38.95 -1.57 -24.29
N PHE I 96 -40.17 -1.56 -23.80
CA PHE I 96 -41.27 -2.12 -24.56
C PHE I 96 -41.61 -1.19 -25.71
N THR I 97 -41.85 -1.77 -26.88
CA THR I 97 -42.14 -0.98 -28.07
C THR I 97 -43.51 -1.35 -28.60
N PHE I 98 -44.35 -0.36 -28.78
CA PHE I 98 -45.63 -0.55 -29.44
C PHE I 98 -45.42 -0.58 -30.95
N GLY I 99 -46.42 -1.05 -31.66
CA GLY I 99 -46.39 -0.99 -33.09
C GLY I 99 -46.84 0.37 -33.58
N PRO I 100 -46.77 0.57 -34.89
CA PRO I 100 -47.33 1.81 -35.46
C PRO I 100 -48.84 1.84 -35.45
N GLY I 101 -49.51 0.69 -35.55
CA GLY I 101 -50.95 0.65 -35.47
C GLY I 101 -51.65 0.62 -36.81
N THR I 102 -52.65 -0.23 -36.95
CA THR I 102 -53.40 -0.36 -38.19
C THR I 102 -54.81 0.17 -37.98
N LYS I 103 -55.36 0.82 -38.98
CA LYS I 103 -56.68 1.39 -38.90
C LYS I 103 -57.67 0.54 -39.68
N VAL I 104 -58.71 0.08 -39.00
CA VAL I 104 -59.82 -0.63 -39.63
C VAL I 104 -60.93 0.35 -39.91
N ASP I 105 -61.53 0.26 -41.09
CA ASP I 105 -62.61 1.16 -41.48
C ASP I 105 -63.71 0.36 -42.14
N PHE I 106 -64.85 1.00 -42.33
CA PHE I 106 -65.98 0.43 -43.05
C PHE I 106 -65.94 0.89 -44.50
N LYS I 107 -66.47 0.05 -45.39
CA LYS I 107 -66.59 0.41 -46.80
C LYS I 107 -67.79 1.34 -47.03
#